data_2X7L
#
_entry.id   2X7L
#
_cell.length_a   87.678
_cell.length_b   87.692
_cell.length_c   176.334
_cell.angle_alpha   94.86
_cell.angle_beta   95.50
_cell.angle_gamma   104.60
#
_symmetry.space_group_name_H-M   'P 1'
#
loop_
_entity.id
_entity.type
_entity.pdbx_description
1 polymer 'FAB HEAVY CHAIN'
2 polymer 'FAB LIGHT CHAIN'
3 polymer 'PROTEIN REV'
#
loop_
_entity_poly.entity_id
_entity_poly.type
_entity_poly.pdbx_seq_one_letter_code
_entity_poly.pdbx_strand_id
1 'polypeptide(L)'
;QEQLVESGGRLVTPGTALTLTCKVSGFSLSGFWLNWVRQAPGKGLEWVGAIYRGSGSEWYASWAKGRFTISDTSTTVTLK
LTSPTTEDTATYFCAADTTDNGYFTIWGPGTLVTVSSASTKGPSVFPLAPSAKSTSGGTAALGCLVKDYFPEPVTVSWNS
GALTSGVHTFPAVLQSSGLYSLSSVVTVPSSSLGTQTYICNVNHKPSNTKVDKKAEPKSCDKTRGHHHHHH
;
A,C,E,G,H,J
2 'polypeptide(L)'
;ELVMTQTPSSVSEPVGGTVTIKCQASQSISSWLSWYQQKPGQPPKLLIYDASNLASGVPSRFMGSGSGTEYTLTISGVQR
EDAATYYCLGGYPAASYRTAFGGGTELEIIRTVAAPSVFIFPPSDEQLKSGTASVVCLLNNFYPREAKVQWKVDNALQSG
NSQESVTEQDSKDSTYSLSSTLTLSKADYEKHKVYACEVTHQGLSSPVTKSFNRGEC
;
B,D,F,I,K,L
3 'polypeptide(L)'
;AGRSGDSDEDLLKAVRLIKFLYQSNPPPNPEGTRQARRNRRRRWRERQRQIHSISERILSTYLGRSAEPVPLQLPPLERL
TLDCNEDCGTSGTQGVGSPQILVESPTVLESGAKE
;
M,N,O,P,Q,R
#
# COMPACT_ATOMS: atom_id res chain seq x y z
N GLN A 1 31.52 63.00 10.80
CA GLN A 1 32.11 62.40 9.60
C GLN A 1 33.01 61.18 9.89
N GLU A 2 33.49 61.12 11.15
CA GLU A 2 34.32 60.08 11.76
C GLU A 2 33.58 58.75 11.72
N GLN A 3 34.30 57.62 11.80
CA GLN A 3 33.67 56.30 11.71
C GLN A 3 34.57 55.21 12.21
N LEU A 4 33.99 54.06 12.60
CA LEU A 4 34.75 52.86 13.02
C LEU A 4 33.99 51.63 12.59
N VAL A 5 34.74 50.64 12.08
CA VAL A 5 34.19 49.37 11.62
C VAL A 5 35.10 48.26 12.02
N GLU A 6 34.57 47.24 12.65
CA GLU A 6 35.43 46.14 13.06
C GLU A 6 35.17 44.95 12.21
N SER A 7 36.19 44.13 12.03
CA SER A 7 36.11 42.90 11.24
C SER A 7 37.00 41.86 11.90
N GLY A 8 36.98 40.63 11.39
CA GLY A 8 37.80 39.55 11.91
C GLY A 8 37.12 38.60 12.87
N GLY A 9 35.88 38.96 13.32
CA GLY A 9 35.05 38.14 14.22
C GLY A 9 34.61 36.90 13.49
N ARG A 10 35.08 35.72 13.93
CA ARG A 10 34.82 34.41 13.32
C ARG A 10 34.87 33.29 14.35
N LEU A 11 34.19 32.15 14.08
CA LEU A 11 34.25 30.94 14.90
C LEU A 11 35.68 30.37 14.83
N VAL A 12 36.31 30.19 15.99
CA VAL A 12 37.63 29.60 16.08
C VAL A 12 37.66 28.52 17.13
N THR A 13 38.60 27.56 17.00
CA THR A 13 38.77 26.52 18.00
C THR A 13 39.49 27.14 19.21
N PRO A 14 39.50 26.50 20.40
CA PRO A 14 40.22 27.12 21.52
C PRO A 14 41.74 27.03 21.31
N GLY A 15 42.45 28.05 21.81
CA GLY A 15 43.90 28.16 21.69
C GLY A 15 44.37 28.67 20.33
N THR A 16 43.52 28.51 19.31
CA THR A 16 43.78 28.94 17.93
C THR A 16 43.56 30.45 17.82
N ALA A 17 44.66 31.17 17.87
CA ALA A 17 44.72 32.62 17.83
C ALA A 17 44.04 33.29 16.65
N LEU A 18 43.30 34.35 16.94
CA LEU A 18 42.55 35.18 16.01
C LEU A 18 43.09 36.61 16.13
N THR A 19 42.85 37.46 15.11
CA THR A 19 43.24 38.86 15.12
C THR A 19 42.09 39.74 14.64
N LEU A 20 41.64 40.68 15.47
CA LEU A 20 40.54 41.59 15.13
C LEU A 20 41.08 42.89 14.59
N THR A 21 40.30 43.59 13.78
CA THR A 21 40.72 44.82 13.11
C THR A 21 39.69 45.91 13.25
N CYS A 22 40.12 47.17 13.44
CA CYS A 22 39.21 48.31 13.56
C CYS A 22 39.60 49.37 12.56
N LYS A 23 38.72 49.65 11.60
CA LYS A 23 38.92 50.64 10.55
C LYS A 23 38.56 52.09 10.97
N VAL A 24 39.54 52.76 11.53
CA VAL A 24 39.44 54.13 11.99
C VAL A 24 39.43 55.10 10.78
N SER A 25 38.41 55.98 10.68
CA SER A 25 38.24 56.82 9.50
C SER A 25 37.40 58.10 9.62
N GLY A 26 38.01 59.24 9.35
CA GLY A 26 37.34 60.54 9.37
C GLY A 26 37.73 61.43 10.54
N PHE A 27 38.68 60.93 11.38
CA PHE A 27 39.18 61.62 12.57
C PHE A 27 40.20 62.69 12.26
N SER A 28 39.76 63.99 12.32
CA SER A 28 40.59 65.19 12.11
C SER A 28 41.83 65.16 13.02
N LEU A 29 41.61 64.72 14.26
CA LEU A 29 42.56 64.56 15.33
C LEU A 29 43.56 63.44 15.00
N SER A 30 44.84 63.78 15.21
CA SER A 30 46.05 62.97 14.99
C SER A 30 46.04 61.64 15.77
N GLY A 31 46.31 61.76 17.07
CA GLY A 31 46.33 60.69 18.04
C GLY A 31 45.24 60.88 19.06
N PHE A 32 44.70 59.75 19.54
CA PHE A 32 43.64 59.66 20.53
C PHE A 32 43.55 58.26 21.13
N TRP A 33 42.56 58.06 21.99
CA TRP A 33 42.35 56.78 22.65
C TRP A 33 41.44 55.87 21.87
N LEU A 34 41.92 54.66 21.61
CA LEU A 34 41.07 53.70 20.96
C LEU A 34 40.98 52.45 21.82
N ASN A 35 39.76 52.21 22.35
CA ASN A 35 39.48 51.12 23.27
C ASN A 35 38.76 49.92 22.67
N TRP A 36 39.05 48.75 23.21
CA TRP A 36 38.40 47.51 22.85
C TRP A 36 37.48 47.13 23.99
N VAL A 37 36.17 46.96 23.70
CA VAL A 37 35.14 46.58 24.67
C VAL A 37 34.41 45.34 24.20
N ARG A 38 34.44 44.26 25.00
CA ARG A 38 33.68 43.08 24.63
C ARG A 38 32.34 43.03 25.39
N GLN A 39 31.41 42.16 24.92
CA GLN A 39 30.06 41.95 25.47
C GLN A 39 29.58 40.60 25.08
N ALA A 40 29.76 39.60 25.96
CA ALA A 40 29.34 38.22 25.72
C ALA A 40 27.80 38.09 25.54
N PRO A 41 27.28 36.89 25.11
CA PRO A 41 25.83 36.76 24.92
C PRO A 41 24.96 37.16 26.11
N GLY A 42 24.21 38.27 25.93
CA GLY A 42 23.30 38.85 26.92
C GLY A 42 23.96 39.19 28.25
N LYS A 43 25.16 39.76 28.17
CA LYS A 43 25.95 40.16 29.32
C LYS A 43 26.27 41.64 29.22
N GLY A 44 27.02 42.11 30.18
CA GLY A 44 27.43 43.49 30.22
C GLY A 44 28.67 43.74 29.41
N LEU A 45 28.98 45.04 29.28
CA LEU A 45 30.15 45.59 28.62
C LEU A 45 31.34 45.38 29.58
N GLU A 46 32.49 44.97 29.04
CA GLU A 46 33.74 44.74 29.75
C GLU A 46 34.80 45.48 28.94
N TRP A 47 35.54 46.45 29.52
CA TRP A 47 36.65 47.11 28.79
C TRP A 47 37.80 46.11 28.76
N VAL A 48 38.35 45.89 27.55
CA VAL A 48 39.48 44.95 27.29
C VAL A 48 40.82 45.67 27.40
N GLY A 49 40.88 46.85 26.80
CA GLY A 49 42.07 47.66 26.76
C GLY A 49 41.89 48.86 25.89
N ALA A 50 42.98 49.58 25.68
CA ALA A 50 43.03 50.78 24.87
C ALA A 50 44.44 51.07 24.38
N ILE A 51 44.54 52.01 23.44
CA ILE A 51 45.81 52.45 22.88
C ILE A 51 45.81 53.94 22.56
N TYR A 52 46.90 54.63 22.92
CA TYR A 52 46.98 56.00 22.50
C TYR A 52 47.62 55.93 21.11
N ARG A 53 46.86 56.43 20.10
CA ARG A 53 47.20 56.40 18.68
C ARG A 53 48.62 56.80 18.24
N GLY A 54 48.98 58.07 18.42
CA GLY A 54 50.30 58.57 18.05
C GLY A 54 51.51 57.81 18.61
N SER A 55 51.34 57.12 19.75
CA SER A 55 52.41 56.40 20.42
C SER A 55 52.28 54.90 20.24
N GLY A 56 52.85 54.18 21.22
CA GLY A 56 52.76 52.74 21.36
C GLY A 56 52.33 52.45 22.77
N SER A 57 51.40 53.29 23.29
CA SER A 57 50.90 53.16 24.66
C SER A 57 49.72 52.23 24.79
N GLU A 58 50.04 50.97 25.07
CA GLU A 58 49.12 49.85 25.27
C GLU A 58 48.75 49.76 26.74
N TRP A 59 47.45 49.71 26.99
CA TRP A 59 46.87 49.60 28.32
C TRP A 59 45.81 48.51 28.29
N TYR A 60 45.95 47.53 29.17
CA TYR A 60 45.06 46.38 29.28
C TYR A 60 44.36 46.35 30.65
N ALA A 61 43.47 45.38 30.84
CA ALA A 61 42.80 45.22 32.11
C ALA A 61 43.37 44.01 32.81
N SER A 62 43.17 43.94 34.11
CA SER A 62 43.62 42.91 35.04
C SER A 62 43.60 41.48 34.46
N TRP A 63 42.45 41.10 33.85
CA TRP A 63 42.20 39.78 33.24
C TRP A 63 42.91 39.59 31.90
N ALA A 64 42.73 40.56 30.99
CA ALA A 64 43.24 40.63 29.60
C ALA A 64 44.77 40.54 29.41
N LYS A 65 45.55 41.20 30.30
CA LYS A 65 47.01 41.23 30.19
C LYS A 65 47.61 39.86 29.97
N GLY A 66 48.36 39.76 28.88
CA GLY A 66 49.01 38.52 28.46
C GLY A 66 48.39 37.97 27.21
N ARG A 67 47.16 37.45 27.36
CA ARG A 67 46.34 36.84 26.31
C ARG A 67 45.80 37.79 25.24
N PHE A 68 46.11 39.09 25.36
CA PHE A 68 45.68 40.13 24.44
C PHE A 68 46.82 41.05 24.01
N THR A 69 46.73 41.54 22.75
CA THR A 69 47.73 42.40 22.11
C THR A 69 47.06 43.45 21.21
N ILE A 70 47.08 44.71 21.63
CA ILE A 70 46.57 45.82 20.83
C ILE A 70 47.74 46.38 19.99
N SER A 71 47.50 46.62 18.68
CA SER A 71 48.54 47.10 17.79
C SER A 71 48.01 48.25 16.95
N ASP A 72 48.58 49.44 17.14
CA ASP A 72 48.18 50.61 16.37
C ASP A 72 48.95 50.68 15.06
N THR A 73 48.28 51.18 14.00
CA THR A 73 48.87 51.35 12.67
C THR A 73 48.30 52.59 11.96
N SER A 74 48.85 52.90 10.77
CA SER A 74 48.46 53.98 9.89
C SER A 74 46.95 53.91 9.70
N THR A 75 46.47 52.77 9.16
CA THR A 75 45.08 52.35 8.97
C THR A 75 44.89 50.80 9.04
N THR A 76 44.47 50.22 10.21
CA THR A 76 44.28 50.82 11.52
C THR A 76 44.42 49.83 12.69
N VAL A 77 43.86 50.17 13.88
CA VAL A 77 43.92 49.42 15.14
C VAL A 77 43.43 47.97 15.14
N THR A 78 44.24 47.11 15.73
CA THR A 78 44.01 45.67 15.80
C THR A 78 43.94 45.16 17.24
N LEU A 79 43.43 43.93 17.43
CA LEU A 79 43.36 43.21 18.70
C LEU A 79 43.64 41.73 18.47
N LYS A 80 44.73 41.24 19.02
CA LYS A 80 45.10 39.84 18.87
C LYS A 80 44.73 39.05 20.10
N LEU A 81 44.05 37.92 19.90
CA LEU A 81 43.62 37.01 20.95
C LEU A 81 44.59 35.88 20.94
N THR A 82 45.71 36.08 21.62
CA THR A 82 46.83 35.17 21.69
C THR A 82 46.46 33.71 21.99
N SER A 83 45.78 33.46 23.12
CA SER A 83 45.32 32.11 23.45
C SER A 83 43.85 32.17 23.84
N PRO A 84 42.93 32.06 22.84
CA PRO A 84 41.51 32.13 23.17
C PRO A 84 40.99 30.85 23.86
N THR A 85 39.97 31.04 24.72
CA THR A 85 39.24 30.00 25.46
C THR A 85 37.76 30.31 25.27
N THR A 86 36.90 29.31 25.52
CA THR A 86 35.44 29.43 25.38
C THR A 86 34.83 30.68 26.01
N GLU A 87 35.40 31.13 27.15
CA GLU A 87 34.99 32.31 27.92
C GLU A 87 35.21 33.61 27.13
N ASP A 88 35.88 33.52 25.95
CA ASP A 88 36.18 34.67 25.11
C ASP A 88 35.11 34.95 24.07
N THR A 89 34.12 34.03 23.96
CA THR A 89 33.01 34.20 23.02
C THR A 89 32.28 35.48 23.38
N ALA A 90 32.22 36.47 22.49
CA ALA A 90 31.62 37.78 22.74
C ALA A 90 31.62 38.62 21.50
N THR A 91 30.96 39.79 21.54
CA THR A 91 31.10 40.69 20.44
C THR A 91 31.97 41.85 20.87
N TYR A 92 33.13 42.00 20.19
CA TYR A 92 34.15 42.99 20.47
C TYR A 92 33.90 44.25 19.70
N PHE A 93 34.15 45.37 20.35
CA PHE A 93 33.88 46.72 19.84
C PHE A 93 35.11 47.61 19.88
N CYS A 94 35.19 48.51 18.95
CA CYS A 94 36.23 49.48 19.08
C CYS A 94 35.51 50.82 19.26
N ALA A 95 36.04 51.59 20.22
CA ALA A 95 35.47 52.87 20.54
C ALA A 95 36.53 53.95 20.78
N ALA A 96 36.32 55.03 20.07
CA ALA A 96 37.20 56.18 20.07
C ALA A 96 36.83 57.22 21.13
N ASP A 97 37.86 57.95 21.61
CA ASP A 97 37.77 59.02 22.58
C ASP A 97 38.37 60.28 21.94
N THR A 98 37.50 61.06 21.32
CA THR A 98 37.83 62.28 20.59
C THR A 98 38.13 63.50 21.47
N THR A 99 38.21 63.29 22.79
CA THR A 99 38.37 64.37 23.78
C THR A 99 39.50 64.15 24.75
N ASP A 100 39.87 62.87 24.95
CA ASP A 100 40.90 62.39 25.86
C ASP A 100 40.50 62.59 27.32
N ASN A 101 39.21 62.43 27.59
CA ASN A 101 38.64 62.55 28.92
C ASN A 101 37.98 61.23 29.36
N GLY A 102 38.55 60.12 28.87
CA GLY A 102 38.17 58.75 29.18
C GLY A 102 36.76 58.35 28.81
N TYR A 103 36.24 58.93 27.70
CA TYR A 103 34.90 58.63 27.23
C TYR A 103 34.71 58.43 25.77
N PHE A 104 34.03 57.34 25.45
CA PHE A 104 33.77 56.83 24.11
C PHE A 104 32.64 57.54 23.35
N THR A 105 33.02 58.62 22.67
CA THR A 105 32.16 59.48 21.84
C THR A 105 31.63 58.71 20.59
N ILE A 106 32.52 57.96 19.89
CA ILE A 106 32.22 57.20 18.68
C ILE A 106 32.53 55.69 18.87
N TRP A 107 31.54 54.86 18.49
CA TRP A 107 31.55 53.41 18.59
C TRP A 107 31.51 52.71 17.23
N GLY A 108 32.03 51.48 17.23
CA GLY A 108 32.00 50.60 16.08
C GLY A 108 30.78 49.70 16.20
N PRO A 109 30.22 49.10 15.11
CA PRO A 109 29.04 48.23 15.27
C PRO A 109 29.27 46.87 15.96
N GLY A 110 30.50 46.43 16.07
CA GLY A 110 30.85 45.18 16.73
C GLY A 110 31.22 44.09 15.78
N THR A 111 31.79 43.02 16.28
CA THR A 111 32.19 41.83 15.54
C THR A 111 32.20 40.68 16.47
N LEU A 112 31.48 39.66 16.10
CA LEU A 112 31.32 38.52 16.94
C LEU A 112 32.38 37.39 16.84
N VAL A 113 33.07 37.21 17.93
CA VAL A 113 34.03 36.15 18.07
C VAL A 113 33.32 34.95 18.65
N THR A 114 33.60 33.76 18.16
CA THR A 114 32.96 32.57 18.72
C THR A 114 34.02 31.55 19.02
N VAL A 115 34.22 31.21 20.27
CA VAL A 115 35.24 30.20 20.56
C VAL A 115 34.58 28.88 20.91
N SER A 116 34.66 27.89 19.99
CA SER A 116 34.07 26.57 20.16
C SER A 116 34.81 25.46 19.42
N SER A 117 34.79 24.26 20.01
CA SER A 117 35.34 23.02 19.47
C SER A 117 34.40 22.44 18.36
N ALA A 118 33.19 23.01 18.25
CA ALA A 118 32.18 22.66 17.25
C ALA A 118 32.52 23.23 15.88
N SER A 119 32.07 22.54 14.82
CA SER A 119 32.26 22.96 13.43
C SER A 119 31.03 23.69 12.91
N THR A 120 31.22 24.62 11.96
CA THR A 120 30.14 25.43 11.38
C THR A 120 29.12 24.60 10.60
N LYS A 121 27.81 24.89 10.80
CA LYS A 121 26.65 24.25 10.15
C LYS A 121 25.72 25.34 9.60
N GLY A 122 25.25 25.14 8.38
CA GLY A 122 24.36 26.09 7.72
C GLY A 122 22.93 25.94 8.20
N PRO A 123 22.08 26.95 8.03
CA PRO A 123 20.70 26.83 8.51
C PRO A 123 19.79 26.03 7.59
N SER A 124 18.66 25.63 8.12
CA SER A 124 17.62 24.91 7.41
C SER A 124 16.43 25.83 7.50
N VAL A 125 15.85 26.23 6.37
CA VAL A 125 14.72 27.18 6.40
C VAL A 125 13.33 26.62 6.01
N PHE A 126 12.46 26.48 7.01
CA PHE A 126 11.09 25.97 6.89
C PHE A 126 10.10 27.12 7.04
N PRO A 127 9.00 27.17 6.27
CA PRO A 127 8.07 28.31 6.42
C PRO A 127 7.11 28.11 7.59
N LEU A 128 6.35 29.15 7.93
CA LEU A 128 5.38 29.06 8.99
C LEU A 128 4.00 29.31 8.42
N ALA A 129 3.23 28.21 8.31
CA ALA A 129 1.88 28.04 7.74
C ALA A 129 0.73 28.92 8.27
N PRO A 130 0.40 29.99 7.51
CA PRO A 130 -0.72 30.88 7.91
C PRO A 130 -2.10 30.30 7.58
N SER A 131 -2.74 30.76 6.47
CA SER A 131 -4.05 30.37 5.95
C SER A 131 -5.26 30.73 6.83
N ALA A 132 -5.98 29.72 7.35
CA ALA A 132 -7.19 29.84 8.15
C ALA A 132 -6.92 29.65 9.66
N LYS A 133 -5.76 29.02 10.00
CA LYS A 133 -5.32 28.75 11.37
C LYS A 133 -4.56 29.96 11.99
N SER A 134 -4.56 31.11 11.27
CA SER A 134 -3.91 32.37 11.65
C SER A 134 -4.77 33.63 11.28
N THR A 135 -6.12 33.47 11.13
CA THR A 135 -7.05 34.58 10.77
C THR A 135 -7.72 35.35 11.93
N SER A 136 -7.41 36.66 12.05
CA SER A 136 -7.96 37.61 13.03
C SER A 136 -9.03 38.51 12.35
N GLY A 137 -9.40 38.13 11.12
CA GLY A 137 -10.39 38.84 10.30
C GLY A 137 -9.77 39.88 9.38
N GLY A 138 -8.95 40.76 9.97
CA GLY A 138 -8.27 41.84 9.26
C GLY A 138 -6.75 41.80 9.35
N THR A 139 -6.18 40.80 10.07
CA THR A 139 -4.72 40.58 10.24
C THR A 139 -4.36 39.09 10.34
N ALA A 140 -3.22 38.71 9.76
CA ALA A 140 -2.71 37.33 9.73
C ALA A 140 -1.18 37.28 9.77
N ALA A 141 -0.62 36.30 10.52
CA ALA A 141 0.82 36.15 10.70
C ALA A 141 1.37 34.89 10.11
N LEU A 142 2.48 35.05 9.37
CA LEU A 142 3.26 34.05 8.64
C LEU A 142 4.75 34.23 8.99
N GLY A 143 5.47 33.12 9.10
CA GLY A 143 6.85 33.21 9.49
C GLY A 143 7.87 32.43 8.68
N CYS A 144 9.07 32.30 9.25
CA CYS A 144 10.18 31.62 8.65
C CYS A 144 11.04 30.95 9.71
N LEU A 145 10.86 29.66 9.98
CA LEU A 145 11.74 28.99 10.93
C LEU A 145 13.13 28.82 10.29
N VAL A 146 14.19 29.07 11.06
CA VAL A 146 15.59 29.00 10.61
C VAL A 146 16.31 27.97 11.52
N LYS A 147 15.74 26.77 11.59
CA LYS A 147 16.24 25.71 12.45
C LYS A 147 17.65 25.24 12.11
N ASP A 148 18.35 24.69 13.11
CA ASP A 148 19.67 24.06 13.05
C ASP A 148 20.78 24.80 12.28
N TYR A 149 21.56 25.66 12.96
CA TYR A 149 22.68 26.41 12.37
C TYR A 149 23.76 26.73 13.41
N PHE A 150 24.95 27.11 12.95
CA PHE A 150 26.10 27.45 13.79
C PHE A 150 27.21 28.16 12.96
N PRO A 151 27.90 29.18 13.49
CA PRO A 151 27.69 29.87 14.76
C PRO A 151 26.73 31.04 14.57
N GLU A 152 26.73 31.98 15.49
CA GLU A 152 25.89 33.15 15.32
C GLU A 152 26.62 34.10 14.31
N PRO A 153 25.94 35.01 13.58
CA PRO A 153 24.51 35.34 13.54
C PRO A 153 23.79 34.71 12.32
N VAL A 154 22.62 35.29 11.91
CA VAL A 154 21.73 34.95 10.79
C VAL A 154 20.90 36.22 10.60
N THR A 155 20.76 36.71 9.38
CA THR A 155 20.04 37.96 9.24
C THR A 155 18.84 37.94 8.33
N VAL A 156 17.70 37.49 8.85
CA VAL A 156 16.44 37.51 8.12
C VAL A 156 15.91 38.95 7.94
N SER A 157 15.32 39.24 6.78
CA SER A 157 14.59 40.45 6.39
C SER A 157 13.34 39.98 5.58
N TRP A 158 12.39 40.89 5.27
CA TRP A 158 11.20 40.45 4.52
C TRP A 158 11.02 41.27 3.26
N ASN A 159 10.81 40.54 2.12
CA ASN A 159 10.64 41.06 0.77
C ASN A 159 11.77 42.04 0.41
N SER A 160 13.02 41.60 0.66
CA SER A 160 14.28 42.32 0.45
C SER A 160 14.27 43.69 1.19
N GLY A 161 13.85 43.63 2.46
CA GLY A 161 13.75 44.77 3.37
C GLY A 161 12.66 45.79 3.02
N ALA A 162 11.76 45.44 2.07
CA ALA A 162 10.66 46.32 1.65
C ALA A 162 9.52 46.20 2.64
N LEU A 163 9.39 45.00 3.26
CA LEU A 163 8.42 44.67 4.30
C LEU A 163 9.03 44.89 5.69
N THR A 164 8.63 46.00 6.34
CA THR A 164 9.15 46.44 7.65
C THR A 164 8.14 46.35 8.83
N SER A 165 7.02 47.13 8.75
CA SER A 165 5.99 47.20 9.79
C SER A 165 5.48 45.83 10.13
N GLY A 166 5.60 45.51 11.39
CA GLY A 166 5.13 44.23 11.92
C GLY A 166 6.10 43.07 11.82
N VAL A 167 7.36 43.32 11.37
CA VAL A 167 8.34 42.22 11.30
C VAL A 167 8.95 42.04 12.68
N HIS A 168 8.97 40.79 13.19
CA HIS A 168 9.52 40.48 14.50
C HIS A 168 10.56 39.39 14.39
N THR A 169 11.84 39.77 14.15
CA THR A 169 12.88 38.73 14.09
C THR A 169 13.24 38.35 15.53
N PHE A 170 13.10 37.08 15.82
CA PHE A 170 13.31 36.59 17.16
C PHE A 170 14.74 36.31 17.49
N PRO A 171 15.14 36.52 18.76
CA PRO A 171 16.49 36.09 19.19
C PRO A 171 16.73 34.59 19.01
N ALA A 172 17.95 34.24 18.68
CA ALA A 172 18.38 32.87 18.45
C ALA A 172 18.37 32.08 19.73
N VAL A 173 18.22 30.75 19.64
CA VAL A 173 18.21 29.89 20.82
C VAL A 173 19.01 28.63 20.61
N LEU A 174 20.00 28.46 21.47
CA LEU A 174 20.86 27.28 21.47
C LEU A 174 20.01 26.06 21.89
N GLN A 175 20.21 24.94 21.20
CA GLN A 175 19.48 23.72 21.51
C GLN A 175 20.41 22.80 22.25
N SER A 176 19.82 21.76 22.87
CA SER A 176 20.59 20.79 23.63
C SER A 176 21.51 19.96 22.71
N SER A 177 21.26 20.05 21.39
CA SER A 177 22.07 19.47 20.30
C SER A 177 23.40 20.28 20.13
N GLY A 178 23.32 21.59 20.37
CA GLY A 178 24.43 22.52 20.24
C GLY A 178 24.13 23.57 19.19
N LEU A 179 23.20 23.24 18.29
CA LEU A 179 22.83 24.13 17.20
C LEU A 179 21.86 25.21 17.58
N TYR A 180 22.03 26.38 16.99
CA TYR A 180 21.17 27.53 17.17
C TYR A 180 19.95 27.39 16.28
N SER A 181 18.88 28.11 16.60
CA SER A 181 17.63 28.15 15.86
C SER A 181 16.86 29.41 16.18
N LEU A 182 16.40 30.12 15.16
CA LEU A 182 15.58 31.32 15.32
C LEU A 182 14.39 31.26 14.40
N SER A 183 13.53 32.28 14.43
CA SER A 183 12.33 32.30 13.63
C SER A 183 11.81 33.72 13.50
N SER A 184 11.93 34.29 12.35
CA SER A 184 11.40 35.62 12.10
C SER A 184 9.97 35.47 11.62
N VAL A 185 9.10 36.42 11.97
CA VAL A 185 7.67 36.41 11.64
C VAL A 185 7.22 37.79 11.23
N VAL A 186 6.00 37.90 10.68
CA VAL A 186 5.40 39.19 10.26
C VAL A 186 3.86 39.16 10.24
N THR A 187 3.21 40.30 10.57
CA THR A 187 1.76 40.45 10.55
C THR A 187 1.35 41.19 9.27
N VAL A 188 0.40 40.59 8.53
CA VAL A 188 -0.10 41.05 7.23
C VAL A 188 -1.66 41.01 7.22
N PRO A 189 -2.38 42.02 6.63
CA PRO A 189 -3.85 41.92 6.54
C PRO A 189 -4.31 40.65 5.85
N SER A 190 -5.15 39.82 6.51
CA SER A 190 -5.64 38.50 6.03
C SER A 190 -6.14 38.49 4.59
N SER A 191 -6.56 39.67 4.11
CA SER A 191 -7.07 39.90 2.76
C SER A 191 -6.04 39.60 1.63
N SER A 192 -4.83 40.17 1.73
CA SER A 192 -3.77 40.01 0.74
C SER A 192 -2.88 38.77 0.92
N LEU A 193 -3.45 37.67 1.46
CA LEU A 193 -2.70 36.41 1.68
C LEU A 193 -2.34 35.64 0.37
N GLY A 194 -2.90 36.06 -0.76
CA GLY A 194 -2.65 35.49 -2.07
C GLY A 194 -2.16 36.54 -3.06
N THR A 195 -2.77 37.74 -2.98
CA THR A 195 -2.51 38.92 -3.83
C THR A 195 -1.03 39.40 -3.82
N GLN A 196 -0.37 39.32 -2.63
CA GLN A 196 1.02 39.71 -2.41
C GLN A 196 1.83 38.51 -1.91
N THR A 197 2.98 38.25 -2.56
CA THR A 197 3.87 37.14 -2.23
C THR A 197 4.85 37.52 -1.14
N TYR A 198 5.06 36.61 -0.17
CA TYR A 198 5.93 36.87 0.98
C TYR A 198 7.16 35.99 1.10
N ILE A 199 8.35 36.64 0.95
CA ILE A 199 9.67 36.02 1.00
C ILE A 199 10.54 36.54 2.15
N CYS A 200 11.07 35.59 2.92
CA CYS A 200 11.98 35.89 4.00
C CYS A 200 13.44 35.76 3.45
N ASN A 201 14.18 36.87 3.54
CA ASN A 201 15.53 36.97 3.02
C ASN A 201 16.56 36.65 4.12
N VAL A 202 16.78 35.34 4.35
CA VAL A 202 17.79 34.80 5.29
C VAL A 202 19.25 35.00 4.73
N ASN A 203 20.24 35.15 5.65
CA ASN A 203 21.65 35.30 5.35
C ASN A 203 22.54 34.81 6.51
N HIS A 204 23.07 33.59 6.42
CA HIS A 204 24.03 33.05 7.41
C HIS A 204 25.45 33.22 6.77
N LYS A 205 26.02 34.46 6.91
CA LYS A 205 27.36 34.79 6.41
C LYS A 205 28.43 33.82 6.93
N PRO A 206 28.49 33.42 8.24
CA PRO A 206 29.55 32.47 8.68
C PRO A 206 29.48 31.03 8.16
N SER A 207 28.71 30.81 7.06
CA SER A 207 28.57 29.52 6.37
C SER A 207 28.35 29.72 4.85
N ASN A 208 28.36 31.03 4.43
CA ASN A 208 28.22 31.53 3.05
C ASN A 208 26.77 31.54 2.58
N THR A 209 25.88 30.76 3.25
CA THR A 209 24.44 30.59 2.96
C THR A 209 23.70 31.92 2.77
N LYS A 210 22.87 32.02 1.73
CA LYS A 210 22.09 33.23 1.44
C LYS A 210 20.67 32.87 0.95
N VAL A 211 20.01 31.87 1.63
CA VAL A 211 18.65 31.32 1.41
C VAL A 211 17.56 32.38 1.26
N ASP A 212 16.62 32.14 0.36
CA ASP A 212 15.50 33.03 0.11
C ASP A 212 14.24 32.19 -0.10
N LYS A 213 13.74 31.56 1.00
CA LYS A 213 12.54 30.72 1.05
C LYS A 213 11.27 31.56 1.03
N LYS A 214 10.24 31.11 0.29
CA LYS A 214 8.95 31.81 0.20
C LYS A 214 7.90 31.08 1.04
N ALA A 215 7.12 31.84 1.82
CA ALA A 215 6.06 31.29 2.66
C ALA A 215 4.69 31.64 2.03
N GLU A 216 3.87 30.59 1.75
CA GLU A 216 2.54 30.68 1.16
C GLU A 216 1.50 29.85 1.94
N PRO A 217 0.21 30.24 1.95
CA PRO A 217 -0.78 29.52 2.76
C PRO A 217 -1.13 28.07 2.43
N LYS A 218 -0.31 27.12 2.93
CA LYS A 218 -0.47 25.66 2.82
C LYS A 218 -0.71 25.15 1.40
N SER A 219 -1.63 24.16 1.23
CA SER A 219 -1.99 23.56 -0.07
C SER A 219 -3.45 23.09 -0.09
N CYS A 220 -3.81 22.11 0.77
CA CYS A 220 -5.13 21.47 0.92
C CYS A 220 -5.69 20.80 -0.36
N ASP A 221 -5.55 19.57 -0.49
N GLU B 1 41.49 46.90 38.22
CA GLU B 1 41.19 46.87 39.65
C GLU B 1 40.16 47.91 40.12
N LEU B 2 39.85 48.92 39.28
CA LEU B 2 38.79 49.89 39.59
C LEU B 2 37.51 49.10 39.39
N VAL B 3 36.46 49.41 40.16
CA VAL B 3 35.16 48.74 40.05
C VAL B 3 34.01 49.72 40.05
N MET B 4 33.00 49.40 39.24
CA MET B 4 31.79 50.21 39.21
C MET B 4 30.63 49.37 39.71
N THR B 5 29.89 49.98 40.67
CA THR B 5 28.78 49.31 41.32
C THR B 5 27.49 49.97 40.92
N GLN B 6 26.89 49.37 39.87
CA GLN B 6 25.66 49.80 39.26
C GLN B 6 24.46 49.18 39.94
N THR B 7 23.54 50.06 40.40
CA THR B 7 22.32 49.67 41.06
C THR B 7 21.18 50.54 40.56
N PRO B 8 20.01 49.91 40.24
CA PRO B 8 19.68 48.47 40.38
C PRO B 8 20.08 47.60 39.19
N SER B 9 19.77 46.28 39.23
CA SER B 9 20.00 45.36 38.10
C SER B 9 18.94 45.63 36.99
N SER B 10 17.66 45.80 37.41
CA SER B 10 16.49 46.08 36.58
C SER B 10 15.64 47.17 37.23
N VAL B 11 14.74 47.80 36.46
CA VAL B 11 13.80 48.83 36.91
C VAL B 11 12.61 49.03 35.94
N SER B 12 11.38 49.07 36.49
CA SER B 12 10.13 49.26 35.74
C SER B 12 9.53 50.61 36.08
N GLU B 13 8.94 51.32 35.11
CA GLU B 13 8.43 52.66 35.36
C GLU B 13 7.48 53.13 34.28
N PRO B 14 6.36 53.77 34.62
CA PRO B 14 5.47 54.30 33.57
C PRO B 14 6.04 55.52 32.89
N VAL B 15 5.42 55.90 31.78
CA VAL B 15 5.76 57.12 31.02
C VAL B 15 5.39 58.30 31.93
N GLY B 16 6.29 59.29 31.98
CA GLY B 16 6.23 60.46 32.84
C GLY B 16 7.10 60.25 34.06
N GLY B 17 7.06 59.00 34.58
CA GLY B 17 7.80 58.51 35.74
C GLY B 17 9.28 58.82 35.68
N THR B 18 9.95 58.95 36.82
CA THR B 18 11.38 59.27 36.79
C THR B 18 12.31 58.14 37.30
N VAL B 19 13.45 57.94 36.59
CA VAL B 19 14.37 56.85 36.92
C VAL B 19 15.71 57.33 37.45
N THR B 20 16.31 56.55 38.34
CA THR B 20 17.55 56.86 39.01
C THR B 20 18.48 55.66 39.06
N ILE B 21 19.56 55.77 38.30
CA ILE B 21 20.57 54.71 38.30
C ILE B 21 21.79 55.22 39.05
N LYS B 22 22.31 54.37 39.95
CA LYS B 22 23.43 54.69 40.80
C LYS B 22 24.67 53.84 40.48
N CYS B 23 25.84 54.53 40.46
CA CYS B 23 27.13 53.92 40.28
C CYS B 23 28.04 54.22 41.48
N GLN B 24 28.62 53.14 42.04
CA GLN B 24 29.49 53.20 43.19
C GLN B 24 30.93 52.84 42.82
N ALA B 25 31.75 53.90 42.68
CA ALA B 25 33.19 53.88 42.37
C ALA B 25 34.04 53.19 43.47
N SER B 26 35.00 52.32 43.06
CA SER B 26 35.91 51.63 43.97
C SER B 26 37.17 52.47 44.30
N GLN B 27 37.37 53.60 43.57
CA GLN B 27 38.51 54.51 43.72
C GLN B 27 38.14 55.95 43.38
N SER B 28 39.15 56.85 43.31
CA SER B 28 39.05 58.29 43.06
C SER B 28 38.00 58.75 42.04
N ILE B 29 38.30 58.68 40.69
CA ILE B 29 37.41 59.08 39.56
C ILE B 29 36.92 60.52 39.74
N SER B 30 37.53 61.48 39.07
CA SER B 30 37.09 62.87 39.25
C SER B 30 35.80 63.03 38.43
N SER B 31 35.89 63.63 37.25
CA SER B 31 34.79 63.72 36.32
C SER B 31 35.03 62.54 35.39
N TRP B 32 35.91 61.58 35.80
CA TRP B 32 36.30 60.34 35.10
C TRP B 32 35.12 59.38 34.93
N LEU B 33 33.91 59.91 34.64
CA LEU B 33 32.71 59.11 34.48
C LEU B 33 31.78 59.54 33.34
N SER B 34 31.22 58.51 32.63
CA SER B 34 30.28 58.68 31.52
C SER B 34 29.11 57.66 31.53
N TRP B 35 27.94 58.11 31.07
CA TRP B 35 26.71 57.32 31.02
C TRP B 35 26.25 57.00 29.60
N TYR B 36 25.89 55.71 29.39
CA TYR B 36 25.45 55.15 28.10
C TYR B 36 24.16 54.36 28.14
N GLN B 37 23.33 54.55 27.09
CA GLN B 37 22.10 53.82 26.80
C GLN B 37 22.44 52.84 25.68
N GLN B 38 22.05 51.60 25.83
CA GLN B 38 22.31 50.59 24.81
C GLN B 38 21.05 49.77 24.46
N LYS B 39 20.43 50.11 23.31
CA LYS B 39 19.26 49.38 22.82
C LYS B 39 19.74 48.01 22.27
N PRO B 40 18.91 46.93 22.28
CA PRO B 40 19.42 45.60 21.84
C PRO B 40 19.88 45.59 20.37
N GLY B 41 21.00 44.85 20.13
CA GLY B 41 21.67 44.72 18.83
C GLY B 41 21.98 46.09 18.25
N GLN B 42 22.78 46.86 19.02
CA GLN B 42 23.15 48.23 18.76
C GLN B 42 24.35 48.62 19.65
N PRO B 43 25.29 49.44 19.14
CA PRO B 43 26.42 49.83 20.01
C PRO B 43 25.94 50.96 20.95
N PRO B 44 26.45 50.97 22.21
CA PRO B 44 26.03 52.00 23.15
C PRO B 44 26.05 53.43 22.64
N LYS B 45 25.20 54.27 23.18
CA LYS B 45 25.16 55.68 22.81
C LYS B 45 25.53 56.50 24.06
N LEU B 46 26.45 57.48 23.92
CA LEU B 46 26.81 58.32 25.05
C LEU B 46 25.68 59.34 25.30
N LEU B 47 25.29 59.45 26.59
CA LEU B 47 24.26 60.38 27.05
C LEU B 47 24.92 61.49 27.86
N ILE B 48 25.67 61.09 28.91
CA ILE B 48 26.35 61.97 29.86
C ILE B 48 27.82 61.61 29.89
N TYR B 49 28.70 62.61 29.75
CA TYR B 49 30.18 62.51 29.82
C TYR B 49 30.61 63.44 30.94
N ASP B 50 31.89 63.28 31.40
CA ASP B 50 32.48 64.09 32.47
C ASP B 50 31.48 64.34 33.60
N ALA B 51 30.80 63.22 34.04
CA ALA B 51 29.76 63.04 35.09
C ALA B 51 28.45 63.85 35.06
N SER B 52 28.40 65.02 34.43
CA SER B 52 27.19 65.84 34.51
C SER B 52 26.69 66.59 33.26
N ASN B 53 27.35 66.42 32.08
CA ASN B 53 27.03 67.15 30.85
C ASN B 53 26.53 66.23 29.77
N LEU B 54 25.42 66.62 29.07
CA LEU B 54 24.85 65.80 28.01
C LEU B 54 25.44 65.97 26.64
N ALA B 55 25.64 64.83 25.94
CA ALA B 55 26.14 64.77 24.57
C ALA B 55 25.14 65.46 23.70
N SER B 56 25.55 65.90 22.49
CA SER B 56 24.59 66.60 21.64
C SER B 56 23.56 65.61 21.10
N GLY B 57 22.35 66.12 20.90
CA GLY B 57 21.23 65.33 20.43
C GLY B 57 20.42 64.79 21.59
N VAL B 58 21.12 64.26 22.62
CA VAL B 58 20.54 63.68 23.85
C VAL B 58 19.60 64.68 24.49
N PRO B 59 18.35 64.26 24.81
CA PRO B 59 17.39 65.20 25.38
C PRO B 59 17.60 65.53 26.84
N SER B 60 17.16 66.74 27.20
CA SER B 60 17.19 67.37 28.52
C SER B 60 16.78 66.49 29.70
N ARG B 61 15.82 65.56 29.48
CA ARG B 61 15.35 64.63 30.51
C ARG B 61 16.47 63.74 31.09
N PHE B 62 17.64 63.72 30.44
CA PHE B 62 18.79 62.96 30.90
C PHE B 62 19.66 63.88 31.78
N MET B 63 19.91 63.43 33.03
CA MET B 63 20.66 64.20 34.02
C MET B 63 21.69 63.35 34.71
N GLY B 64 22.88 63.91 34.77
CA GLY B 64 24.02 63.26 35.41
C GLY B 64 24.52 64.07 36.57
N SER B 65 25.06 63.36 37.55
CA SER B 65 25.65 63.93 38.75
C SER B 65 26.46 62.87 39.48
N GLY B 66 27.11 63.33 40.55
CA GLY B 66 27.94 62.51 41.42
C GLY B 66 28.61 63.29 42.54
N SER B 67 28.80 62.60 43.68
CA SER B 67 29.47 63.12 44.87
C SER B 67 30.60 62.21 45.31
N GLY B 68 31.75 62.43 44.69
CA GLY B 68 33.01 61.76 44.98
C GLY B 68 33.12 60.28 44.67
N THR B 69 32.20 59.48 45.20
CA THR B 69 32.22 58.05 44.95
C THR B 69 30.84 57.50 44.49
N GLU B 70 29.82 58.38 44.48
CA GLU B 70 28.46 58.04 44.14
C GLU B 70 28.06 58.86 42.95
N TYR B 71 27.63 58.19 41.86
CA TYR B 71 27.23 58.86 40.63
C TYR B 71 25.83 58.48 40.24
N THR B 72 25.04 59.48 39.81
CA THR B 72 23.65 59.22 39.45
C THR B 72 23.14 59.69 38.11
N LEU B 73 22.57 58.73 37.37
CA LEU B 73 21.87 59.02 36.15
C LEU B 73 20.38 59.13 36.49
N THR B 74 19.81 60.24 36.08
CA THR B 74 18.45 60.58 36.37
C THR B 74 17.65 60.90 35.10
N ILE B 75 16.97 59.87 34.51
CA ILE B 75 16.07 60.13 33.38
C ILE B 75 14.80 60.63 34.06
N SER B 76 14.47 61.90 33.82
CA SER B 76 13.32 62.55 34.40
C SER B 76 12.06 62.05 33.72
N GLY B 77 11.35 62.87 32.95
CA GLY B 77 10.11 62.47 32.30
C GLY B 77 10.27 61.36 31.26
N VAL B 78 10.42 60.09 31.72
CA VAL B 78 10.66 58.96 30.83
C VAL B 78 9.63 58.81 29.73
N GLN B 79 10.12 58.45 28.51
CA GLN B 79 9.34 58.21 27.30
C GLN B 79 9.55 56.76 26.87
N ARG B 80 8.65 56.23 25.99
CA ARG B 80 8.66 54.81 25.56
C ARG B 80 10.01 54.24 25.07
N GLU B 81 10.74 55.09 24.27
CA GLU B 81 12.05 54.86 23.65
C GLU B 81 13.10 54.50 24.67
N ASP B 82 13.22 55.30 25.75
CA ASP B 82 14.22 55.13 26.82
C ASP B 82 14.39 53.70 27.37
N ALA B 83 13.46 52.82 26.98
CA ALA B 83 13.48 51.41 27.31
C ALA B 83 14.74 50.83 26.71
N ALA B 84 15.71 50.50 27.56
CA ALA B 84 17.01 49.95 27.12
C ALA B 84 17.85 49.61 28.32
N THR B 85 19.04 49.02 28.10
CA THR B 85 19.97 48.80 29.20
C THR B 85 20.92 50.03 29.32
N TYR B 86 21.35 50.36 30.56
CA TYR B 86 22.17 51.54 30.84
C TYR B 86 23.42 51.16 31.56
N TYR B 87 24.54 51.74 31.11
CA TYR B 87 25.85 51.49 31.70
C TYR B 87 26.57 52.79 32.05
N CYS B 88 27.44 52.72 33.05
CA CYS B 88 28.27 53.84 33.45
C CYS B 88 29.70 53.40 33.28
N LEU B 89 30.51 54.34 32.88
CA LEU B 89 31.89 54.04 32.67
C LEU B 89 32.74 54.96 33.50
N GLY B 90 33.58 54.35 34.34
CA GLY B 90 34.44 55.08 35.24
C GLY B 90 35.92 54.85 35.06
N GLY B 91 36.68 55.93 35.18
CA GLY B 91 38.14 55.94 35.11
C GLY B 91 38.77 56.49 33.84
N TYR B 92 40.07 56.26 33.72
CA TYR B 92 40.87 56.66 32.56
C TYR B 92 41.67 55.43 32.15
N PRO B 93 41.92 55.21 30.83
CA PRO B 93 42.64 53.99 30.43
C PRO B 93 44.05 53.90 31.01
N ALA B 94 44.72 55.07 31.16
CA ALA B 94 46.10 55.22 31.63
C ALA B 94 46.35 54.87 33.10
N ALA B 95 45.61 53.83 33.57
CA ALA B 95 45.60 53.25 34.92
C ALA B 95 45.39 54.33 36.08
N SER B 96 45.85 54.15 37.33
CA SER B 96 46.60 53.01 37.92
C SER B 96 45.69 51.80 38.09
N TYR B 97 44.39 52.08 38.02
CA TYR B 97 43.26 51.18 38.17
C TYR B 97 42.46 51.00 36.83
N ARG B 98 42.99 51.59 35.73
CA ARG B 98 42.41 51.59 34.39
C ARG B 98 41.00 52.25 34.37
N THR B 99 40.16 51.82 33.43
CA THR B 99 38.78 52.29 33.27
C THR B 99 37.88 51.03 33.37
N ALA B 100 36.73 51.14 34.07
CA ALA B 100 35.79 50.03 34.25
C ALA B 100 34.32 50.41 34.01
N PHE B 101 33.52 49.37 33.67
CA PHE B 101 32.09 49.44 33.37
C PHE B 101 31.15 49.14 34.49
N GLY B 102 30.00 49.83 34.49
CA GLY B 102 28.89 49.69 35.44
C GLY B 102 28.34 48.28 35.60
N GLY B 103 28.05 47.59 34.50
CA GLY B 103 27.53 46.23 34.59
C GLY B 103 26.05 46.09 34.30
N GLY B 104 25.42 47.22 33.91
CA GLY B 104 24.03 47.25 33.48
C GLY B 104 22.93 47.47 34.50
N THR B 105 21.82 47.95 33.95
CA THR B 105 20.54 48.28 34.57
C THR B 105 19.47 48.38 33.46
N GLU B 106 18.70 47.27 33.27
CA GLU B 106 17.63 47.17 32.25
C GLU B 106 16.40 48.01 32.63
N LEU B 107 16.00 48.95 31.80
CA LEU B 107 14.81 49.74 32.08
C LEU B 107 13.56 49.25 31.31
N GLU B 108 12.52 48.80 32.06
CA GLU B 108 11.23 48.39 31.52
C GLU B 108 10.27 49.59 31.59
N ILE B 109 9.77 50.09 30.44
CA ILE B 109 8.77 51.13 30.46
C ILE B 109 7.41 50.44 30.76
N ILE B 110 6.54 51.11 31.56
CA ILE B 110 5.23 50.57 31.96
C ILE B 110 4.08 51.30 31.27
N ARG B 111 3.27 50.50 30.56
CA ARG B 111 2.09 50.92 29.80
C ARG B 111 0.87 50.10 30.23
N THR B 112 -0.29 50.39 29.60
CA THR B 112 -1.57 49.71 29.83
C THR B 112 -1.44 48.20 29.51
N VAL B 113 -2.42 47.41 29.88
CA VAL B 113 -2.37 45.98 29.54
C VAL B 113 -2.72 45.82 28.04
N ALA B 114 -2.18 44.72 27.42
CA ALA B 114 -2.44 44.34 26.03
C ALA B 114 -2.49 42.82 25.88
N ALA B 115 -3.49 42.33 25.14
CA ALA B 115 -3.71 40.92 24.90
C ALA B 115 -2.88 40.35 23.74
N PRO B 116 -2.16 39.25 24.01
CA PRO B 116 -1.37 38.59 22.95
C PRO B 116 -2.22 37.93 21.87
N SER B 117 -2.05 38.39 20.60
CA SER B 117 -2.74 37.74 19.47
C SER B 117 -2.00 36.42 19.29
N VAL B 118 -2.67 35.30 19.58
CA VAL B 118 -2.02 33.98 19.52
C VAL B 118 -2.20 33.27 18.19
N PHE B 119 -1.06 32.82 17.60
CA PHE B 119 -0.96 32.12 16.33
C PHE B 119 -0.17 30.85 16.51
N ILE B 120 -0.58 29.84 15.76
CA ILE B 120 0.04 28.51 15.80
C ILE B 120 0.50 28.09 14.42
N PHE B 121 1.66 27.42 14.38
CA PHE B 121 2.34 26.95 13.17
C PHE B 121 2.77 25.49 13.18
N PRO B 122 2.25 24.73 12.19
CA PRO B 122 2.55 23.28 12.11
C PRO B 122 3.82 22.94 11.30
N PRO B 123 4.50 21.80 11.63
CA PRO B 123 5.71 21.43 10.89
C PRO B 123 5.49 21.17 9.40
N SER B 124 6.28 21.87 8.56
CA SER B 124 6.25 21.76 7.11
C SER B 124 6.76 20.40 6.61
N ASP B 125 6.32 20.06 5.39
CA ASP B 125 6.61 18.84 4.64
C ASP B 125 8.12 18.58 4.54
N GLU B 126 8.91 19.60 4.11
CA GLU B 126 10.36 19.55 4.00
C GLU B 126 11.04 19.27 5.34
N GLN B 127 10.47 19.83 6.43
CA GLN B 127 10.99 19.62 7.78
C GLN B 127 10.73 18.20 8.24
N LEU B 128 9.57 17.65 7.86
CA LEU B 128 9.18 16.29 8.23
C LEU B 128 10.07 15.32 7.50
N LYS B 129 10.22 15.54 6.19
CA LYS B 129 11.06 14.73 5.32
C LYS B 129 12.53 15.09 5.59
N SER B 130 12.99 14.73 6.81
CA SER B 130 14.32 14.95 7.38
C SER B 130 14.46 14.09 8.66
N GLY B 131 13.42 14.12 9.50
CA GLY B 131 13.35 13.34 10.74
C GLY B 131 13.01 14.08 12.01
N THR B 132 12.69 15.40 11.91
CA THR B 132 12.35 16.24 13.07
C THR B 132 11.16 17.15 12.81
N ALA B 133 10.32 17.33 13.86
CA ALA B 133 9.13 18.18 13.83
C ALA B 133 9.20 19.26 14.91
N SER B 134 9.01 20.52 14.47
CA SER B 134 9.04 21.71 15.31
C SER B 134 7.74 22.49 15.22
N VAL B 135 7.01 22.54 16.36
CA VAL B 135 5.74 23.26 16.44
C VAL B 135 5.91 24.61 17.02
N VAL B 136 5.33 25.61 16.36
CA VAL B 136 5.48 26.96 16.81
C VAL B 136 4.24 27.73 17.24
N CYS B 137 4.33 28.33 18.44
CA CYS B 137 3.30 29.16 19.01
C CYS B 137 3.86 30.54 19.14
N LEU B 138 3.16 31.49 18.56
CA LEU B 138 3.51 32.88 18.52
C LEU B 138 2.51 33.70 19.35
N LEU B 139 3.00 34.74 20.05
CA LEU B 139 2.21 35.63 20.89
C LEU B 139 2.58 37.03 20.51
N ASN B 140 1.97 37.55 19.46
CA ASN B 140 2.30 38.88 18.99
C ASN B 140 1.71 39.97 19.88
N ASN B 141 2.46 41.09 20.00
CA ASN B 141 2.17 42.35 20.71
C ASN B 141 1.33 42.34 21.98
N PHE B 142 2.03 42.23 23.12
CA PHE B 142 1.37 42.14 24.41
C PHE B 142 2.17 42.73 25.57
N TYR B 143 1.48 43.34 26.53
CA TYR B 143 2.06 43.90 27.76
C TYR B 143 1.24 43.40 28.96
N PRO B 144 1.85 42.92 30.07
CA PRO B 144 3.29 42.79 30.39
C PRO B 144 3.98 41.64 29.69
N ARG B 145 5.23 41.39 30.10
CA ARG B 145 6.13 40.35 29.58
C ARG B 145 5.83 38.99 30.21
N GLU B 146 5.07 39.02 31.30
CA GLU B 146 4.73 37.83 32.05
C GLU B 146 3.66 37.04 31.32
N ALA B 147 3.97 35.75 31.10
CA ALA B 147 3.10 34.77 30.44
C ALA B 147 3.71 33.37 30.51
N LYS B 148 2.85 32.36 30.35
CA LYS B 148 3.23 30.95 30.33
C LYS B 148 2.53 30.27 29.17
N VAL B 149 3.28 29.37 28.53
CA VAL B 149 2.83 28.62 27.38
C VAL B 149 2.90 27.12 27.69
N GLN B 150 1.74 26.44 27.56
CA GLN B 150 1.58 25.02 27.79
C GLN B 150 1.41 24.29 26.47
N TRP B 151 2.13 23.16 26.32
CA TRP B 151 2.05 22.38 25.10
C TRP B 151 1.27 21.08 25.35
N LYS B 152 0.08 20.98 24.73
CA LYS B 152 -0.80 19.82 24.85
C LYS B 152 -0.88 18.99 23.56
N VAL B 153 -0.34 17.78 23.65
CA VAL B 153 -0.28 16.79 22.58
C VAL B 153 -1.44 15.82 22.89
N ASP B 154 -2.59 16.01 22.18
CA ASP B 154 -3.84 15.26 22.39
C ASP B 154 -4.27 15.33 23.87
N ASN B 155 -4.32 16.57 24.40
CA ASN B 155 -4.65 16.93 25.79
C ASN B 155 -3.72 16.38 26.88
N ALA B 156 -2.50 15.97 26.48
CA ALA B 156 -1.44 15.49 27.35
C ALA B 156 -0.29 16.51 27.29
N LEU B 157 0.04 17.08 28.45
CA LEU B 157 1.05 18.12 28.61
C LEU B 157 2.48 17.74 28.27
N GLN B 158 3.22 18.71 27.68
CA GLN B 158 4.62 18.59 27.31
C GLN B 158 5.46 19.63 28.03
N SER B 159 6.73 19.28 28.33
CA SER B 159 7.65 20.09 29.13
C SER B 159 9.10 20.32 28.56
N GLY B 160 9.97 19.32 28.72
CA GLY B 160 11.38 19.34 28.33
C GLY B 160 11.66 19.60 26.87
N ASN B 161 10.76 19.13 25.99
CA ASN B 161 10.81 19.27 24.54
C ASN B 161 10.39 20.66 24.01
N SER B 162 10.16 21.61 24.95
CA SER B 162 9.79 22.99 24.63
C SER B 162 10.98 23.96 24.86
N GLN B 163 10.95 25.11 24.15
CA GLN B 163 11.94 26.20 24.24
C GLN B 163 11.28 27.53 23.83
N GLU B 164 11.50 28.57 24.63
CA GLU B 164 10.89 29.88 24.37
C GLU B 164 11.94 30.97 24.00
N SER B 165 11.49 32.03 23.33
CA SER B 165 12.28 33.18 22.93
C SER B 165 11.38 34.40 22.88
N VAL B 166 11.81 35.48 23.53
CA VAL B 166 11.03 36.71 23.58
C VAL B 166 11.81 37.85 22.97
N THR B 167 11.09 38.74 22.27
CA THR B 167 11.70 39.94 21.70
C THR B 167 11.97 40.94 22.81
N GLU B 168 12.55 42.06 22.45
CA GLU B 168 12.71 43.15 23.37
C GLU B 168 11.47 44.06 23.22
N GLN B 169 11.33 45.00 24.11
CA GLN B 169 10.22 45.91 24.16
C GLN B 169 10.18 46.90 23.04
N ASP B 170 9.00 47.14 22.48
CA ASP B 170 8.78 48.11 21.43
C ASP B 170 9.22 49.51 21.87
N SER B 171 9.79 50.27 20.96
CA SER B 171 10.26 51.62 21.22
C SER B 171 9.10 52.65 21.08
N LYS B 172 7.90 52.21 20.64
CA LYS B 172 6.77 53.14 20.44
C LYS B 172 5.37 52.60 20.91
N ASP B 173 5.30 51.29 21.19
CA ASP B 173 4.07 50.64 21.64
C ASP B 173 4.34 49.74 22.85
N SER B 174 5.52 49.87 23.46
CA SER B 174 6.08 49.12 24.58
C SER B 174 5.66 47.68 24.81
N THR B 175 5.26 47.02 23.72
CA THR B 175 4.76 45.64 23.63
C THR B 175 5.84 44.59 23.69
N TYR B 176 5.48 43.34 23.52
CA TYR B 176 6.43 42.23 23.49
C TYR B 176 5.95 41.21 22.44
N SER B 177 6.59 39.99 22.40
CA SER B 177 6.28 38.89 21.51
C SER B 177 7.05 37.67 21.91
N LEU B 178 6.40 36.52 22.05
CA LEU B 178 7.10 35.30 22.41
C LEU B 178 7.07 34.24 21.27
N SER B 179 7.95 33.23 21.33
CA SER B 179 8.04 32.13 20.38
C SER B 179 8.32 30.84 21.14
N SER B 180 7.32 29.95 21.17
CA SER B 180 7.50 28.66 21.82
C SER B 180 7.74 27.60 20.77
N THR B 181 8.73 26.74 21.01
CA THR B 181 9.07 25.70 20.05
C THR B 181 9.07 24.33 20.67
N LEU B 182 8.10 23.54 20.25
CA LEU B 182 8.00 22.17 20.71
C LEU B 182 8.66 21.31 19.68
N THR B 183 9.70 20.61 20.12
CA THR B 183 10.49 19.81 19.21
C THR B 183 10.61 18.35 19.62
N LEU B 184 10.21 17.47 18.69
CA LEU B 184 10.29 16.01 18.77
C LEU B 184 10.39 15.40 17.37
N SER B 185 10.89 14.14 17.29
CA SER B 185 11.07 13.42 16.03
C SER B 185 9.77 13.25 15.22
N LYS B 186 9.94 12.92 13.92
CA LYS B 186 8.88 12.64 12.93
C LYS B 186 8.00 11.50 13.45
N ALA B 187 8.63 10.54 14.17
CA ALA B 187 8.02 9.37 14.82
C ALA B 187 6.93 9.77 15.83
N ASP B 188 7.29 10.59 16.83
CA ASP B 188 6.39 11.09 17.86
C ASP B 188 5.35 12.05 17.30
N TYR B 189 5.64 12.63 16.13
CA TYR B 189 4.71 13.53 15.46
C TYR B 189 3.59 12.77 14.78
N GLU B 190 3.89 11.58 14.23
CA GLU B 190 2.88 10.74 13.54
C GLU B 190 1.88 10.15 14.54
N LYS B 191 2.35 9.82 15.75
CA LYS B 191 1.58 9.22 16.84
C LYS B 191 0.36 10.00 17.35
N HIS B 192 0.26 11.31 17.08
CA HIS B 192 -0.85 12.14 17.58
C HIS B 192 -1.39 13.08 16.51
N LYS B 193 -2.72 13.32 16.51
CA LYS B 193 -3.41 14.13 15.50
C LYS B 193 -3.68 15.60 15.86
N VAL B 194 -4.14 15.86 17.10
CA VAL B 194 -4.49 17.24 17.52
C VAL B 194 -3.52 17.87 18.53
N TYR B 195 -2.74 18.84 18.05
CA TYR B 195 -1.75 19.58 18.82
C TYR B 195 -2.29 20.92 19.27
N ALA B 196 -2.18 21.19 20.58
CA ALA B 196 -2.69 22.42 21.19
C ALA B 196 -1.66 23.20 21.97
N CYS B 197 -1.82 24.52 21.95
CA CYS B 197 -0.96 25.45 22.61
C CYS B 197 -1.79 26.33 23.55
N GLU B 198 -1.59 26.18 24.89
CA GLU B 198 -2.31 26.93 25.93
C GLU B 198 -1.54 28.16 26.38
N VAL B 199 -2.23 29.32 26.36
CA VAL B 199 -1.68 30.65 26.67
C VAL B 199 -2.34 31.29 27.93
N THR B 200 -1.50 31.68 28.92
CA THR B 200 -1.94 32.31 30.18
C THR B 200 -1.35 33.73 30.35
N HIS B 201 -2.15 34.76 30.04
CA HIS B 201 -1.73 36.17 30.16
C HIS B 201 -2.71 36.99 31.01
N GLN B 202 -2.21 38.07 31.62
CA GLN B 202 -2.96 39.01 32.44
C GLN B 202 -4.11 39.67 31.66
N GLY B 203 -3.83 40.12 30.44
CA GLY B 203 -4.79 40.75 29.55
C GLY B 203 -5.78 39.80 28.92
N LEU B 204 -5.58 38.48 29.16
CA LEU B 204 -6.42 37.39 28.68
C LEU B 204 -7.44 36.97 29.71
N SER B 205 -8.72 37.17 29.34
CA SER B 205 -9.91 36.84 30.13
C SER B 205 -9.89 35.37 30.57
N SER B 206 -9.82 34.47 29.59
CA SER B 206 -9.75 33.04 29.85
C SER B 206 -8.53 32.48 29.11
N PRO B 207 -7.79 31.52 29.70
CA PRO B 207 -6.59 30.96 29.03
C PRO B 207 -6.78 30.41 27.60
N VAL B 208 -6.72 31.33 26.62
CA VAL B 208 -6.89 31.11 25.19
C VAL B 208 -5.96 30.04 24.64
N THR B 209 -6.56 29.06 23.97
CA THR B 209 -5.85 27.95 23.35
C THR B 209 -6.13 27.99 21.86
N LYS B 210 -5.05 27.96 21.07
CA LYS B 210 -5.06 27.90 19.62
C LYS B 210 -4.41 26.59 19.24
N SER B 211 -5.03 25.86 18.30
CA SER B 211 -4.58 24.53 17.90
C SER B 211 -4.87 24.18 16.43
N PHE B 212 -4.40 22.98 16.04
CA PHE B 212 -4.56 22.41 14.71
C PHE B 212 -4.70 20.90 14.82
N ASN B 213 -5.28 20.28 13.77
CA ASN B 213 -5.45 18.83 13.64
C ASN B 213 -4.54 18.40 12.47
N ARG B 214 -3.74 17.34 12.67
CA ARG B 214 -2.78 16.84 11.68
C ARG B 214 -3.39 16.50 10.32
N GLY B 215 -3.12 17.35 9.35
CA GLY B 215 -3.62 17.20 7.99
C GLY B 215 -4.92 17.95 7.76
N GLU B 216 -5.89 17.80 8.68
CA GLU B 216 -7.22 18.45 8.64
C GLU B 216 -7.03 19.98 8.58
N CYS B 217 -7.60 20.62 7.53
CA CYS B 217 -7.50 22.07 7.33
C CYS B 217 -8.86 22.77 7.17
N GLN C 1 40.50 -22.41 14.67
CA GLN C 1 41.11 -21.70 13.55
C GLN C 1 40.30 -20.52 13.06
N GLU C 2 39.03 -20.46 13.50
CA GLU C 2 38.02 -19.42 13.21
C GLU C 2 38.52 -18.04 13.68
N GLN C 3 38.00 -16.95 13.09
CA GLN C 3 38.47 -15.60 13.43
C GLN C 3 37.47 -14.54 12.99
N LEU C 4 37.53 -13.35 13.63
CA LEU C 4 36.71 -12.19 13.27
C LEU C 4 37.51 -10.94 13.52
N VAL C 5 37.42 -10.00 12.57
CA VAL C 5 38.10 -8.72 12.64
C VAL C 5 37.19 -7.65 12.14
N GLU C 6 37.02 -6.59 12.91
CA GLU C 6 36.17 -5.50 12.45
C GLU C 6 37.01 -4.31 12.07
N SER C 7 36.50 -3.56 11.09
CA SER C 7 37.12 -2.34 10.56
C SER C 7 36.01 -1.34 10.23
N GLY C 8 36.42 -0.12 9.88
CA GLY C 8 35.47 0.93 9.53
C GLY C 8 35.15 1.94 10.62
N GLY C 9 35.61 1.67 11.85
CA GLY C 9 35.43 2.55 12.99
C GLY C 9 36.27 3.79 12.81
N ARG C 10 35.63 4.96 12.66
CA ARG C 10 36.27 6.26 12.37
C ARG C 10 35.40 7.41 12.88
N LEU C 11 36.00 8.60 13.12
CA LEU C 11 35.29 9.82 13.51
C LEU C 11 34.45 10.30 12.31
N VAL C 12 33.15 10.51 12.55
CA VAL C 12 32.20 11.01 11.54
C VAL C 12 31.33 12.10 12.13
N THR C 13 30.81 12.99 11.28
CA THR C 13 29.90 14.05 11.70
C THR C 13 28.52 13.42 11.95
N PRO C 14 27.58 14.08 12.67
CA PRO C 14 26.26 13.46 12.87
C PRO C 14 25.44 13.46 11.57
N GLY C 15 24.63 12.40 11.40
CA GLY C 15 23.80 12.19 10.22
C GLY C 15 24.56 11.61 9.04
N THR C 16 25.90 11.81 9.02
CA THR C 16 26.79 11.32 7.97
C THR C 16 27.05 9.84 8.16
N ALA C 17 26.33 9.03 7.39
CA ALA C 17 26.35 7.57 7.42
C ALA C 17 27.73 6.93 7.24
N LEU C 18 27.98 5.93 8.10
CA LEU C 18 29.20 5.12 8.16
C LEU C 18 28.78 3.66 7.92
N THR C 19 29.73 2.82 7.49
CA THR C 19 29.51 1.40 7.27
C THR C 19 30.66 0.59 7.89
N LEU C 20 30.31 -0.31 8.84
CA LEU C 20 31.27 -1.17 9.52
C LEU C 20 31.36 -2.51 8.84
N THR C 21 32.52 -3.19 8.95
CA THR C 21 32.76 -4.47 8.27
C THR C 21 33.33 -5.50 9.24
N CYS C 22 32.91 -6.76 9.11
CA CYS C 22 33.41 -7.86 9.94
C CYS C 22 33.94 -8.97 9.06
N LYS C 23 35.24 -9.23 9.13
CA LYS C 23 35.94 -10.24 8.34
C LYS C 23 35.86 -11.64 8.97
N VAL C 24 34.82 -12.38 8.59
CA VAL C 24 34.53 -13.74 9.03
C VAL C 24 35.48 -14.71 8.31
N SER C 25 36.23 -15.54 9.08
CA SER C 25 37.28 -16.41 8.51
C SER C 25 37.72 -17.63 9.33
N GLY C 26 37.54 -18.82 8.76
CA GLY C 26 37.97 -20.08 9.36
C GLY C 26 36.83 -20.95 9.85
N PHE C 27 35.59 -20.48 9.63
CA PHE C 27 34.38 -21.18 10.05
C PHE C 27 33.99 -22.32 9.12
N SER C 28 34.23 -23.58 9.57
CA SER C 28 33.88 -24.83 8.86
C SER C 28 32.39 -24.85 8.48
N LEU C 29 31.57 -24.37 9.43
CA LEU C 29 30.13 -24.21 9.35
C LEU C 29 29.72 -23.17 8.30
N SER C 30 28.77 -23.56 7.46
CA SER C 30 28.18 -22.82 6.35
C SER C 30 27.55 -21.48 6.78
N GLY C 31 26.38 -21.58 7.40
CA GLY C 31 25.59 -20.47 7.93
C GLY C 31 25.48 -20.57 9.43
N PHE C 32 25.43 -19.40 10.08
CA PHE C 32 25.32 -19.23 11.52
C PHE C 32 24.90 -17.80 11.89
N TRP C 33 24.83 -17.53 13.19
CA TRP C 33 24.45 -16.24 13.70
C TRP C 33 25.63 -15.30 13.85
N LEU C 34 25.53 -14.12 13.26
CA LEU C 34 26.55 -13.12 13.45
C LEU C 34 25.93 -11.85 14.00
N ASN C 35 26.29 -11.52 15.24
CA ASN C 35 25.73 -10.40 16.00
C ASN C 35 26.64 -9.19 16.09
N TRP C 36 26.01 -8.00 16.17
CA TRP C 36 26.69 -6.73 16.39
C TRP C 36 26.38 -6.27 17.79
N VAL C 37 27.43 -6.02 18.59
CA VAL C 37 27.31 -5.59 19.98
C VAL C 37 28.14 -4.31 20.19
N ARG C 38 27.50 -3.22 20.64
CA ARG C 38 28.25 -2.01 20.92
C ARG C 38 28.48 -1.85 22.41
N GLN C 39 29.41 -0.93 22.77
CA GLN C 39 29.80 -0.62 24.15
C GLN C 39 30.41 0.77 24.19
N ALA C 40 29.59 1.76 24.56
CA ALA C 40 30.01 3.16 24.65
C ALA C 40 31.13 3.39 25.72
N PRO C 41 31.78 4.59 25.78
CA PRO C 41 32.85 4.79 26.77
C PRO C 41 32.44 4.52 28.23
N GLY C 42 33.05 3.48 28.80
CA GLY C 42 32.83 3.04 30.18
C GLY C 42 31.40 2.69 30.49
N LYS C 43 30.72 2.00 29.54
CA LYS C 43 29.33 1.57 29.65
C LYS C 43 29.24 0.08 29.42
N GLY C 44 28.02 -0.42 29.49
CA GLY C 44 27.76 -1.83 29.31
C GLY C 44 27.64 -2.21 27.86
N LEU C 45 27.55 -3.52 27.64
CA LEU C 45 27.36 -4.14 26.34
C LEU C 45 25.87 -3.99 25.99
N GLU C 46 25.58 -3.69 24.72
CA GLU C 46 24.23 -3.53 24.18
C GLU C 46 24.21 -4.35 22.88
N TRP C 47 23.27 -5.32 22.74
CA TRP C 47 23.15 -6.08 21.49
C TRP C 47 22.43 -5.16 20.50
N VAL C 48 23.01 -5.00 19.30
CA VAL C 48 22.49 -4.14 18.23
C VAL C 48 21.57 -4.93 17.30
N GLY C 49 22.04 -6.10 16.91
CA GLY C 49 21.33 -6.99 16.02
C GLY C 49 22.15 -8.20 15.67
N ALA C 50 21.62 -8.99 14.74
CA ALA C 50 22.25 -10.21 14.25
C ALA C 50 21.73 -10.59 12.87
N ILE C 51 22.40 -11.55 12.23
CA ILE C 51 22.02 -12.07 10.93
C ILE C 51 22.30 -13.57 10.80
N TYR C 52 21.34 -14.30 10.23
CA TYR C 52 21.65 -15.69 9.96
C TYR C 52 22.34 -15.68 8.60
N ARG C 53 23.60 -16.17 8.57
CA ARG C 53 24.49 -16.19 7.41
C ARG C 53 23.95 -16.67 6.07
N GLY C 54 23.57 -17.95 5.98
CA GLY C 54 23.05 -18.54 4.74
C GLY C 54 21.85 -17.84 4.11
N SER C 55 21.08 -17.10 4.91
CA SER C 55 19.88 -16.39 4.47
C SER C 55 20.08 -14.89 4.38
N GLY C 56 18.96 -14.19 4.53
CA GLY C 56 18.86 -12.74 4.60
C GLY C 56 18.01 -12.42 5.82
N SER C 57 18.19 -13.21 6.91
CA SER C 57 17.43 -13.04 8.14
C SER C 57 18.06 -12.03 9.10
N GLU C 58 17.60 -10.77 8.96
CA GLU C 58 18.01 -9.62 9.74
C GLU C 58 17.12 -9.47 10.96
N TRP C 59 17.76 -9.33 12.12
CA TRP C 59 17.10 -9.17 13.41
C TRP C 59 17.78 -8.03 14.17
N TYR C 60 16.99 -7.04 14.56
CA TYR C 60 17.44 -5.83 15.26
C TYR C 60 16.82 -5.72 16.65
N ALA C 61 17.23 -4.72 17.43
CA ALA C 61 16.67 -4.48 18.75
C ALA C 61 15.74 -3.27 18.69
N SER C 62 14.86 -3.16 19.69
CA SER C 62 13.86 -2.09 19.87
C SER C 62 14.32 -0.69 19.46
N TRP C 63 15.50 -0.28 19.93
CA TRP C 63 16.11 1.04 19.66
C TRP C 63 16.70 1.16 18.24
N ALA C 64 17.53 0.15 17.84
CA ALA C 64 18.26 0.02 16.58
C ALA C 64 17.46 0.01 15.27
N LYS C 65 16.28 -0.64 15.28
CA LYS C 65 15.43 -0.76 14.10
C LYS C 65 15.20 0.57 13.39
N GLY C 66 15.58 0.58 12.12
CA GLY C 66 15.49 1.74 11.25
C GLY C 66 16.85 2.30 10.91
N ARG C 67 17.51 2.89 11.93
CA ARG C 67 18.83 3.53 11.86
C ARG C 67 20.02 2.58 11.65
N PHE C 68 19.74 1.26 11.58
CA PHE C 68 20.75 0.23 11.38
C PHE C 68 20.38 -0.75 10.28
N THR C 69 21.42 -1.26 9.58
CA THR C 69 21.29 -2.17 8.45
C THR C 69 22.44 -3.20 8.43
N ILE C 70 22.11 -4.46 8.73
CA ILE C 70 23.07 -5.56 8.68
C ILE C 70 23.00 -6.18 7.29
N SER C 71 24.17 -6.42 6.66
CA SER C 71 24.22 -6.99 5.31
C SER C 71 25.22 -8.13 5.25
N ASP C 72 24.72 -9.35 4.98
CA ASP C 72 25.59 -10.50 4.87
C ASP C 72 26.12 -10.63 3.47
N THR C 73 27.37 -11.11 3.35
CA THR C 73 28.02 -11.31 2.05
C THR C 73 28.94 -12.55 2.09
N SER C 74 29.52 -12.89 0.90
CA SER C 74 30.47 -13.97 0.69
C SER C 74 31.57 -13.83 1.74
N THR C 75 32.28 -12.69 1.71
CA THR C 75 33.30 -12.23 2.65
C THR C 75 33.35 -10.67 2.78
N THR C 76 32.69 -10.05 3.82
CA THR C 76 31.81 -10.64 4.83
C THR C 76 30.80 -9.64 5.42
N VAL C 77 30.25 -9.93 6.63
CA VAL C 77 29.22 -9.15 7.33
C VAL C 77 29.51 -7.68 7.62
N THR C 78 28.53 -6.84 7.32
CA THR C 78 28.60 -5.40 7.47
C THR C 78 27.52 -4.85 8.42
N LEU C 79 27.69 -3.60 8.86
CA LEU C 79 26.74 -2.86 9.69
C LEU C 79 26.71 -1.40 9.26
N LYS C 80 25.57 -0.95 8.72
CA LYS C 80 25.43 0.43 8.26
C LYS C 80 24.70 1.26 9.30
N LEU C 81 25.27 2.41 9.62
CA LEU C 81 24.71 3.36 10.58
C LEU C 81 24.09 4.44 9.74
N THR C 82 22.86 4.19 9.32
CA THR C 82 22.07 5.04 8.42
C THR C 82 22.05 6.53 8.82
N SER C 83 21.60 6.84 10.05
CA SER C 83 21.62 8.22 10.52
C SER C 83 22.26 8.26 11.91
N PRO C 84 23.61 8.39 11.97
CA PRO C 84 24.26 8.43 13.28
C PRO C 84 24.03 9.75 14.02
N THR C 85 24.02 9.66 15.36
CA THR C 85 23.89 10.76 16.31
C THR C 85 24.98 10.54 17.35
N THR C 86 25.32 11.59 18.10
CA THR C 86 26.36 11.55 19.14
C THR C 86 26.26 10.36 20.10
N GLU C 87 25.02 9.92 20.41
CA GLU C 87 24.68 8.79 21.28
C GLU C 87 25.15 7.45 20.70
N ASP C 88 25.65 7.45 19.44
CA ASP C 88 26.14 6.26 18.75
C ASP C 88 27.63 6.01 18.93
N THR C 89 28.35 6.96 19.55
CA THR C 89 29.78 6.85 19.82
C THR C 89 29.95 5.64 20.73
N ALA C 90 30.72 4.62 20.26
CA ALA C 90 30.92 3.36 20.98
C ALA C 90 31.88 2.47 20.24
N THR C 91 32.29 1.35 20.86
CA THR C 91 33.08 0.39 20.13
C THR C 91 32.22 -0.79 19.80
N TYR C 92 32.04 -1.01 18.49
CA TYR C 92 31.19 -2.05 17.93
C TYR C 92 31.96 -3.34 17.73
N PHE C 93 31.29 -4.46 18.00
CA PHE C 93 31.86 -5.81 17.96
C PHE C 93 31.07 -6.77 17.09
N CYS C 94 31.76 -7.69 16.47
CA CYS C 94 31.03 -8.72 15.78
C CYS C 94 31.34 -10.01 16.50
N ALA C 95 30.28 -10.79 16.75
CA ALA C 95 30.40 -12.04 17.47
C ALA C 95 29.57 -13.15 16.87
N ALA C 96 30.27 -14.27 16.63
CA ALA C 96 29.72 -15.45 16.01
C ALA C 96 29.14 -16.42 17.02
N ASP C 97 28.12 -17.18 16.58
CA ASP C 97 27.42 -18.22 17.33
C ASP C 97 27.54 -19.53 16.55
N THR C 98 28.60 -20.28 16.84
CA THR C 98 28.96 -21.52 16.18
C THR C 98 28.10 -22.74 16.57
N THR C 99 27.04 -22.50 17.34
CA THR C 99 26.19 -23.56 17.89
C THR C 99 24.71 -23.36 17.63
N ASP C 100 24.31 -22.11 17.41
CA ASP C 100 22.94 -21.67 17.17
C ASP C 100 22.08 -21.82 18.42
N ASN C 101 22.69 -21.61 19.58
CA ASN C 101 22.03 -21.68 20.88
C ASN C 101 22.09 -20.33 21.62
N GLY C 102 22.08 -19.25 20.83
CA GLY C 102 22.07 -17.85 21.27
C GLY C 102 23.25 -17.41 22.08
N TYR C 103 24.44 -17.97 21.79
CA TYR C 103 25.65 -17.64 22.51
C TYR C 103 26.90 -17.45 21.68
N PHE C 104 27.57 -16.33 21.95
CA PHE C 104 28.74 -15.82 21.27
C PHE C 104 30.05 -16.48 21.68
N THR C 105 30.36 -17.59 21.00
CA THR C 105 31.56 -18.41 21.17
C THR C 105 32.84 -17.66 20.77
N ILE C 106 32.82 -16.97 19.61
CA ILE C 106 33.95 -16.22 19.05
C ILE C 106 33.59 -14.74 18.86
N TRP C 107 34.49 -13.87 19.36
CA TRP C 107 34.38 -12.42 19.32
C TRP C 107 35.44 -11.76 18.45
N GLY C 108 35.12 -10.55 17.98
CA GLY C 108 36.03 -9.72 17.23
C GLY C 108 36.67 -8.73 18.20
N PRO C 109 37.86 -8.14 17.90
CA PRO C 109 38.49 -7.20 18.86
C PRO C 109 37.80 -5.86 19.08
N GLY C 110 36.92 -5.47 18.17
CA GLY C 110 36.19 -4.21 18.26
C GLY C 110 36.70 -3.18 17.29
N THR C 111 35.93 -2.11 17.10
CA THR C 111 36.25 -0.95 16.24
C THR C 111 35.48 0.23 16.77
N LEU C 112 36.20 1.30 17.03
CA LEU C 112 35.63 2.49 17.61
C LEU C 112 35.03 3.54 16.67
N VAL C 113 33.74 3.71 16.79
CA VAL C 113 33.01 4.71 16.03
C VAL C 113 32.97 5.97 16.88
N THR C 114 33.20 7.13 16.27
CA THR C 114 33.16 8.37 17.02
C THR C 114 32.24 9.34 16.31
N VAL C 115 31.12 9.71 16.94
CA VAL C 115 30.22 10.64 16.29
C VAL C 115 30.35 12.01 16.93
N SER C 116 30.98 12.97 16.20
CA SER C 116 31.19 14.34 16.69
C SER C 116 31.29 15.37 15.58
N SER C 117 30.82 16.61 15.90
CA SER C 117 30.88 17.80 15.05
C SER C 117 32.32 18.39 15.07
N ALA C 118 33.18 17.89 15.97
CA ALA C 118 34.59 18.28 16.10
C ALA C 118 35.45 17.62 15.02
N SER C 119 36.55 18.29 14.65
CA SER C 119 37.50 17.79 13.65
C SER C 119 38.69 17.13 14.36
N THR C 120 39.37 16.18 13.68
CA THR C 120 40.52 15.47 14.26
C THR C 120 41.74 16.37 14.53
N LYS C 121 42.38 16.17 15.70
CA LYS C 121 43.56 16.88 16.19
C LYS C 121 44.60 15.87 16.68
N GLY C 122 45.85 16.07 16.31
CA GLY C 122 46.96 15.21 16.72
C GLY C 122 47.40 15.47 18.14
N PRO C 123 48.09 14.51 18.80
CA PRO C 123 48.51 14.77 20.19
C PRO C 123 49.75 15.64 20.31
N SER C 124 49.97 16.15 21.51
CA SER C 124 51.13 16.95 21.88
C SER C 124 51.79 16.12 22.96
N VAL C 125 53.07 15.74 22.77
CA VAL C 125 53.75 14.88 23.74
C VAL C 125 54.85 15.57 24.56
N PHE C 126 54.58 15.77 25.85
CA PHE C 126 55.49 16.39 26.83
C PHE C 126 56.00 15.32 27.79
N PRO C 127 57.27 15.35 28.23
CA PRO C 127 57.74 14.32 29.17
C PRO C 127 57.36 14.60 30.61
N LEU C 128 57.57 13.63 31.50
CA LEU C 128 57.28 13.82 32.91
C LEU C 128 58.57 13.66 33.71
N ALA C 129 59.07 14.82 34.20
CA ALA C 129 60.32 15.07 34.92
C ALA C 129 60.62 14.28 36.20
N PRO C 130 61.49 13.24 36.10
CA PRO C 130 61.86 12.46 37.28
C PRO C 130 62.92 13.14 38.17
N SER C 131 64.21 12.73 38.05
CA SER C 131 65.40 13.22 38.78
C SER C 131 65.41 12.99 40.29
N ALA C 132 65.37 14.08 41.11
CA ALA C 132 65.41 14.04 42.58
C ALA C 132 64.03 14.21 43.22
N LYS C 133 63.06 14.74 42.45
CA LYS C 133 61.68 14.97 42.90
C LYS C 133 60.79 13.71 42.74
N SER C 134 61.42 12.57 42.38
CA SER C 134 60.79 11.26 42.17
C SER C 134 61.66 10.07 42.72
N THR C 135 62.59 10.33 43.69
CA THR C 135 63.48 9.30 44.28
C THR C 135 63.00 8.62 45.57
N SER C 136 62.77 7.28 45.48
CA SER C 136 62.36 6.41 46.60
C SER C 136 63.59 5.60 47.09
N GLY C 137 64.78 5.98 46.62
CA GLY C 137 66.06 5.35 46.97
C GLY C 137 66.47 4.27 46.00
N GLY C 138 65.55 3.33 45.76
CA GLY C 138 65.73 2.20 44.86
C GLY C 138 64.74 2.10 43.71
N THR C 139 63.78 3.06 43.62
CA THR C 139 62.76 3.16 42.55
C THR C 139 62.42 4.61 42.21
N ALA C 140 62.17 4.88 40.92
CA ALA C 140 61.83 6.20 40.40
C ALA C 140 60.87 6.11 39.21
N ALA C 141 59.89 7.05 39.15
CA ALA C 141 58.89 7.08 38.10
C ALA C 141 58.99 8.30 37.19
N LEU C 142 58.95 8.05 35.87
CA LEU C 142 59.02 8.99 34.75
C LEU C 142 57.86 8.70 33.80
N GLY C 143 57.30 9.74 33.19
CA GLY C 143 56.16 9.55 32.31
C GLY C 143 56.19 10.24 30.98
N CYS C 144 55.03 10.28 30.34
CA CYS C 144 54.82 10.87 29.02
C CYS C 144 53.43 11.46 28.92
N LEU C 145 53.28 12.77 29.12
CA LEU C 145 51.96 13.39 28.96
C LEU C 145 51.64 13.44 27.46
N VAL C 146 50.39 13.09 27.09
CA VAL C 146 49.91 13.03 25.70
C VAL C 146 48.72 14.03 25.61
N LYS C 147 48.96 15.28 26.01
CA LYS C 147 47.94 16.32 26.04
C LYS C 147 47.36 16.69 24.67
N ASP C 148 46.11 17.19 24.66
CA ASP C 148 45.37 17.71 23.51
C ASP C 148 45.37 16.86 22.22
N TYR C 149 44.38 15.95 22.07
CA TYR C 149 44.22 15.09 20.88
C TYR C 149 42.76 14.71 20.67
N PHE C 150 42.43 14.22 19.46
CA PHE C 150 41.09 13.81 19.07
C PHE C 150 41.11 13.00 17.75
N PRO C 151 40.30 11.94 17.60
CA PRO C 151 39.43 11.30 18.58
C PRO C 151 40.19 10.19 19.32
N GLU C 152 39.48 9.28 19.95
CA GLU C 152 40.13 8.15 20.61
C GLU C 152 40.51 7.13 19.51
N PRO C 153 41.55 6.28 19.67
CA PRO C 153 42.45 6.06 20.81
C PRO C 153 43.84 6.71 20.61
N VAL C 154 44.88 6.22 21.35
CA VAL C 154 46.31 6.59 21.35
C VAL C 154 46.99 5.38 21.97
N THR C 155 48.07 4.86 21.36
CA THR C 155 48.68 3.66 21.92
C THR C 155 50.13 3.76 22.33
N VAL C 156 50.37 4.28 23.53
CA VAL C 156 51.70 4.40 24.11
C VAL C 156 52.23 3.02 24.53
N SER C 157 53.53 2.80 24.32
CA SER C 157 54.33 1.65 24.76
C SER C 157 55.69 2.21 25.24
N TRP C 158 56.56 1.40 25.87
CA TRP C 158 57.86 1.92 26.33
C TRP C 158 59.02 1.12 25.78
N ASN C 159 60.02 1.85 25.24
CA ASN C 159 61.23 1.34 24.59
C ASN C 159 60.89 0.28 23.54
N SER C 160 59.92 0.63 22.66
CA SER C 160 59.38 -0.19 21.57
C SER C 160 58.85 -1.54 22.11
N GLY C 161 58.07 -1.45 23.19
CA GLY C 161 57.47 -2.60 23.88
C GLY C 161 58.44 -3.53 24.59
N ALA C 162 59.72 -3.12 24.73
CA ALA C 162 60.74 -3.91 25.43
C ALA C 162 60.60 -3.69 26.95
N LEU C 163 60.13 -2.47 27.33
CA LEU C 163 59.87 -2.07 28.71
C LEU C 163 58.40 -2.31 29.06
N THR C 164 58.14 -3.39 29.82
CA THR C 164 56.80 -3.85 30.22
C THR C 164 56.49 -3.67 31.71
N SER C 165 57.27 -4.35 32.59
CA SER C 165 57.11 -4.33 34.04
C SER C 165 57.02 -2.93 34.59
N GLY C 166 55.91 -2.64 35.25
CA GLY C 166 55.67 -1.35 35.86
C GLY C 166 55.13 -0.25 34.96
N VAL C 167 54.77 -0.58 33.69
CA VAL C 167 54.19 0.44 32.79
C VAL C 167 52.69 0.57 33.10
N HIS C 168 52.22 1.80 33.33
CA HIS C 168 50.82 2.08 33.63
C HIS C 168 50.25 3.13 32.68
N THR C 169 49.72 2.70 31.52
CA THR C 169 49.11 3.65 30.59
C THR C 169 47.74 4.01 31.14
N PHE C 170 47.54 5.30 31.40
CA PHE C 170 46.31 5.79 32.00
C PHE C 170 45.18 5.97 31.04
N PRO C 171 43.93 5.77 31.52
CA PRO C 171 42.77 6.05 30.65
C PRO C 171 42.70 7.53 30.24
N ALA C 172 42.23 7.76 29.01
CA ALA C 172 42.10 9.10 28.44
C ALA C 172 41.03 9.91 29.16
N VAL C 173 41.14 11.25 29.12
CA VAL C 173 40.18 12.14 29.77
C VAL C 173 39.84 13.32 28.89
N LEU C 174 38.55 13.45 28.58
CA LEU C 174 37.99 14.55 27.80
C LEU C 174 38.09 15.83 28.65
N GLN C 175 38.51 16.92 28.01
CA GLN C 175 38.64 18.21 28.69
C GLN C 175 37.45 19.08 28.34
N SER C 176 37.26 20.19 29.08
CA SER C 176 36.16 21.14 28.82
C SER C 176 36.30 21.78 27.44
N SER C 177 37.52 21.72 26.89
CA SER C 177 37.89 22.19 25.54
C SER C 177 37.28 21.28 24.46
N GLY C 178 37.19 19.98 24.78
CA GLY C 178 36.68 18.96 23.88
C GLY C 178 37.76 17.93 23.57
N LEU C 179 39.03 18.33 23.75
CA LEU C 179 40.16 17.45 23.47
C LEU C 179 40.46 16.46 24.55
N TYR C 180 40.89 15.26 24.14
CA TYR C 180 41.29 14.19 25.02
C TYR C 180 42.72 14.41 25.46
N SER C 181 43.11 13.78 26.58
CA SER C 181 44.46 13.82 27.15
C SER C 181 44.69 12.63 28.06
N LEU C 182 45.80 11.94 27.87
CA LEU C 182 46.19 10.82 28.71
C LEU C 182 47.67 10.96 29.11
N SER C 183 48.18 10.04 29.93
CA SER C 183 49.57 10.10 30.39
C SER C 183 50.03 8.72 30.82
N SER C 184 50.91 8.11 30.04
CA SER C 184 51.47 6.81 30.38
C SER C 184 52.70 7.06 31.23
N VAL C 185 52.96 6.18 32.21
CA VAL C 185 54.08 6.29 33.16
C VAL C 185 54.73 4.92 33.37
N VAL C 186 55.91 4.91 34.02
CA VAL C 186 56.64 3.68 34.33
C VAL C 186 57.56 3.84 35.56
N THR C 187 57.72 2.76 36.35
CA THR C 187 58.61 2.71 37.53
C THR C 187 59.91 2.02 37.14
N VAL C 188 61.05 2.70 37.41
CA VAL C 188 62.42 2.28 37.06
C VAL C 188 63.34 2.44 38.29
N PRO C 189 64.27 1.47 38.59
CA PRO C 189 65.21 1.68 39.72
C PRO C 189 66.00 2.98 39.55
N SER C 190 65.95 3.89 40.56
CA SER C 190 66.60 5.21 40.58
C SER C 190 68.07 5.21 40.12
N SER C 191 68.73 4.05 40.24
CA SER C 191 70.12 3.78 39.85
C SER C 191 70.40 4.02 38.35
N SER C 192 69.61 3.39 37.47
CA SER C 192 69.77 3.47 36.01
C SER C 192 69.05 4.65 35.34
N LEU C 193 68.92 5.80 36.04
CA LEU C 193 68.25 7.02 35.51
C LEU C 193 69.02 7.72 34.36
N GLY C 194 70.28 7.34 34.16
CA GLY C 194 71.14 7.87 33.11
C GLY C 194 71.71 6.79 32.23
N THR C 195 72.05 5.62 32.84
CA THR C 195 72.64 4.42 32.20
C THR C 195 71.77 3.82 31.08
N GLN C 196 70.43 3.87 31.25
CA GLN C 196 69.45 3.36 30.29
C GLN C 196 68.51 4.50 29.84
N THR C 197 68.35 4.67 28.51
CA THR C 197 67.50 5.72 27.92
C THR C 197 66.05 5.27 27.83
N TYR C 198 65.10 6.18 28.20
CA TYR C 198 63.68 5.87 28.22
C TYR C 198 62.81 6.65 27.25
N ILE C 199 62.25 5.92 26.26
CA ILE C 199 61.40 6.44 25.18
C ILE C 199 59.99 5.86 25.19
N CYS C 200 58.99 6.76 25.17
CA CYS C 200 57.58 6.40 25.09
C CYS C 200 57.17 6.40 23.62
N ASN C 201 56.71 5.25 23.15
CA ASN C 201 56.33 5.02 21.77
C ASN C 201 54.83 5.25 21.55
N VAL C 202 54.46 6.52 21.39
CA VAL C 202 53.09 6.99 21.13
C VAL C 202 52.67 6.68 19.68
N ASN C 203 51.34 6.45 19.46
CA ASN C 203 50.76 6.18 18.16
C ASN C 203 49.28 6.61 18.11
N HIS C 204 48.98 7.79 17.53
CA HIS C 204 47.62 8.26 17.31
C HIS C 204 47.27 7.97 15.84
N LYS C 205 46.86 6.70 15.55
CA LYS C 205 46.46 6.26 14.22
C LYS C 205 45.35 7.13 13.59
N PRO C 206 44.26 7.54 14.31
CA PRO C 206 43.25 8.42 13.67
C PRO C 206 43.68 9.85 13.29
N SER C 207 45.01 10.10 13.23
CA SER C 207 45.63 11.37 12.82
C SER C 207 46.96 11.10 12.09
N ASN C 208 47.32 9.81 11.94
CA ASN C 208 48.53 9.26 11.29
C ASN C 208 49.81 9.40 12.13
N THR C 209 49.77 10.28 13.16
CA THR C 209 50.84 10.60 14.12
C THR C 209 51.48 9.34 14.72
N LYS C 210 52.82 9.30 14.79
CA LYS C 210 53.58 8.18 15.35
C LYS C 210 54.79 8.68 16.17
N VAL C 211 54.57 9.71 17.03
CA VAL C 211 55.54 10.39 17.93
C VAL C 211 56.37 9.42 18.78
N ASP C 212 57.66 9.73 18.96
CA ASP C 212 58.55 8.93 19.78
C ASP C 212 59.41 9.88 20.62
N LYS C 213 58.79 10.55 21.62
CA LYS C 213 59.46 11.49 22.54
C LYS C 213 60.25 10.74 23.61
N LYS C 214 61.44 11.27 23.99
CA LYS C 214 62.31 10.68 25.01
C LYS C 214 62.23 11.50 26.29
N ALA C 215 62.12 10.82 27.44
CA ALA C 215 62.06 11.47 28.74
C ALA C 215 63.37 11.22 29.48
N GLU C 216 64.05 12.32 29.90
CA GLU C 216 65.33 12.33 30.62
C GLU C 216 65.29 13.24 31.87
N PRO C 217 66.07 12.94 32.93
CA PRO C 217 65.98 13.73 34.17
C PRO C 217 66.42 15.21 34.16
N LYS C 218 65.49 16.09 33.74
CA LYS C 218 65.62 17.56 33.71
C LYS C 218 66.92 18.06 33.04
N SER C 219 67.59 19.08 33.64
CA SER C 219 68.84 19.68 33.17
C SER C 219 69.72 20.18 34.33
N CYS C 220 69.19 21.13 35.15
CA CYS C 220 69.82 21.78 36.31
C CYS C 220 71.12 22.54 35.99
N ASP C 221 71.03 23.79 35.84
N GLU D 1 12.66 -5.92 23.62
CA GLU D 1 11.75 -5.83 24.76
C GLU D 1 12.03 -6.79 25.92
N LEU D 2 12.90 -7.79 25.70
CA LEU D 2 13.36 -8.71 26.76
C LEU D 2 14.33 -7.89 27.56
N VAL D 3 14.36 -8.11 28.87
CA VAL D 3 15.26 -7.38 29.75
C VAL D 3 16.02 -8.28 30.70
N MET D 4 17.28 -7.94 30.95
CA MET D 4 18.08 -8.67 31.90
C MET D 4 18.39 -7.78 33.06
N THR D 5 18.12 -8.30 34.26
CA THR D 5 18.32 -7.58 35.50
C THR D 5 19.46 -8.16 36.29
N GLN D 6 20.62 -7.58 36.06
CA GLN D 6 21.89 -7.94 36.66
C GLN D 6 22.09 -7.26 38.00
N THR D 7 22.32 -8.08 39.03
CA THR D 7 22.54 -7.64 40.40
C THR D 7 23.68 -8.46 41.01
N PRO D 8 24.64 -7.79 41.67
CA PRO D 8 24.72 -6.33 41.94
C PRO D 8 25.37 -5.48 40.83
N SER D 9 25.51 -4.15 41.05
CA SER D 9 26.22 -3.25 40.12
C SER D 9 27.74 -3.49 40.26
N SER D 10 28.21 -3.60 41.52
CA SER D 10 29.60 -3.86 41.89
C SER D 10 29.64 -4.89 43.01
N VAL D 11 30.79 -5.53 43.22
CA VAL D 11 31.02 -6.55 44.26
C VAL D 11 32.49 -6.69 44.62
N SER D 12 32.78 -6.71 45.93
CA SER D 12 34.12 -6.81 46.47
C SER D 12 34.24 -8.13 47.21
N GLU D 13 35.41 -8.78 47.09
CA GLU D 13 35.62 -10.09 47.72
C GLU D 13 37.09 -10.49 47.82
N PRO D 14 37.55 -11.05 48.95
CA PRO D 14 38.95 -11.49 49.03
C PRO D 14 39.23 -12.73 48.20
N VAL D 15 40.52 -13.04 47.98
CA VAL D 15 40.96 -14.27 47.28
C VAL D 15 40.53 -15.46 48.15
N GLY D 16 39.94 -16.46 47.50
CA GLY D 16 39.35 -17.64 48.12
C GLY D 16 37.85 -17.50 48.21
N GLY D 17 37.43 -16.27 48.52
CA GLY D 17 36.04 -15.86 48.67
C GLY D 17 35.19 -16.23 47.49
N THR D 18 33.87 -16.41 47.68
CA THR D 18 33.02 -16.81 46.55
C THR D 18 32.02 -15.72 46.12
N VAL D 19 31.85 -15.55 44.79
CA VAL D 19 30.97 -14.50 44.26
C VAL D 19 29.73 -15.04 43.59
N THR D 20 28.64 -14.28 43.69
CA THR D 20 27.34 -14.64 43.15
C THR D 20 26.69 -13.47 42.40
N ILE D 21 26.63 -13.61 41.08
CA ILE D 21 25.98 -12.61 40.26
C ILE D 21 24.63 -13.16 39.80
N LYS D 22 23.59 -12.33 39.93
CA LYS D 22 22.22 -12.68 39.59
C LYS D 22 21.67 -11.92 38.39
N CYS D 23 20.98 -12.65 37.50
CA CYS D 23 20.27 -12.11 36.35
C CYS D 23 18.78 -12.45 36.41
N GLN D 24 17.96 -11.41 36.29
CA GLN D 24 16.51 -11.49 36.35
C GLN D 24 15.88 -11.21 34.97
N ALA D 25 15.50 -12.31 34.30
CA ALA D 25 14.85 -12.37 33.00
C ALA D 25 13.44 -11.71 33.02
N SER D 26 13.13 -10.90 31.99
CA SER D 26 11.82 -10.24 31.84
C SER D 26 10.78 -11.19 31.13
N GLN D 27 11.27 -12.32 30.54
CA GLN D 27 10.44 -13.30 29.82
C GLN D 27 10.99 -14.72 29.95
N SER D 28 10.41 -15.67 29.18
CA SER D 28 10.72 -17.11 29.14
C SER D 28 12.19 -17.52 29.33
N ILE D 29 13.03 -17.50 28.22
CA ILE D 29 14.47 -17.86 28.20
C ILE D 29 14.67 -19.27 28.77
N SER D 30 14.83 -20.28 27.92
CA SER D 30 15.01 -21.64 28.46
C SER D 30 16.46 -21.75 28.95
N SER D 31 17.31 -22.35 28.14
CA SER D 31 18.74 -22.41 28.39
C SER D 31 19.30 -21.25 27.54
N TRP D 32 18.39 -20.31 27.10
CA TRP D 32 18.66 -19.12 26.29
C TRP D 32 19.53 -18.10 27.04
N LEU D 33 20.53 -18.57 27.81
CA LEU D 33 21.37 -17.70 28.62
C LEU D 33 22.85 -18.08 28.63
N SER D 34 23.72 -17.04 28.59
CA SER D 34 25.19 -17.17 28.62
C SER D 34 25.89 -16.10 29.47
N TRP D 35 27.01 -16.49 30.12
CA TRP D 35 27.82 -15.63 31.00
C TRP D 35 29.19 -15.31 30.43
N TYR D 36 29.56 -14.00 30.50
CA TYR D 36 30.82 -13.43 30.01
C TYR D 36 31.59 -12.57 30.99
N GLN D 37 32.92 -12.75 30.99
CA GLN D 37 33.91 -11.98 31.75
C GLN D 37 34.56 -11.04 30.75
N GLN D 38 34.65 -9.76 31.10
CA GLN D 38 35.27 -8.78 30.21
C GLN D 38 36.28 -7.91 30.93
N LYS D 39 37.57 -8.21 30.69
CA LYS D 39 38.68 -7.44 31.24
C LYS D 39 38.79 -6.11 30.45
N PRO D 40 39.30 -5.00 31.04
CA PRO D 40 39.31 -3.73 30.29
C PRO D 40 40.17 -3.75 29.03
N GLY D 41 39.67 -3.08 27.98
CA GLY D 41 40.27 -2.99 26.65
C GLY D 41 40.53 -4.39 26.11
N GLN D 42 39.46 -5.17 26.02
CA GLN D 42 39.46 -6.58 25.63
C GLN D 42 38.03 -7.04 25.25
N PRO D 43 37.89 -7.96 24.27
CA PRO D 43 36.55 -8.42 23.93
C PRO D 43 36.09 -9.45 24.96
N PRO D 44 34.78 -9.44 25.32
CA PRO D 44 34.30 -10.42 26.33
C PRO D 44 34.70 -11.87 26.06
N LYS D 45 34.80 -12.67 27.11
CA LYS D 45 35.13 -14.09 26.98
C LYS D 45 33.93 -14.89 27.51
N LEU D 46 33.47 -15.91 26.74
CA LEU D 46 32.37 -16.76 27.19
C LEU D 46 32.88 -17.72 28.26
N LEU D 47 32.14 -17.78 29.37
CA LEU D 47 32.47 -18.65 30.51
C LEU D 47 31.46 -19.79 30.56
N ILE D 48 30.18 -19.41 30.67
CA ILE D 48 29.03 -20.30 30.78
C ILE D 48 28.07 -20.01 29.64
N TYR D 49 27.64 -21.07 28.93
CA TYR D 49 26.66 -21.05 27.85
C TYR D 49 25.53 -21.95 28.25
N ASP D 50 24.39 -21.86 27.54
CA ASP D 50 23.19 -22.67 27.80
C ASP D 50 22.94 -22.84 29.30
N ALA D 51 23.01 -21.69 30.04
CA ALA D 51 22.83 -21.46 31.48
C ALA D 51 23.71 -22.16 32.53
N SER D 52 24.26 -23.35 32.24
CA SER D 52 24.97 -24.12 33.26
C SER D 52 26.25 -24.86 32.89
N ASN D 53 26.73 -24.75 31.64
CA ASN D 53 27.91 -25.50 31.18
C ASN D 53 29.07 -24.59 30.84
N LEU D 54 30.29 -24.95 31.27
CA LEU D 54 31.46 -24.10 30.99
C LEU D 54 32.15 -24.35 29.66
N ALA D 55 32.55 -23.23 29.01
CA ALA D 55 33.28 -23.23 27.76
C ALA D 55 34.61 -23.91 28.01
N SER D 56 35.29 -24.37 26.97
CA SER D 56 36.59 -24.98 27.20
C SER D 56 37.63 -23.92 27.56
N GLY D 57 38.58 -24.34 28.38
CA GLY D 57 39.63 -23.45 28.89
C GLY D 57 39.22 -22.83 30.20
N VAL D 58 37.93 -22.43 30.31
CA VAL D 58 37.35 -21.79 31.50
C VAL D 58 37.52 -22.72 32.70
N PRO D 59 38.09 -22.21 33.83
CA PRO D 59 38.31 -23.08 34.99
C PRO D 59 37.04 -23.37 35.77
N SER D 60 37.05 -24.57 36.40
CA SER D 60 36.03 -25.20 37.23
C SER D 60 35.35 -24.26 38.23
N ARG D 61 36.11 -23.29 38.81
CA ARG D 61 35.59 -22.30 39.78
C ARG D 61 34.42 -21.48 39.24
N PHE D 62 34.17 -21.53 37.91
CA PHE D 62 33.06 -20.83 37.28
C PHE D 62 31.86 -21.76 37.21
N MET D 63 30.74 -21.31 37.77
CA MET D 63 29.51 -22.11 37.86
C MET D 63 28.29 -21.33 37.47
N GLY D 64 27.49 -21.94 36.61
CA GLY D 64 26.26 -21.36 36.12
C GLY D 64 25.06 -22.16 36.51
N SER D 65 23.94 -21.45 36.67
CA SER D 65 22.67 -22.04 37.02
C SER D 65 21.56 -21.03 36.80
N GLY D 66 20.32 -21.51 36.98
CA GLY D 66 19.12 -20.73 36.84
C GLY D 66 17.85 -21.51 37.09
N SER D 67 16.84 -20.81 37.67
CA SER D 67 15.53 -21.36 37.96
C SER D 67 14.42 -20.52 37.32
N GLY D 68 14.17 -20.82 36.04
CA GLY D 68 13.14 -20.22 35.21
C GLY D 68 13.30 -18.78 34.83
N THR D 69 13.45 -17.90 35.81
CA THR D 69 13.58 -16.46 35.57
C THR D 69 14.79 -15.84 36.34
N GLU D 70 15.45 -16.66 37.16
CA GLU D 70 16.58 -16.25 37.98
C GLU D 70 17.78 -17.07 37.58
N TYR D 71 18.87 -16.39 37.20
CA TYR D 71 20.09 -17.05 36.75
C TYR D 71 21.26 -16.61 37.56
N THR D 72 22.11 -17.56 37.97
CA THR D 72 23.27 -17.22 38.82
C THR D 72 24.65 -17.70 38.38
N LEU D 73 25.56 -16.74 38.30
CA LEU D 73 26.96 -17.01 38.07
C LEU D 73 27.63 -17.03 39.42
N THR D 74 28.33 -18.11 39.67
CA THR D 74 28.99 -18.40 40.91
C THR D 74 30.47 -18.68 40.73
N ILE D 75 31.32 -17.64 40.84
CA ILE D 75 32.78 -17.84 40.84
C ILE D 75 33.06 -18.28 42.26
N SER D 76 33.51 -19.53 42.39
CA SER D 76 33.79 -20.11 43.67
C SER D 76 35.10 -19.55 44.22
N GLY D 77 36.18 -20.32 44.29
CA GLY D 77 37.45 -19.85 44.83
C GLY D 77 38.10 -18.76 44.01
N VAL D 78 37.61 -17.51 44.14
CA VAL D 78 38.13 -16.39 43.37
C VAL D 78 39.64 -16.19 43.49
N GLN D 79 40.27 -15.88 42.35
CA GLN D 79 41.68 -15.61 42.21
C GLN D 79 41.84 -14.16 41.73
N ARG D 80 43.06 -13.56 41.87
CA ARG D 80 43.32 -12.15 41.56
C ARG D 80 42.87 -11.68 40.18
N GLU D 81 43.10 -12.54 39.16
CA GLU D 81 42.76 -12.37 37.74
C GLU D 81 41.29 -12.07 37.50
N ASP D 82 40.39 -12.88 38.11
CA ASP D 82 38.93 -12.79 37.97
C ASP D 82 38.35 -11.37 38.11
N ALA D 83 39.19 -10.44 38.57
CA ALA D 83 38.86 -9.02 38.70
C ALA D 83 38.54 -8.53 37.30
N ALA D 84 37.25 -8.25 37.05
CA ALA D 84 36.76 -7.80 35.74
C ALA D 84 35.27 -7.52 35.83
N THR D 85 34.68 -7.02 34.73
CA THR D 85 33.24 -6.84 34.71
C THR D 85 32.59 -8.08 34.08
N TYR D 86 31.38 -8.42 34.54
CA TYR D 86 30.68 -9.63 34.12
C TYR D 86 29.31 -9.32 33.59
N TYR D 87 28.96 -9.95 32.47
CA TYR D 87 27.67 -9.76 31.84
C TYR D 87 26.97 -11.09 31.54
N CYS D 88 25.63 -11.05 31.51
CA CYS D 88 24.83 -12.21 31.15
C CYS D 88 24.07 -11.85 29.90
N LEU D 89 23.89 -12.82 29.07
CA LEU D 89 23.18 -12.62 27.84
C LEU D 89 22.01 -13.57 27.76
N GLY D 90 20.82 -12.98 27.64
CA GLY D 90 19.59 -13.74 27.59
C GLY D 90 18.79 -13.58 26.32
N GLY D 91 18.25 -14.71 25.85
CA GLY D 91 17.38 -14.80 24.68
C GLY D 91 17.99 -15.38 23.44
N TYR D 92 17.25 -15.23 22.34
CA TYR D 92 17.64 -15.67 21.00
C TYR D 92 17.44 -14.48 20.08
N PRO D 93 18.31 -14.28 19.04
CA PRO D 93 18.13 -13.12 18.16
C PRO D 93 16.77 -13.09 17.45
N ALA D 94 16.27 -14.28 17.05
CA ALA D 94 15.03 -14.52 16.31
C ALA D 94 13.73 -14.16 17.08
N ALA D 95 13.81 -13.06 17.86
CA ALA D 95 12.77 -12.46 18.69
C ALA D 95 12.01 -13.48 19.60
N SER D 96 10.73 -13.29 20.04
CA SER D 96 9.79 -12.19 19.81
C SER D 96 10.22 -10.96 20.59
N TYR D 97 11.08 -11.21 21.57
CA TYR D 97 11.66 -10.26 22.49
C TYR D 97 13.20 -10.07 22.23
N ARG D 98 13.73 -10.69 21.16
CA ARG D 98 15.13 -10.67 20.75
C ARG D 98 16.06 -11.23 21.85
N THR D 99 17.30 -10.78 21.88
CA THR D 99 18.32 -11.18 22.86
C THR D 99 18.79 -9.89 23.56
N ALA D 100 18.95 -9.93 24.90
CA ALA D 100 19.40 -8.77 25.67
C ALA D 100 20.52 -9.07 26.67
N PHE D 101 21.26 -8.00 27.03
CA PHE D 101 22.41 -8.03 27.93
C PHE D 101 22.11 -7.64 29.36
N GLY D 102 22.87 -8.24 30.27
CA GLY D 102 22.81 -8.03 31.72
C GLY D 102 22.98 -6.61 32.19
N GLY D 103 24.03 -5.94 31.70
CA GLY D 103 24.28 -4.55 32.08
C GLY D 103 25.41 -4.35 33.05
N GLY D 104 26.14 -5.43 33.32
CA GLY D 104 27.35 -5.40 34.14
C GLY D 104 27.25 -5.54 35.64
N THR D 105 28.37 -6.01 36.18
CA THR D 105 28.68 -6.24 37.59
C THR D 105 30.22 -6.30 37.73
N GLU D 106 30.82 -5.16 38.16
CA GLU D 106 32.27 -5.04 38.34
C GLU D 106 32.76 -5.82 39.57
N LEU D 107 33.71 -6.74 39.39
CA LEU D 107 34.24 -7.49 40.53
C LEU D 107 35.57 -6.94 41.02
N GLU D 108 35.58 -6.49 42.29
CA GLU D 108 36.76 -5.97 42.98
C GLU D 108 37.33 -7.09 43.83
N ILE D 109 38.56 -7.53 43.53
CA ILE D 109 39.22 -8.51 44.38
C ILE D 109 39.74 -7.72 45.60
N ILE D 110 39.68 -8.34 46.80
CA ILE D 110 40.13 -7.71 48.05
C ILE D 110 41.42 -8.31 48.57
N ARG D 111 42.42 -7.41 48.75
CA ARG D 111 43.75 -7.67 49.26
C ARG D 111 44.06 -6.76 50.46
N THR D 112 45.25 -6.91 51.04
CA THR D 112 45.77 -6.12 52.17
C THR D 112 45.82 -4.63 51.78
N VAL D 113 46.02 -3.73 52.75
CA VAL D 113 46.16 -2.31 52.42
C VAL D 113 47.56 -2.07 51.78
N ALA D 114 47.68 -1.03 50.94
CA ALA D 114 48.92 -0.62 50.29
C ALA D 114 48.97 0.90 50.15
N ALA D 115 50.15 1.46 50.46
CA ALA D 115 50.38 2.89 50.42
C ALA D 115 50.78 3.40 49.02
N PRO D 116 50.08 4.45 48.53
CA PRO D 116 50.42 5.02 47.21
C PRO D 116 51.76 5.74 47.19
N SER D 117 52.71 5.28 46.35
CA SER D 117 54.00 5.96 46.18
C SER D 117 53.64 7.21 45.38
N VAL D 118 53.76 8.40 46.00
CA VAL D 118 53.35 9.65 45.33
C VAL D 118 54.49 10.37 44.63
N PHE D 119 54.27 10.70 43.35
CA PHE D 119 55.18 11.38 42.46
C PHE D 119 54.52 12.59 41.85
N ILE D 120 55.31 13.63 41.66
CA ILE D 120 54.85 14.90 41.12
C ILE D 120 55.67 15.29 39.89
N PHE D 121 54.97 15.87 38.90
CA PHE D 121 55.54 16.28 37.62
C PHE D 121 55.22 17.72 37.20
N PRO D 122 56.31 18.50 36.94
CA PRO D 122 56.14 19.91 36.55
C PRO D 122 56.00 20.17 35.03
N PRO D 123 55.30 21.28 34.62
CA PRO D 123 55.15 21.56 33.17
C PRO D 123 56.44 21.81 32.42
N SER D 124 56.63 21.07 31.32
CA SER D 124 57.81 21.16 30.45
C SER D 124 57.89 22.48 29.68
N ASP D 125 59.11 22.82 29.26
CA ASP D 125 59.51 24.01 28.52
C ASP D 125 58.67 24.19 27.25
N GLU D 126 58.56 23.12 26.42
CA GLU D 126 57.78 23.11 25.18
C GLU D 126 56.30 23.37 25.44
N GLN D 127 55.77 22.86 26.56
CA GLN D 127 54.37 23.05 26.96
C GLN D 127 54.14 24.48 27.39
N LEU D 128 55.13 25.09 28.06
CA LEU D 128 55.04 26.47 28.52
C LEU D 128 55.06 27.39 27.32
N LYS D 129 56.02 27.15 26.41
CA LYS D 129 56.19 27.89 25.18
C LYS D 129 55.11 27.46 24.19
N SER D 130 53.85 27.81 24.54
CA SER D 130 52.58 27.55 23.85
C SER D 130 51.47 28.41 24.48
N GLY D 131 51.42 28.44 25.82
CA GLY D 131 50.44 29.22 26.56
C GLY D 131 49.64 28.49 27.63
N THR D 132 49.96 27.20 27.89
CA THR D 132 49.28 26.37 28.90
C THR D 132 50.23 25.54 29.74
N ALA D 133 49.90 25.39 31.05
CA ALA D 133 50.67 24.62 32.03
C ALA D 133 49.80 23.52 32.66
N SER D 134 50.31 22.27 32.62
CA SER D 134 49.65 21.07 33.16
C SER D 134 50.53 20.37 34.19
N VAL D 135 50.06 20.37 35.46
CA VAL D 135 50.77 19.74 36.57
C VAL D 135 50.23 18.38 36.87
N VAL D 136 51.15 17.43 37.03
CA VAL D 136 50.75 16.05 37.26
C VAL D 136 51.18 15.40 38.57
N CYS D 137 50.18 14.81 39.24
CA CYS D 137 50.36 14.05 40.46
C CYS D 137 49.99 12.61 40.18
N LEU D 138 50.93 11.72 40.46
CA LEU D 138 50.82 10.28 40.24
C LEU D 138 50.78 9.56 41.60
N LEU D 139 49.98 8.48 41.69
CA LEU D 139 49.83 7.66 42.90
C LEU D 139 49.98 6.22 42.46
N ASN D 140 51.22 5.74 42.36
CA ASN D 140 51.49 4.39 41.91
C ASN D 140 51.17 3.35 42.99
N ASN D 141 50.69 2.17 42.55
CA ASN D 141 50.37 0.93 43.30
C ASN D 141 49.83 1.03 44.72
N PHE D 142 48.50 1.08 44.83
CA PHE D 142 47.84 1.22 46.11
C PHE D 142 46.47 0.56 46.19
N TYR D 143 46.14 0.00 47.36
CA TYR D 143 44.85 -0.62 47.65
C TYR D 143 44.34 -0.05 48.99
N PRO D 144 43.06 0.36 49.13
CA PRO D 144 41.95 0.35 48.17
C PRO D 144 42.05 1.46 47.12
N ARG D 145 40.97 1.59 46.34
CA ARG D 145 40.79 2.56 45.26
C ARG D 145 40.39 3.95 45.79
N GLU D 146 39.95 3.99 47.04
CA GLU D 146 39.50 5.21 47.67
C GLU D 146 40.66 6.11 48.02
N ALA D 147 40.59 7.37 47.56
CA ALA D 147 41.56 8.43 47.79
C ALA D 147 41.07 9.78 47.27
N LYS D 148 41.66 10.89 47.77
CA LYS D 148 41.38 12.25 47.35
C LYS D 148 42.68 13.01 47.18
N VAL D 149 42.72 13.87 46.16
CA VAL D 149 43.89 14.66 45.80
C VAL D 149 43.53 16.15 45.82
N GLN D 150 44.30 16.92 46.61
CA GLN D 150 44.16 18.37 46.79
C GLN D 150 45.30 19.09 46.08
N TRP D 151 44.97 20.16 45.35
CA TRP D 151 45.98 20.96 44.64
C TRP D 151 46.20 22.29 45.34
N LYS D 152 47.40 22.47 45.92
CA LYS D 152 47.79 23.69 46.63
C LYS D 152 48.84 24.51 45.90
N VAL D 153 48.42 25.68 45.42
CA VAL D 153 49.20 26.67 44.69
C VAL D 153 49.64 27.70 45.74
N ASP D 154 50.89 27.57 46.26
CA ASP D 154 51.44 28.41 47.33
C ASP D 154 50.51 28.36 48.57
N ASN D 155 50.16 27.13 48.98
CA ASN D 155 49.26 26.79 50.10
C ASN D 155 47.81 27.30 49.99
N ALA D 156 47.39 27.64 48.75
CA ALA D 156 46.03 28.06 48.40
C ALA D 156 45.43 26.98 47.50
N LEU D 157 44.31 26.40 47.94
CA LEU D 157 43.62 25.29 47.28
C LEU D 157 43.03 25.57 45.91
N GLN D 158 43.09 24.55 45.03
CA GLN D 158 42.56 24.58 43.67
C GLN D 158 41.51 23.49 43.47
N SER D 159 40.50 23.77 42.60
CA SER D 159 39.35 22.89 42.36
C SER D 159 38.96 22.57 40.88
N GLY D 160 38.28 23.51 40.21
CA GLY D 160 37.78 23.39 38.84
C GLY D 160 38.81 23.09 37.78
N ASN D 161 40.01 23.61 37.96
CA ASN D 161 41.15 23.46 37.08
C ASN D 161 41.86 22.08 37.20
N SER D 162 41.28 21.15 37.97
CA SER D 162 41.78 19.79 38.18
C SER D 162 40.94 18.73 37.44
N GLN D 163 41.56 17.55 37.17
CA GLN D 163 40.93 16.38 36.52
C GLN D 163 41.69 15.10 36.90
N GLU D 164 40.97 14.04 37.26
CA GLU D 164 41.58 12.77 37.69
C GLU D 164 41.27 11.59 36.77
N SER D 165 42.15 10.56 36.78
CA SER D 165 42.01 9.32 36.00
C SER D 165 42.64 8.17 36.77
N VAL D 166 41.90 7.06 36.92
CA VAL D 166 42.39 5.88 37.64
C VAL D 166 42.49 4.68 36.71
N THR D 167 43.54 3.86 36.90
CA THR D 167 43.71 2.63 36.12
C THR D 167 42.74 1.58 36.65
N GLU D 168 42.74 0.41 36.01
CA GLU D 168 41.96 -0.71 36.47
C GLU D 168 42.85 -1.52 37.42
N GLN D 169 42.25 -2.46 38.14
CA GLN D 169 42.94 -3.28 39.12
C GLN D 169 43.92 -4.25 38.52
N ASP D 170 45.07 -4.41 39.16
CA ASP D 170 46.11 -5.34 38.73
C ASP D 170 45.59 -6.77 38.73
N SER D 171 45.99 -7.54 37.73
CA SER D 171 45.61 -8.94 37.57
C SER D 171 46.48 -9.89 38.41
N LYS D 172 47.52 -9.35 39.08
CA LYS D 172 48.45 -10.16 39.87
C LYS D 172 48.91 -9.54 41.22
N ASP D 173 48.62 -8.24 41.45
CA ASP D 173 48.98 -7.52 42.69
C ASP D 173 47.82 -6.67 43.19
N SER D 174 46.62 -6.91 42.62
CA SER D 174 45.34 -6.23 42.85
C SER D 174 45.33 -4.74 43.25
N THR D 175 46.39 -4.01 42.87
CA THR D 175 46.67 -2.60 43.14
C THR D 175 45.91 -1.63 42.22
N TYR D 176 46.19 -0.33 42.34
CA TYR D 176 45.58 0.71 41.51
C TYR D 176 46.65 1.76 41.20
N SER D 177 46.25 2.91 40.60
CA SER D 177 47.09 4.06 40.23
C SER D 177 46.22 5.24 39.78
N LEU D 178 46.43 6.44 40.33
CA LEU D 178 45.67 7.62 39.90
C LEU D 178 46.55 8.67 39.18
N SER D 179 45.92 9.60 38.44
CA SER D 179 46.58 10.69 37.71
C SER D 179 45.75 11.98 37.85
N SER D 180 46.28 12.95 38.58
CA SER D 180 45.60 14.24 38.74
C SER D 180 46.26 15.27 37.85
N THR D 181 45.44 16.06 37.13
CA THR D 181 45.98 17.07 36.22
C THR D 181 45.43 18.45 36.50
N LEU D 182 46.32 19.33 36.98
CA LEU D 182 45.97 20.71 37.26
C LEU D 182 46.37 21.51 36.06
N THR D 183 45.39 22.15 35.44
CA THR D 183 45.61 22.90 34.22
C THR D 183 45.18 24.37 34.29
N LEU D 184 46.14 25.27 34.01
CA LEU D 184 45.97 26.74 33.95
C LEU D 184 46.99 27.33 32.99
N SER D 185 46.73 28.57 32.50
CA SER D 185 47.61 29.28 31.55
C SER D 185 49.03 29.53 32.09
N LYS D 186 49.95 29.84 31.16
CA LYS D 186 51.36 30.17 31.38
C LYS D 186 51.44 31.38 32.34
N ALA D 187 50.46 32.31 32.22
CA ALA D 187 50.28 33.52 33.03
C ALA D 187 50.14 33.19 34.53
N ASP D 188 49.14 32.36 34.88
CA ASP D 188 48.87 31.93 36.25
C ASP D 188 49.97 31.02 36.79
N TYR D 189 50.76 30.41 35.89
CA TYR D 189 51.88 29.55 36.27
C TYR D 189 53.08 30.38 36.72
N GLU D 190 53.30 31.56 36.09
CA GLU D 190 54.43 32.44 36.43
C GLU D 190 54.22 33.09 37.81
N LYS D 191 52.95 33.41 38.14
CA LYS D 191 52.51 34.06 39.37
C LYS D 191 52.85 33.36 40.70
N HIS D 192 53.16 32.05 40.68
CA HIS D 192 53.45 31.29 41.91
C HIS D 192 54.67 30.39 41.76
N LYS D 193 55.49 30.23 42.84
CA LYS D 193 56.73 29.44 42.83
C LYS D 193 56.64 28.01 43.35
N VAL D 194 55.94 27.78 44.48
CA VAL D 194 55.84 26.43 45.07
C VAL D 194 54.45 25.76 44.95
N TYR D 195 54.39 24.73 44.09
CA TYR D 195 53.18 23.96 43.82
C TYR D 195 53.21 22.67 44.61
N ALA D 196 52.10 22.40 45.32
CA ALA D 196 51.95 21.21 46.15
C ALA D 196 50.72 20.37 45.82
N CYS D 197 50.87 19.06 46.04
CA CYS D 197 49.85 18.07 45.79
C CYS D 197 49.62 17.26 47.08
N GLU D 198 48.42 17.40 47.70
CA GLU D 198 48.05 16.72 48.95
C GLU D 198 47.27 15.43 48.68
N VAL D 199 47.74 14.33 49.29
CA VAL D 199 47.23 12.96 49.12
C VAL D 199 46.63 12.37 50.42
N THR D 200 45.36 11.92 50.37
CA THR D 200 44.63 11.33 51.50
C THR D 200 44.21 9.86 51.24
N HIS D 201 44.99 8.89 51.77
CA HIS D 201 44.71 7.44 51.61
C HIS D 201 44.65 6.71 52.95
N GLN D 202 43.92 5.58 52.98
CA GLN D 202 43.74 4.70 54.14
C GLN D 202 45.09 4.15 54.65
N GLY D 203 45.94 3.68 53.73
CA GLY D 203 47.26 3.15 54.02
C GLY D 203 48.30 4.19 54.40
N LEU D 204 47.92 5.47 54.29
CA LEU D 204 48.74 6.64 54.63
C LEU D 204 48.44 7.14 56.03
N SER D 205 49.46 7.07 56.92
CA SER D 205 49.38 7.51 58.31
C SER D 205 48.95 8.98 58.41
N SER D 206 49.71 9.86 57.75
CA SER D 206 49.42 11.28 57.70
C SER D 206 49.33 11.74 56.24
N PRO D 207 48.37 12.64 55.90
CA PRO D 207 48.21 13.08 54.49
C PRO D 207 49.46 13.63 53.79
N VAL D 208 50.25 12.69 53.23
CA VAL D 208 51.51 12.92 52.52
C VAL D 208 51.37 13.89 51.36
N THR D 209 52.22 14.92 51.37
CA THR D 209 52.26 15.95 50.34
C THR D 209 53.63 15.92 49.67
N LYS D 210 53.61 15.84 48.34
CA LYS D 210 54.79 15.89 47.48
C LYS D 210 54.66 17.14 46.64
N SER D 211 55.76 17.91 46.53
CA SER D 211 55.77 19.18 45.85
C SER D 211 57.08 19.53 45.15
N PHE D 212 57.09 20.68 44.45
CA PHE D 212 58.23 21.23 43.75
C PHE D 212 58.20 22.75 43.82
N ASN D 213 59.37 23.38 43.63
CA ASN D 213 59.56 24.84 43.58
C ASN D 213 59.92 25.17 42.12
N ARG D 214 59.27 26.21 41.54
CA ARG D 214 59.46 26.63 40.15
C ARG D 214 60.90 26.95 39.78
N GLY D 215 61.50 26.05 39.00
CA GLY D 215 62.88 26.17 38.55
C GLY D 215 63.87 25.47 39.46
N GLU D 216 63.72 25.67 40.80
CA GLU D 216 64.58 25.08 41.84
C GLU D 216 64.52 23.54 41.75
N CYS D 217 65.68 22.89 41.59
CA CYS D 217 65.80 21.43 41.46
C CYS D 217 66.75 20.79 42.46
N GLN E 1 -65.45 -27.18 9.50
CA GLN E 1 -64.49 -28.26 9.75
C GLN E 1 -63.76 -28.67 8.47
N GLU E 2 -64.39 -28.40 7.31
CA GLU E 2 -63.94 -28.67 5.93
C GLU E 2 -62.63 -27.95 5.64
N GLN E 3 -61.85 -28.40 4.66
CA GLN E 3 -60.55 -27.80 4.36
C GLN E 3 -60.04 -28.24 3.01
N LEU E 4 -59.12 -27.46 2.42
CA LEU E 4 -58.44 -27.77 1.14
C LEU E 4 -57.06 -27.23 1.18
N VAL E 5 -56.11 -28.03 0.69
CA VAL E 5 -54.70 -27.67 0.63
C VAL E 5 -54.13 -28.14 -0.65
N GLU E 6 -53.45 -27.28 -1.36
CA GLU E 6 -52.85 -27.70 -2.63
C GLU E 6 -51.39 -27.80 -2.49
N SER E 7 -50.81 -28.70 -3.26
CA SER E 7 -49.36 -28.95 -3.30
C SER E 7 -48.96 -29.27 -4.73
N GLY E 8 -47.66 -29.41 -4.98
CA GLY E 8 -47.16 -29.72 -6.31
C GLY E 8 -46.68 -28.54 -7.14
N GLY E 9 -46.97 -27.29 -6.68
CA GLY E 9 -46.53 -26.05 -7.32
C GLY E 9 -45.02 -25.93 -7.20
N ARG E 10 -44.31 -26.02 -8.34
CA ARG E 10 -42.86 -25.98 -8.44
C ARG E 10 -42.40 -25.40 -9.78
N LEU E 11 -41.16 -24.87 -9.85
CA LEU E 11 -40.55 -24.41 -11.10
C LEU E 11 -40.32 -25.63 -12.02
N VAL E 12 -40.84 -25.56 -13.24
CA VAL E 12 -40.64 -26.60 -14.23
C VAL E 12 -40.21 -26.01 -15.55
N THR E 13 -39.52 -26.79 -16.38
CA THR E 13 -39.13 -26.35 -17.72
C THR E 13 -40.38 -26.42 -18.61
N PRO E 14 -40.42 -25.76 -19.79
CA PRO E 14 -41.62 -25.86 -20.63
C PRO E 14 -41.75 -27.26 -21.25
N GLY E 15 -43.00 -27.71 -21.41
CA GLY E 15 -43.32 -29.02 -21.97
C GLY E 15 -43.20 -30.14 -20.97
N THR E 16 -42.40 -29.94 -19.93
CA THR E 16 -42.15 -30.91 -18.86
C THR E 16 -43.36 -30.91 -17.90
N ALA E 17 -44.23 -31.91 -18.07
CA ALA E 17 -45.47 -32.08 -17.32
C ALA E 17 -45.34 -32.16 -15.81
N LEU E 18 -46.24 -31.46 -15.14
CA LEU E 18 -46.34 -31.35 -13.69
C LEU E 18 -47.73 -31.86 -13.30
N THR E 19 -47.92 -32.25 -12.02
CA THR E 19 -49.20 -32.68 -11.51
C THR E 19 -49.49 -32.00 -10.18
N LEU E 20 -50.60 -31.27 -10.08
CA LEU E 20 -51.01 -30.59 -8.86
C LEU E 20 -51.98 -31.45 -8.06
N THR E 21 -52.00 -31.27 -6.74
CA THR E 21 -52.83 -32.09 -5.86
C THR E 21 -53.63 -31.23 -4.91
N CYS E 22 -54.88 -31.60 -4.63
CA CYS E 22 -55.72 -30.87 -3.69
C CYS E 22 -56.22 -31.83 -2.63
N LYS E 23 -55.82 -31.61 -1.37
CA LYS E 23 -56.19 -32.41 -0.21
C LYS E 23 -57.56 -32.00 0.39
N VAL E 24 -58.61 -32.63 -0.12
CA VAL E 24 -59.99 -32.42 0.29
C VAL E 24 -60.20 -33.12 1.64
N SER E 25 -60.72 -32.37 2.65
CA SER E 25 -60.83 -32.90 4.01
C SER E 25 -61.82 -32.23 4.95
N GLY E 26 -62.80 -33.00 5.42
CA GLY E 26 -63.79 -32.54 6.38
C GLY E 26 -65.17 -32.35 5.81
N PHE E 27 -65.34 -32.68 4.52
CA PHE E 27 -66.61 -32.54 3.80
C PHE E 27 -67.59 -33.67 4.08
N SER E 28 -68.63 -33.38 4.92
CA SER E 28 -69.72 -34.29 5.30
C SER E 28 -70.38 -34.87 4.03
N LEU E 29 -70.57 -34.00 3.05
CA LEU E 29 -71.15 -34.25 1.74
C LEU E 29 -70.24 -35.18 0.91
N SER E 30 -70.88 -36.19 0.33
CA SER E 30 -70.34 -37.25 -0.50
C SER E 30 -69.58 -36.71 -1.72
N GLY E 31 -70.37 -36.29 -2.71
CA GLY E 31 -69.92 -35.72 -3.97
C GLY E 31 -70.34 -34.27 -4.08
N PHE E 32 -69.49 -33.48 -4.74
CA PHE E 32 -69.68 -32.05 -4.98
C PHE E 32 -68.74 -31.55 -6.08
N TRP E 33 -68.78 -30.25 -6.33
CA TRP E 33 -67.97 -29.62 -7.34
C TRP E 33 -66.63 -29.16 -6.83
N LEU E 34 -65.56 -29.61 -7.47
CA LEU E 34 -64.25 -29.13 -7.12
C LEU E 34 -63.58 -28.51 -8.32
N ASN E 35 -63.39 -27.16 -8.25
CA ASN E 35 -62.85 -26.37 -9.34
C ASN E 35 -61.40 -25.97 -9.16
N TRP E 36 -60.70 -25.84 -10.30
CA TRP E 36 -59.34 -25.35 -10.35
C TRP E 36 -59.36 -23.93 -10.92
N VAL E 37 -58.80 -22.97 -10.19
CA VAL E 37 -58.75 -21.56 -10.58
C VAL E 37 -57.30 -21.07 -10.54
N ARG E 38 -56.77 -20.58 -11.66
CA ARG E 38 -55.44 -20.01 -11.63
C ARG E 38 -55.50 -18.48 -11.55
N GLN E 39 -54.33 -17.85 -11.23
CA GLN E 39 -54.15 -16.40 -11.09
C GLN E 39 -52.71 -16.06 -11.26
N ALA E 40 -52.32 -15.68 -12.48
CA ALA E 40 -50.92 -15.32 -12.80
C ALA E 40 -50.40 -14.10 -12.01
N PRO E 41 -49.08 -13.77 -12.09
CA PRO E 41 -48.56 -12.62 -11.32
C PRO E 41 -49.29 -11.29 -11.53
N GLY E 42 -50.00 -10.86 -10.49
CA GLY E 42 -50.79 -9.62 -10.46
C GLY E 42 -51.85 -9.52 -11.53
N LYS E 43 -52.55 -10.64 -11.78
CA LYS E 43 -53.60 -10.76 -12.79
C LYS E 43 -54.89 -11.22 -12.13
N GLY E 44 -55.89 -11.41 -12.96
CA GLY E 44 -57.19 -11.84 -12.48
C GLY E 44 -57.28 -13.33 -12.36
N LEU E 45 -58.41 -13.77 -11.77
CA LEU E 45 -58.79 -15.15 -11.58
C LEU E 45 -59.28 -15.67 -12.93
N GLU E 46 -58.89 -16.90 -13.27
CA GLU E 46 -59.29 -17.60 -14.48
C GLU E 46 -59.77 -18.98 -14.04
N TRP E 47 -61.03 -19.39 -14.32
CA TRP E 47 -61.47 -20.76 -14.00
C TRP E 47 -60.85 -21.70 -15.03
N VAL E 48 -60.20 -22.78 -14.55
CA VAL E 48 -59.50 -23.79 -15.37
C VAL E 48 -60.44 -24.95 -15.70
N GLY E 49 -61.17 -25.39 -14.70
CA GLY E 49 -62.08 -26.50 -14.83
C GLY E 49 -62.65 -26.89 -13.49
N ALA E 50 -63.39 -28.01 -13.50
CA ALA E 50 -64.03 -28.56 -12.32
C ALA E 50 -64.32 -30.04 -12.50
N ILE E 51 -64.70 -30.70 -11.39
CA ILE E 51 -65.07 -32.10 -11.38
C ILE E 51 -66.19 -32.39 -10.39
N TYR E 52 -67.17 -33.19 -10.80
CA TYR E 52 -68.15 -33.59 -9.84
C TYR E 52 -67.56 -34.84 -9.17
N ARG E 53 -67.34 -34.75 -7.83
CA ARG E 53 -66.70 -35.77 -7.00
C ARG E 53 -67.12 -37.25 -7.15
N GLY E 54 -68.37 -37.56 -6.83
CA GLY E 54 -68.89 -38.92 -6.93
C GLY E 54 -68.77 -39.60 -8.29
N SER E 55 -68.65 -38.82 -9.37
CA SER E 55 -68.56 -39.33 -10.74
C SER E 55 -67.16 -39.18 -11.31
N GLY E 56 -67.13 -39.08 -12.63
CA GLY E 56 -65.95 -38.82 -13.43
C GLY E 56 -66.31 -37.70 -14.40
N SER E 57 -67.12 -36.73 -13.90
CA SER E 57 -67.60 -35.60 -14.71
C SER E 57 -66.62 -34.45 -14.73
N GLU E 58 -65.76 -34.47 -15.75
CA GLU E 58 -64.72 -33.48 -16.01
C GLU E 58 -65.28 -32.40 -16.92
N TRP E 59 -65.08 -31.16 -16.50
CA TRP E 59 -65.50 -29.96 -17.22
C TRP E 59 -64.33 -28.98 -17.25
N TYR E 60 -63.91 -28.59 -18.47
CA TYR E 60 -62.80 -27.68 -18.70
C TYR E 60 -63.27 -26.37 -19.37
N ALA E 61 -62.35 -25.42 -19.56
CA ALA E 61 -62.67 -24.19 -20.23
C ALA E 61 -62.08 -24.23 -21.64
N SER E 62 -62.60 -23.36 -22.53
CA SER E 62 -62.24 -23.19 -23.93
C SER E 62 -60.74 -23.35 -24.22
N TRP E 63 -59.90 -22.64 -23.42
CA TRP E 63 -58.44 -22.63 -23.54
C TRP E 63 -57.76 -23.92 -23.03
N ALA E 64 -58.15 -24.32 -21.78
CA ALA E 64 -57.64 -25.47 -21.00
C ALA E 64 -57.79 -26.86 -21.64
N LYS E 65 -58.93 -27.14 -22.30
CA LYS E 65 -59.20 -28.44 -22.91
C LYS E 65 -58.02 -28.97 -23.74
N GLY E 66 -57.57 -30.15 -23.37
CA GLY E 66 -56.45 -30.84 -24.00
C GLY E 66 -55.26 -30.88 -23.07
N ARG E 67 -54.64 -29.71 -22.86
CA ARG E 67 -53.44 -29.49 -22.03
C ARG E 67 -53.64 -29.65 -20.52
N PHE E 68 -54.88 -29.96 -20.10
CA PHE E 68 -55.25 -30.16 -18.69
C PHE E 68 -56.06 -31.42 -18.46
N THR E 69 -55.86 -32.03 -17.27
CA THR E 69 -56.47 -33.29 -16.86
C THR E 69 -56.80 -33.26 -15.36
N ILE E 70 -58.09 -33.17 -15.03
CA ILE E 70 -58.56 -33.23 -13.64
C ILE E 70 -58.87 -34.70 -13.32
N SER E 71 -58.40 -35.20 -12.16
CA SER E 71 -58.59 -36.58 -11.77
C SER E 71 -59.06 -36.65 -10.33
N ASP E 72 -60.29 -37.14 -10.14
CA ASP E 72 -60.85 -37.30 -8.81
C ASP E 72 -60.42 -38.64 -8.22
N THR E 73 -60.21 -38.65 -6.88
CA THR E 73 -59.83 -39.85 -6.15
C THR E 73 -60.42 -39.84 -4.73
N SER E 74 -60.21 -40.96 -4.00
CA SER E 74 -60.63 -41.18 -2.61
C SER E 74 -60.18 -40.00 -1.79
N THR E 75 -58.83 -39.78 -1.78
CA THR E 75 -58.09 -38.66 -1.18
C THR E 75 -56.78 -38.34 -1.94
N THR E 76 -56.76 -37.30 -2.87
CA THR E 76 -57.89 -36.50 -3.37
C THR E 76 -57.63 -35.92 -4.79
N VAL E 77 -58.39 -34.87 -5.17
CA VAL E 77 -58.37 -34.20 -6.49
C VAL E 77 -57.03 -33.67 -6.99
N THR E 78 -56.75 -33.96 -8.25
CA THR E 78 -55.51 -33.60 -8.91
C THR E 78 -55.76 -32.75 -10.16
N LEU E 79 -54.68 -32.12 -10.66
CA LEU E 79 -54.68 -31.34 -11.89
C LEU E 79 -53.35 -31.57 -12.63
N LYS E 80 -53.41 -32.19 -13.79
CA LYS E 80 -52.21 -32.47 -14.56
C LYS E 80 -52.05 -31.44 -15.68
N LEU E 81 -50.85 -30.87 -15.78
CA LEU E 81 -50.50 -29.89 -16.79
C LEU E 81 -49.71 -30.65 -17.82
N THR E 82 -50.44 -31.28 -18.75
CA THR E 82 -49.91 -32.14 -19.79
C THR E 82 -48.73 -31.53 -20.58
N SER E 83 -48.92 -30.36 -21.19
CA SER E 83 -47.82 -29.69 -21.88
C SER E 83 -47.77 -28.23 -21.44
N PRO E 84 -47.03 -27.94 -20.34
CA PRO E 84 -46.95 -26.55 -19.87
C PRO E 84 -46.09 -25.66 -20.76
N THR E 85 -46.46 -24.37 -20.79
CA THR E 85 -45.77 -23.29 -21.50
C THR E 85 -45.65 -22.14 -20.52
N THR E 86 -44.73 -21.19 -20.80
CA THR E 86 -44.47 -20.02 -19.95
C THR E 86 -45.74 -19.29 -19.48
N GLU E 87 -46.77 -19.24 -20.36
CA GLU E 87 -48.08 -18.60 -20.14
C GLU E 87 -48.86 -19.29 -19.02
N ASP E 88 -48.36 -20.44 -18.51
CA ASP E 88 -49.02 -21.21 -17.46
C ASP E 88 -48.55 -20.84 -16.06
N THR E 89 -47.52 -19.96 -15.96
CA THR E 89 -46.99 -19.51 -14.68
C THR E 89 -48.12 -18.82 -13.97
N ALA E 90 -48.51 -19.31 -12.78
CA ALA E 90 -49.61 -18.76 -12.00
C ALA E 90 -49.74 -19.48 -10.66
N THR E 91 -50.62 -19.01 -9.80
CA THR E 91 -50.89 -19.76 -8.61
C THR E 91 -52.26 -20.38 -8.76
N TYR E 92 -52.27 -21.73 -8.73
CA TYR E 92 -53.47 -22.55 -8.91
C TYR E 92 -54.15 -22.84 -7.60
N PHE E 93 -55.46 -22.83 -7.62
CA PHE E 93 -56.33 -22.96 -6.46
C PHE E 93 -57.36 -24.06 -6.61
N CYS E 94 -57.70 -24.69 -5.51
CA CYS E 94 -58.80 -25.60 -5.61
C CYS E 94 -59.88 -25.02 -4.74
N ALA E 95 -61.10 -25.06 -5.28
CA ALA E 95 -62.23 -24.49 -4.58
C ALA E 95 -63.48 -25.36 -4.68
N ALA E 96 -64.04 -25.63 -3.52
CA ALA E 96 -65.19 -26.49 -3.36
C ALA E 96 -66.49 -25.73 -3.40
N ASP E 97 -67.55 -26.42 -3.86
CA ASP E 97 -68.92 -25.93 -3.96
C ASP E 97 -69.82 -26.88 -3.16
N THR E 98 -69.99 -26.54 -1.88
CA THR E 98 -70.75 -27.31 -0.89
C THR E 98 -72.27 -27.23 -1.05
N THR E 99 -72.75 -26.59 -2.11
CA THR E 99 -74.17 -26.32 -2.33
C THR E 99 -74.68 -26.78 -3.67
N ASP E 100 -73.77 -26.88 -4.66
CA ASP E 100 -74.02 -27.25 -6.04
C ASP E 100 -74.83 -26.18 -6.76
N ASN E 101 -74.56 -24.93 -6.44
CA ASN E 101 -75.20 -23.79 -7.05
C ASN E 101 -74.15 -22.88 -7.73
N GLY E 102 -73.08 -23.51 -8.22
CA GLY E 102 -71.98 -22.89 -8.96
C GLY E 102 -71.18 -21.84 -8.22
N TYR E 103 -71.04 -22.01 -6.89
CA TYR E 103 -70.30 -21.07 -6.07
C TYR E 103 -69.37 -21.66 -5.05
N PHE E 104 -68.15 -21.14 -5.06
CA PHE E 104 -67.01 -21.55 -4.25
C PHE E 104 -67.02 -21.04 -2.83
N THR E 105 -67.68 -21.81 -1.96
CA THR E 105 -67.83 -21.60 -0.51
C THR E 105 -66.47 -21.71 0.23
N ILE E 106 -65.67 -22.76 -0.10
CA ILE E 106 -64.38 -23.06 0.52
C ILE E 106 -63.25 -23.07 -0.53
N TRP E 107 -62.17 -22.35 -0.22
CA TRP E 107 -60.98 -22.21 -1.05
C TRP E 107 -59.73 -22.83 -0.42
N GLY E 108 -58.77 -23.17 -1.28
CA GLY E 108 -57.48 -23.65 -0.88
C GLY E 108 -56.52 -22.48 -0.84
N PRO E 109 -55.39 -22.49 -0.10
CA PRO E 109 -54.49 -21.31 -0.09
C PRO E 109 -53.72 -21.01 -1.37
N GLY E 110 -53.63 -21.99 -2.27
CA GLY E 110 -52.92 -21.83 -3.54
C GLY E 110 -51.61 -22.56 -3.57
N THR E 111 -51.03 -22.69 -4.75
CA THR E 111 -49.73 -23.28 -5.01
C THR E 111 -49.21 -22.71 -6.27
N LEU E 112 -48.00 -22.21 -6.20
CA LEU E 112 -47.38 -21.54 -7.31
C LEU E 112 -46.60 -22.37 -8.31
N VAL E 113 -47.11 -22.41 -9.52
CA VAL E 113 -46.44 -23.08 -10.62
C VAL E 113 -45.57 -22.06 -11.34
N THR E 114 -44.37 -22.42 -11.70
CA THR E 114 -43.51 -21.49 -12.39
C THR E 114 -42.98 -22.15 -13.62
N VAL E 115 -43.32 -21.66 -14.79
CA VAL E 115 -42.81 -22.31 -16.00
C VAL E 115 -41.72 -21.47 -16.60
N SER E 116 -40.46 -21.95 -16.50
CA SER E 116 -39.30 -21.22 -17.02
C SER E 116 -38.14 -22.13 -17.42
N SER E 117 -37.39 -21.71 -18.45
CA SER E 117 -36.17 -22.34 -18.97
C SER E 117 -34.97 -22.05 -18.05
N ALA E 118 -35.16 -21.14 -17.07
CA ALA E 118 -34.18 -20.75 -16.06
C ALA E 118 -34.07 -21.80 -14.96
N SER E 119 -32.86 -21.91 -14.36
CA SER E 119 -32.58 -22.82 -13.25
C SER E 119 -32.70 -22.06 -11.91
N THR E 120 -33.08 -22.77 -10.83
CA THR E 120 -33.26 -22.19 -9.50
C THR E 120 -31.97 -21.64 -8.90
N LYS E 121 -32.06 -20.44 -8.27
CA LYS E 121 -30.96 -19.72 -7.58
C LYS E 121 -31.44 -19.29 -6.19
N GLY E 122 -30.59 -19.51 -5.18
CA GLY E 122 -30.90 -19.16 -3.81
C GLY E 122 -30.71 -17.67 -3.55
N PRO E 123 -31.33 -17.12 -2.51
CA PRO E 123 -31.16 -15.68 -2.26
C PRO E 123 -29.85 -15.30 -1.61
N SER E 124 -29.54 -14.01 -1.64
CA SER E 124 -28.39 -13.42 -1.02
C SER E 124 -29.00 -12.43 -0.04
N VAL E 125 -28.69 -12.54 1.27
CA VAL E 125 -29.30 -11.65 2.26
C VAL E 125 -28.35 -10.61 2.90
N PHE E 126 -28.54 -9.34 2.53
CA PHE E 126 -27.78 -8.19 3.01
C PHE E 126 -28.64 -7.37 3.97
N PRO E 127 -28.09 -6.81 5.06
CA PRO E 127 -28.95 -6.05 5.98
C PRO E 127 -29.15 -4.61 5.49
N LEU E 128 -30.07 -3.88 6.14
CA LEU E 128 -30.29 -2.49 5.79
C LEU E 128 -29.97 -1.62 6.99
N ALA E 129 -28.81 -0.91 6.86
CA ALA E 129 -28.11 -0.04 7.82
C ALA E 129 -28.88 1.13 8.44
N PRO E 130 -29.35 0.93 9.70
CA PRO E 130 -30.07 2.00 10.40
C PRO E 130 -29.14 3.08 10.99
N SER E 131 -28.88 3.01 12.32
CA SER E 131 -28.03 3.90 13.13
C SER E 131 -28.52 5.35 13.25
N ALA E 132 -27.76 6.32 12.70
CA ALA E 132 -28.03 7.76 12.75
C ALA E 132 -28.64 8.31 11.46
N LYS E 133 -28.51 7.55 10.36
CA LYS E 133 -29.03 7.90 9.03
C LYS E 133 -30.51 7.47 8.85
N SER E 134 -31.13 6.99 9.96
CA SER E 134 -32.52 6.52 10.04
C SER E 134 -33.24 6.96 11.37
N THR E 135 -32.75 8.03 12.05
CA THR E 135 -33.32 8.55 13.32
C THR E 135 -34.37 9.67 13.23
N SER E 136 -35.61 9.36 13.66
CA SER E 136 -36.76 10.27 13.71
C SER E 136 -36.99 10.75 15.17
N GLY E 137 -36.03 10.46 16.04
CA GLY E 137 -36.06 10.81 17.46
C GLY E 137 -36.65 9.74 18.34
N GLY E 138 -37.85 9.28 17.97
CA GLY E 138 -38.61 8.24 18.67
C GLY E 138 -38.93 7.00 17.85
N THR E 139 -38.51 6.96 16.56
CA THR E 139 -38.71 5.83 15.62
C THR E 139 -37.55 5.69 14.64
N ALA E 140 -37.21 4.44 14.30
CA ALA E 140 -36.12 4.10 13.37
C ALA E 140 -36.40 2.81 12.59
N ALA E 141 -36.02 2.80 11.31
CA ALA E 141 -36.26 1.66 10.42
C ALA E 141 -35.01 1.01 9.92
N LEU E 142 -35.01 -0.34 10.02
CA LEU E 142 -33.95 -1.28 9.64
C LEU E 142 -34.56 -2.38 8.77
N GLY E 143 -33.83 -2.86 7.78
CA GLY E 143 -34.36 -3.86 6.88
C GLY E 143 -33.51 -5.05 6.58
N CYS E 144 -33.91 -5.80 5.54
CA CYS E 144 -33.28 -7.00 5.09
C CYS E 144 -33.38 -7.15 3.58
N LEU E 145 -32.36 -6.74 2.81
CA LEU E 145 -32.43 -6.94 1.37
C LEU E 145 -32.25 -8.44 1.07
N VAL E 146 -33.05 -8.99 0.15
CA VAL E 146 -33.06 -10.41 -0.24
C VAL E 146 -32.74 -10.47 -1.75
N LYS E 147 -31.63 -9.83 -2.14
CA LYS E 147 -31.23 -9.75 -3.54
C LYS E 147 -30.94 -11.09 -4.21
N ASP E 148 -31.11 -11.13 -5.55
CA ASP E 148 -30.81 -12.24 -6.44
C ASP E 148 -31.28 -13.65 -6.02
N TYR E 149 -32.50 -14.04 -6.45
CA TYR E 149 -33.09 -15.37 -6.17
C TYR E 149 -34.08 -15.80 -7.25
N PHE E 150 -34.41 -17.08 -7.30
CA PHE E 150 -35.33 -17.67 -8.28
C PHE E 150 -35.76 -19.10 -7.85
N PRO E 151 -37.04 -19.50 -8.03
CA PRO E 151 -38.20 -18.74 -8.50
C PRO E 151 -38.92 -18.11 -7.30
N GLU E 152 -40.16 -17.71 -7.47
CA GLU E 152 -40.93 -17.19 -6.37
C GLU E 152 -41.40 -18.40 -5.51
N PRO E 153 -41.68 -18.27 -4.19
CA PRO E 153 -41.68 -17.09 -3.33
C PRO E 153 -40.40 -17.03 -2.44
N VAL E 154 -40.47 -16.28 -1.29
CA VAL E 154 -39.47 -16.06 -0.24
C VAL E 154 -40.30 -15.56 0.92
N THR E 155 -40.11 -16.09 2.12
CA THR E 155 -40.99 -15.63 3.21
C THR E 155 -40.30 -15.07 4.42
N VAL E 156 -39.92 -13.80 4.35
CA VAL E 156 -39.31 -13.10 5.48
C VAL E 156 -40.34 -12.84 6.60
N SER E 157 -39.90 -12.96 7.85
CA SER E 157 -40.63 -12.66 9.10
C SER E 157 -39.59 -11.97 10.04
N TRP E 158 -40.02 -11.41 11.18
CA TRP E 158 -39.05 -10.75 12.07
C TRP E 158 -39.12 -11.32 13.47
N ASN E 159 -37.90 -11.67 14.01
CA ASN E 159 -37.66 -12.28 15.31
C ASN E 159 -38.56 -13.52 15.52
N SER E 160 -38.55 -14.41 14.50
CA SER E 160 -39.33 -15.66 14.39
C SER E 160 -40.84 -15.38 14.57
N GLY E 161 -41.32 -14.37 13.83
CA GLY E 161 -42.70 -13.90 13.82
C GLY E 161 -43.20 -13.27 15.11
N ALA E 162 -42.27 -12.95 16.04
CA ALA E 162 -42.60 -12.31 17.33
C ALA E 162 -42.76 -10.81 17.11
N LEU E 163 -41.99 -10.28 16.13
CA LEU E 163 -42.01 -8.87 15.72
C LEU E 163 -42.98 -8.70 14.53
N THR E 164 -44.18 -8.14 14.81
CA THR E 164 -45.25 -7.95 13.82
C THR E 164 -45.53 -6.47 13.46
N SER E 165 -45.94 -5.66 14.47
CA SER E 165 -46.27 -4.25 14.31
C SER E 165 -45.17 -3.50 13.59
N GLY E 166 -45.54 -2.90 12.48
CA GLY E 166 -44.63 -2.12 11.65
C GLY E 166 -43.77 -2.89 10.67
N VAL E 167 -43.99 -4.23 10.50
CA VAL E 167 -43.22 -5.00 9.52
C VAL E 167 -43.87 -4.80 8.15
N HIS E 168 -43.05 -4.44 7.14
CA HIS E 168 -43.54 -4.22 5.78
C HIS E 168 -42.75 -5.07 4.78
N THR E 169 -43.20 -6.31 4.54
CA THR E 169 -42.49 -7.14 3.56
C THR E 169 -42.92 -6.69 2.18
N PHE E 170 -41.96 -6.27 1.38
CA PHE E 170 -42.21 -5.74 0.05
C PHE E 170 -42.41 -6.78 -1.00
N PRO E 171 -43.29 -6.51 -1.99
CA PRO E 171 -43.42 -7.40 -3.14
C PRO E 171 -42.10 -7.57 -3.92
N ALA E 172 -41.90 -8.78 -4.45
CA ALA E 172 -40.69 -9.14 -5.18
C ALA E 172 -40.62 -8.45 -6.49
N VAL E 173 -39.41 -8.25 -7.03
CA VAL E 173 -39.23 -7.56 -8.31
C VAL E 173 -38.22 -8.24 -9.19
N LEU E 174 -38.68 -8.65 -10.37
CA LEU E 174 -37.84 -9.28 -11.38
C LEU E 174 -36.85 -8.25 -11.91
N GLN E 175 -35.59 -8.65 -12.10
CA GLN E 175 -34.55 -7.77 -12.61
C GLN E 175 -34.30 -8.09 -14.05
N SER E 176 -33.57 -7.21 -14.74
CA SER E 176 -33.21 -7.36 -16.16
C SER E 176 -32.33 -8.62 -16.36
N SER E 177 -31.68 -9.07 -15.25
CA SER E 177 -30.86 -10.27 -15.15
C SER E 177 -31.73 -11.54 -15.24
N GLY E 178 -32.94 -11.46 -14.69
CA GLY E 178 -33.88 -12.56 -14.64
C GLY E 178 -34.21 -12.92 -13.21
N LEU E 179 -33.32 -12.55 -12.29
CA LEU E 179 -33.49 -12.85 -10.88
C LEU E 179 -34.41 -11.93 -10.13
N TYR E 180 -35.15 -12.47 -9.19
CA TYR E 180 -36.06 -11.74 -8.32
C TYR E 180 -35.26 -11.13 -7.18
N SER E 181 -35.82 -10.11 -6.54
CA SER E 181 -35.24 -9.41 -5.38
C SER E 181 -36.34 -8.70 -4.61
N LEU E 182 -36.35 -8.89 -3.30
CA LEU E 182 -37.30 -8.22 -2.42
C LEU E 182 -36.57 -7.66 -1.20
N SER E 183 -37.27 -6.98 -0.30
CA SER E 183 -36.67 -6.35 0.85
C SER E 183 -37.71 -6.08 1.91
N SER E 184 -37.66 -6.83 2.99
CA SER E 184 -38.58 -6.60 4.09
C SER E 184 -37.94 -5.63 5.04
N VAL E 185 -38.75 -4.78 5.69
CA VAL E 185 -38.30 -3.73 6.61
C VAL E 185 -39.19 -3.66 7.83
N VAL E 186 -38.78 -2.92 8.87
CA VAL E 186 -39.56 -2.74 10.10
C VAL E 186 -39.22 -1.43 10.84
N THR E 187 -40.22 -0.80 11.49
CA THR E 187 -40.06 0.42 12.25
C THR E 187 -40.00 0.05 13.73
N VAL E 188 -38.94 0.54 14.41
CA VAL E 188 -38.60 0.27 15.81
C VAL E 188 -38.28 1.60 16.54
N PRO E 189 -38.74 1.83 17.81
CA PRO E 189 -38.31 3.06 18.53
C PRO E 189 -36.79 3.18 18.59
N SER E 190 -36.22 4.31 18.11
CA SER E 190 -34.77 4.58 18.03
C SER E 190 -33.98 4.26 19.29
N SER E 191 -34.67 4.27 20.44
CA SER E 191 -34.15 3.99 21.78
C SER E 191 -33.55 2.56 21.93
N SER E 192 -34.33 1.52 21.55
CA SER E 192 -33.92 0.13 21.67
C SER E 192 -33.13 -0.42 20.48
N LEU E 193 -32.35 0.41 19.79
CA LEU E 193 -31.53 0.01 18.63
C LEU E 193 -30.31 -0.92 18.99
N GLY E 194 -30.02 -1.04 20.28
CA GLY E 194 -28.95 -1.87 20.82
C GLY E 194 -29.46 -2.87 21.85
N THR E 195 -30.41 -2.42 22.70
CA THR E 195 -31.06 -3.18 23.79
C THR E 195 -31.76 -4.47 23.33
N GLN E 196 -32.39 -4.43 22.13
CA GLN E 196 -33.11 -5.55 21.52
C GLN E 196 -32.48 -5.91 20.17
N THR E 197 -32.16 -7.20 19.96
CA THR E 197 -31.54 -7.70 18.73
C THR E 197 -32.58 -8.00 17.66
N TYR E 198 -32.30 -7.58 16.41
CA TYR E 198 -33.23 -7.76 15.30
C TYR E 198 -32.79 -8.66 14.17
N ILE E 199 -33.51 -9.80 14.04
CA ILE E 199 -33.27 -10.86 13.05
C ILE E 199 -34.43 -11.06 12.09
N CYS E 200 -34.10 -11.03 10.79
CA CYS E 200 -35.06 -11.28 9.73
C CYS E 200 -34.97 -12.79 9.36
N ASN E 201 -36.11 -13.47 9.51
CA ASN E 201 -36.24 -14.89 9.28
C ASN E 201 -36.68 -15.19 7.85
N VAL E 202 -35.73 -15.15 6.91
CA VAL E 202 -35.91 -15.47 5.48
C VAL E 202 -36.12 -17.00 5.28
N ASN E 203 -36.89 -17.39 4.25
CA ASN E 203 -37.17 -18.77 3.89
C ASN E 203 -37.48 -18.91 2.38
N HIS E 204 -36.47 -19.32 1.58
CA HIS E 204 -36.67 -19.59 0.16
C HIS E 204 -36.80 -21.12 0.02
N LYS E 205 -38.05 -21.65 0.28
CA LYS E 205 -38.39 -23.08 0.18
C LYS E 205 -38.02 -23.67 -1.20
N PRO E 206 -38.31 -23.02 -2.37
CA PRO E 206 -37.91 -23.61 -3.67
C PRO E 206 -36.41 -23.71 -4.00
N SER E 207 -35.57 -23.58 -2.97
CA SER E 207 -34.11 -23.71 -3.04
C SER E 207 -33.53 -24.34 -1.74
N ASN E 208 -34.47 -24.64 -0.79
CA ASN E 208 -34.24 -25.26 0.53
C ASN E 208 -33.70 -24.30 1.57
N THR E 209 -33.14 -23.14 1.11
CA THR E 209 -32.53 -22.04 1.89
C THR E 209 -33.45 -21.59 3.04
N LYS E 210 -32.86 -21.42 4.25
CA LYS E 210 -33.61 -20.98 5.44
C LYS E 210 -32.79 -19.96 6.25
N VAL E 211 -32.12 -18.98 5.56
CA VAL E 211 -31.25 -17.89 6.07
C VAL E 211 -31.85 -17.13 7.25
N ASP E 212 -31.02 -16.78 8.22
CA ASP E 212 -31.45 -16.02 9.39
C ASP E 212 -30.37 -14.98 9.70
N LYS E 213 -30.27 -13.94 8.84
CA LYS E 213 -29.32 -12.82 8.94
C LYS E 213 -29.79 -11.82 10.00
N LYS E 214 -28.85 -11.26 10.79
CA LYS E 214 -29.15 -10.27 11.82
C LYS E 214 -28.71 -8.90 11.35
N ALA E 215 -29.57 -7.88 11.55
CA ALA E 215 -29.28 -6.51 11.17
C ALA E 215 -29.00 -5.71 12.44
N GLU E 216 -27.81 -5.06 12.48
CA GLU E 216 -27.33 -4.22 13.59
C GLU E 216 -26.79 -2.86 13.09
N PRO E 217 -26.88 -1.78 13.91
CA PRO E 217 -26.46 -0.44 13.43
C PRO E 217 -24.99 -0.19 13.10
N LYS E 218 -24.58 -0.55 11.86
CA LYS E 218 -23.24 -0.34 11.28
C LYS E 218 -22.07 -0.80 12.17
N SER E 219 -20.98 0.01 12.25
CA SER E 219 -19.77 -0.26 13.04
C SER E 219 -19.13 1.03 13.58
N CYS E 220 -18.69 1.94 12.67
CA CYS E 220 -18.04 3.24 12.93
C CYS E 220 -16.72 3.14 13.72
N ASP E 221 -15.65 3.18 13.08
N GLU F 1 -66.77 -20.20 -23.09
CA GLU F 1 -67.36 -19.22 -24.01
C GLU F 1 -68.29 -18.17 -23.34
N LEU F 2 -68.69 -18.40 -22.07
CA LEU F 2 -69.43 -17.42 -21.30
C LEU F 2 -68.40 -16.37 -20.92
N VAL F 3 -68.81 -15.11 -20.87
CA VAL F 3 -67.91 -14.01 -20.52
C VAL F 3 -68.52 -13.09 -19.45
N MET F 4 -67.66 -12.62 -18.55
CA MET F 4 -68.09 -11.67 -17.56
C MET F 4 -67.39 -10.36 -17.78
N THR F 5 -68.20 -9.29 -17.82
CA THR F 5 -67.72 -7.95 -18.08
C THR F 5 -67.83 -7.10 -16.84
N GLN F 6 -66.70 -7.06 -16.13
CA GLN F 6 -66.53 -6.34 -14.88
C GLN F 6 -66.11 -4.91 -15.14
N THR F 7 -66.89 -4.00 -14.57
CA THR F 7 -66.65 -2.56 -14.65
C THR F 7 -66.91 -1.92 -13.29
N PRO F 8 -65.99 -1.03 -12.84
CA PRO F 8 -64.76 -0.55 -13.53
C PRO F 8 -63.50 -1.43 -13.34
N SER F 9 -62.35 -1.02 -13.88
CA SER F 9 -61.07 -1.71 -13.66
C SER F 9 -60.55 -1.41 -12.22
N SER F 10 -60.62 -0.12 -11.83
CA SER F 10 -60.23 0.43 -10.53
C SER F 10 -61.29 1.41 -10.05
N VAL F 11 -61.27 1.73 -8.75
CA VAL F 11 -62.21 2.66 -8.10
C VAL F 11 -61.66 3.18 -6.77
N SER F 12 -61.72 4.52 -6.57
CA SER F 12 -61.28 5.20 -5.35
C SER F 12 -62.50 5.76 -4.64
N GLU F 13 -62.53 5.70 -3.30
CA GLU F 13 -63.68 6.15 -2.55
C GLU F 13 -63.38 6.40 -1.09
N PRO F 14 -63.87 7.49 -0.48
CA PRO F 14 -63.65 7.67 0.96
C PRO F 14 -64.47 6.73 1.83
N VAL F 15 -64.15 6.69 3.12
CA VAL F 15 -64.90 5.90 4.12
C VAL F 15 -66.27 6.56 4.26
N GLY F 16 -67.31 5.73 4.29
CA GLY F 16 -68.70 6.13 4.30
C GLY F 16 -69.27 6.01 2.90
N GLY F 17 -68.45 6.43 1.91
CA GLY F 17 -68.73 6.43 0.47
C GLY F 17 -69.24 5.10 -0.03
N THR F 18 -70.05 5.09 -1.09
CA THR F 18 -70.59 3.82 -1.57
C THR F 18 -70.03 3.34 -2.94
N VAL F 19 -69.77 2.03 -3.04
CA VAL F 19 -69.20 1.49 -4.27
C VAL F 19 -70.14 0.56 -5.03
N THR F 20 -70.03 0.56 -6.36
CA THR F 20 -70.87 -0.17 -7.25
C THR F 20 -70.04 -0.85 -8.33
N ILE F 21 -69.97 -2.16 -8.23
CA ILE F 21 -69.27 -2.91 -9.26
C ILE F 21 -70.30 -3.64 -10.11
N LYS F 22 -70.09 -3.55 -11.43
CA LYS F 22 -71.00 -4.10 -12.40
C LYS F 22 -70.37 -5.25 -13.21
N CYS F 23 -71.19 -6.31 -13.38
CA CYS F 23 -70.84 -7.45 -14.19
C CYS F 23 -71.86 -7.64 -15.30
N GLN F 24 -71.32 -7.73 -16.54
CA GLN F 24 -72.09 -7.90 -17.75
C GLN F 24 -71.89 -9.31 -18.36
N ALA F 25 -72.91 -10.16 -18.10
CA ALA F 25 -73.01 -11.54 -18.57
C ALA F 25 -73.12 -11.64 -20.12
N SER F 26 -72.37 -12.60 -20.74
CA SER F 26 -72.40 -12.86 -22.18
C SER F 26 -73.53 -13.86 -22.56
N GLN F 27 -74.21 -14.47 -21.57
CA GLN F 27 -75.28 -15.45 -21.74
C GLN F 27 -76.25 -15.44 -20.57
N SER F 28 -77.22 -16.39 -20.57
CA SER F 28 -78.32 -16.54 -19.61
C SER F 28 -78.02 -16.22 -18.15
N ILE F 29 -77.39 -17.18 -17.35
CA ILE F 29 -77.03 -17.04 -15.92
C ILE F 29 -78.26 -16.65 -15.08
N SER F 30 -78.88 -17.58 -14.40
CA SER F 30 -80.07 -17.22 -13.61
C SER F 30 -79.56 -16.54 -12.33
N SER F 31 -79.53 -17.28 -11.22
CA SER F 31 -78.94 -16.83 -9.98
C SER F 31 -77.52 -17.40 -10.03
N TRP F 32 -77.08 -17.87 -11.24
CA TRP F 32 -75.77 -18.47 -11.55
C TRP F 32 -74.61 -17.48 -11.34
N LEU F 33 -74.70 -16.62 -10.29
CA LEU F 33 -73.70 -15.61 -10.02
C LEU F 33 -73.33 -15.43 -8.55
N SER F 34 -72.00 -15.22 -8.30
CA SER F 34 -71.42 -14.97 -6.98
C SER F 34 -70.31 -13.90 -6.96
N TRP F 35 -70.23 -13.15 -5.84
CA TRP F 35 -69.27 -12.07 -5.62
C TRP F 35 -68.22 -12.38 -4.55
N TYR F 36 -66.96 -12.07 -4.89
CA TYR F 36 -65.78 -12.30 -4.05
C TYR F 36 -64.85 -11.12 -3.87
N GLN F 37 -64.35 -10.96 -2.63
CA GLN F 37 -63.34 -9.98 -2.22
C GLN F 37 -62.02 -10.75 -2.09
N GLN F 38 -60.95 -10.23 -2.65
CA GLN F 38 -59.65 -10.87 -2.55
C GLN F 38 -58.53 -9.91 -2.13
N LYS F 39 -58.11 -10.01 -0.84
CA LYS F 39 -57.02 -9.21 -0.28
C LYS F 39 -55.69 -9.78 -0.81
N PRO F 40 -54.61 -8.97 -0.94
CA PRO F 40 -53.37 -9.50 -1.56
C PRO F 40 -52.74 -10.67 -0.81
N GLY F 41 -52.24 -11.66 -1.60
CA GLY F 41 -51.65 -12.91 -1.12
C GLY F 41 -52.57 -13.62 -0.14
N GLN F 42 -53.77 -13.95 -0.61
CA GLN F 42 -54.86 -14.52 0.15
C GLN F 42 -55.89 -15.14 -0.82
N PRO F 43 -56.56 -16.24 -0.45
CA PRO F 43 -57.56 -16.80 -1.36
C PRO F 43 -58.86 -15.98 -1.26
N PRO F 44 -59.56 -15.77 -2.41
CA PRO F 44 -60.81 -15.00 -2.37
C PRO F 44 -61.78 -15.42 -1.29
N LYS F 45 -62.62 -14.49 -0.84
CA LYS F 45 -63.64 -14.77 0.17
C LYS F 45 -65.02 -14.52 -0.49
N LEU F 46 -65.96 -15.46 -0.33
CA LEU F 46 -67.30 -15.28 -0.88
C LEU F 46 -68.08 -14.28 -0.01
N LEU F 47 -68.72 -13.31 -0.69
CA LEU F 47 -69.51 -12.28 -0.06
C LEU F 47 -70.99 -12.53 -0.37
N ILE F 48 -71.29 -12.59 -1.68
CA ILE F 48 -72.64 -12.75 -2.23
C ILE F 48 -72.62 -13.97 -3.13
N TYR F 49 -73.61 -14.86 -2.93
CA TYR F 49 -73.85 -16.08 -3.74
C TYR F 49 -75.27 -15.94 -4.29
N ASP F 50 -75.61 -16.79 -5.30
CA ASP F 50 -76.93 -16.81 -5.94
C ASP F 50 -77.50 -15.40 -6.14
N ALA F 51 -76.61 -14.51 -6.68
CA ALA F 51 -76.76 -13.08 -7.03
C ALA F 51 -77.13 -12.04 -5.98
N SER F 52 -77.84 -12.40 -4.89
CA SER F 52 -78.33 -11.39 -3.93
C SER F 52 -78.26 -11.68 -2.43
N ASN F 53 -77.71 -12.84 -2.01
CA ASN F 53 -77.68 -13.26 -0.59
C ASN F 53 -76.28 -13.31 -0.05
N LEU F 54 -76.07 -12.76 1.17
CA LEU F 54 -74.73 -12.74 1.76
C LEU F 54 -74.34 -13.97 2.55
N ALA F 55 -73.07 -14.39 2.37
CA ALA F 55 -72.46 -15.51 3.07
C ALA F 55 -72.44 -15.14 4.54
N SER F 56 -72.31 -16.12 5.43
CA SER F 56 -72.27 -15.81 6.85
C SER F 56 -70.96 -15.11 7.20
N GLY F 57 -71.03 -14.23 8.19
CA GLY F 57 -69.88 -13.45 8.61
C GLY F 57 -69.83 -12.11 7.90
N VAL F 58 -70.05 -12.14 6.56
CA VAL F 58 -70.05 -10.96 5.66
C VAL F 58 -71.03 -9.92 6.18
N PRO F 59 -70.56 -8.65 6.32
CA PRO F 59 -71.44 -7.61 6.86
C PRO F 59 -72.47 -7.08 5.88
N SER F 60 -73.59 -6.62 6.46
CA SER F 60 -74.77 -6.02 5.85
C SER F 60 -74.49 -4.99 4.75
N ARG F 61 -73.41 -4.19 4.86
CA ARG F 61 -73.01 -3.20 3.86
C ARG F 61 -72.75 -3.79 2.47
N PHE F 62 -72.66 -5.14 2.37
CA PHE F 62 -72.47 -5.83 1.12
C PHE F 62 -73.83 -6.20 0.54
N MET F 63 -74.10 -5.74 -0.70
CA MET F 63 -75.38 -5.94 -1.38
C MET F 63 -75.18 -6.41 -2.77
N GLY F 64 -75.93 -7.44 -3.10
CA GLY F 64 -75.92 -8.02 -4.43
C GLY F 64 -77.27 -7.94 -5.09
N SER F 65 -77.24 -7.86 -6.42
CA SER F 65 -78.42 -7.80 -7.26
C SER F 65 -78.01 -8.03 -8.70
N GLY F 66 -79.04 -8.09 -9.54
CA GLY F 66 -78.92 -8.29 -10.97
C GLY F 66 -80.25 -8.38 -11.70
N SER F 67 -80.24 -7.87 -12.96
CA SER F 67 -81.38 -7.89 -13.86
C SER F 67 -81.04 -8.54 -15.19
N GLY F 68 -81.17 -9.87 -15.19
CA GLY F 68 -80.99 -10.73 -16.34
C GLY F 68 -79.60 -10.85 -16.91
N THR F 69 -78.97 -9.73 -17.26
CA THR F 69 -77.63 -9.77 -17.83
C THR F 69 -76.66 -8.76 -17.11
N GLU F 70 -77.21 -7.99 -16.17
CA GLU F 70 -76.50 -6.95 -15.45
C GLU F 70 -76.54 -7.29 -13.99
N TYR F 71 -75.36 -7.40 -13.35
CA TYR F 71 -75.27 -7.76 -11.94
C TYR F 71 -74.47 -6.74 -11.19
N THR F 72 -74.98 -6.36 -9.99
CA THR F 72 -74.31 -5.32 -9.22
C THR F 72 -73.97 -5.60 -7.78
N LEU F 73 -72.69 -5.40 -7.46
CA LEU F 73 -72.22 -5.46 -6.10
C LEU F 73 -72.17 -4.04 -5.61
N THR F 74 -72.81 -3.84 -4.48
CA THR F 74 -72.98 -2.56 -3.86
C THR F 74 -72.49 -2.55 -2.41
N ILE F 75 -71.18 -2.19 -2.20
CA ILE F 75 -70.66 -2.02 -0.85
C ILE F 75 -71.16 -0.62 -0.49
N SER F 76 -72.06 -0.56 0.49
CA SER F 76 -72.67 0.67 0.92
C SER F 76 -71.66 1.47 1.73
N GLY F 77 -71.84 1.61 3.05
CA GLY F 77 -70.93 2.37 3.89
C GLY F 77 -69.54 1.79 3.98
N VAL F 78 -68.70 2.00 2.93
CA VAL F 78 -67.35 1.43 2.87
C VAL F 78 -66.50 1.78 4.07
N GLN F 79 -65.71 0.77 4.54
CA GLN F 79 -64.78 0.85 5.66
C GLN F 79 -63.38 0.56 5.13
N ARG F 80 -62.34 0.94 5.91
CA ARG F 80 -60.91 0.82 5.52
C ARG F 80 -60.47 -0.55 4.95
N GLU F 81 -60.95 -1.65 5.63
CA GLU F 81 -60.74 -3.07 5.35
C GLU F 81 -61.11 -3.42 3.93
N ASP F 82 -62.33 -3.06 3.49
CA ASP F 82 -62.90 -3.35 2.17
C ASP F 82 -61.97 -3.10 0.97
N ALA F 83 -60.84 -2.42 1.24
CA ALA F 83 -59.79 -2.16 0.27
C ALA F 83 -59.28 -3.50 -0.18
N ALA F 84 -59.58 -3.85 -1.43
CA ALA F 84 -59.17 -5.13 -2.00
C ALA F 84 -59.61 -5.21 -3.44
N THR F 85 -59.23 -6.31 -4.15
CA THR F 85 -59.76 -6.51 -5.49
C THR F 85 -61.06 -7.37 -5.39
N TYR F 86 -62.01 -7.14 -6.32
CA TYR F 86 -63.30 -7.81 -6.31
C TYR F 86 -63.58 -8.47 -7.62
N TYR F 87 -64.09 -9.71 -7.53
CA TYR F 87 -64.44 -10.53 -8.70
C TYR F 87 -65.87 -11.08 -8.63
N CYS F 88 -66.47 -11.28 -9.80
CA CYS F 88 -67.78 -11.89 -9.89
C CYS F 88 -67.62 -13.19 -10.67
N LEU F 89 -68.41 -14.15 -10.29
CA LEU F 89 -68.33 -15.43 -10.93
C LEU F 89 -69.68 -15.79 -11.45
N GLY F 90 -69.72 -16.02 -12.75
CA GLY F 90 -70.97 -16.37 -13.44
C GLY F 90 -70.98 -17.70 -14.13
N GLY F 91 -72.12 -18.37 -14.04
CA GLY F 91 -72.40 -19.65 -14.68
C GLY F 91 -72.38 -20.88 -13.81
N TYR F 92 -72.37 -22.04 -14.45
CA TYR F 92 -72.31 -23.35 -13.79
C TYR F 92 -71.21 -24.14 -14.51
N PRO F 93 -70.44 -25.03 -13.81
CA PRO F 93 -69.34 -25.73 -14.50
C PRO F 93 -69.83 -26.62 -15.64
N ALA F 94 -71.04 -27.21 -15.44
CA ALA F 94 -71.72 -28.17 -16.34
C ALA F 94 -72.10 -27.62 -17.72
N ALA F 95 -71.29 -26.68 -18.23
CA ALA F 95 -71.43 -25.92 -19.49
C ALA F 95 -72.88 -25.23 -19.65
N SER F 96 -73.42 -24.97 -20.87
CA SER F 96 -72.89 -25.21 -22.23
C SER F 96 -71.77 -24.22 -22.53
N TYR F 97 -71.74 -23.18 -21.70
CA TYR F 97 -70.82 -22.07 -21.75
C TYR F 97 -69.87 -22.05 -20.49
N ARG F 98 -69.93 -23.11 -19.66
CA ARG F 98 -69.16 -23.31 -18.43
C ARG F 98 -69.43 -22.16 -17.42
N THR F 99 -68.45 -21.88 -16.56
CA THR F 99 -68.50 -20.83 -15.53
C THR F 99 -67.30 -19.91 -15.82
N ALA F 100 -67.50 -18.58 -15.70
CA ALA F 100 -66.43 -17.61 -15.96
C ALA F 100 -66.34 -16.52 -14.90
N PHE F 101 -65.13 -15.90 -14.81
CA PHE F 101 -64.76 -14.85 -13.86
C PHE F 101 -64.82 -13.45 -14.39
N GLY F 102 -65.19 -12.52 -13.49
CA GLY F 102 -65.30 -11.09 -13.73
C GLY F 102 -64.06 -10.41 -14.29
N GLY F 103 -62.90 -10.67 -13.71
CA GLY F 103 -61.65 -10.09 -14.21
C GLY F 103 -61.10 -8.93 -13.39
N GLY F 104 -61.74 -8.68 -12.25
CA GLY F 104 -61.26 -7.70 -11.28
C GLY F 104 -61.70 -6.26 -11.39
N THR F 105 -61.65 -5.62 -10.21
CA THR F 105 -61.97 -4.24 -9.90
C THR F 105 -61.31 -3.89 -8.53
N GLU F 106 -60.13 -3.23 -8.59
CA GLU F 106 -59.36 -2.83 -7.41
C GLU F 106 -60.01 -1.66 -6.67
N LEU F 107 -60.32 -1.82 -5.39
CA LEU F 107 -60.88 -0.72 -4.64
C LEU F 107 -59.84 0.00 -3.75
N GLU F 108 -59.61 1.32 -4.03
CA GLU F 108 -58.74 2.19 -3.25
C GLU F 108 -59.60 2.95 -2.25
N ILE F 109 -59.39 2.75 -0.94
CA ILE F 109 -60.10 3.53 0.07
C ILE F 109 -59.39 4.90 0.12
N ILE F 110 -60.18 6.00 0.29
CA ILE F 110 -59.67 7.37 0.33
C ILE F 110 -59.74 7.95 1.72
N ARG F 111 -58.56 8.35 2.21
CA ARG F 111 -58.34 8.94 3.52
C ARG F 111 -57.60 10.27 3.37
N THR F 112 -57.34 10.94 4.50
CA THR F 112 -56.63 12.20 4.57
C THR F 112 -55.20 12.06 4.03
N VAL F 113 -54.50 13.16 3.83
CA VAL F 113 -53.11 13.07 3.39
C VAL F 113 -52.21 12.60 4.55
N ALA F 114 -51.08 11.94 4.19
CA ALA F 114 -50.06 11.49 5.13
C ALA F 114 -48.67 11.60 4.50
N ALA F 115 -47.71 12.11 5.29
CA ALA F 115 -46.34 12.31 4.86
C ALA F 115 -45.45 11.06 4.99
N PRO F 116 -44.78 10.68 3.90
CA PRO F 116 -43.86 9.53 3.95
C PRO F 116 -42.61 9.77 4.81
N SER F 117 -42.42 8.94 5.87
CA SER F 117 -41.20 8.99 6.67
C SER F 117 -40.12 8.39 5.76
N VAL F 118 -39.16 9.20 5.31
CA VAL F 118 -38.13 8.72 4.38
C VAL F 118 -36.83 8.26 5.04
N PHE F 119 -36.41 7.02 4.70
CA PHE F 119 -35.22 6.34 5.20
C PHE F 119 -34.37 5.87 4.06
N ILE F 120 -33.06 5.93 4.27
CA ILE F 120 -32.07 5.56 3.27
C ILE F 120 -31.13 4.49 3.82
N PHE F 121 -30.75 3.53 2.94
CA PHE F 121 -29.92 2.39 3.27
C PHE F 121 -28.75 2.16 2.31
N PRO F 122 -27.53 2.14 2.88
CA PRO F 122 -26.31 1.97 2.07
C PRO F 122 -25.86 0.52 1.85
N PRO F 123 -25.16 0.21 0.71
CA PRO F 123 -24.72 -1.17 0.45
C PRO F 123 -23.74 -1.72 1.46
N SER F 124 -24.09 -2.89 2.03
CA SER F 124 -23.30 -3.62 3.02
C SER F 124 -22.00 -4.19 2.44
N ASP F 125 -21.04 -4.44 3.33
CA ASP F 125 -19.70 -4.97 3.11
C ASP F 125 -19.73 -6.28 2.31
N GLU F 126 -20.56 -7.24 2.78
CA GLU F 126 -20.76 -8.55 2.13
C GLU F 126 -21.30 -8.41 0.70
N GLN F 127 -22.18 -7.41 0.48
CA GLN F 127 -22.74 -7.14 -0.83
C GLN F 127 -21.70 -6.55 -1.76
N LEU F 128 -20.80 -5.71 -1.21
CA LEU F 128 -19.74 -5.08 -1.97
C LEU F 128 -18.74 -6.12 -2.38
N LYS F 129 -18.34 -6.95 -1.41
CA LYS F 129 -17.41 -8.05 -1.63
C LYS F 129 -18.15 -9.18 -2.33
N SER F 130 -18.51 -8.91 -3.61
CA SER F 130 -19.23 -9.76 -4.57
C SER F 130 -19.13 -9.14 -5.96
N GLY F 131 -19.34 -7.81 -6.05
CA GLY F 131 -19.27 -7.06 -7.29
C GLY F 131 -20.46 -6.19 -7.64
N THR F 132 -21.46 -6.08 -6.73
CA THR F 132 -22.67 -5.26 -6.96
C THR F 132 -23.08 -4.46 -5.74
N ALA F 133 -23.59 -3.23 -5.98
CA ALA F 133 -24.05 -2.30 -4.96
C ALA F 133 -25.51 -1.91 -5.18
N SER F 134 -26.34 -2.09 -4.14
CA SER F 134 -27.77 -1.80 -4.15
C SER F 134 -28.13 -0.81 -3.05
N VAL F 135 -28.58 0.39 -3.47
CA VAL F 135 -28.99 1.47 -2.57
C VAL F 135 -30.46 1.51 -2.39
N VAL F 136 -30.88 1.59 -1.14
CA VAL F 136 -32.29 1.56 -0.84
C VAL F 136 -32.90 2.78 -0.17
N CYS F 137 -34.01 3.25 -0.77
CA CYS F 137 -34.80 4.34 -0.26
C CYS F 137 -36.15 3.80 0.08
N LEU F 138 -36.55 4.03 1.31
CA LEU F 138 -37.80 3.58 1.88
C LEU F 138 -38.69 4.78 2.18
N LEU F 139 -40.02 4.63 1.96
CA LEU F 139 -41.03 5.67 2.20
C LEU F 139 -42.12 5.03 3.01
N ASN F 140 -41.94 4.97 4.32
CA ASN F 140 -42.93 4.32 5.18
C ASN F 140 -44.17 5.18 5.38
N ASN F 141 -45.34 4.52 5.49
CA ASN F 141 -46.69 5.03 5.77
C ASN F 141 -47.12 6.39 5.23
N PHE F 142 -47.70 6.40 4.02
CA PHE F 142 -48.11 7.61 3.36
C PHE F 142 -49.31 7.44 2.44
N TYR F 143 -50.17 8.48 2.39
CA TYR F 143 -51.34 8.54 1.51
C TYR F 143 -51.32 9.90 0.79
N PRO F 144 -51.55 9.99 -0.55
CA PRO F 144 -51.86 8.92 -1.52
C PRO F 144 -50.67 8.07 -1.93
N ARG F 145 -50.89 7.21 -2.94
CA ARG F 145 -49.93 6.28 -3.52
C ARG F 145 -48.99 6.99 -4.51
N GLU F 146 -49.39 8.19 -4.91
CA GLU F 146 -48.67 8.98 -5.89
C GLU F 146 -47.45 9.62 -5.26
N ALA F 147 -46.31 9.39 -5.90
CA ALA F 147 -45.01 9.93 -5.52
C ALA F 147 -43.97 9.60 -6.57
N LYS F 148 -42.85 10.33 -6.54
CA LYS F 148 -41.72 10.11 -7.43
C LYS F 148 -40.44 10.13 -6.61
N VAL F 149 -39.53 9.24 -6.97
CA VAL F 149 -38.24 9.10 -6.30
C VAL F 149 -37.13 9.32 -7.31
N GLN F 150 -36.24 10.30 -7.01
CA GLN F 150 -35.10 10.68 -7.83
C GLN F 150 -33.82 10.22 -7.16
N TRP F 151 -32.92 9.62 -7.96
CA TRP F 151 -31.65 9.13 -7.45
C TRP F 151 -30.52 10.04 -7.90
N LYS F 152 -29.89 10.74 -6.94
CA LYS F 152 -28.78 11.66 -7.19
C LYS F 152 -27.44 11.14 -6.67
N VAL F 153 -26.55 10.84 -7.61
CA VAL F 153 -25.19 10.33 -7.39
C VAL F 153 -24.28 11.56 -7.54
N ASP F 154 -23.89 12.16 -6.38
CA ASP F 154 -23.09 13.39 -6.31
C ASP F 154 -23.78 14.51 -7.13
N ASN F 155 -25.09 14.73 -6.84
CA ASN F 155 -25.99 15.69 -7.48
C ASN F 155 -26.25 15.50 -8.99
N ALA F 156 -25.92 14.30 -9.50
CA ALA F 156 -26.15 13.88 -10.88
C ALA F 156 -27.22 12.79 -10.86
N LEU F 157 -28.34 13.05 -11.56
CA LEU F 157 -29.52 12.17 -11.63
C LEU F 157 -29.31 10.81 -12.27
N GLN F 158 -30.01 9.79 -11.71
CA GLN F 158 -29.99 8.41 -12.18
C GLN F 158 -31.39 7.96 -12.57
N SER F 159 -31.48 7.06 -13.57
CA SER F 159 -32.75 6.57 -14.14
C SER F 159 -32.92 5.03 -14.33
N GLY F 160 -32.29 4.47 -15.38
CA GLY F 160 -32.39 3.05 -15.78
C GLY F 160 -31.97 2.05 -14.72
N ASN F 161 -30.98 2.43 -13.91
CA ASN F 161 -30.41 1.63 -12.83
C ASN F 161 -31.28 1.60 -11.54
N SER F 162 -32.50 2.16 -11.62
CA SER F 162 -33.46 2.19 -10.52
C SER F 162 -34.62 1.20 -10.75
N GLN F 163 -35.29 0.80 -9.64
CA GLN F 163 -36.46 -0.11 -9.63
C GLN F 163 -37.27 0.16 -8.35
N GLU F 164 -38.59 0.27 -8.50
CA GLU F 164 -39.48 0.55 -7.38
C GLU F 164 -40.44 -0.61 -7.05
N SER F 165 -40.93 -0.67 -5.80
CA SER F 165 -41.86 -1.68 -5.31
C SER F 165 -42.71 -1.06 -4.24
N VAL F 166 -44.01 -1.24 -4.33
CA VAL F 166 -44.95 -0.65 -3.39
C VAL F 166 -45.77 -1.74 -2.71
N THR F 167 -46.05 -1.56 -1.42
CA THR F 167 -46.92 -2.47 -0.68
C THR F 167 -48.36 -2.23 -1.09
N GLU F 168 -49.26 -3.02 -0.55
CA GLU F 168 -50.67 -2.79 -0.74
C GLU F 168 -51.15 -1.87 0.43
N GLN F 169 -52.37 -1.38 0.32
CA GLN F 169 -52.95 -0.48 1.25
C GLN F 169 -53.24 -1.10 2.59
N ASP F 170 -52.96 -0.36 3.67
CA ASP F 170 -53.25 -0.78 5.04
C ASP F 170 -54.74 -1.05 5.24
N SER F 171 -55.06 -2.05 5.98
CA SER F 171 -56.44 -2.46 6.27
C SER F 171 -57.02 -1.64 7.45
N LYS F 172 -56.19 -0.79 8.11
CA LYS F 172 -56.66 -0.01 9.27
C LYS F 172 -56.16 1.48 9.31
N ASP F 173 -55.16 1.82 8.47
CA ASP F 173 -54.59 3.15 8.39
C ASP F 173 -54.46 3.61 6.94
N SER F 174 -55.10 2.90 6.02
CA SER F 174 -55.11 3.03 4.55
C SER F 174 -53.90 3.62 3.85
N THR F 175 -52.73 3.49 4.49
CA THR F 175 -51.42 3.99 4.09
C THR F 175 -50.72 3.17 3.00
N TYR F 176 -49.52 3.51 2.64
CA TYR F 176 -48.73 2.78 1.66
C TYR F 176 -47.27 2.76 2.12
N SER F 177 -46.34 2.27 1.24
CA SER F 177 -44.90 2.19 1.47
C SER F 177 -44.20 1.84 0.20
N LEU F 178 -43.18 2.61 -0.19
CA LEU F 178 -42.43 2.31 -1.41
C LEU F 178 -40.97 1.86 -1.12
N SER F 179 -40.32 1.22 -2.09
CA SER F 179 -38.94 0.77 -2.00
C SER F 179 -38.25 1.01 -3.32
N SER F 180 -37.30 1.95 -3.33
CA SER F 180 -36.55 2.23 -4.54
C SER F 180 -35.17 1.59 -4.44
N THR F 181 -34.74 0.94 -5.51
CA THR F 181 -33.45 0.26 -5.50
C THR F 181 -32.58 0.69 -6.64
N LEU F 182 -31.50 1.38 -6.28
CA LEU F 182 -30.54 1.82 -7.26
C LEU F 182 -29.44 0.82 -7.27
N THR F 183 -29.24 0.22 -8.45
CA THR F 183 -28.27 -0.85 -8.59
C THR F 183 -27.25 -0.59 -9.68
N LEU F 184 -25.97 -0.64 -9.26
CA LEU F 184 -24.79 -0.53 -10.12
C LEU F 184 -23.62 -1.30 -9.49
N SER F 185 -22.60 -1.64 -10.32
CA SER F 185 -21.42 -2.39 -9.89
C SER F 185 -20.62 -1.68 -8.77
N LYS F 186 -19.75 -2.47 -8.09
CA LYS F 186 -18.84 -2.05 -7.01
C LYS F 186 -17.94 -0.92 -7.55
N ALA F 187 -17.57 -1.01 -8.84
CA ALA F 187 -16.75 -0.05 -9.60
C ALA F 187 -17.37 1.36 -9.57
N ASP F 188 -18.61 1.49 -10.07
CA ASP F 188 -19.35 2.75 -10.12
C ASP F 188 -19.70 3.26 -8.73
N TYR F 189 -19.70 2.37 -7.72
CA TYR F 189 -19.98 2.74 -6.35
C TYR F 189 -18.78 3.40 -5.70
N GLU F 190 -17.56 2.97 -6.06
CA GLU F 190 -16.32 3.56 -5.51
C GLU F 190 -16.11 4.98 -6.02
N LYS F 191 -16.47 5.22 -7.29
CA LYS F 191 -16.33 6.49 -8.00
C LYS F 191 -16.99 7.73 -7.38
N HIS F 192 -17.98 7.55 -6.48
CA HIS F 192 -18.71 8.68 -5.88
C HIS F 192 -18.90 8.53 -4.36
N LYS F 193 -18.85 9.64 -3.60
CA LYS F 193 -18.93 9.64 -2.13
C LYS F 193 -20.31 9.91 -1.52
N VAL F 194 -21.04 10.92 -2.05
CA VAL F 194 -22.35 11.30 -1.50
C VAL F 194 -23.56 10.93 -2.38
N TYR F 195 -24.33 9.92 -1.92
CA TYR F 195 -25.53 9.42 -2.58
C TYR F 195 -26.77 10.00 -1.95
N ALA F 196 -27.65 10.54 -2.80
CA ALA F 196 -28.89 11.17 -2.36
C ALA F 196 -30.14 10.61 -3.02
N CYS F 197 -31.22 10.63 -2.25
CA CYS F 197 -32.51 10.14 -2.67
C CYS F 197 -33.55 11.27 -2.49
N GLU F 198 -34.09 11.80 -3.62
CA GLU F 198 -35.09 12.89 -3.62
C GLU F 198 -36.51 12.35 -3.71
N VAL F 199 -37.35 12.82 -2.77
CA VAL F 199 -38.75 12.40 -2.57
C VAL F 199 -39.76 13.54 -2.82
N THR F 200 -40.73 13.32 -3.74
CA THR F 200 -41.78 14.27 -4.10
C THR F 200 -43.20 13.76 -3.79
N HIS F 201 -43.77 14.18 -2.65
CA HIS F 201 -45.11 13.76 -2.23
C HIS F 201 -46.04 14.95 -1.95
N GLN F 202 -47.34 14.74 -2.10
CA GLN F 202 -48.40 15.71 -1.86
C GLN F 202 -48.37 16.23 -0.42
N GLY F 203 -48.23 15.32 0.55
CA GLY F 203 -48.17 15.63 1.98
C GLY F 203 -46.87 16.26 2.44
N LEU F 204 -45.89 16.32 1.52
CA LEU F 204 -44.55 16.89 1.72
C LEU F 204 -44.48 18.34 1.28
N SER F 205 -44.20 19.22 2.27
CA SER F 205 -44.03 20.67 2.15
C SER F 205 -42.99 20.99 1.07
N SER F 206 -41.77 20.52 1.26
CA SER F 206 -40.71 20.71 0.29
C SER F 206 -40.12 19.33 -0.05
N PRO F 207 -39.75 19.08 -1.34
CA PRO F 207 -39.19 17.77 -1.73
C PRO F 207 -37.99 17.25 -0.90
N VAL F 208 -38.32 16.62 0.24
CA VAL F 208 -37.41 16.05 1.24
C VAL F 208 -36.42 15.06 0.63
N THR F 209 -35.14 15.33 0.89
CA THR F 209 -34.03 14.52 0.43
C THR F 209 -33.28 13.98 1.65
N LYS F 210 -33.12 12.65 1.67
CA LYS F 210 -32.38 11.92 2.68
C LYS F 210 -31.20 11.28 1.96
N SER F 211 -30.01 11.40 2.57
CA SER F 211 -28.76 10.94 1.97
C SER F 211 -27.72 10.46 2.97
N PHE F 212 -26.62 9.95 2.42
CA PHE F 212 -25.46 9.45 3.16
C PHE F 212 -24.18 9.76 2.38
N ASN F 213 -23.05 9.78 3.10
CA ASN F 213 -21.71 9.97 2.56
C ASN F 213 -20.96 8.64 2.73
N ARG F 214 -20.29 8.16 1.68
CA ARG F 214 -19.57 6.88 1.68
C ARG F 214 -18.51 6.75 2.77
N GLY F 215 -18.82 5.93 3.76
CA GLY F 215 -17.95 5.70 4.91
C GLY F 215 -18.26 6.59 6.09
N GLU F 216 -18.43 7.91 5.83
CA GLU F 216 -18.74 8.94 6.84
C GLU F 216 -20.07 8.57 7.54
N CYS F 217 -20.07 8.44 8.89
CA CYS F 217 -21.25 8.09 9.66
C CYS F 217 -21.59 9.08 10.79
N GLN G 1 4.27 -25.23 -41.31
CA GLN G 1 4.11 -26.40 -40.43
C GLN G 1 3.49 -26.05 -39.09
N GLU G 2 3.48 -24.74 -38.77
CA GLU G 2 2.94 -24.12 -37.56
C GLU G 2 1.43 -24.41 -37.42
N GLN G 3 0.88 -24.35 -36.19
CA GLN G 3 -0.52 -24.69 -35.97
C GLN G 3 -1.02 -24.16 -34.65
N LEU G 4 -2.35 -23.99 -34.53
CA LEU G 4 -3.03 -23.56 -33.29
C LEU G 4 -4.37 -24.22 -33.21
N VAL G 5 -4.71 -24.72 -32.02
CA VAL G 5 -5.98 -25.39 -31.76
C VAL G 5 -6.47 -24.95 -30.41
N GLU G 6 -7.71 -24.51 -30.34
CA GLU G 6 -8.26 -24.12 -29.07
C GLU G 6 -9.24 -25.14 -28.57
N SER G 7 -9.33 -25.25 -27.24
CA SER G 7 -10.23 -26.17 -26.55
C SER G 7 -10.73 -25.48 -25.28
N GLY G 8 -11.68 -26.11 -24.60
CA GLY G 8 -12.22 -25.57 -23.37
C GLY G 8 -13.54 -24.83 -23.50
N GLY G 9 -13.99 -24.58 -24.73
CA GLY G 9 -15.26 -23.92 -25.01
C GLY G 9 -16.40 -24.85 -24.65
N ARG G 10 -17.21 -24.48 -23.63
CA ARG G 10 -18.30 -25.28 -23.07
C ARG G 10 -19.37 -24.37 -22.43
N LEU G 11 -20.62 -24.88 -22.29
CA LEU G 11 -21.72 -24.19 -21.60
C LEU G 11 -21.39 -24.11 -20.10
N VAL G 12 -21.42 -22.89 -19.55
CA VAL G 12 -21.18 -22.65 -18.12
C VAL G 12 -22.23 -21.69 -17.57
N THR G 13 -22.48 -21.76 -16.25
CA THR G 13 -23.41 -20.85 -15.58
C THR G 13 -22.72 -19.48 -15.43
N PRO G 14 -23.45 -18.37 -15.16
CA PRO G 14 -22.76 -17.09 -14.99
C PRO G 14 -21.96 -17.04 -13.68
N GLY G 15 -20.83 -16.34 -13.71
CA GLY G 15 -19.92 -16.21 -12.59
C GLY G 15 -19.00 -17.41 -12.40
N THR G 16 -19.42 -18.58 -12.92
CA THR G 16 -18.68 -19.83 -12.85
C THR G 16 -17.55 -19.83 -13.88
N ALA G 17 -16.34 -19.54 -13.39
CA ALA G 17 -15.12 -19.41 -14.17
C ALA G 17 -14.74 -20.62 -15.02
N LEU G 18 -14.34 -20.31 -16.25
CA LEU G 18 -13.92 -21.26 -17.28
C LEU G 18 -12.48 -20.88 -17.66
N THR G 19 -11.73 -21.84 -18.23
CA THR G 19 -10.37 -21.63 -18.69
C THR G 19 -10.21 -22.22 -20.10
N LEU G 20 -9.83 -21.38 -21.06
CA LEU G 20 -9.61 -21.77 -22.45
C LEU G 20 -8.14 -22.07 -22.68
N THR G 21 -7.85 -22.94 -23.64
CA THR G 21 -6.48 -23.38 -23.93
C THR G 21 -6.17 -23.28 -25.41
N CYS G 22 -4.95 -22.86 -25.76
CA CYS G 22 -4.51 -22.79 -27.15
C CYS G 22 -3.24 -23.59 -27.33
N LYS G 23 -3.31 -24.66 -28.14
CA LYS G 23 -2.20 -25.57 -28.43
C LYS G 23 -1.27 -25.07 -29.55
N VAL G 24 -0.26 -24.30 -29.15
CA VAL G 24 0.75 -23.71 -30.02
C VAL G 24 1.74 -24.81 -30.44
N SER G 25 1.94 -24.99 -31.77
CA SER G 25 2.76 -26.11 -32.29
C SER G 25 3.32 -25.97 -33.71
N GLY G 26 4.65 -26.01 -33.82
CA GLY G 26 5.34 -25.95 -35.10
C GLY G 26 6.08 -24.66 -35.36
N PHE G 27 6.04 -23.75 -34.39
CA PHE G 27 6.67 -22.44 -34.45
C PHE G 27 8.17 -22.48 -34.18
N SER G 28 8.98 -22.34 -35.26
CA SER G 28 10.45 -22.30 -35.21
C SER G 28 10.93 -21.21 -34.23
N LEU G 29 10.24 -20.06 -34.27
CA LEU G 29 10.43 -18.88 -33.45
C LEU G 29 10.09 -19.16 -31.98
N SER G 30 11.01 -18.74 -31.12
CA SER G 30 11.01 -18.87 -29.66
C SER G 30 9.78 -18.21 -29.01
N GLY G 31 9.82 -16.88 -28.93
CA GLY G 31 8.78 -16.03 -28.37
C GLY G 31 8.16 -15.16 -29.46
N PHE G 32 6.86 -14.89 -29.30
CA PHE G 32 6.04 -14.08 -30.20
C PHE G 32 4.73 -13.65 -29.53
N TRP G 33 3.89 -12.96 -30.30
CA TRP G 33 2.61 -12.49 -29.81
C TRP G 33 1.50 -13.50 -30.02
N LEU G 34 0.79 -13.81 -28.94
CA LEU G 34 -0.36 -14.67 -29.07
C LEU G 34 -1.57 -13.98 -28.52
N ASN G 35 -2.52 -13.69 -29.42
CA ASN G 35 -3.73 -12.93 -29.12
C ASN G 35 -5.00 -13.76 -29.01
N TRP G 36 -5.93 -13.29 -28.16
CA TRP G 36 -7.25 -13.88 -28.00
C TRP G 36 -8.25 -12.93 -28.64
N VAL G 37 -9.05 -13.45 -29.59
CA VAL G 37 -10.08 -12.68 -30.30
C VAL G 37 -11.41 -13.40 -30.20
N ARG G 38 -12.44 -12.73 -29.66
CA ARG G 38 -13.75 -13.33 -29.60
C ARG G 38 -14.66 -12.79 -30.69
N GLN G 39 -15.77 -13.49 -30.93
CA GLN G 39 -16.76 -13.16 -31.96
C GLN G 39 -18.10 -13.78 -31.57
N ALA G 40 -18.97 -12.99 -30.94
CA ALA G 40 -20.30 -13.43 -30.50
C ALA G 40 -21.20 -13.88 -31.69
N PRO G 41 -22.38 -14.52 -31.43
CA PRO G 41 -23.24 -14.98 -32.55
C PRO G 41 -23.62 -13.89 -33.57
N GLY G 42 -23.11 -14.06 -34.79
CA GLY G 42 -23.35 -13.14 -35.91
C GLY G 42 -22.94 -11.70 -35.65
N LYS G 43 -21.77 -11.54 -34.99
CA LYS G 43 -21.20 -10.24 -34.63
C LYS G 43 -19.78 -10.13 -35.18
N GLY G 44 -19.17 -9.00 -34.88
CA GLY G 44 -17.82 -8.71 -35.31
C GLY G 44 -16.78 -9.29 -34.39
N LEU G 45 -15.53 -9.21 -34.84
CA LEU G 45 -14.34 -9.62 -34.14
C LEU G 45 -14.02 -8.53 -33.09
N GLU G 46 -13.63 -8.95 -31.89
CA GLU G 46 -13.25 -8.09 -30.79
C GLU G 46 -11.92 -8.66 -30.26
N TRP G 47 -10.84 -7.85 -30.21
CA TRP G 47 -9.57 -8.32 -29.65
C TRP G 47 -9.75 -8.29 -28.14
N VAL G 48 -9.42 -9.41 -27.46
CA VAL G 48 -9.55 -9.58 -26.01
C VAL G 48 -8.25 -9.19 -25.31
N GLY G 49 -7.15 -9.69 -25.85
CA GLY G 49 -5.83 -9.45 -25.31
C GLY G 49 -4.78 -10.22 -26.06
N ALA G 50 -3.54 -10.17 -25.55
CA ALA G 50 -2.38 -10.83 -26.12
C ALA G 50 -1.30 -11.04 -25.08
N ILE G 51 -0.31 -11.87 -25.44
CA ILE G 51 0.83 -12.15 -24.58
C ILE G 51 2.12 -12.34 -25.37
N TYR G 52 3.21 -11.74 -24.87
CA TYR G 52 4.46 -12.02 -25.53
C TYR G 52 4.97 -13.30 -24.88
N ARG G 53 5.16 -14.36 -25.70
CA ARG G 53 5.56 -15.70 -25.30
C ARG G 53 6.73 -15.86 -24.33
N GLY G 54 7.93 -15.47 -24.73
CA GLY G 54 9.12 -15.59 -23.88
C GLY G 54 9.05 -14.93 -22.50
N SER G 55 8.17 -13.94 -22.33
CA SER G 55 8.02 -13.19 -21.09
C SER G 55 6.74 -13.54 -20.35
N GLY G 56 6.29 -12.56 -19.58
CA GLY G 56 5.04 -12.55 -18.84
C GLY G 56 4.34 -11.24 -19.15
N SER G 57 4.45 -10.79 -20.42
CA SER G 57 3.86 -9.53 -20.88
C SER G 57 2.43 -9.68 -21.35
N GLU G 58 1.51 -9.46 -20.40
CA GLU G 58 0.07 -9.53 -20.57
C GLU G 58 -0.46 -8.17 -20.94
N TRP G 59 -1.26 -8.14 -22.02
CA TRP G 59 -1.89 -6.93 -22.54
C TRP G 59 -3.36 -7.23 -22.82
N TYR G 60 -4.25 -6.44 -22.22
CA TYR G 60 -5.70 -6.59 -22.33
C TYR G 60 -6.34 -5.35 -22.98
N ALA G 61 -7.65 -5.42 -23.22
CA ALA G 61 -8.39 -4.29 -23.78
C ALA G 61 -9.20 -3.63 -22.69
N SER G 62 -9.62 -2.38 -22.93
CA SER G 62 -10.42 -1.51 -22.05
C SER G 62 -11.49 -2.24 -21.24
N TRP G 63 -12.31 -3.07 -21.93
CA TRP G 63 -13.41 -3.85 -21.35
C TRP G 63 -12.94 -5.09 -20.55
N ALA G 64 -12.05 -5.90 -21.17
CA ALA G 64 -11.50 -7.16 -20.67
C ALA G 64 -10.70 -7.12 -19.37
N LYS G 65 -9.91 -6.05 -19.14
CA LYS G 65 -9.07 -5.91 -17.96
C LYS G 65 -9.82 -6.19 -16.67
N GLY G 66 -9.28 -7.17 -15.93
CA GLY G 66 -9.84 -7.63 -14.67
C GLY G 66 -10.44 -9.02 -14.79
N ARG G 67 -11.56 -9.11 -15.53
CA ARG G 67 -12.33 -10.34 -15.79
C ARG G 67 -11.65 -11.37 -16.70
N PHE G 68 -10.43 -11.06 -17.17
CA PHE G 68 -9.65 -11.92 -18.04
C PHE G 68 -8.21 -12.09 -17.57
N THR G 69 -7.66 -13.28 -17.83
CA THR G 69 -6.31 -13.66 -17.43
C THR G 69 -5.64 -14.56 -18.49
N ILE G 70 -4.64 -14.01 -19.19
CA ILE G 70 -3.86 -14.77 -20.18
C ILE G 70 -2.64 -15.35 -19.46
N SER G 71 -2.36 -16.64 -19.68
CA SER G 71 -1.25 -17.32 -19.02
C SER G 71 -0.44 -18.11 -20.03
N ASP G 72 0.82 -17.72 -20.21
CA ASP G 72 1.71 -18.42 -21.13
C ASP G 72 2.38 -19.59 -20.44
N THR G 73 2.61 -20.68 -21.19
CA THR G 73 3.26 -21.90 -20.67
C THR G 73 4.12 -22.56 -21.76
N SER G 74 4.85 -23.63 -21.36
CA SER G 74 5.69 -24.47 -22.21
C SER G 74 4.87 -24.88 -23.43
N THR G 75 3.76 -25.61 -23.17
CA THR G 75 2.72 -26.03 -24.11
C THR G 75 1.30 -26.15 -23.44
N THR G 76 0.41 -25.10 -23.55
CA THR G 76 0.61 -23.77 -24.14
C THR G 76 -0.33 -22.70 -23.58
N VAL G 77 -0.54 -21.59 -24.33
CA VAL G 77 -1.33 -20.40 -23.94
C VAL G 77 -2.78 -20.64 -23.55
N THR G 78 -3.17 -20.02 -22.44
CA THR G 78 -4.50 -20.13 -21.86
C THR G 78 -5.20 -18.78 -21.74
N LEU G 79 -6.53 -18.81 -21.50
CA LEU G 79 -7.37 -17.64 -21.27
C LEU G 79 -8.40 -17.97 -20.20
N LYS G 80 -8.31 -17.31 -19.05
CA LYS G 80 -9.23 -17.54 -17.95
C LYS G 80 -10.30 -16.47 -17.91
N LEU G 81 -11.55 -16.91 -17.82
CA LEU G 81 -12.71 -16.02 -17.76
C LEU G 81 -13.11 -16.01 -16.32
N THR G 82 -12.46 -15.14 -15.55
CA THR G 82 -12.60 -15.01 -14.11
C THR G 82 -14.06 -14.91 -13.64
N SER G 83 -14.82 -13.94 -14.14
CA SER G 83 -16.24 -13.83 -13.80
C SER G 83 -17.06 -13.68 -15.06
N PRO G 84 -17.46 -14.82 -15.69
CA PRO G 84 -18.26 -14.73 -16.91
C PRO G 84 -19.69 -14.28 -16.66
N THR G 85 -20.25 -13.59 -17.66
CA THR G 85 -21.63 -13.09 -17.72
C THR G 85 -22.15 -13.48 -19.09
N THR G 86 -23.47 -13.50 -19.26
CA THR G 86 -24.14 -13.86 -20.52
C THR G 86 -23.56 -13.18 -21.76
N GLU G 87 -23.10 -11.92 -21.61
CA GLU G 87 -22.49 -11.08 -22.66
C GLU G 87 -21.15 -11.66 -23.15
N ASP G 88 -20.65 -12.72 -22.48
CA ASP G 88 -19.38 -13.37 -22.83
C ASP G 88 -19.54 -14.54 -23.79
N THR G 89 -20.80 -14.93 -24.09
CA THR G 89 -21.11 -16.00 -25.03
C THR G 89 -20.55 -15.58 -26.39
N ALA G 90 -19.61 -16.38 -26.93
CA ALA G 90 -18.90 -16.07 -28.19
C ALA G 90 -17.97 -17.20 -28.56
N THR G 91 -17.38 -17.13 -29.76
CA THR G 91 -16.37 -18.10 -30.11
C THR G 91 -15.02 -17.42 -30.05
N TYR G 92 -14.18 -17.91 -29.15
CA TYR G 92 -12.85 -17.37 -28.88
C TYR G 92 -11.80 -18.03 -29.75
N PHE G 93 -10.84 -17.21 -30.20
CA PHE G 93 -9.80 -17.59 -31.12
C PHE G 93 -8.40 -17.27 -30.62
N CYS G 94 -7.44 -18.10 -30.97
CA CYS G 94 -6.10 -17.73 -30.65
C CYS G 94 -5.39 -17.52 -31.96
N ALA G 95 -4.63 -16.42 -32.03
CA ALA G 95 -3.94 -16.04 -33.24
C ALA G 95 -2.53 -15.54 -32.98
N ALA G 96 -1.60 -16.17 -33.70
CA ALA G 96 -0.19 -15.91 -33.59
C ALA G 96 0.29 -14.80 -34.54
N ASP G 97 1.35 -14.10 -34.13
CA ASP G 97 2.01 -13.03 -34.86
C ASP G 97 3.48 -13.42 -35.02
N THR G 98 3.77 -14.11 -36.12
CA THR G 98 5.08 -14.64 -36.46
C THR G 98 6.10 -13.59 -36.95
N THR G 99 5.74 -12.31 -36.89
CA THR G 99 6.55 -11.22 -37.41
C THR G 99 6.79 -10.11 -36.41
N ASP G 100 5.91 -9.99 -35.41
CA ASP G 100 5.91 -8.98 -34.36
C ASP G 100 5.62 -7.59 -34.92
N ASN G 101 4.75 -7.54 -35.94
CA ASN G 101 4.32 -6.31 -36.57
C ASN G 101 2.80 -6.09 -36.42
N GLY G 102 2.26 -6.58 -35.30
CA GLY G 102 0.86 -6.48 -34.89
C GLY G 102 -0.15 -7.11 -35.81
N TYR G 103 0.25 -8.22 -36.46
CA TYR G 103 -0.62 -8.93 -37.39
C TYR G 103 -0.64 -10.43 -37.30
N PHE G 104 -1.85 -10.97 -37.26
CA PHE G 104 -2.18 -12.38 -37.08
C PHE G 104 -2.07 -13.22 -38.34
N THR G 105 -0.87 -13.74 -38.57
CA THR G 105 -0.48 -14.59 -39.68
C THR G 105 -1.17 -15.96 -39.63
N ILE G 106 -1.20 -16.59 -38.43
CA ILE G 106 -1.78 -17.91 -38.18
C ILE G 106 -2.90 -17.83 -37.14
N TRP G 107 -4.05 -18.44 -37.48
CA TRP G 107 -5.25 -18.48 -36.66
C TRP G 107 -5.61 -19.90 -36.20
N GLY G 108 -6.35 -19.97 -35.11
CA GLY G 108 -6.90 -21.21 -34.58
C GLY G 108 -8.33 -21.35 -35.07
N PRO G 109 -8.93 -22.58 -35.14
CA PRO G 109 -10.31 -22.71 -35.64
C PRO G 109 -11.44 -22.13 -34.78
N GLY G 110 -11.16 -21.87 -33.52
CA GLY G 110 -12.15 -21.32 -32.59
C GLY G 110 -12.66 -22.34 -31.61
N THR G 111 -13.33 -21.86 -30.56
CA THR G 111 -13.98 -22.67 -29.52
C THR G 111 -15.10 -21.85 -28.92
N LEU G 112 -16.29 -22.43 -28.90
CA LEU G 112 -17.47 -21.74 -28.45
C LEU G 112 -17.80 -21.82 -26.96
N VAL G 113 -17.75 -20.65 -26.33
CA VAL G 113 -18.10 -20.50 -24.94
C VAL G 113 -19.58 -20.15 -24.89
N THR G 114 -20.32 -20.76 -23.97
CA THR G 114 -21.74 -20.46 -23.85
C THR G 114 -22.04 -20.11 -22.42
N VAL G 115 -22.45 -18.87 -22.15
CA VAL G 115 -22.75 -18.51 -20.77
C VAL G 115 -24.27 -18.43 -20.59
N SER G 116 -24.86 -19.42 -19.88
CA SER G 116 -26.31 -19.49 -19.61
C SER G 116 -26.68 -20.21 -18.33
N SER G 117 -27.79 -19.77 -17.70
CA SER G 117 -28.42 -20.35 -16.51
C SER G 117 -29.22 -21.62 -16.88
N ALA G 118 -29.38 -21.88 -18.19
CA ALA G 118 -30.04 -23.05 -18.76
C ALA G 118 -29.12 -24.27 -18.73
N SER G 119 -29.72 -25.46 -18.66
CA SER G 119 -29.02 -26.74 -18.65
C SER G 119 -29.03 -27.34 -20.06
N THR G 120 -28.03 -28.17 -20.39
CA THR G 120 -27.92 -28.80 -21.71
C THR G 120 -29.06 -29.78 -22.04
N LYS G 121 -29.57 -29.72 -23.28
CA LYS G 121 -30.66 -30.55 -23.83
C LYS G 121 -30.22 -31.10 -25.20
N GLY G 122 -30.46 -32.39 -25.43
CA GLY G 122 -30.13 -33.05 -26.68
C GLY G 122 -31.12 -32.73 -27.77
N PRO G 123 -30.77 -32.90 -29.07
CA PRO G 123 -31.73 -32.58 -30.13
C PRO G 123 -32.77 -33.65 -30.37
N SER G 124 -33.83 -33.28 -31.08
CA SER G 124 -34.92 -34.16 -31.47
C SER G 124 -34.87 -34.12 -32.99
N VAL G 125 -34.71 -35.27 -33.65
CA VAL G 125 -34.57 -35.28 -35.11
C VAL G 125 -35.77 -35.87 -35.87
N PHE G 126 -36.52 -34.99 -36.56
CA PHE G 126 -37.69 -35.32 -37.38
C PHE G 126 -37.33 -35.17 -38.86
N PRO G 127 -37.83 -36.05 -39.75
CA PRO G 127 -37.47 -35.90 -41.18
C PRO G 127 -38.32 -34.86 -41.89
N LEU G 128 -37.95 -34.51 -43.14
CA LEU G 128 -38.72 -33.57 -43.91
C LEU G 128 -39.22 -34.25 -45.17
N ALA G 129 -40.54 -34.54 -45.17
CA ALA G 129 -41.36 -35.27 -46.14
C ALA G 129 -41.37 -34.80 -47.62
N PRO G 130 -40.60 -35.53 -48.47
CA PRO G 130 -40.57 -35.19 -49.90
C PRO G 130 -41.79 -35.70 -50.69
N SER G 131 -41.64 -36.84 -51.41
CA SER G 131 -42.65 -37.53 -52.23
C SER G 131 -43.17 -36.76 -53.45
N ALA G 132 -44.48 -36.40 -53.47
CA ALA G 132 -45.16 -35.68 -54.56
C ALA G 132 -45.34 -34.19 -54.29
N LYS G 133 -45.22 -33.79 -53.01
CA LYS G 133 -45.36 -32.39 -52.56
C LYS G 133 -44.03 -31.61 -52.68
N SER G 134 -43.01 -32.24 -53.29
CA SER G 134 -41.67 -31.68 -53.52
C SER G 134 -41.09 -32.05 -54.94
N THR G 135 -41.96 -32.39 -55.94
CA THR G 135 -41.55 -32.78 -57.30
C THR G 135 -41.49 -31.65 -58.37
N SER G 136 -40.27 -31.38 -58.88
CA SER G 136 -39.98 -30.40 -59.94
C SER G 136 -39.76 -31.14 -61.29
N GLY G 137 -40.10 -32.43 -61.32
CA GLY G 137 -39.98 -33.29 -62.49
C GLY G 137 -38.66 -34.03 -62.54
N GLY G 138 -37.57 -33.29 -62.42
CA GLY G 138 -36.20 -33.80 -62.44
C GLY G 138 -35.37 -33.52 -61.20
N THR G 139 -35.95 -32.82 -60.18
CA THR G 139 -35.32 -32.48 -58.89
C THR G 139 -36.33 -32.47 -57.74
N ALA G 140 -35.89 -32.93 -56.55
CA ALA G 140 -36.70 -33.02 -55.34
C ALA G 140 -35.87 -32.77 -54.07
N ALA G 141 -36.45 -32.06 -53.09
CA ALA G 141 -35.77 -31.74 -51.84
C ALA G 141 -36.41 -32.39 -50.61
N LEU G 142 -35.55 -32.99 -49.78
CA LEU G 142 -35.83 -33.71 -48.52
C LEU G 142 -34.90 -33.17 -47.43
N GLY G 143 -35.39 -33.08 -46.21
CA GLY G 143 -34.57 -32.54 -45.14
C GLY G 143 -34.54 -33.30 -43.84
N CYS G 144 -34.04 -32.62 -42.80
CA CYS G 144 -33.86 -33.16 -41.47
C CYS G 144 -34.05 -32.08 -40.42
N LEU G 145 -35.24 -31.96 -39.83
CA LEU G 145 -35.43 -30.97 -38.77
C LEU G 145 -34.69 -31.46 -37.52
N VAL G 146 -33.96 -30.55 -36.85
CA VAL G 146 -33.16 -30.84 -35.64
C VAL G 146 -33.72 -29.95 -34.50
N LYS G 147 -35.04 -30.06 -34.27
CA LYS G 147 -35.74 -29.26 -33.27
C LYS G 147 -35.28 -29.50 -31.83
N ASP G 148 -35.46 -28.48 -30.97
CA ASP G 148 -35.21 -28.47 -29.53
C ASP G 148 -33.87 -29.05 -29.04
N TYR G 149 -32.82 -28.19 -28.93
CA TYR G 149 -31.50 -28.57 -28.42
C TYR G 149 -30.78 -27.41 -27.78
N PHE G 150 -29.72 -27.69 -27.00
CA PHE G 150 -28.91 -26.71 -26.28
C PHE G 150 -27.60 -27.33 -25.76
N PRO G 151 -26.46 -26.62 -25.82
CA PRO G 151 -26.21 -25.31 -26.43
C PRO G 151 -25.78 -25.49 -27.88
N GLU G 152 -25.14 -24.47 -28.47
CA GLU G 152 -24.62 -24.60 -29.83
C GLU G 152 -23.30 -25.40 -29.74
N PRO G 153 -22.85 -26.14 -30.78
CA PRO G 153 -23.38 -26.32 -32.14
C PRO G 153 -24.13 -27.66 -32.32
N VAL G 154 -24.25 -28.15 -33.60
CA VAL G 154 -24.86 -29.40 -34.09
C VAL G 154 -24.25 -29.57 -35.48
N THR G 155 -23.74 -30.75 -35.82
CA THR G 155 -23.10 -30.88 -37.12
C THR G 155 -23.67 -31.92 -38.07
N VAL G 156 -24.74 -31.54 -38.77
CA VAL G 156 -25.38 -32.42 -39.76
C VAL G 156 -24.50 -32.54 -41.02
N SER G 157 -24.47 -33.74 -41.60
CA SER G 157 -23.84 -34.11 -42.88
C SER G 157 -24.82 -35.08 -43.58
N TRP G 158 -24.61 -35.44 -44.86
CA TRP G 158 -25.54 -36.36 -45.54
C TRP G 158 -24.81 -37.57 -46.10
N ASN G 159 -25.38 -38.77 -45.79
CA ASN G 159 -24.87 -40.09 -46.17
C ASN G 159 -23.39 -40.25 -45.80
N SER G 160 -23.08 -39.89 -44.52
CA SER G 160 -21.75 -39.89 -43.90
C SER G 160 -20.74 -39.06 -44.72
N GLY G 161 -21.18 -37.84 -45.10
CA GLY G 161 -20.41 -36.89 -45.89
C GLY G 161 -20.14 -37.28 -47.34
N ALA G 162 -20.81 -38.35 -47.83
CA ALA G 162 -20.67 -38.81 -49.23
C ALA G 162 -21.55 -37.95 -50.13
N LEU G 163 -22.69 -37.46 -49.57
CA LEU G 163 -23.64 -36.57 -50.24
C LEU G 163 -23.30 -35.11 -49.91
N THR G 164 -22.70 -34.40 -50.89
CA THR G 164 -22.23 -33.01 -50.77
C THR G 164 -23.04 -32.00 -51.60
N SER G 165 -23.03 -32.17 -52.95
CA SER G 165 -23.69 -31.29 -53.90
C SER G 165 -25.15 -31.07 -53.55
N GLY G 166 -25.50 -29.81 -53.35
CA GLY G 166 -26.86 -29.41 -53.02
C GLY G 166 -27.25 -29.48 -51.55
N VAL G 167 -26.29 -29.78 -50.64
CA VAL G 167 -26.61 -29.82 -49.20
C VAL G 167 -26.58 -28.39 -48.65
N HIS G 168 -27.67 -27.98 -47.96
CA HIS G 168 -27.78 -26.65 -47.38
C HIS G 168 -28.10 -26.73 -45.88
N THR G 169 -27.06 -26.81 -45.03
CA THR G 169 -27.31 -26.85 -43.58
C THR G 169 -27.61 -25.42 -43.14
N PHE G 170 -28.79 -25.24 -42.56
CA PHE G 170 -29.27 -23.93 -42.15
C PHE G 170 -28.74 -23.45 -40.82
N PRO G 171 -28.56 -22.13 -40.67
CA PRO G 171 -28.17 -21.59 -39.36
C PRO G 171 -29.22 -21.88 -38.29
N ALA G 172 -28.75 -22.12 -37.07
CA ALA G 172 -29.58 -22.42 -35.91
C ALA G 172 -30.42 -21.20 -35.50
N VAL G 173 -31.57 -21.44 -34.85
CA VAL G 173 -32.44 -20.37 -34.41
C VAL G 173 -32.95 -20.62 -33.01
N LEU G 174 -32.66 -19.67 -32.11
CA LEU G 174 -33.12 -19.70 -30.73
C LEU G 174 -34.63 -19.46 -30.72
N GLN G 175 -35.35 -20.25 -29.92
CA GLN G 175 -36.81 -20.13 -29.81
C GLN G 175 -37.15 -19.37 -28.56
N SER G 176 -38.43 -18.95 -28.45
CA SER G 176 -38.93 -18.21 -27.29
C SER G 176 -38.86 -19.08 -26.03
N SER G 177 -38.77 -20.41 -26.23
CA SER G 177 -38.60 -21.43 -25.20
C SER G 177 -37.18 -21.37 -24.59
N GLY G 178 -36.20 -21.02 -25.42
CA GLY G 178 -34.80 -20.95 -25.04
C GLY G 178 -33.98 -21.93 -25.85
N LEU G 179 -34.64 -22.97 -26.39
CA LEU G 179 -33.97 -24.01 -27.15
C LEU G 179 -33.69 -23.62 -28.59
N TYR G 180 -32.55 -24.10 -29.10
CA TYR G 180 -32.12 -23.89 -30.48
C TYR G 180 -32.80 -24.92 -31.35
N SER G 181 -32.88 -24.64 -32.66
CA SER G 181 -33.44 -25.51 -33.68
C SER G 181 -32.90 -25.14 -35.05
N LEU G 182 -32.44 -26.14 -35.81
CA LEU G 182 -31.97 -25.94 -37.17
C LEU G 182 -32.56 -27.01 -38.08
N SER G 183 -32.26 -26.96 -39.37
CA SER G 183 -32.80 -27.91 -40.34
C SER G 183 -31.93 -27.97 -41.57
N SER G 184 -31.21 -29.06 -41.75
CA SER G 184 -30.39 -29.25 -42.92
C SER G 184 -31.24 -29.90 -43.99
N VAL G 185 -31.02 -29.55 -45.26
CA VAL G 185 -31.78 -30.04 -46.42
C VAL G 185 -30.84 -30.38 -47.58
N VAL G 186 -31.37 -31.06 -48.62
CA VAL G 186 -30.61 -31.42 -49.82
C VAL G 186 -31.52 -31.61 -51.05
N THR G 187 -31.02 -31.25 -52.25
CA THR G 187 -31.71 -31.42 -53.52
C THR G 187 -31.19 -32.68 -54.22
N VAL G 188 -32.13 -33.58 -54.61
CA VAL G 188 -31.88 -34.89 -55.21
C VAL G 188 -32.78 -35.07 -56.48
N PRO G 189 -32.28 -35.64 -57.61
CA PRO G 189 -33.18 -35.89 -58.77
C PRO G 189 -34.37 -36.76 -58.34
N SER G 190 -35.63 -36.29 -58.58
CA SER G 190 -36.89 -36.95 -58.21
C SER G 190 -36.96 -38.45 -58.57
N SER G 191 -36.16 -38.86 -59.56
CA SER G 191 -36.03 -40.22 -60.07
C SER G 191 -35.55 -41.24 -59.01
N SER G 192 -34.43 -40.95 -58.32
CA SER G 192 -33.83 -41.83 -57.32
C SER G 192 -34.38 -41.65 -55.88
N LEU G 193 -35.66 -41.28 -55.73
CA LEU G 193 -36.31 -41.08 -54.42
C LEU G 193 -36.52 -42.39 -53.60
N GLY G 194 -36.34 -43.53 -54.25
CA GLY G 194 -36.47 -44.84 -53.65
C GLY G 194 -35.23 -45.69 -53.83
N THR G 195 -34.58 -45.58 -55.01
CA THR G 195 -33.36 -46.30 -55.45
C THR G 195 -32.15 -46.08 -54.54
N GLN G 196 -32.00 -44.85 -54.01
CA GLN G 196 -30.93 -44.44 -53.10
C GLN G 196 -31.51 -43.97 -51.76
N THR G 197 -31.00 -44.50 -50.64
CA THR G 197 -31.45 -44.16 -49.29
C THR G 197 -30.74 -42.92 -48.76
N TYR G 198 -31.52 -42.00 -48.13
CA TYR G 198 -30.97 -40.74 -47.62
C TYR G 198 -31.01 -40.55 -46.12
N ILE G 199 -29.80 -40.50 -45.51
CA ILE G 199 -29.55 -40.36 -44.08
C ILE G 199 -28.79 -39.09 -43.71
N CYS G 200 -29.36 -38.33 -42.77
CA CYS G 200 -28.73 -37.13 -42.23
C CYS G 200 -27.94 -37.51 -40.98
N ASN G 201 -26.64 -37.26 -41.02
CA ASN G 201 -25.71 -37.62 -39.96
C ASN G 201 -25.50 -36.46 -38.97
N VAL G 202 -26.45 -36.33 -38.04
CA VAL G 202 -26.45 -35.32 -36.96
C VAL G 202 -25.41 -35.68 -35.88
N ASN G 203 -24.85 -34.64 -35.21
CA ASN G 203 -23.88 -34.78 -34.13
C ASN G 203 -23.92 -33.57 -33.17
N HIS G 204 -24.59 -33.73 -32.02
CA HIS G 204 -24.62 -32.71 -30.98
C HIS G 204 -23.60 -33.13 -29.90
N LYS G 205 -22.29 -32.81 -30.15
CA LYS G 205 -21.19 -33.11 -29.24
C LYS G 205 -21.43 -32.56 -27.81
N PRO G 206 -21.90 -31.29 -27.59
CA PRO G 206 -22.15 -30.83 -26.21
C PRO G 206 -23.28 -31.51 -25.42
N SER G 207 -23.73 -32.70 -25.86
CA SER G 207 -24.73 -33.55 -25.22
C SER G 207 -24.43 -35.05 -25.47
N ASN G 208 -23.31 -35.32 -26.21
CA ASN G 208 -22.77 -36.62 -26.60
C ASN G 208 -23.54 -37.30 -27.73
N THR G 209 -24.78 -36.83 -28.00
CA THR G 209 -25.72 -37.29 -29.03
C THR G 209 -25.06 -37.43 -30.41
N LYS G 210 -25.34 -38.54 -31.11
CA LYS G 210 -24.79 -38.81 -32.46
C LYS G 210 -25.85 -39.47 -33.35
N VAL G 211 -27.11 -38.93 -33.34
CA VAL G 211 -28.30 -39.36 -34.10
C VAL G 211 -28.05 -39.55 -35.59
N ASP G 212 -28.66 -40.59 -36.17
CA ASP G 212 -28.54 -40.86 -37.60
C ASP G 212 -29.92 -41.27 -38.12
N LYS G 213 -30.86 -40.29 -38.20
CA LYS G 213 -32.23 -40.46 -38.70
C LYS G 213 -32.26 -40.54 -40.23
N LYS G 214 -33.11 -41.43 -40.78
CA LYS G 214 -33.27 -41.61 -42.22
C LYS G 214 -34.57 -40.96 -42.69
N ALA G 215 -34.52 -40.22 -43.80
CA ALA G 215 -35.68 -39.56 -44.38
C ALA G 215 -36.08 -40.30 -45.66
N GLU G 216 -37.36 -40.77 -45.71
CA GLU G 216 -37.96 -41.51 -46.83
C GLU G 216 -39.34 -40.92 -47.23
N PRO G 217 -39.75 -41.03 -48.52
CA PRO G 217 -41.01 -40.40 -48.96
C PRO G 217 -42.35 -40.90 -48.38
N LYS G 218 -42.69 -40.37 -47.18
CA LYS G 218 -43.94 -40.59 -46.43
C LYS G 218 -44.32 -42.09 -46.28
N SER G 219 -45.62 -42.40 -46.35
CA SER G 219 -46.18 -43.74 -46.24
C SER G 219 -47.57 -43.80 -46.90
N CYS G 220 -48.57 -43.07 -46.32
CA CYS G 220 -49.98 -42.98 -46.73
C CYS G 220 -50.74 -44.31 -46.73
N ASP G 221 -51.47 -44.57 -45.74
N GLN H 1 16.98 39.92 -18.59
CA GLN H 1 16.58 40.19 -17.22
C GLN H 1 16.87 39.01 -16.28
N GLU H 2 17.02 37.81 -16.87
CA GLU H 2 17.31 36.52 -16.22
C GLU H 2 18.62 36.58 -15.46
N GLN H 3 18.82 35.72 -14.45
CA GLN H 3 20.03 35.76 -13.61
C GLN H 3 20.22 34.49 -12.82
N LEU H 4 21.44 34.21 -12.38
CA LEU H 4 21.78 33.07 -11.52
C LEU H 4 22.91 33.45 -10.61
N VAL H 5 22.79 33.08 -9.34
CA VAL H 5 23.79 33.34 -8.33
C VAL H 5 23.93 32.13 -7.46
N GLU H 6 25.14 31.68 -7.25
CA GLU H 6 25.33 30.54 -6.38
C GLU H 6 25.93 30.98 -5.08
N SER H 7 25.60 30.23 -4.01
CA SER H 7 26.11 30.45 -2.65
C SER H 7 26.34 29.10 -1.98
N GLY H 8 26.90 29.11 -0.79
CA GLY H 8 27.15 27.85 -0.07
C GLY H 8 28.55 27.26 -0.17
N GLY H 9 29.37 27.79 -1.08
CA GLY H 9 30.76 27.42 -1.26
C GLY H 9 31.56 27.88 -0.05
N ARG H 10 32.11 26.91 0.72
CA ARG H 10 32.85 27.14 1.96
C ARG H 10 33.83 25.98 2.20
N LEU H 11 34.90 26.23 3.03
CA LEU H 11 35.88 25.21 3.48
C LEU H 11 35.15 24.21 4.40
N VAL H 12 35.22 22.93 4.05
CA VAL H 12 34.63 21.86 4.86
C VAL H 12 35.64 20.73 5.03
N THR H 13 35.48 19.93 6.10
CA THR H 13 36.34 18.75 6.32
C THR H 13 35.87 17.65 5.37
N PRO H 14 36.67 16.58 5.12
CA PRO H 14 36.19 15.52 4.23
C PRO H 14 35.06 14.69 4.88
N GLY H 15 34.12 14.23 4.06
CA GLY H 15 32.97 13.44 4.50
C GLY H 15 31.84 14.27 5.06
N THR H 16 32.17 15.49 5.54
CA THR H 16 31.25 16.44 6.13
C THR H 16 30.46 17.14 5.02
N ALA H 17 29.24 16.65 4.80
CA ALA H 17 28.33 17.11 3.76
C ALA H 17 28.00 18.59 3.76
N LEU H 18 28.03 19.18 2.55
CA LEU H 18 27.76 20.57 2.25
C LEU H 18 26.59 20.59 1.27
N THR H 19 25.90 21.74 1.20
CA THR H 19 24.78 21.95 0.28
C THR H 19 24.90 23.30 -0.41
N LEU H 20 24.97 23.27 -1.76
CA LEU H 20 25.09 24.48 -2.60
C LEU H 20 23.74 24.93 -3.07
N THR H 21 23.60 26.24 -3.32
CA THR H 21 22.33 26.83 -3.72
C THR H 21 22.49 27.71 -4.95
N CYS H 22 21.50 27.68 -5.87
CA CYS H 22 21.51 28.51 -7.07
C CYS H 22 20.22 29.32 -7.12
N LYS H 23 20.35 30.65 -7.04
CA LYS H 23 19.24 31.59 -7.06
C LYS H 23 18.80 31.94 -8.49
N VAL H 24 17.86 31.15 -8.99
CA VAL H 24 17.25 31.30 -10.32
C VAL H 24 16.27 32.47 -10.30
N SER H 25 16.44 33.47 -11.21
CA SER H 25 15.66 34.70 -11.16
C SER H 25 15.52 35.52 -12.46
N GLY H 26 14.30 35.67 -12.94
CA GLY H 26 14.01 36.47 -14.12
C GLY H 26 13.63 35.67 -15.35
N PHE H 27 13.56 34.35 -15.20
CA PHE H 27 13.21 33.43 -16.27
C PHE H 27 11.70 33.37 -16.55
N SER H 28 11.27 34.00 -17.68
CA SER H 28 9.88 34.02 -18.16
C SER H 28 9.34 32.58 -18.29
N LEU H 29 10.22 31.69 -18.80
CA LEU H 29 10.01 30.27 -18.99
C LEU H 29 9.84 29.54 -17.65
N SER H 30 8.79 28.72 -17.61
CA SER H 30 8.32 27.87 -16.52
C SER H 30 9.41 26.89 -16.03
N GLY H 31 9.59 25.83 -16.81
CA GLY H 31 10.56 24.78 -16.56
C GLY H 31 11.61 24.77 -17.65
N PHE H 32 12.85 24.39 -17.25
CA PHE H 32 14.02 24.29 -18.12
C PHE H 32 15.13 23.47 -17.46
N TRP H 33 16.27 23.38 -18.15
CA TRP H 33 17.41 22.64 -17.68
C TRP H 33 18.34 23.47 -16.85
N LEU H 34 18.64 23.00 -15.64
CA LEU H 34 19.59 23.69 -14.81
C LEU H 34 20.68 22.72 -14.43
N ASN H 35 21.89 23.02 -14.93
CA ASN H 35 23.06 22.17 -14.78
C ASN H 35 24.07 22.67 -13.77
N TRP H 36 24.76 21.71 -13.10
CA TRP H 36 25.85 22.00 -12.18
C TRP H 36 27.13 21.61 -12.86
N VAL H 37 28.09 22.57 -12.96
CA VAL H 37 29.37 22.38 -13.60
C VAL H 37 30.47 22.80 -12.64
N ARG H 38 31.39 21.87 -12.32
CA ARG H 38 32.51 22.24 -11.47
C ARG H 38 33.77 22.47 -12.29
N GLN H 39 34.77 23.11 -11.67
CA GLN H 39 36.05 23.43 -12.28
C GLN H 39 37.10 23.61 -11.19
N ALA H 40 37.90 22.53 -10.94
CA ALA H 40 38.94 22.53 -9.92
C ALA H 40 40.02 23.61 -10.18
N PRO H 41 40.94 23.92 -9.20
CA PRO H 41 41.93 24.99 -9.43
C PRO H 41 42.77 24.84 -10.70
N GLY H 42 42.53 25.77 -11.64
CA GLY H 42 43.20 25.84 -12.95
C GLY H 42 43.09 24.58 -13.79
N LYS H 43 41.89 24.00 -13.81
CA LYS H 43 41.55 22.78 -14.54
C LYS H 43 40.35 23.03 -15.46
N GLY H 44 39.92 21.97 -16.12
CA GLY H 44 38.80 22.04 -17.04
C GLY H 44 37.46 21.97 -16.36
N LEU H 45 36.40 22.27 -17.16
CA LEU H 45 35.01 22.21 -16.76
C LEU H 45 34.62 20.74 -16.81
N GLU H 46 33.80 20.32 -15.84
CA GLU H 46 33.28 18.97 -15.70
C GLU H 46 31.80 19.15 -15.42
N TRP H 47 30.90 18.55 -16.24
CA TRP H 47 29.45 18.61 -15.97
C TRP H 47 29.19 17.63 -14.84
N VAL H 48 28.50 18.10 -13.80
CA VAL H 48 28.14 17.31 -12.60
C VAL H 48 26.78 16.62 -12.77
N GLY H 49 25.84 17.39 -13.24
CA GLY H 49 24.49 16.95 -13.45
C GLY H 49 23.61 18.10 -13.88
N ALA H 50 22.31 17.80 -13.94
CA ALA H 50 21.28 18.75 -14.34
C ALA H 50 19.92 18.31 -13.82
N ILE H 51 18.94 19.24 -13.91
CA ILE H 51 17.57 18.97 -13.51
C ILE H 51 16.58 19.68 -14.41
N TYR H 52 15.52 18.95 -14.79
CA TYR H 52 14.49 19.66 -15.51
C TYR H 52 13.58 20.27 -14.42
N ARG H 53 13.48 21.63 -14.42
CA ARG H 53 12.73 22.43 -13.46
C ARG H 53 11.30 22.00 -13.05
N GLY H 54 10.36 22.03 -13.99
CA GLY H 54 8.98 21.66 -13.72
C GLY H 54 8.73 20.25 -13.17
N SER H 55 9.70 19.33 -13.33
CA SER H 55 9.59 17.95 -12.87
C SER H 55 10.52 17.69 -11.70
N GLY H 56 10.90 16.43 -11.59
CA GLY H 56 11.85 15.91 -10.63
C GLY H 56 12.83 15.06 -11.39
N SER H 57 13.19 15.51 -12.62
CA SER H 57 14.10 14.80 -13.50
C SER H 57 15.56 15.14 -13.25
N GLU H 58 16.18 14.31 -12.38
CA GLU H 58 17.57 14.41 -11.97
C GLU H 58 18.41 13.55 -12.87
N TRP H 59 19.48 14.15 -13.41
CA TRP H 59 20.44 13.50 -14.29
C TRP H 59 21.83 13.83 -13.82
N TYR H 60 22.63 12.78 -13.55
CA TYR H 60 24.01 12.90 -13.05
C TYR H 60 25.02 12.30 -14.04
N ALA H 61 26.31 12.42 -13.74
CA ALA H 61 27.35 11.85 -14.58
C ALA H 61 27.90 10.60 -13.91
N SER H 62 28.58 9.75 -14.69
CA SER H 62 29.19 8.49 -14.30
C SER H 62 29.87 8.49 -12.93
N TRP H 63 30.70 9.53 -12.66
CA TRP H 63 31.44 9.72 -11.42
C TRP H 63 30.55 10.21 -10.25
N ALA H 64 29.77 11.27 -10.49
CA ALA H 64 28.88 11.96 -9.56
C ALA H 64 27.76 11.15 -8.92
N LYS H 65 27.13 10.23 -9.67
CA LYS H 65 26.01 9.42 -9.17
C LYS H 65 26.31 8.76 -7.81
N GLY H 66 25.44 9.06 -6.86
CA GLY H 66 25.54 8.59 -5.49
C GLY H 66 25.87 9.73 -4.57
N ARG H 67 27.11 10.22 -4.66
CA ARG H 67 27.70 11.30 -3.84
C ARG H 67 27.14 12.70 -4.10
N PHE H 68 26.20 12.81 -5.04
CA PHE H 68 25.56 14.07 -5.40
C PHE H 68 24.03 13.98 -5.45
N THR H 69 23.37 15.10 -5.10
CA THR H 69 21.92 15.22 -5.03
C THR H 69 21.45 16.62 -5.46
N ILE H 70 20.82 16.70 -6.64
CA ILE H 70 20.24 17.95 -7.14
C ILE H 70 18.78 18.01 -6.68
N SER H 71 18.35 19.17 -6.17
CA SER H 71 16.99 19.32 -5.67
C SER H 71 16.38 20.62 -6.18
N ASP H 72 15.32 20.50 -6.98
CA ASP H 72 14.64 21.67 -7.50
C ASP H 72 13.60 22.18 -6.52
N THR H 73 13.41 23.51 -6.49
CA THR H 73 12.43 24.16 -5.63
C THR H 73 11.85 25.43 -6.28
N SER H 74 10.87 26.05 -5.58
CA SER H 74 10.21 27.30 -5.94
C SER H 74 11.28 28.32 -6.27
N THR H 75 12.12 28.64 -5.25
CA THR H 75 13.32 29.49 -5.30
C THR H 75 14.40 29.04 -4.29
N THR H 76 15.45 28.26 -4.72
CA THR H 76 15.66 27.63 -6.03
C THR H 76 16.55 26.38 -5.98
N VAL H 77 17.15 25.99 -7.11
CA VAL H 77 18.00 24.80 -7.30
C VAL H 77 19.22 24.66 -6.39
N THR H 78 19.35 23.46 -5.84
CA THR H 78 20.40 23.11 -4.89
C THR H 78 21.26 21.96 -5.38
N LEU H 79 22.44 21.77 -4.75
CA LEU H 79 23.36 20.66 -5.00
C LEU H 79 23.97 20.19 -3.69
N LYS H 80 23.67 18.95 -3.30
CA LYS H 80 24.18 18.38 -2.06
C LYS H 80 25.35 17.46 -2.33
N LEU H 81 26.42 17.68 -1.58
CA LEU H 81 27.65 16.90 -1.70
C LEU H 81 27.62 15.94 -0.53
N THR H 82 26.93 14.83 -0.74
CA THR H 82 26.69 13.80 0.27
C THR H 82 27.97 13.36 1.04
N SER H 83 28.99 12.90 0.32
CA SER H 83 30.24 12.54 0.98
C SER H 83 31.42 13.19 0.24
N PRO H 84 31.76 14.45 0.61
CA PRO H 84 32.89 15.10 -0.07
C PRO H 84 34.25 14.52 0.32
N THR H 85 35.19 14.59 -0.63
CA THR H 85 36.60 14.17 -0.51
C THR H 85 37.42 15.32 -1.08
N THR H 86 38.71 15.38 -0.75
CA THR H 86 39.63 16.43 -1.23
C THR H 86 39.56 16.72 -2.73
N GLU H 87 39.31 15.65 -3.56
CA GLU H 87 39.15 15.69 -5.02
C GLU H 87 37.93 16.51 -5.44
N ASP H 88 37.09 16.95 -4.47
CA ASP H 88 35.89 17.74 -4.75
C ASP H 88 36.11 19.22 -4.68
N THR H 89 37.33 19.63 -4.25
CA THR H 89 37.69 21.04 -4.17
C THR H 89 37.59 21.61 -5.58
N ALA H 90 36.74 22.63 -5.80
CA ALA H 90 36.48 23.22 -7.12
C ALA H 90 35.53 24.37 -7.00
N THR H 91 35.33 25.10 -8.09
CA THR H 91 34.30 26.12 -8.08
C THR H 91 33.13 25.62 -8.90
N TYR H 92 31.97 25.48 -8.22
CA TYR H 92 30.75 24.96 -8.79
C TYR H 92 29.90 26.08 -9.36
N PHE H 93 29.27 25.78 -10.51
CA PHE H 93 28.50 26.72 -11.30
C PHE H 93 27.11 26.21 -11.60
N CYS H 94 26.18 27.14 -11.69
CA CYS H 94 24.89 26.72 -12.15
C CYS H 94 24.66 27.43 -13.47
N ALA H 95 24.18 26.66 -14.44
CA ALA H 95 23.94 27.16 -15.78
C ALA H 95 22.63 26.69 -16.39
N ALA H 96 21.87 27.67 -16.84
CA ALA H 96 20.55 27.49 -17.40
C ALA H 96 20.57 27.27 -18.91
N ASP H 97 19.57 26.53 -19.40
CA ASP H 97 19.34 26.19 -20.81
C ASP H 97 17.94 26.66 -21.17
N THR H 98 17.85 27.90 -21.63
CA THR H 98 16.61 28.60 -21.98
C THR H 98 15.96 28.13 -23.27
N THR H 99 16.52 27.08 -23.91
CA THR H 99 16.10 26.59 -25.22
C THR H 99 15.79 25.10 -25.27
N ASP H 100 16.37 24.35 -24.33
CA ASP H 100 16.24 22.90 -24.18
C ASP H 100 16.93 22.16 -25.32
N ASN H 101 18.03 22.72 -25.78
CA ASN H 101 18.83 22.14 -26.85
C ASN H 101 20.26 21.83 -26.38
N GLY H 102 20.38 21.49 -25.09
CA GLY H 102 21.62 21.10 -24.41
C GLY H 102 22.70 22.14 -24.36
N TYR H 103 22.31 23.43 -24.30
CA TYR H 103 23.26 24.51 -24.26
C TYR H 103 23.00 25.61 -23.28
N PHE H 104 24.05 25.92 -22.50
CA PHE H 104 24.07 26.87 -21.40
C PHE H 104 24.19 28.32 -21.81
N THR H 105 23.03 28.93 -22.07
CA THR H 105 22.83 30.32 -22.48
C THR H 105 23.24 31.31 -21.35
N ILE H 106 22.78 31.03 -20.09
CA ILE H 106 23.02 31.86 -18.90
C ILE H 106 23.78 31.06 -17.81
N TRP H 107 24.86 31.69 -17.30
CA TRP H 107 25.73 31.14 -16.27
C TRP H 107 25.66 31.93 -14.96
N GLY H 108 26.05 31.26 -13.89
CA GLY H 108 26.19 31.88 -12.59
C GLY H 108 27.66 32.23 -12.38
N PRO H 109 28.03 33.18 -11.47
CA PRO H 109 29.46 33.52 -11.29
C PRO H 109 30.36 32.46 -10.65
N GLY H 110 29.75 31.47 -9.99
CA GLY H 110 30.47 30.39 -9.33
C GLY H 110 30.51 30.56 -7.82
N THR H 111 30.96 29.50 -7.13
CA THR H 111 31.11 29.45 -5.67
C THR H 111 32.09 28.34 -5.37
N LEU H 112 33.09 28.70 -4.59
CA LEU H 112 34.19 27.84 -4.30
C LEU H 112 34.07 26.94 -3.10
N VAL H 113 34.06 25.65 -3.37
CA VAL H 113 34.04 24.62 -2.36
C VAL H 113 35.48 24.24 -2.04
N THR H 114 35.82 24.10 -0.77
CA THR H 114 37.17 23.74 -0.41
C THR H 114 37.12 22.55 0.52
N VAL H 115 37.62 21.41 0.09
CA VAL H 115 37.59 20.25 0.98
C VAL H 115 38.97 20.00 1.55
N SER H 116 39.16 20.30 2.85
CA SER H 116 40.44 20.13 3.53
C SER H 116 40.30 19.87 5.03
N SER H 117 41.24 19.07 5.56
CA SER H 117 41.39 18.74 6.98
C SER H 117 42.03 19.94 7.73
N ALA H 118 42.56 20.93 6.98
CA ALA H 118 43.15 22.17 7.48
C ALA H 118 42.09 23.15 7.98
N SER H 119 42.48 24.00 8.95
CA SER H 119 41.63 25.03 9.55
C SER H 119 41.87 26.38 8.88
N THR H 120 40.86 27.26 8.84
CA THR H 120 40.95 28.59 8.24
C THR H 120 41.94 29.52 8.98
N LYS H 121 42.77 30.26 8.21
CA LYS H 121 43.76 31.22 8.69
C LYS H 121 43.59 32.53 7.90
N GLY H 122 43.64 33.65 8.60
CA GLY H 122 43.52 34.97 8.00
C GLY H 122 44.83 35.41 7.38
N PRO H 123 44.80 36.39 6.45
CA PRO H 123 46.06 36.80 5.82
C PRO H 123 46.89 37.75 6.65
N SER H 124 48.15 37.89 6.26
CA SER H 124 49.11 38.78 6.89
C SER H 124 49.46 39.74 5.75
N VAL H 125 49.26 41.05 5.94
CA VAL H 125 49.53 42.01 4.85
C VAL H 125 50.74 42.94 5.04
N PHE H 126 51.81 42.68 4.26
CA PHE H 126 53.06 43.43 4.27
C PHE H 126 53.15 44.30 3.02
N PRO H 127 53.67 45.55 3.08
CA PRO H 127 53.74 46.35 1.84
C PRO H 127 54.97 46.00 1.00
N LEU H 128 55.02 46.53 -0.22
CA LEU H 128 56.16 46.30 -1.10
C LEU H 128 56.82 47.64 -1.43
N ALA H 129 58.00 47.83 -0.81
CA ALA H 129 58.88 49.01 -0.82
C ALA H 129 59.36 49.60 -2.15
N PRO H 130 58.73 50.72 -2.57
CA PRO H 130 59.15 51.39 -3.80
C PRO H 130 60.40 52.27 -3.65
N SER H 131 60.22 53.62 -3.54
CA SER H 131 61.23 54.68 -3.37
C SER H 131 62.19 54.88 -4.55
N ALA H 132 63.51 54.62 -4.33
CA ALA H 132 64.57 54.80 -5.33
C ALA H 132 65.01 53.48 -5.97
N LYS H 133 64.67 52.34 -5.34
CA LYS H 133 64.99 50.99 -5.84
C LYS H 133 63.93 50.46 -6.84
N SER H 134 62.98 51.34 -7.23
CA SER H 134 61.89 51.08 -8.17
C SER H 134 61.63 52.28 -9.17
N THR H 135 62.65 53.17 -9.39
CA THR H 135 62.53 54.35 -10.29
C THR H 135 62.98 54.18 -11.76
N SER H 136 62.00 54.30 -12.69
CA SER H 136 62.19 54.23 -14.15
C SER H 136 62.17 55.65 -14.76
N GLY H 137 62.22 56.67 -13.88
CA GLY H 137 62.21 58.08 -14.25
C GLY H 137 60.83 58.69 -14.28
N GLY H 138 59.92 58.01 -15.00
CA GLY H 138 58.53 58.41 -15.17
C GLY H 138 57.49 57.41 -14.70
N THR H 139 57.94 56.23 -14.19
CA THR H 139 57.09 55.14 -13.65
C THR H 139 57.76 54.41 -12.49
N ALA H 140 56.95 54.00 -11.50
CA ALA H 140 57.39 53.30 -10.30
C ALA H 140 56.33 52.31 -9.79
N ALA H 141 56.78 51.13 -9.34
CA ALA H 141 55.88 50.08 -8.86
C ALA H 141 56.03 49.76 -7.39
N LEU H 142 54.87 49.69 -6.70
CA LEU H 142 54.65 49.42 -5.27
C LEU H 142 53.58 48.31 -5.15
N GLY H 143 53.74 47.44 -4.16
CA GLY H 143 52.79 46.34 -3.99
C GLY H 143 52.24 46.09 -2.61
N CYS H 144 51.64 44.92 -2.44
CA CYS H 144 51.01 44.48 -1.21
C CYS H 144 51.13 42.99 -1.07
N LEU H 145 52.12 42.48 -0.33
CA LEU H 145 52.20 41.04 -0.15
C LEU H 145 51.06 40.61 0.82
N VAL H 146 50.37 39.50 0.51
CA VAL H 146 49.24 38.96 1.27
C VAL H 146 49.62 37.54 1.72
N LYS H 147 50.78 37.44 2.39
CA LYS H 147 51.33 36.17 2.85
C LYS H 147 50.46 35.43 3.87
N ASP H 148 50.61 34.09 3.90
CA ASP H 148 49.98 33.15 4.84
C ASP H 148 48.46 33.32 5.12
N TYR H 149 47.60 32.62 4.34
CA TYR H 149 46.15 32.63 4.49
C TYR H 149 45.53 31.34 4.00
N PHE H 150 44.27 31.09 4.37
CA PHE H 150 43.50 29.89 4.01
C PHE H 150 42.00 30.07 4.33
N PRO H 151 41.06 29.59 3.49
CA PRO H 151 41.24 28.98 2.16
C PRO H 151 41.19 30.07 1.08
N GLU H 152 40.92 29.68 -0.17
CA GLU H 152 40.78 30.66 -1.24
C GLU H 152 39.37 31.26 -1.12
N PRO H 153 39.08 32.51 -1.55
CA PRO H 153 39.91 33.51 -2.23
C PRO H 153 40.41 34.64 -1.31
N VAL H 154 40.78 35.82 -1.88
CA VAL H 154 41.25 37.08 -1.27
C VAL H 154 41.03 38.13 -2.34
N THR H 155 40.43 39.25 -2.04
CA THR H 155 40.18 40.19 -3.12
C THR H 155 40.78 41.57 -2.95
N VAL H 156 42.05 41.70 -3.31
CA VAL H 156 42.72 43.00 -3.28
C VAL H 156 42.20 43.90 -4.39
N SER H 157 42.10 45.20 -4.10
CA SER H 157 41.78 46.30 -5.02
C SER H 157 42.70 47.48 -4.60
N TRP H 158 42.76 48.58 -5.36
CA TRP H 158 43.63 49.70 -4.97
C TRP H 158 42.83 50.98 -4.88
N ASN H 159 43.03 51.71 -3.75
CA ASN H 159 42.36 52.97 -3.40
C ASN H 159 40.85 52.87 -3.54
N SER H 160 40.29 51.78 -2.94
CA SER H 160 38.86 51.39 -2.94
C SER H 160 38.32 51.29 -4.37
N GLY H 161 39.10 50.58 -5.22
CA GLY H 161 38.79 50.34 -6.63
C GLY H 161 38.84 51.56 -7.53
N ALA H 162 39.36 52.70 -7.02
CA ALA H 162 39.50 53.94 -7.79
C ALA H 162 40.76 53.86 -8.66
N LEU H 163 41.78 53.12 -8.18
CA LEU H 163 43.05 52.86 -8.86
C LEU H 163 42.95 51.53 -9.64
N THR H 164 42.78 51.61 -10.97
CA THR H 164 42.62 50.47 -11.87
C THR H 164 43.80 50.24 -12.83
N SER H 165 44.09 51.23 -13.70
CA SER H 165 45.17 51.18 -14.70
C SER H 165 46.50 50.77 -14.07
N GLY H 166 47.04 49.67 -14.56
CA GLY H 166 48.31 49.15 -14.11
C GLY H 166 48.29 48.26 -12.91
N VAL H 167 47.09 47.92 -12.39
CA VAL H 167 47.00 47.02 -11.22
C VAL H 167 47.10 45.58 -11.71
N HIS H 168 47.99 44.81 -11.08
CA HIS H 168 48.19 43.40 -11.45
C HIS H 168 48.06 42.50 -10.22
N THR H 169 46.82 42.03 -9.91
CA THR H 169 46.64 41.14 -8.76
C THR H 169 47.07 39.76 -9.20
N PHE H 170 48.06 39.22 -8.53
CA PHE H 170 48.63 37.94 -8.88
C PHE H 170 47.87 36.76 -8.42
N PRO H 171 47.90 35.66 -9.17
CA PRO H 171 47.29 34.42 -8.70
C PRO H 171 47.94 33.91 -7.41
N ALA H 172 47.11 33.31 -6.54
CA ALA H 172 47.53 32.77 -5.26
C ALA H 172 48.41 31.55 -5.46
N VAL H 173 49.29 31.29 -4.48
CA VAL H 173 50.19 30.15 -4.52
C VAL H 173 50.26 29.43 -3.20
N LEU H 174 49.92 28.15 -3.24
CA LEU H 174 49.98 27.25 -2.09
C LEU H 174 51.45 27.03 -1.73
N GLN H 175 51.76 27.09 -0.44
CA GLN H 175 53.13 26.90 0.04
C GLN H 175 53.28 25.51 0.59
N SER H 176 54.54 25.12 0.85
CA SER H 176 54.91 23.83 1.41
C SER H 176 54.29 23.65 2.81
N SER H 177 53.98 24.79 3.45
CA SER H 177 53.32 24.91 4.76
C SER H 177 51.84 24.48 4.68
N GLY H 178 51.21 24.78 3.55
CA GLY H 178 49.80 24.52 3.31
C GLY H 178 49.06 25.82 3.07
N LEU H 179 49.64 26.93 3.54
CA LEU H 179 49.01 28.24 3.40
C LEU H 179 49.20 28.88 2.04
N TYR H 180 48.18 29.61 1.60
CA TYR H 180 48.18 30.35 0.34
C TYR H 180 48.87 31.69 0.58
N SER H 181 49.35 32.31 -0.51
CA SER H 181 50.00 33.62 -0.53
C SER H 181 49.93 34.21 -1.91
N LEU H 182 49.51 35.49 -1.98
CA LEU H 182 49.45 36.24 -3.22
C LEU H 182 50.05 37.61 -3.01
N SER H 183 50.12 38.43 -4.05
CA SER H 183 50.72 39.75 -3.97
C SER H 183 50.21 40.61 -5.11
N SER H 184 49.39 41.58 -4.80
CA SER H 184 48.90 42.50 -5.81
C SER H 184 49.86 43.66 -5.89
N VAL H 185 50.08 44.22 -7.09
CA VAL H 185 51.01 45.31 -7.36
C VAL H 185 50.39 46.32 -8.28
N VAL H 186 51.04 47.50 -8.44
CA VAL H 186 50.57 48.56 -9.33
C VAL H 186 51.72 49.49 -9.81
N THR H 187 51.63 49.99 -11.06
CA THR H 187 52.60 50.92 -11.63
C THR H 187 52.01 52.33 -11.54
N VAL H 188 52.79 53.26 -10.96
CA VAL H 188 52.43 54.65 -10.70
C VAL H 188 53.56 55.61 -11.20
N PRO H 189 53.25 56.78 -11.83
CA PRO H 189 54.34 57.72 -12.20
C PRO H 189 55.17 58.10 -10.98
N SER H 190 56.51 57.90 -11.04
CA SER H 190 57.48 58.17 -9.95
C SER H 190 57.33 59.54 -9.28
N SER H 191 56.74 60.49 -10.02
CA SER H 191 56.45 61.86 -9.59
C SER H 191 55.55 61.95 -8.35
N SER H 192 54.38 61.29 -8.40
CA SER H 192 53.38 61.33 -7.33
C SER H 192 53.57 60.28 -6.24
N LEU H 193 54.82 59.88 -5.94
CA LEU H 193 55.14 58.89 -4.88
C LEU H 193 54.87 59.37 -3.43
N GLY H 194 54.64 60.67 -3.27
CA GLY H 194 54.34 61.30 -1.99
C GLY H 194 53.03 62.06 -2.01
N THR H 195 52.76 62.74 -3.15
CA THR H 195 51.57 63.57 -3.43
C THR H 195 50.23 62.83 -3.29
N GLN H 196 50.20 61.55 -3.72
CA GLN H 196 49.04 60.66 -3.68
C GLN H 196 49.33 59.43 -2.81
N THR H 197 48.43 59.13 -1.85
CA THR H 197 48.57 57.99 -0.95
C THR H 197 48.01 56.72 -1.56
N TYR H 198 48.75 55.61 -1.40
CA TYR H 198 48.36 54.32 -1.99
C TYR H 198 48.04 53.20 -1.01
N ILE H 199 46.75 52.81 -1.02
CA ILE H 199 46.16 51.78 -0.15
C ILE H 199 45.63 50.58 -0.92
N CYS H 200 46.06 49.39 -0.50
CA CYS H 200 45.59 48.15 -1.06
C CYS H 200 44.42 47.64 -0.18
N ASN H 201 43.25 47.50 -0.80
CA ASN H 201 42.02 47.11 -0.14
C ASN H 201 41.82 45.59 -0.19
N VAL H 202 42.51 44.88 0.72
CA VAL H 202 42.42 43.41 0.87
C VAL H 202 41.07 43.02 1.51
N ASN H 203 40.57 41.80 1.17
CA ASN H 203 39.31 41.25 1.67
C ASN H 203 39.34 39.72 1.63
N HIS H 204 39.64 39.08 2.75
CA HIS H 204 39.58 37.62 2.89
C HIS H 204 38.23 37.30 3.59
N LYS H 205 37.12 37.25 2.78
CA LYS H 205 35.78 36.94 3.25
C LYS H 205 35.73 35.60 4.02
N PRO H 206 36.36 34.48 3.58
CA PRO H 206 36.31 33.22 4.38
C PRO H 206 37.03 33.20 5.74
N SER H 207 37.35 34.40 6.27
CA SER H 207 37.95 34.62 7.59
C SER H 207 37.42 35.96 8.22
N ASN H 208 36.49 36.63 7.50
CA ASN H 208 35.84 37.89 7.83
C ASN H 208 36.73 39.11 7.69
N THR H 209 38.08 38.90 7.62
CA THR H 209 39.17 39.88 7.46
C THR H 209 38.86 40.88 6.35
N LYS H 210 39.08 42.18 6.62
CA LYS H 210 38.87 43.26 5.64
C LYS H 210 39.99 44.32 5.78
N VAL H 211 41.28 43.85 5.87
CA VAL H 211 42.53 44.64 5.98
C VAL H 211 42.64 45.76 4.94
N ASP H 212 43.16 46.90 5.35
CA ASP H 212 43.38 48.03 4.47
C ASP H 212 44.73 48.65 4.81
N LYS H 213 45.83 47.92 4.47
CA LYS H 213 47.23 48.35 4.69
C LYS H 213 47.65 49.40 3.65
N LYS H 214 48.43 50.42 4.09
CA LYS H 214 48.93 51.47 3.20
C LYS H 214 50.41 51.25 2.91
N ALA H 215 50.81 51.40 1.63
CA ALA H 215 52.20 51.25 1.21
C ALA H 215 52.77 52.63 0.87
N GLU H 216 53.88 53.00 1.56
CA GLU H 216 54.60 54.27 1.41
C GLU H 216 56.12 54.06 1.23
N PRO H 217 56.82 54.97 0.49
CA PRO H 217 58.25 54.76 0.20
C PRO H 217 59.26 54.76 1.36
N LYS H 218 59.40 53.59 2.02
CA LYS H 218 60.35 53.30 3.10
C LYS H 218 60.41 54.37 4.22
N SER H 219 61.65 54.72 4.70
CA SER H 219 61.90 55.70 5.76
C SER H 219 63.23 56.44 5.54
N CYS H 220 64.37 55.70 5.56
CA CYS H 220 65.76 56.19 5.40
C CYS H 220 66.23 57.19 6.47
N ASP H 221 66.91 56.74 7.42
N GLU I 1 -8.58 1.64 -26.06
CA GLU I 1 -9.02 2.99 -26.38
C GLU I 1 -8.82 3.43 -27.84
N LEU I 2 -8.02 2.66 -28.62
CA LEU I 2 -7.83 2.89 -30.05
C LEU I 2 -9.12 2.40 -30.68
N VAL I 3 -9.55 3.06 -31.74
CA VAL I 3 -10.78 2.70 -32.42
C VAL I 3 -10.60 2.61 -33.92
N MET I 4 -11.26 1.64 -34.53
CA MET I 4 -11.25 1.51 -35.97
C MET I 4 -12.63 1.75 -36.49
N THR I 5 -12.72 2.64 -37.47
CA THR I 5 -13.98 3.04 -38.08
C THR I 5 -14.07 2.52 -39.50
N GLN I 6 -14.69 1.34 -39.58
CA GLN I 6 -14.91 0.61 -40.81
C GLN I 6 -16.17 1.06 -41.50
N THR I 7 -16.02 1.45 -42.76
CA THR I 7 -17.11 1.91 -43.63
C THR I 7 -16.93 1.32 -45.02
N PRO I 8 -18.01 0.79 -45.62
CA PRO I 8 -19.40 0.73 -45.10
C PRO I 8 -19.72 -0.46 -44.19
N SER I 9 -20.99 -0.59 -43.72
CA SER I 9 -21.44 -1.73 -42.91
C SER I 9 -21.61 -2.95 -43.83
N SER I 10 -22.22 -2.72 -45.02
CA SER I 10 -22.48 -3.69 -46.08
C SER I 10 -22.16 -3.06 -47.44
N VAL I 11 -21.94 -3.89 -48.46
CA VAL I 11 -21.63 -3.47 -49.83
C VAL I 11 -21.99 -4.55 -50.84
N SER I 12 -22.68 -4.14 -51.91
CA SER I 12 -23.12 -5.01 -52.99
C SER I 12 -22.36 -4.62 -54.26
N GLU I 13 -21.96 -5.60 -55.07
CA GLU I 13 -21.20 -5.32 -56.28
C GLU I 13 -21.19 -6.50 -57.27
N PRO I 14 -21.35 -6.26 -58.58
CA PRO I 14 -21.27 -7.37 -59.54
C PRO I 14 -19.87 -7.91 -59.69
N VAL I 15 -19.75 -9.09 -60.34
CA VAL I 15 -18.46 -9.71 -60.69
C VAL I 15 -17.80 -8.79 -61.70
N GLY I 16 -16.51 -8.52 -61.50
CA GLY I 16 -15.70 -7.60 -62.28
C GLY I 16 -15.56 -6.29 -61.53
N GLY I 17 -16.69 -5.88 -60.92
CA GLY I 17 -16.83 -4.67 -60.12
C GLY I 17 -15.77 -4.51 -59.06
N THR I 18 -15.44 -3.26 -58.67
CA THR I 18 -14.39 -3.07 -57.68
C THR I 18 -14.90 -2.54 -56.32
N VAL I 19 -14.37 -3.10 -55.22
CA VAL I 19 -14.82 -2.72 -53.88
C VAL I 19 -13.78 -1.95 -53.08
N THR I 20 -14.25 -1.02 -52.24
CA THR I 20 -13.42 -0.15 -51.44
C THR I 20 -13.92 -0.08 -50.00
N ILE I 21 -13.14 -0.69 -49.10
CA ILE I 21 -13.47 -0.64 -47.69
C ILE I 21 -12.51 0.31 -47.01
N LYS I 22 -13.07 1.20 -46.18
CA LYS I 22 -12.34 2.23 -45.48
C LYS I 22 -12.30 2.03 -43.96
N CYS I 23 -11.11 2.23 -43.39
CA CYS I 23 -10.88 2.21 -41.95
C CYS I 23 -10.33 3.54 -41.46
N GLN I 24 -11.01 4.09 -40.45
CA GLN I 24 -10.68 5.37 -39.83
C GLN I 24 -10.13 5.18 -38.41
N ALA I 25 -8.78 5.26 -38.32
CA ALA I 25 -7.99 5.15 -37.11
C ALA I 25 -8.27 6.31 -36.09
N SER I 26 -8.40 5.97 -34.80
CA SER I 26 -8.65 6.96 -33.72
C SER I 26 -7.30 7.58 -33.20
N GLN I 27 -6.15 6.98 -33.59
CA GLN I 27 -4.81 7.41 -33.17
C GLN I 27 -3.76 7.15 -34.26
N SER I 28 -2.46 7.32 -33.91
CA SER I 28 -1.28 7.16 -34.77
C SER I 28 -1.31 6.03 -35.81
N ILE I 29 -0.98 4.74 -35.43
CA ILE I 29 -0.93 3.55 -36.29
C ILE I 29 -0.03 3.79 -37.53
N SER I 30 1.19 3.31 -37.50
CA SER I 30 2.08 3.55 -38.65
C SER I 30 1.64 2.57 -39.76
N SER I 31 2.39 1.47 -39.92
CA SER I 31 2.03 0.39 -40.80
C SER I 31 1.33 -0.62 -39.88
N TRP I 32 0.92 -0.15 -38.66
CA TRP I 32 0.23 -0.90 -37.59
C TRP I 32 -1.17 -1.36 -38.03
N LEU I 33 -1.32 -1.79 -39.30
CA LEU I 33 -2.61 -2.19 -39.85
C LEU I 33 -2.57 -3.41 -40.77
N SER I 34 -3.59 -4.28 -40.62
CA SER I 34 -3.79 -5.49 -41.42
C SER I 34 -5.26 -5.76 -41.80
N TRP I 35 -5.46 -6.34 -43.01
CA TRP I 35 -6.77 -6.65 -43.58
C TRP I 35 -7.04 -8.15 -43.67
N TYR I 36 -8.27 -8.55 -43.22
CA TYR I 36 -8.78 -9.93 -43.17
C TYR I 36 -10.15 -10.16 -43.79
N GLN I 37 -10.26 -11.28 -44.53
CA GLN I 37 -11.49 -11.81 -45.13
C GLN I 37 -11.93 -12.96 -44.23
N GLN I 38 -13.20 -12.96 -43.85
CA GLN I 38 -13.73 -14.03 -43.01
C GLN I 38 -15.03 -14.61 -43.54
N LYS I 39 -14.94 -15.81 -44.14
CA LYS I 39 -16.11 -16.54 -44.64
C LYS I 39 -16.89 -17.12 -43.42
N PRO I 40 -18.23 -17.32 -43.48
CA PRO I 40 -18.96 -17.77 -42.27
C PRO I 40 -18.50 -19.14 -41.74
N GLY I 41 -18.45 -19.26 -40.41
CA GLY I 41 -18.01 -20.44 -39.67
C GLY I 41 -16.64 -20.89 -40.16
N GLN I 42 -15.67 -19.97 -40.03
CA GLN I 42 -14.31 -20.12 -40.51
C GLN I 42 -13.40 -19.06 -39.84
N PRO I 43 -12.11 -19.38 -39.56
CA PRO I 43 -11.24 -18.36 -38.96
C PRO I 43 -10.78 -17.36 -40.04
N PRO I 44 -10.66 -16.06 -39.69
CA PRO I 44 -10.23 -15.07 -40.68
C PRO I 44 -8.96 -15.43 -41.45
N LYS I 45 -8.81 -14.89 -42.66
CA LYS I 45 -7.62 -15.10 -43.47
C LYS I 45 -6.95 -13.74 -43.67
N LEU I 46 -5.61 -13.64 -43.43
CA LEU I 46 -4.88 -12.39 -43.65
C LEU I 46 -4.69 -12.19 -45.16
N LEU I 47 -5.03 -10.98 -45.63
CA LEU I 47 -4.90 -10.61 -47.02
C LEU I 47 -3.74 -9.60 -47.16
N ILE I 48 -3.86 -8.48 -46.44
CA ILE I 48 -2.91 -7.37 -46.42
C ILE I 48 -2.42 -7.17 -45.00
N TYR I 49 -1.09 -7.06 -44.85
CA TYR I 49 -0.39 -6.79 -43.58
C TYR I 49 0.40 -5.53 -43.79
N ASP I 50 0.87 -4.91 -42.68
CA ASP I 50 1.67 -3.68 -42.69
C ASP I 50 1.14 -2.67 -43.72
N ALA I 51 -0.20 -2.47 -43.69
CA ALA I 51 -1.06 -1.61 -44.50
C ALA I 51 -1.15 -1.76 -46.02
N SER I 52 -0.09 -2.24 -46.70
CA SER I 52 -0.08 -2.26 -48.16
C SER I 52 0.48 -3.47 -48.91
N ASN I 53 0.92 -4.53 -48.21
CA ASN I 53 1.53 -5.70 -48.84
C ASN I 53 0.70 -6.95 -48.69
N LEU I 54 0.54 -7.73 -49.78
CA LEU I 54 -0.27 -8.95 -49.71
C LEU I 54 0.45 -10.19 -49.22
N ALA I 55 -0.27 -10.96 -48.36
CA ALA I 55 0.20 -12.22 -47.80
C ALA I 55 0.42 -13.17 -48.97
N SER I 56 1.18 -14.25 -48.76
CA SER I 56 1.36 -15.19 -49.84
C SER I 56 0.07 -15.97 -50.10
N GLY I 57 -0.14 -16.31 -51.37
CA GLY I 57 -1.33 -17.03 -51.81
C GLY I 57 -2.46 -16.11 -52.20
N VAL I 58 -2.60 -14.98 -51.46
CA VAL I 58 -3.63 -13.96 -51.68
C VAL I 58 -3.48 -13.42 -53.10
N PRO I 59 -4.60 -13.37 -53.89
CA PRO I 59 -4.48 -12.88 -55.27
C PRO I 59 -4.36 -11.36 -55.38
N SER I 60 -3.66 -10.94 -56.44
CA SER I 60 -3.32 -9.58 -56.87
C SER I 60 -4.47 -8.57 -56.76
N ARG I 61 -5.72 -9.02 -57.03
CA ARG I 61 -6.92 -8.18 -56.95
C ARG I 61 -7.13 -7.54 -55.56
N PHE I 62 -6.39 -7.98 -54.55
CA PHE I 62 -6.46 -7.43 -53.20
C PHE I 62 -5.38 -6.36 -53.05
N MET I 63 -5.82 -5.14 -52.68
CA MET I 63 -4.93 -3.99 -52.57
C MET I 63 -5.16 -3.23 -51.30
N GLY I 64 -4.06 -2.93 -50.63
CA GLY I 64 -4.07 -2.18 -49.40
C GLY I 64 -3.34 -0.87 -49.53
N SER I 65 -3.79 0.10 -48.74
CA SER I 65 -3.21 1.41 -48.69
C SER I 65 -3.73 2.15 -47.47
N GLY I 66 -3.16 3.33 -47.27
CA GLY I 66 -3.52 4.22 -46.18
C GLY I 66 -2.71 5.48 -46.13
N SER I 67 -3.38 6.59 -45.71
CA SER I 67 -2.79 7.91 -45.55
C SER I 67 -3.00 8.45 -44.14
N GLY I 68 -2.07 8.04 -43.26
CA GLY I 68 -1.98 8.45 -41.87
C GLY I 68 -3.08 8.00 -40.93
N THR I 69 -4.34 8.28 -41.27
CA THR I 69 -5.47 7.93 -40.42
C THR I 69 -6.60 7.23 -41.22
N GLU I 70 -6.43 7.16 -42.56
CA GLU I 70 -7.40 6.57 -43.47
C GLU I 70 -6.74 5.42 -44.17
N TYR I 71 -7.34 4.24 -44.07
CA TYR I 71 -6.81 3.02 -44.68
C TYR I 71 -7.82 2.39 -45.60
N THR I 72 -7.38 1.95 -46.79
CA THR I 72 -8.30 1.39 -47.77
C THR I 72 -7.95 0.02 -48.36
N LEU I 73 -8.91 -0.90 -48.23
CA LEU I 73 -8.85 -2.18 -48.88
C LEU I 73 -9.65 -2.06 -50.17
N THR I 74 -8.97 -2.44 -51.24
CA THR I 74 -9.48 -2.33 -52.58
C THR I 74 -9.44 -3.67 -53.31
N ILE I 75 -10.55 -4.44 -53.24
CA ILE I 75 -10.67 -5.66 -54.05
C ILE I 75 -11.05 -5.15 -55.42
N SER I 76 -10.14 -5.34 -56.39
CA SER I 76 -10.31 -4.87 -57.73
C SER I 76 -11.32 -5.77 -58.45
N GLY I 77 -10.91 -6.58 -59.43
CA GLY I 77 -11.83 -7.43 -60.17
C GLY I 77 -12.49 -8.51 -59.32
N VAL I 78 -13.53 -8.15 -58.54
CA VAL I 78 -14.20 -9.08 -57.66
C VAL I 78 -14.72 -10.34 -58.37
N GLN I 79 -14.57 -11.49 -57.68
CA GLN I 79 -15.01 -12.81 -58.11
C GLN I 79 -16.03 -13.33 -57.10
N ARG I 80 -16.85 -14.35 -57.48
CA ARG I 80 -17.95 -14.88 -56.67
C ARG I 80 -17.60 -15.24 -55.21
N GLU I 81 -16.40 -15.88 -55.04
CA GLU I 81 -15.79 -16.31 -53.78
C GLU I 81 -15.65 -15.21 -52.76
N ASP I 82 -15.08 -14.06 -53.17
CA ASP I 82 -14.80 -12.88 -52.34
C ASP I 82 -15.96 -12.43 -51.44
N ALA I 83 -17.16 -13.01 -51.68
CA ALA I 83 -18.36 -12.79 -50.88
C ALA I 83 -18.03 -13.28 -49.48
N ALA I 84 -17.90 -12.33 -48.53
CA ALA I 84 -17.54 -12.60 -47.14
C ALA I 84 -17.54 -11.32 -46.36
N THR I 85 -17.32 -11.40 -45.04
CA THR I 85 -17.17 -10.19 -44.25
C THR I 85 -15.68 -9.84 -44.14
N TYR I 86 -15.37 -8.54 -44.06
CA TYR I 86 -14.00 -8.05 -44.06
C TYR I 86 -13.74 -7.17 -42.87
N TYR I 87 -12.58 -7.39 -42.24
CA TYR I 87 -12.17 -6.63 -41.06
C TYR I 87 -10.76 -6.07 -41.21
N CYS I 88 -10.51 -4.96 -40.52
CA CYS I 88 -9.20 -4.35 -40.49
C CYS I 88 -8.75 -4.37 -39.06
N LEU I 89 -7.47 -4.56 -38.88
CA LEU I 89 -6.92 -4.59 -37.55
C LEU I 89 -5.85 -3.55 -37.43
N GLY I 90 -6.07 -2.64 -36.48
CA GLY I 90 -5.16 -1.54 -36.22
C GLY I 90 -4.53 -1.51 -34.86
N GLY I 91 -3.24 -1.17 -34.83
CA GLY I 91 -2.44 -1.03 -33.63
C GLY I 91 -1.47 -2.15 -33.32
N TYR I 92 -0.93 -2.09 -32.10
CA TYR I 92 0.03 -3.07 -31.55
C TYR I 92 -0.50 -3.47 -30.19
N PRO I 93 -0.33 -4.75 -29.78
CA PRO I 93 -0.86 -5.16 -28.46
C PRO I 93 -0.29 -4.38 -27.29
N ALA I 94 1.02 -4.03 -27.38
CA ALA I 94 1.81 -3.32 -26.37
C ALA I 94 1.38 -1.86 -26.10
N ALA I 95 0.05 -1.65 -26.12
CA ALA I 95 -0.66 -0.39 -25.91
C ALA I 95 -0.08 0.82 -26.72
N SER I 96 -0.20 2.12 -26.33
CA SER I 96 -0.84 2.71 -25.14
C SER I 96 -2.35 2.63 -25.29
N TYR I 97 -2.76 2.43 -26.53
CA TYR I 97 -4.14 2.31 -26.99
C TYR I 97 -4.48 0.85 -27.45
N ARG I 98 -3.54 -0.10 -27.25
CA ARG I 98 -3.62 -1.51 -27.62
C ARG I 98 -3.85 -1.68 -29.14
N THR I 99 -4.50 -2.78 -29.54
CA THR I 99 -4.83 -3.11 -30.93
C THR I 99 -6.35 -3.26 -31.01
N ALA I 100 -6.98 -2.73 -32.07
CA ALA I 100 -8.43 -2.80 -32.23
C ALA I 100 -8.87 -3.24 -33.64
N PHE I 101 -10.11 -3.79 -33.72
CA PHE I 101 -10.75 -4.31 -34.92
C PHE I 101 -11.71 -3.35 -35.57
N GLY I 102 -11.79 -3.48 -36.90
CA GLY I 102 -12.64 -2.68 -37.77
C GLY I 102 -14.13 -2.72 -37.46
N GLY I 103 -14.67 -3.91 -37.25
CA GLY I 103 -16.08 -4.05 -36.93
C GLY I 103 -16.95 -4.55 -38.07
N GLY I 104 -16.31 -4.95 -39.16
CA GLY I 104 -16.97 -5.56 -40.30
C GLY I 104 -17.54 -4.69 -41.40
N THR I 105 -17.63 -5.33 -42.55
CA THR I 105 -18.16 -4.87 -43.83
C THR I 105 -18.49 -6.12 -44.69
N GLU I 106 -19.78 -6.51 -44.70
CA GLU I 106 -20.28 -7.67 -45.45
C GLU I 106 -20.30 -7.40 -46.95
N LEU I 107 -19.63 -8.24 -47.74
CA LEU I 107 -19.66 -8.05 -49.19
C LEU I 107 -20.62 -9.01 -49.89
N GLU I 108 -21.64 -8.42 -50.55
CA GLU I 108 -22.63 -9.12 -51.34
C GLU I 108 -22.19 -9.07 -52.80
N ILE I 109 -21.91 -10.24 -53.41
CA ILE I 109 -21.61 -10.27 -54.84
C ILE I 109 -22.98 -10.17 -55.56
N ILE I 110 -23.02 -9.44 -56.70
CA ILE I 110 -24.24 -9.23 -57.48
C ILE I 110 -24.23 -10.02 -58.79
N ARG I 111 -25.27 -10.86 -58.94
CA ARG I 111 -25.53 -11.73 -60.08
C ARG I 111 -26.95 -11.48 -60.63
N THR I 112 -27.31 -12.20 -61.70
CA THR I 112 -28.62 -12.16 -62.36
C THR I 112 -29.71 -12.54 -61.35
N VAL I 113 -30.98 -12.31 -61.69
CA VAL I 113 -32.07 -12.72 -60.80
C VAL I 113 -32.23 -14.27 -60.90
N ALA I 114 -32.74 -14.89 -59.82
CA ALA I 114 -33.01 -16.33 -59.74
C ALA I 114 -34.27 -16.57 -58.90
N ALA I 115 -35.12 -17.47 -59.40
CA ALA I 115 -36.38 -17.82 -58.75
C ALA I 115 -36.21 -18.92 -57.69
N PRO I 116 -36.74 -18.66 -56.46
CA PRO I 116 -36.66 -19.68 -55.39
C PRO I 116 -37.54 -20.90 -55.64
N SER I 117 -36.91 -22.09 -55.73
CA SER I 117 -37.66 -23.33 -55.89
C SER I 117 -38.30 -23.56 -54.50
N VAL I 118 -39.63 -23.44 -54.39
CA VAL I 118 -40.30 -23.55 -53.09
C VAL I 118 -40.80 -24.96 -52.77
N PHE I 119 -40.42 -25.44 -51.59
CA PHE I 119 -40.76 -26.75 -51.04
C PHE I 119 -41.38 -26.58 -49.67
N ILE I 120 -42.34 -27.45 -49.40
CA ILE I 120 -43.08 -27.44 -48.14
C ILE I 120 -42.98 -28.80 -47.45
N PHE I 121 -42.88 -28.77 -46.11
CA PHE I 121 -42.73 -29.93 -45.26
C PHE I 121 -43.69 -30.01 -44.08
N PRO I 122 -44.46 -31.14 -44.02
CA PRO I 122 -45.46 -31.32 -42.94
C PRO I 122 -44.94 -32.00 -41.66
N PRO I 123 -45.55 -31.72 -40.47
CA PRO I 123 -45.07 -32.35 -39.22
C PRO I 123 -45.21 -33.87 -39.19
N SER I 124 -44.09 -34.55 -38.88
CA SER I 124 -44.00 -36.00 -38.78
C SER I 124 -44.77 -36.59 -37.59
N ASP I 125 -45.11 -37.87 -37.71
CA ASP I 125 -45.86 -38.69 -36.76
C ASP I 125 -45.25 -38.65 -35.35
N GLU I 126 -43.92 -38.89 -35.26
CA GLU I 126 -43.14 -38.86 -34.03
C GLU I 126 -43.17 -37.49 -33.36
N GLN I 127 -43.17 -36.42 -34.18
CA GLN I 127 -43.23 -35.04 -33.69
C GLN I 127 -44.61 -34.72 -33.15
N LEU I 128 -45.65 -35.28 -33.79
CA LEU I 128 -47.04 -35.09 -33.36
C LEU I 128 -47.24 -35.80 -32.05
N LYS I 129 -46.81 -37.07 -31.98
CA LYS I 129 -46.90 -37.90 -30.79
C LYS I 129 -45.81 -37.44 -29.79
N SER I 130 -46.03 -36.21 -29.28
CA SER I 130 -45.20 -35.47 -28.32
C SER I 130 -46.01 -34.27 -27.78
N GLY I 131 -46.67 -33.54 -28.70
CA GLY I 131 -47.50 -32.39 -28.35
C GLY I 131 -47.22 -31.10 -29.11
N THR I 132 -46.31 -31.14 -30.11
CA THR I 132 -45.95 -29.96 -30.93
C THR I 132 -45.83 -30.26 -32.41
N ALA I 133 -46.26 -29.30 -33.24
CA ALA I 133 -46.22 -29.38 -34.70
C ALA I 133 -45.41 -28.21 -35.31
N SER I 134 -44.43 -28.55 -36.14
CA SER I 134 -43.54 -27.60 -36.83
C SER I 134 -43.61 -27.76 -38.34
N VAL I 135 -44.12 -26.72 -39.02
CA VAL I 135 -44.25 -26.70 -40.48
C VAL I 135 -43.14 -25.96 -41.12
N VAL I 136 -42.56 -26.58 -42.15
CA VAL I 136 -41.41 -26.01 -42.82
C VAL I 136 -41.57 -25.64 -44.29
N CYS I 137 -41.19 -24.40 -44.61
CA CYS I 137 -41.16 -23.85 -45.94
C CYS I 137 -39.71 -23.56 -46.30
N LEU I 138 -39.26 -24.15 -47.40
CA LEU I 138 -37.91 -24.04 -47.92
C LEU I 138 -37.93 -23.24 -49.23
N LEU I 139 -36.90 -22.41 -49.46
CA LEU I 139 -36.75 -21.60 -50.67
C LEU I 139 -35.34 -21.82 -51.17
N ASN I 140 -35.13 -22.89 -51.92
CA ASN I 140 -33.80 -23.22 -52.43
C ASN I 140 -33.37 -22.30 -53.59
N ASN I 141 -32.05 -22.00 -53.64
CA ASN I 141 -31.29 -21.23 -54.64
C ASN I 141 -31.96 -20.07 -55.34
N PHE I 142 -31.78 -18.88 -54.77
CA PHE I 142 -32.39 -17.67 -55.31
C PHE I 142 -31.60 -16.41 -55.04
N TYR I 143 -31.62 -15.48 -56.00
CA TYR I 143 -31.00 -14.17 -55.90
C TYR I 143 -32.02 -13.11 -56.33
N PRO I 144 -32.19 -11.97 -55.61
CA PRO I 144 -31.52 -11.52 -54.39
C PRO I 144 -31.98 -12.22 -53.12
N ARG I 145 -31.51 -11.71 -51.97
CA ARG I 145 -31.78 -12.19 -50.63
C ARG I 145 -33.14 -11.72 -50.11
N GLU I 146 -33.70 -10.72 -50.77
CA GLU I 146 -34.96 -10.11 -50.38
C GLU I 146 -36.11 -11.00 -50.75
N ALA I 147 -36.96 -11.30 -49.75
CA ALA I 147 -38.17 -12.13 -49.85
C ALA I 147 -38.97 -12.10 -48.55
N LYS I 148 -40.27 -12.42 -48.65
CA LYS I 148 -41.18 -12.51 -47.52
C LYS I 148 -42.00 -13.78 -47.64
N VAL I 149 -42.24 -14.41 -46.49
CA VAL I 149 -42.96 -15.67 -46.38
C VAL I 149 -44.19 -15.48 -45.47
N GLN I 150 -45.37 -15.80 -46.01
CA GLN I 150 -46.66 -15.71 -45.33
C GLN I 150 -47.17 -17.10 -45.00
N TRP I 151 -47.65 -17.29 -43.76
CA TRP I 151 -48.19 -18.57 -43.33
C TRP I 151 -49.71 -18.52 -43.25
N LYS I 152 -50.38 -19.26 -44.14
CA LYS I 152 -51.83 -19.33 -44.22
C LYS I 152 -52.39 -20.69 -43.79
N VAL I 153 -53.09 -20.66 -42.64
CA VAL I 153 -53.74 -21.80 -42.00
C VAL I 153 -55.22 -21.71 -42.42
N ASP I 154 -55.60 -22.50 -43.45
CA ASP I 154 -56.94 -22.52 -44.07
C ASP I 154 -57.30 -21.07 -44.52
N ASN I 155 -56.37 -20.45 -45.29
CA ASN I 155 -56.44 -19.08 -45.82
C ASN I 155 -56.53 -17.94 -44.79
N ALA I 156 -56.16 -18.25 -43.53
CA ALA I 156 -56.07 -17.31 -42.41
C ALA I 156 -54.60 -17.16 -42.03
N LEU I 157 -54.09 -15.93 -42.11
CA LEU I 157 -52.69 -15.57 -41.86
C LEU I 157 -52.16 -15.81 -40.46
N GLN I 158 -50.88 -16.22 -40.38
CA GLN I 158 -50.15 -16.47 -39.14
C GLN I 158 -48.92 -15.57 -39.06
N SER I 159 -48.54 -15.17 -37.81
CA SER I 159 -47.45 -14.24 -37.54
C SER I 159 -46.41 -14.63 -36.46
N GLY I 160 -46.77 -14.48 -35.17
CA GLY I 160 -45.90 -14.73 -34.01
C GLY I 160 -45.32 -16.12 -33.90
N ASN I 161 -46.09 -17.11 -34.35
CA ASN I 161 -45.75 -18.53 -34.34
C ASN I 161 -44.79 -18.95 -35.47
N SER I 162 -44.24 -17.97 -36.22
CA SER I 162 -43.30 -18.18 -37.32
C SER I 162 -41.88 -17.72 -36.93
N GLN I 163 -40.85 -18.29 -37.61
CA GLN I 163 -39.42 -17.97 -37.46
C GLN I 163 -38.66 -18.33 -38.73
N GLU I 164 -37.78 -17.42 -39.19
CA GLU I 164 -37.02 -17.61 -40.42
C GLU I 164 -35.51 -17.71 -40.21
N SER I 165 -34.81 -18.37 -41.14
CA SER I 165 -33.34 -18.54 -41.16
C SER I 165 -32.85 -18.60 -42.59
N VAL I 166 -31.84 -17.78 -42.90
CA VAL I 166 -31.27 -17.73 -44.25
C VAL I 166 -29.81 -18.18 -44.25
N THR I 167 -29.41 -18.93 -45.31
CA THR I 167 -28.02 -19.35 -45.44
C THR I 167 -27.18 -18.17 -45.89
N GLU I 168 -25.87 -18.38 -46.02
CA GLU I 168 -25.00 -17.35 -46.55
C GLU I 168 -24.93 -17.57 -48.07
N GLN I 169 -24.36 -16.61 -48.77
CA GLN I 169 -24.27 -16.62 -50.23
C GLN I 169 -23.33 -17.68 -50.75
N ASP I 170 -23.72 -18.34 -51.83
CA ASP I 170 -22.92 -19.36 -52.50
C ASP I 170 -21.59 -18.77 -52.97
N SER I 171 -20.54 -19.56 -52.84
CA SER I 171 -19.19 -19.17 -53.25
C SER I 171 -18.95 -19.40 -54.75
N LYS I 172 -19.92 -20.00 -55.46
CA LYS I 172 -19.79 -20.30 -56.89
C LYS I 172 -21.05 -20.05 -57.76
N ASP I 173 -22.21 -19.82 -57.13
CA ASP I 173 -23.50 -19.57 -57.81
C ASP I 173 -24.24 -18.40 -57.19
N SER I 174 -23.55 -17.65 -56.32
CA SER I 174 -23.99 -16.50 -55.52
C SER I 174 -25.46 -16.42 -55.05
N THR I 175 -26.10 -17.60 -54.93
CA THR I 175 -27.48 -17.84 -54.53
C THR I 175 -27.74 -17.74 -53.03
N TYR I 176 -28.95 -18.04 -52.59
CA TYR I 176 -29.32 -18.04 -51.18
C TYR I 176 -30.29 -19.21 -50.93
N SER I 177 -30.88 -19.28 -49.72
CA SER I 177 -31.86 -20.29 -49.29
C SER I 177 -32.48 -19.88 -47.95
N LEU I 178 -33.81 -19.89 -47.84
CA LEU I 178 -34.47 -19.54 -46.57
C LEU I 178 -35.20 -20.75 -45.94
N SER I 179 -35.52 -20.67 -44.63
CA SER I 179 -36.23 -21.70 -43.88
C SER I 179 -37.22 -21.03 -42.93
N SER I 180 -38.52 -21.21 -43.21
CA SER I 180 -39.56 -20.66 -42.34
C SER I 180 -40.15 -21.77 -41.50
N THR I 181 -40.32 -21.52 -40.20
CA THR I 181 -40.85 -22.53 -39.30
C THR I 181 -42.05 -22.04 -38.53
N LEU I 182 -43.21 -22.64 -38.85
CA LEU I 182 -44.45 -22.32 -38.18
C LEU I 182 -44.64 -23.34 -37.10
N THR I 183 -44.70 -22.87 -35.86
CA THR I 183 -44.80 -23.76 -34.72
C THR I 183 -46.00 -23.48 -33.82
N LEU I 184 -46.83 -24.52 -33.61
CA LEU I 184 -48.01 -24.55 -32.74
C LEU I 184 -48.26 -25.97 -32.24
N SER I 185 -49.01 -26.10 -31.13
CA SER I 185 -49.34 -27.40 -30.51
C SER I 185 -50.11 -28.35 -31.44
N LYS I 186 -50.12 -29.66 -31.07
CA LYS I 186 -50.79 -30.77 -31.73
C LYS I 186 -52.31 -30.44 -31.83
N ALA I 187 -52.85 -29.75 -30.80
CA ALA I 187 -54.23 -29.28 -30.67
C ALA I 187 -54.63 -28.37 -31.83
N ASP I 188 -53.89 -27.27 -32.03
CA ASP I 188 -54.12 -26.29 -33.10
C ASP I 188 -53.83 -26.88 -34.48
N TYR I 189 -53.03 -27.96 -34.53
CA TYR I 189 -52.71 -28.65 -35.78
C TYR I 189 -53.88 -29.51 -36.25
N GLU I 190 -54.63 -30.13 -35.30
CA GLU I 190 -55.78 -30.98 -35.63
C GLU I 190 -56.95 -30.14 -36.17
N LYS I 191 -57.11 -28.92 -35.64
CA LYS I 191 -58.18 -27.96 -35.98
C LYS I 191 -58.28 -27.52 -37.45
N HIS I 192 -57.21 -27.69 -38.25
CA HIS I 192 -57.21 -27.24 -39.66
C HIS I 192 -56.60 -28.29 -40.60
N LYS I 193 -57.15 -28.42 -41.84
CA LYS I 193 -56.72 -29.42 -42.83
C LYS I 193 -55.72 -28.96 -43.89
N VAL I 194 -55.92 -27.76 -44.47
CA VAL I 194 -55.03 -27.26 -45.54
C VAL I 194 -54.13 -26.08 -45.14
N TYR I 195 -52.82 -26.38 -45.01
CA TYR I 195 -51.79 -25.42 -44.64
C TYR I 195 -51.07 -24.92 -45.87
N ALA I 196 -50.96 -23.59 -45.99
CA ALA I 196 -50.32 -22.93 -47.12
C ALA I 196 -49.20 -21.99 -46.74
N CYS I 197 -48.22 -21.90 -47.63
CA CYS I 197 -47.04 -21.06 -47.48
C CYS I 197 -46.92 -20.15 -48.70
N GLU I 198 -47.11 -18.81 -48.51
CA GLU I 198 -47.05 -17.80 -49.58
C GLU I 198 -45.67 -17.16 -49.67
N VAL I 199 -45.10 -17.15 -50.89
CA VAL I 199 -43.76 -16.68 -51.22
C VAL I 199 -43.76 -15.46 -52.18
N THR I 200 -43.10 -14.35 -51.76
CA THR I 200 -43.00 -13.10 -52.52
C THR I 200 -41.54 -12.74 -52.88
N HIS I 201 -41.11 -13.05 -54.12
CA HIS I 201 -39.74 -12.77 -54.61
C HIS I 201 -39.74 -11.96 -55.92
N GLN I 202 -38.65 -11.23 -56.15
CA GLN I 202 -38.41 -10.41 -57.35
C GLN I 202 -38.44 -11.25 -58.63
N GLY I 203 -37.77 -12.41 -58.61
CA GLY I 203 -37.70 -13.34 -59.73
C GLY I 203 -38.97 -14.13 -59.97
N LEU I 204 -39.96 -13.97 -59.06
CA LEU I 204 -41.27 -14.61 -59.10
C LEU I 204 -42.31 -13.71 -59.73
N SER I 205 -42.86 -14.14 -60.87
CA SER I 205 -43.89 -13.44 -61.63
C SER I 205 -45.12 -13.15 -60.76
N SER I 206 -45.71 -14.20 -60.19
CA SER I 206 -46.84 -14.10 -59.30
C SER I 206 -46.51 -14.79 -57.97
N PRO I 207 -46.95 -14.22 -56.81
CA PRO I 207 -46.62 -14.83 -55.50
C PRO I 207 -46.99 -16.30 -55.31
N VAL I 208 -46.07 -17.18 -55.75
CA VAL I 208 -46.17 -18.64 -55.72
C VAL I 208 -46.42 -19.18 -54.33
N THR I 209 -47.46 -20.01 -54.22
CA THR I 209 -47.87 -20.64 -52.97
C THR I 209 -47.80 -22.15 -53.16
N LYS I 210 -47.09 -22.81 -52.22
CA LYS I 210 -46.95 -24.25 -52.15
C LYS I 210 -47.61 -24.67 -50.85
N SER I 211 -48.42 -25.73 -50.90
CA SER I 211 -49.20 -26.18 -49.76
C SER I 211 -49.43 -27.70 -49.73
N PHE I 212 -50.08 -28.15 -48.65
CA PHE I 212 -50.44 -29.54 -48.40
C PHE I 212 -51.78 -29.60 -47.66
N ASN I 213 -52.46 -30.75 -47.76
CA ASN I 213 -53.72 -31.06 -47.07
C ASN I 213 -53.39 -32.14 -46.03
N ARG I 214 -53.86 -31.98 -44.78
CA ARG I 214 -53.59 -32.88 -43.67
C ARG I 214 -53.97 -34.33 -43.92
N GLY I 215 -52.94 -35.16 -44.13
CA GLY I 215 -53.09 -36.59 -44.41
C GLY I 215 -53.12 -36.89 -45.90
N GLU I 216 -53.92 -36.12 -46.67
CA GLU I 216 -54.08 -36.26 -48.12
C GLU I 216 -52.73 -36.09 -48.83
N CYS I 217 -52.30 -37.09 -49.61
CA CYS I 217 -51.00 -37.04 -50.32
C CYS I 217 -51.12 -37.30 -51.82
N GLN J 1 -28.41 -27.57 25.58
CA GLN J 1 -29.28 -26.59 24.91
C GLN J 1 -28.80 -26.23 23.49
N GLU J 2 -27.52 -26.51 23.22
CA GLU J 2 -26.79 -26.31 21.96
C GLU J 2 -27.48 -27.06 20.82
N GLN J 3 -27.29 -26.64 19.56
CA GLN J 3 -27.97 -27.26 18.41
C GLN J 3 -27.30 -26.89 17.11
N LEU J 4 -27.53 -27.70 16.05
CA LEU J 4 -27.05 -27.42 14.69
C LEU J 4 -28.04 -27.94 13.70
N VAL J 5 -28.31 -27.15 12.68
CA VAL J 5 -29.24 -27.49 11.59
C VAL J 5 -28.66 -27.05 10.27
N GLU J 6 -28.60 -27.96 9.32
CA GLU J 6 -28.09 -27.58 8.02
C GLU J 6 -29.20 -27.46 7.02
N SER J 7 -29.02 -26.57 6.05
CA SER J 7 -29.96 -26.30 4.95
C SER J 7 -29.17 -26.04 3.68
N GLY J 8 -29.87 -25.93 2.55
CA GLY J 8 -29.22 -25.66 1.27
C GLY J 8 -28.97 -26.85 0.38
N GLY J 9 -29.18 -28.05 0.91
CA GLY J 9 -29.04 -29.30 0.18
C GLY J 9 -30.15 -29.41 -0.85
N ARG J 10 -29.78 -29.39 -2.15
CA ARG J 10 -30.71 -29.42 -3.28
C ARG J 10 -30.04 -30.04 -4.53
N LEU J 11 -30.86 -30.58 -5.50
CA LEU J 11 -30.40 -31.10 -6.79
C LEU J 11 -29.86 -29.93 -7.62
N VAL J 12 -28.61 -30.04 -8.07
CA VAL J 12 -27.95 -29.04 -8.90
C VAL J 12 -27.26 -29.72 -10.07
N THR J 13 -27.06 -28.98 -11.18
CA THR J 13 -26.34 -29.50 -12.35
C THR J 13 -24.83 -29.48 -12.02
N PRO J 14 -23.97 -30.21 -12.76
CA PRO J 14 -22.53 -30.16 -12.44
C PRO J 14 -21.92 -28.80 -12.80
N GLY J 15 -20.92 -28.37 -12.01
CA GLY J 15 -20.24 -27.09 -12.18
C GLY J 15 -21.01 -25.90 -11.62
N THR J 16 -22.34 -26.06 -11.49
CA THR J 16 -23.25 -25.05 -10.97
C THR J 16 -23.16 -25.00 -9.45
N ALA J 17 -22.39 -24.01 -8.96
CA ALA J 17 -22.11 -23.80 -7.55
C ALA J 17 -23.32 -23.65 -6.62
N LEU J 18 -23.24 -24.33 -5.47
CA LEU J 18 -24.25 -24.36 -4.41
C LEU J 18 -23.56 -23.87 -3.14
N THR J 19 -24.36 -23.41 -2.16
CA THR J 19 -23.86 -22.94 -0.86
C THR J 19 -24.70 -23.52 0.26
N LEU J 20 -24.05 -24.24 1.17
CA LEU J 20 -24.69 -24.89 2.34
C LEU J 20 -24.58 -24.03 3.56
N THR J 21 -25.54 -24.16 4.48
CA THR J 21 -25.60 -23.32 5.67
C THR J 21 -25.79 -24.15 6.93
N CYS J 22 -25.12 -23.78 8.03
CA CYS J 22 -25.26 -24.48 9.31
C CYS J 22 -25.66 -23.50 10.39
N LYS J 23 -26.87 -23.68 10.95
CA LYS J 23 -27.44 -22.83 11.99
C LYS J 23 -26.97 -23.21 13.40
N VAL J 24 -25.86 -22.61 13.82
CA VAL J 24 -25.23 -22.79 15.13
C VAL J 24 -26.04 -22.05 16.17
N SER J 25 -26.49 -22.75 17.24
CA SER J 25 -27.40 -22.17 18.23
C SER J 25 -27.45 -22.79 19.62
N GLY J 26 -27.10 -22.00 20.62
CA GLY J 26 -27.15 -22.42 22.02
C GLY J 26 -25.79 -22.63 22.66
N PHE J 27 -24.72 -22.36 21.91
CA PHE J 27 -23.34 -22.53 22.35
C PHE J 27 -22.86 -21.37 23.23
N SER J 28 -22.75 -21.62 24.56
CA SER J 28 -22.26 -20.66 25.57
C SER J 28 -20.87 -20.14 25.17
N LEU J 29 -20.04 -21.07 24.68
CA LEU J 29 -18.68 -20.87 24.20
C LEU J 29 -18.66 -19.98 22.94
N SER J 30 -17.77 -18.99 23.01
CA SER J 30 -17.50 -17.95 22.02
C SER J 30 -17.13 -18.54 20.64
N GLY J 31 -15.89 -19.00 20.56
CA GLY J 31 -15.30 -19.62 19.38
C GLY J 31 -14.96 -21.07 19.65
N PHE J 32 -15.09 -21.89 18.59
CA PHE J 32 -14.82 -23.33 18.59
C PHE J 32 -14.66 -23.87 17.17
N TRP J 33 -14.47 -25.18 17.06
CA TRP J 33 -14.29 -25.83 15.79
C TRP J 33 -15.60 -26.28 15.18
N LEU J 34 -15.84 -25.88 13.95
CA LEU J 34 -17.02 -26.33 13.25
C LEU J 34 -16.61 -27.00 11.96
N ASN J 35 -16.86 -28.32 11.89
CA ASN J 35 -16.45 -29.16 10.78
C ASN J 35 -17.56 -29.56 9.84
N TRP J 36 -17.19 -29.73 8.56
CA TRP J 36 -18.09 -30.23 7.51
C TRP J 36 -17.69 -31.63 7.18
N VAL J 37 -18.64 -32.57 7.27
CA VAL J 37 -18.43 -33.99 7.01
C VAL J 37 -19.48 -34.47 6.02
N ARG J 38 -19.02 -35.00 4.88
CA ARG J 38 -19.98 -35.56 3.94
C ARG J 38 -20.03 -37.07 4.03
N GLN J 39 -21.08 -37.66 3.45
CA GLN J 39 -21.32 -39.10 3.43
C GLN J 39 -22.20 -39.45 2.23
N ALA J 40 -21.55 -39.90 1.13
CA ALA J 40 -22.25 -40.28 -0.11
C ALA J 40 -23.26 -41.44 0.09
N PRO J 41 -24.18 -41.75 -0.87
CA PRO J 41 -25.17 -42.81 -0.64
C PRO J 41 -24.59 -44.16 -0.23
N GLY J 42 -24.88 -44.54 1.03
CA GLY J 42 -24.43 -45.78 1.67
C GLY J 42 -22.93 -46.00 1.66
N LYS J 43 -22.18 -44.93 1.96
CA LYS J 43 -20.72 -44.89 2.02
C LYS J 43 -20.26 -44.39 3.38
N GLY J 44 -18.94 -44.24 3.52
CA GLY J 44 -18.34 -43.77 4.74
C GLY J 44 -18.36 -42.28 4.88
N LEU J 45 -18.01 -41.81 6.10
CA LEU J 45 -17.88 -40.41 6.46
C LEU J 45 -16.53 -39.96 5.93
N GLU J 46 -16.48 -38.73 5.41
CA GLU J 46 -15.29 -38.09 4.87
C GLU J 46 -15.27 -36.69 5.48
N TRP J 47 -14.19 -36.29 6.18
CA TRP J 47 -14.08 -34.92 6.71
C TRP J 47 -13.71 -34.04 5.54
N VAL J 48 -14.50 -32.95 5.37
CA VAL J 48 -14.33 -31.95 4.28
C VAL J 48 -13.41 -30.82 4.70
N GLY J 49 -13.67 -30.31 5.89
CA GLY J 49 -12.92 -29.22 6.47
C GLY J 49 -13.52 -28.78 7.78
N ALA J 50 -12.97 -27.69 8.30
CA ALA J 50 -13.37 -27.10 9.55
C ALA J 50 -12.97 -25.64 9.63
N ILE J 51 -13.51 -24.93 10.62
CA ILE J 51 -13.22 -23.53 10.85
C ILE J 51 -13.18 -23.19 12.34
N TYR J 52 -12.18 -22.40 12.75
CA TYR J 52 -12.24 -21.95 14.12
C TYR J 52 -13.09 -20.69 14.10
N ARG J 53 -14.22 -20.73 14.86
CA ARG J 53 -15.24 -19.68 14.93
C ARG J 53 -14.80 -18.20 15.10
N GLY J 54 -14.17 -17.87 16.22
CA GLY J 54 -13.71 -16.50 16.46
C GLY J 54 -12.74 -15.89 15.44
N SER J 55 -12.09 -16.72 14.63
CA SER J 55 -11.13 -16.27 13.64
C SER J 55 -11.64 -16.46 12.24
N GLY J 56 -10.68 -16.60 11.33
CA GLY J 56 -10.89 -16.89 9.93
C GLY J 56 -9.97 -18.03 9.57
N SER J 57 -9.83 -19.00 10.52
CA SER J 57 -8.97 -20.16 10.35
C SER J 57 -9.65 -21.32 9.66
N GLU J 58 -9.49 -21.35 8.33
CA GLU J 58 -10.05 -22.33 7.40
C GLU J 58 -9.06 -23.44 7.21
N TRP J 59 -9.53 -24.67 7.39
CA TRP J 59 -8.74 -25.89 7.24
C TRP J 59 -9.54 -26.88 6.41
N TYR J 60 -8.94 -27.34 5.31
CA TYR J 60 -9.55 -28.27 4.35
C TYR J 60 -8.76 -29.58 4.28
N ALA J 61 -9.27 -30.54 3.50
CA ALA J 61 -8.58 -31.81 3.31
C ALA J 61 -7.94 -31.81 1.92
N SER J 62 -6.96 -32.70 1.72
CA SER J 62 -6.20 -32.92 0.50
C SER J 62 -7.00 -32.80 -0.81
N TRP J 63 -8.17 -33.47 -0.87
CA TRP J 63 -9.08 -33.49 -2.01
C TRP J 63 -9.88 -32.19 -2.18
N ALA J 64 -10.50 -31.74 -1.08
CA ALA J 64 -11.38 -30.57 -0.96
C ALA J 64 -10.79 -29.20 -1.31
N LYS J 65 -9.51 -28.96 -0.95
CA LYS J 65 -8.84 -27.68 -1.21
C LYS J 65 -9.00 -27.20 -2.64
N GLY J 66 -9.54 -25.99 -2.75
CA GLY J 66 -9.83 -25.34 -4.03
C GLY J 66 -11.32 -25.25 -4.26
N ARG J 67 -11.93 -26.41 -4.53
CA ARG J 67 -13.35 -26.61 -4.82
C ARG J 67 -14.31 -26.38 -3.66
N PHE J 68 -13.77 -26.04 -2.47
CA PHE J 68 -14.53 -25.79 -1.26
C PHE J 68 -14.12 -24.50 -0.54
N THR J 69 -15.11 -23.85 0.10
CA THR J 69 -14.96 -22.58 0.80
C THR J 69 -15.86 -22.52 2.06
N ILE J 70 -15.23 -22.60 3.23
CA ILE J 70 -15.93 -22.48 4.52
C ILE J 70 -15.93 -21.01 4.93
N SER J 71 -17.08 -20.48 5.37
CA SER J 71 -17.19 -19.09 5.75
C SER J 71 -17.93 -18.95 7.06
N ASP J 72 -17.23 -18.43 8.08
CA ASP J 72 -17.84 -18.23 9.39
C ASP J 72 -18.54 -16.88 9.45
N THR J 73 -19.65 -16.82 10.20
CA THR J 73 -20.43 -15.60 10.40
C THR J 73 -21.08 -15.56 11.79
N SER J 74 -21.74 -14.42 12.09
CA SER J 74 -22.49 -14.14 13.33
C SER J 74 -23.44 -15.32 13.57
N THR J 75 -24.35 -15.56 12.61
CA THR J 75 -25.30 -16.67 12.50
C THR J 75 -25.63 -17.05 11.03
N THR J 76 -24.97 -18.08 10.42
CA THR J 76 -23.84 -18.87 10.94
C THR J 76 -22.99 -19.50 9.83
N VAL J 77 -22.23 -20.57 10.14
CA VAL J 77 -21.28 -21.28 9.24
C VAL J 77 -21.83 -21.82 7.94
N THR J 78 -21.11 -21.56 6.85
CA THR J 78 -21.48 -21.93 5.49
C THR J 78 -20.42 -22.82 4.84
N LEU J 79 -20.80 -23.47 3.73
CA LEU J 79 -19.92 -24.29 2.91
C LEU J 79 -20.27 -24.11 1.44
N LYS J 80 -19.35 -23.54 0.66
CA LYS J 80 -19.57 -23.30 -0.76
C LYS J 80 -18.89 -24.35 -1.60
N LEU J 81 -19.64 -24.92 -2.52
CA LEU J 81 -19.17 -25.95 -3.43
C LEU J 81 -18.92 -25.26 -4.74
N THR J 82 -17.73 -24.67 -4.85
CA THR J 82 -17.30 -23.87 -5.98
C THR J 82 -17.53 -24.54 -7.36
N SER J 83 -16.99 -25.74 -7.56
CA SER J 83 -17.24 -26.46 -8.81
C SER J 83 -17.67 -27.88 -8.51
N PRO J 84 -18.99 -28.12 -8.30
CA PRO J 84 -19.45 -29.48 -8.02
C PRO J 84 -19.40 -30.40 -9.24
N THR J 85 -19.21 -31.69 -8.98
CA THR J 85 -19.20 -32.80 -9.94
C THR J 85 -20.06 -33.89 -9.33
N THR J 86 -20.54 -34.84 -10.16
CA THR J 86 -21.40 -35.95 -9.72
C THR J 86 -20.91 -36.67 -8.46
N GLU J 87 -19.56 -36.79 -8.30
CA GLU J 87 -18.86 -37.41 -7.17
C GLU J 87 -19.11 -36.64 -5.85
N ASP J 88 -19.76 -35.48 -5.92
CA ASP J 88 -20.05 -34.65 -4.76
C ASP J 88 -21.41 -34.93 -4.14
N THR J 89 -22.21 -35.77 -4.79
CA THR J 89 -23.55 -36.15 -4.30
C THR J 89 -23.33 -36.83 -2.98
N ALA J 90 -23.91 -36.29 -1.90
CA ALA J 90 -23.73 -36.81 -0.56
C ALA J 90 -24.58 -36.03 0.43
N THR J 91 -24.63 -36.47 1.68
CA THR J 91 -25.30 -35.68 2.69
C THR J 91 -24.23 -35.07 3.56
N TYR J 92 -24.21 -33.74 3.56
CA TYR J 92 -23.24 -32.93 4.28
C TYR J 92 -23.74 -32.59 5.68
N PHE J 93 -22.80 -32.63 6.63
CA PHE J 93 -23.06 -32.45 8.05
C PHE J 93 -22.22 -31.38 8.68
N CYS J 94 -22.80 -30.70 9.65
CA CYS J 94 -21.95 -29.79 10.37
C CYS J 94 -21.88 -30.33 11.79
N ALA J 95 -20.66 -30.33 12.31
CA ALA J 95 -20.40 -30.86 13.63
C ALA J 95 -19.44 -30.01 14.44
N ALA J 96 -19.91 -29.68 15.63
CA ALA J 96 -19.21 -28.82 16.57
C ALA J 96 -18.29 -29.61 17.51
N ASP J 97 -17.22 -28.93 17.96
CA ASP J 97 -16.21 -29.44 18.89
C ASP J 97 -16.14 -28.46 20.07
N THR J 98 -16.96 -28.74 21.08
CA THR J 98 -17.14 -27.93 22.29
C THR J 98 -15.99 -28.03 23.30
N THR J 99 -14.91 -28.72 22.92
CA THR J 99 -13.78 -29.01 23.80
C THR J 99 -12.44 -28.60 23.22
N ASP J 100 -12.36 -28.54 21.89
CA ASP J 100 -11.17 -28.20 21.10
C ASP J 100 -10.13 -29.31 21.20
N ASN J 101 -10.59 -30.55 21.27
CA ASN J 101 -9.75 -31.73 21.34
C ASN J 101 -9.99 -32.68 20.14
N GLY J 102 -10.35 -32.09 19.00
CA GLY J 102 -10.59 -32.76 17.72
C GLY J 102 -11.71 -33.76 17.70
N TYR J 103 -12.76 -33.51 18.50
CA TYR J 103 -13.91 -34.40 18.57
C TYR J 103 -15.27 -33.76 18.57
N PHE J 104 -16.12 -34.28 17.69
CA PHE J 104 -17.46 -33.83 17.40
C PHE J 104 -18.51 -34.27 18.39
N THR J 105 -18.67 -33.47 19.42
CA THR J 105 -19.62 -33.64 20.53
C THR J 105 -21.08 -33.50 20.05
N ILE J 106 -21.37 -32.45 19.23
CA ILE J 106 -22.69 -32.12 18.70
C ILE J 106 -22.69 -32.14 17.17
N TRP J 107 -23.68 -32.86 16.60
CA TRP J 107 -23.90 -33.04 15.16
C TRP J 107 -25.19 -32.41 14.67
N GLY J 108 -25.21 -32.11 13.38
CA GLY J 108 -26.39 -31.62 12.69
C GLY J 108 -27.09 -32.79 12.04
N PRO J 109 -28.41 -32.74 11.71
CA PRO J 109 -29.07 -33.90 11.08
C PRO J 109 -28.65 -34.23 9.64
N GLY J 110 -28.01 -33.28 8.96
CA GLY J 110 -27.54 -33.45 7.58
C GLY J 110 -28.42 -32.73 6.59
N THR J 111 -27.92 -32.61 5.34
CA THR J 111 -28.62 -32.01 4.19
C THR J 111 -28.05 -32.62 2.96
N LEU J 112 -28.94 -33.11 2.12
CA LEU J 112 -28.58 -33.83 0.93
C LEU J 112 -28.36 -33.03 -0.34
N VAL J 113 -27.14 -33.05 -0.80
CA VAL J 113 -26.74 -32.41 -2.04
C VAL J 113 -26.86 -33.46 -3.13
N THR J 114 -27.41 -33.09 -4.27
CA THR J 114 -27.52 -34.04 -5.36
C THR J 114 -26.94 -33.43 -6.61
N VAL J 115 -25.86 -33.97 -7.13
CA VAL J 115 -25.29 -33.39 -8.34
C VAL J 115 -25.63 -34.28 -9.54
N SER J 116 -26.55 -33.81 -10.41
CA SER J 116 -26.98 -34.54 -11.59
C SER J 116 -27.46 -33.65 -12.73
N SER J 117 -27.21 -34.13 -13.98
CA SER J 117 -27.65 -33.52 -15.24
C SER J 117 -29.16 -33.81 -15.48
N ALA J 118 -29.75 -34.72 -14.65
CA ALA J 118 -31.16 -35.08 -14.67
C ALA J 118 -32.03 -34.01 -14.02
N SER J 119 -33.30 -33.93 -14.48
CA SER J 119 -34.30 -32.98 -14.00
C SER J 119 -35.18 -33.62 -12.93
N THR J 120 -35.69 -32.82 -11.97
CA THR J 120 -36.56 -33.33 -10.88
C THR J 120 -37.90 -33.87 -11.40
N LYS J 121 -38.33 -35.04 -10.87
CA LYS J 121 -39.58 -35.73 -11.20
C LYS J 121 -40.28 -36.12 -9.89
N GLY J 122 -41.58 -35.89 -9.84
CA GLY J 122 -42.40 -36.21 -8.67
C GLY J 122 -42.72 -37.69 -8.61
N PRO J 123 -43.10 -38.23 -7.44
CA PRO J 123 -43.39 -39.67 -7.37
C PRO J 123 -44.77 -40.04 -7.89
N SER J 124 -44.94 -41.32 -8.15
CA SER J 124 -46.19 -41.91 -8.59
C SER J 124 -46.53 -42.88 -7.45
N VAL J 125 -47.70 -42.72 -6.82
CA VAL J 125 -48.05 -43.58 -5.69
C VAL J 125 -49.18 -44.59 -5.94
N PHE J 126 -48.80 -45.87 -6.01
CA PHE J 126 -49.70 -47.00 -6.23
C PHE J 126 -49.83 -47.80 -4.94
N PRO J 127 -51.03 -48.33 -4.59
CA PRO J 127 -51.12 -49.09 -3.34
C PRO J 127 -50.64 -50.53 -3.50
N LEU J 128 -50.52 -51.26 -2.39
CA LEU J 128 -50.11 -52.65 -2.44
C LEU J 128 -51.22 -53.50 -1.86
N ALA J 129 -51.91 -54.21 -2.78
CA ALA J 129 -53.10 -55.05 -2.62
C ALA J 129 -53.06 -56.20 -1.61
N PRO J 130 -53.67 -55.97 -0.41
CA PRO J 130 -53.71 -57.04 0.60
C PRO J 130 -54.78 -58.09 0.34
N SER J 131 -55.95 -58.00 1.04
CA SER J 131 -57.12 -58.89 0.98
C SER J 131 -56.89 -60.34 1.45
N ALA J 132 -57.02 -61.30 0.53
CA ALA J 132 -56.89 -62.72 0.81
C ALA J 132 -55.56 -63.32 0.32
N LYS J 133 -54.83 -62.58 -0.54
CA LYS J 133 -53.51 -62.96 -1.07
C LYS J 133 -52.35 -62.54 -0.13
N SER J 134 -52.72 -62.03 1.08
CA SER J 134 -51.80 -61.57 2.13
C SER J 134 -52.28 -61.99 3.58
N THR J 135 -53.11 -63.06 3.70
CA THR J 135 -53.62 -63.56 4.99
C THR J 135 -52.83 -64.68 5.70
N SER J 136 -52.29 -64.34 6.90
CA SER J 136 -51.54 -65.25 7.79
C SER J 136 -52.46 -65.71 8.96
N GLY J 137 -53.76 -65.43 8.83
CA GLY J 137 -54.79 -65.78 9.81
C GLY J 137 -55.05 -64.67 10.82
N GLY J 138 -53.97 -64.20 11.44
CA GLY J 138 -54.00 -63.14 12.45
C GLY J 138 -53.17 -61.91 12.14
N THR J 139 -52.49 -61.90 10.95
CA THR J 139 -51.65 -60.79 10.45
C THR J 139 -51.71 -60.67 8.93
N ALA J 140 -51.70 -59.42 8.43
CA ALA J 140 -51.76 -59.10 7.01
C ALA J 140 -50.97 -57.83 6.69
N ALA J 141 -50.27 -57.84 5.54
CA ALA J 141 -49.45 -56.73 5.10
C ALA J 141 -49.94 -56.06 3.83
N LEU J 142 -50.02 -54.73 3.89
CA LEU J 142 -50.46 -53.78 2.86
C LEU J 142 -49.39 -52.69 2.72
N GLY J 143 -49.16 -52.24 1.50
CA GLY J 143 -48.13 -51.25 1.28
C GLY J 143 -48.48 -50.05 0.43
N CYS J 144 -47.44 -49.33 0.01
CA CYS J 144 -47.53 -48.14 -0.79
C CYS J 144 -46.35 -48.02 -1.71
N LEU J 145 -46.48 -48.45 -2.96
CA LEU J 145 -45.36 -48.29 -3.89
C LEU J 145 -45.23 -46.80 -4.24
N VAL J 146 -43.99 -46.28 -4.27
CA VAL J 146 -43.67 -44.88 -4.55
C VAL J 146 -42.75 -44.87 -5.79
N LYS J 147 -43.24 -45.51 -6.88
CA LYS J 147 -42.47 -45.63 -8.12
C LYS J 147 -42.17 -44.29 -8.81
N ASP J 148 -41.07 -44.28 -9.59
CA ASP J 148 -40.60 -43.19 -10.44
C ASP J 148 -40.57 -41.77 -9.82
N TYR J 149 -39.43 -41.37 -9.21
CA TYR J 149 -39.23 -40.05 -8.61
C TYR J 149 -37.76 -39.64 -8.63
N PHE J 150 -37.49 -38.35 -8.41
CA PHE J 150 -36.14 -37.78 -8.40
C PHE J 150 -36.15 -36.36 -7.83
N PRO J 151 -35.14 -35.94 -7.01
CA PRO J 151 -34.01 -36.72 -6.48
C PRO J 151 -34.41 -37.32 -5.12
N GLU J 152 -33.42 -37.72 -4.30
CA GLU J 152 -33.71 -38.22 -2.98
C GLU J 152 -34.00 -36.98 -2.07
N PRO J 153 -34.80 -37.07 -0.98
CA PRO J 153 -35.48 -38.22 -0.38
C PRO J 153 -36.99 -38.26 -0.70
N VAL J 154 -37.80 -38.98 0.15
CA VAL J 154 -39.27 -39.17 0.11
C VAL J 154 -39.57 -39.65 1.52
N THR J 155 -40.57 -39.09 2.18
CA THR J 155 -40.80 -39.51 3.55
C THR J 155 -42.17 -40.05 3.85
N VAL J 156 -42.37 -41.33 3.57
CA VAL J 156 -43.64 -41.99 3.88
C VAL J 156 -43.78 -42.20 5.38
N SER J 157 -45.00 -42.05 5.89
CA SER J 157 -45.43 -42.34 7.26
C SER J 157 -46.82 -43.02 7.13
N TRP J 158 -47.40 -43.57 8.21
CA TRP J 158 -48.71 -44.22 8.09
C TRP J 158 -49.69 -43.63 9.08
N ASN J 159 -50.89 -43.29 8.55
CA ASN J 159 -52.01 -42.66 9.26
C ASN J 159 -51.56 -41.41 10.03
N SER J 160 -50.81 -40.54 9.32
CA SER J 160 -50.21 -39.28 9.81
C SER J 160 -49.32 -39.54 11.04
N GLY J 161 -48.46 -40.56 10.91
CA GLY J 161 -47.52 -41.00 11.93
C GLY J 161 -48.13 -41.60 13.19
N ALA J 162 -49.47 -41.90 13.15
CA ALA J 162 -50.18 -42.53 14.26
C ALA J 162 -49.92 -44.04 14.24
N LEU J 163 -49.73 -44.60 13.02
CA LEU J 163 -49.43 -46.01 12.78
C LEU J 163 -47.91 -46.19 12.70
N THR J 164 -47.31 -46.73 13.77
CA THR J 164 -45.86 -46.94 13.91
C THR J 164 -45.44 -48.42 13.90
N SER J 165 -45.96 -49.22 14.88
CA SER J 165 -45.66 -50.64 15.05
C SER J 165 -45.85 -51.43 13.75
N GLY J 166 -44.76 -52.03 13.30
CA GLY J 166 -44.75 -52.84 12.10
C GLY J 166 -44.56 -52.11 10.79
N VAL J 167 -44.29 -50.80 10.82
CA VAL J 167 -44.09 -50.04 9.57
C VAL J 167 -42.65 -50.24 9.12
N HIS J 168 -42.45 -50.62 7.84
CA HIS J 168 -41.12 -50.84 7.29
C HIS J 168 -40.92 -50.03 6.03
N THR J 169 -40.45 -48.78 6.14
CA THR J 169 -40.20 -47.98 4.94
C THR J 169 -38.88 -48.47 4.33
N PHE J 170 -38.94 -48.92 3.11
CA PHE J 170 -37.79 -49.47 2.43
C PHE J 170 -36.85 -48.48 1.87
N PRO J 171 -35.55 -48.78 1.84
CA PRO J 171 -34.60 -47.87 1.17
C PRO J 171 -34.90 -47.72 -0.32
N ALA J 172 -34.65 -46.53 -0.84
CA ALA J 172 -34.89 -46.22 -2.25
C ALA J 172 -33.93 -46.96 -3.16
N VAL J 173 -34.37 -47.18 -4.41
CA VAL J 173 -33.55 -47.88 -5.41
C VAL J 173 -33.59 -47.19 -6.76
N LEU J 174 -32.41 -46.80 -7.23
CA LEU J 174 -32.21 -46.18 -8.54
C LEU J 174 -32.49 -47.23 -9.59
N GLN J 175 -33.23 -46.85 -10.64
CA GLN J 175 -33.55 -47.75 -11.74
C GLN J 175 -32.63 -47.47 -12.90
N SER J 176 -32.63 -48.37 -13.90
CA SER J 176 -31.81 -48.23 -15.10
C SER J 176 -32.23 -46.99 -15.91
N SER J 177 -33.48 -46.53 -15.65
CA SER J 177 -34.11 -45.32 -16.21
C SER J 177 -33.42 -44.04 -15.66
N GLY J 178 -33.01 -44.11 -14.39
CA GLY J 178 -32.42 -43.00 -13.66
C GLY J 178 -33.28 -42.63 -12.47
N LEU J 179 -34.58 -42.98 -12.53
CA LEU J 179 -35.51 -42.65 -11.46
C LEU J 179 -35.44 -43.55 -10.26
N TYR J 180 -35.64 -42.98 -9.08
CA TYR J 180 -35.68 -43.69 -7.81
C TYR J 180 -37.07 -44.28 -7.62
N SER J 181 -37.16 -45.31 -6.76
CA SER J 181 -38.41 -46.00 -6.39
C SER J 181 -38.23 -46.71 -5.07
N LEU J 182 -39.19 -46.51 -4.17
CA LEU J 182 -39.21 -47.17 -2.88
C LEU J 182 -40.61 -47.67 -2.60
N SER J 183 -40.82 -48.34 -1.48
CA SER J 183 -42.12 -48.91 -1.13
C SER J 183 -42.21 -49.13 0.35
N SER J 184 -43.00 -48.35 1.02
CA SER J 184 -43.20 -48.51 2.45
C SER J 184 -44.35 -49.48 2.64
N VAL J 185 -44.28 -50.33 3.69
CA VAL J 185 -45.26 -51.37 3.99
C VAL J 185 -45.56 -51.41 5.47
N VAL J 186 -46.60 -52.14 5.88
CA VAL J 186 -46.99 -52.29 7.27
C VAL J 186 -47.75 -53.59 7.53
N THR J 187 -47.54 -54.22 8.70
CA THR J 187 -48.22 -55.44 9.12
C THR J 187 -49.36 -55.05 10.06
N VAL J 188 -50.58 -55.51 9.75
CA VAL J 188 -51.82 -55.23 10.46
C VAL J 188 -52.59 -56.54 10.72
N PRO J 189 -53.22 -56.75 11.91
CA PRO J 189 -54.03 -57.97 12.10
C PRO J 189 -55.11 -58.08 11.03
N SER J 190 -55.16 -59.23 10.29
CA SER J 190 -56.09 -59.51 9.18
C SER J 190 -57.56 -59.18 9.48
N SER J 191 -57.91 -59.17 10.78
CA SER J 191 -59.21 -58.86 11.34
C SER J 191 -59.75 -57.46 10.97
N SER J 192 -58.95 -56.42 11.24
CA SER J 192 -59.32 -55.02 11.00
C SER J 192 -58.99 -54.49 9.60
N LEU J 193 -59.04 -55.34 8.57
CA LEU J 193 -58.77 -54.95 7.18
C LEU J 193 -59.84 -54.02 6.53
N GLY J 194 -60.99 -53.89 7.19
CA GLY J 194 -62.09 -53.04 6.75
C GLY J 194 -62.48 -52.02 7.82
N THR J 195 -62.45 -52.46 9.10
CA THR J 195 -62.80 -51.68 10.32
C THR J 195 -61.96 -50.40 10.50
N GLN J 196 -60.66 -50.45 10.15
CA GLN J 196 -59.71 -49.35 10.24
C GLN J 196 -59.14 -49.00 8.85
N THR J 197 -59.19 -47.70 8.47
CA THR J 197 -58.69 -47.23 7.17
C THR J 197 -57.20 -46.94 7.21
N TYR J 198 -56.48 -47.37 6.16
CA TYR J 198 -55.02 -47.22 6.10
C TYR J 198 -54.49 -46.33 4.98
N ILE J 199 -53.89 -45.19 5.40
CA ILE J 199 -53.33 -44.14 4.53
C ILE J 199 -51.84 -43.95 4.72
N CYS J 200 -51.10 -44.01 3.60
CA CYS J 200 -49.68 -43.76 3.58
C CYS J 200 -49.43 -42.27 3.26
N ASN J 201 -48.78 -41.57 4.18
CA ASN J 201 -48.53 -40.15 4.09
C ASN J 201 -47.16 -39.86 3.45
N VAL J 202 -47.11 -39.93 2.12
CA VAL J 202 -45.93 -39.65 1.30
C VAL J 202 -45.62 -38.14 1.29
N ASN J 203 -44.32 -37.77 1.15
CA ASN J 203 -43.84 -36.40 1.11
C ASN J 203 -42.53 -36.30 0.33
N HIS J 204 -42.59 -35.91 -0.95
CA HIS J 204 -41.40 -35.65 -1.77
C HIS J 204 -41.18 -34.12 -1.78
N LYS J 205 -40.53 -33.59 -0.71
CA LYS J 205 -40.21 -32.17 -0.57
C LYS J 205 -39.43 -31.61 -1.78
N PRO J 206 -38.39 -32.27 -2.35
CA PRO J 206 -37.70 -31.71 -3.53
C PRO J 206 -38.48 -31.65 -4.85
N SER J 207 -39.81 -31.75 -4.78
CA SER J 207 -40.76 -31.63 -5.89
C SER J 207 -42.09 -30.98 -5.39
N ASN J 208 -42.14 -30.62 -4.09
CA ASN J 208 -43.26 -29.99 -3.38
C ASN J 208 -44.41 -30.96 -3.09
N THR J 209 -44.45 -32.13 -3.79
CA THR J 209 -45.44 -33.21 -3.69
C THR J 209 -45.69 -33.62 -2.25
N LYS J 210 -46.96 -33.81 -1.87
CA LYS J 210 -47.37 -34.21 -0.52
C LYS J 210 -48.56 -35.17 -0.59
N VAL J 211 -48.49 -36.19 -1.52
CA VAL J 211 -49.47 -37.27 -1.79
C VAL J 211 -49.94 -38.00 -0.54
N ASP J 212 -51.22 -38.32 -0.48
CA ASP J 212 -51.80 -39.05 0.62
C ASP J 212 -52.77 -40.09 0.06
N LYS J 213 -52.20 -41.16 -0.58
CA LYS J 213 -52.94 -42.28 -1.19
C LYS J 213 -53.43 -43.26 -0.11
N LYS J 214 -54.66 -43.78 -0.27
CA LYS J 214 -55.24 -44.75 0.67
C LYS J 214 -55.19 -46.15 0.05
N ALA J 215 -54.76 -47.15 0.84
CA ALA J 215 -54.68 -48.53 0.40
C ALA J 215 -55.82 -49.31 1.08
N GLU J 216 -56.67 -49.96 0.23
CA GLU J 216 -57.83 -50.77 0.63
C GLU J 216 -57.85 -52.13 -0.09
N PRO J 217 -58.42 -53.19 0.54
CA PRO J 217 -58.37 -54.53 -0.07
C PRO J 217 -59.12 -54.79 -1.38
N LYS J 218 -58.46 -54.44 -2.51
CA LYS J 218 -58.92 -54.65 -3.90
C LYS J 218 -60.36 -54.18 -4.17
N SER J 219 -61.14 -54.97 -4.98
CA SER J 219 -62.53 -54.68 -5.33
C SER J 219 -63.33 -55.98 -5.57
N CYS J 220 -62.94 -56.77 -6.60
CA CYS J 220 -63.55 -58.04 -7.03
C CYS J 220 -65.05 -57.93 -7.43
N ASP J 221 -65.33 -57.83 -8.65
N GLU K 1 -3.77 -35.83 4.41
CA GLU K 1 -2.71 -36.84 4.26
C GLU K 1 -2.60 -37.88 5.41
N LEU K 2 -3.25 -37.61 6.55
CA LEU K 2 -3.34 -38.56 7.65
C LEU K 2 -4.32 -39.61 7.19
N VAL K 3 -4.11 -40.86 7.58
CA VAL K 3 -5.00 -41.94 7.18
C VAL K 3 -5.42 -42.80 8.36
N MET K 4 -6.67 -43.24 8.35
CA MET K 4 -7.16 -44.15 9.37
C MET K 4 -7.48 -45.46 8.73
N THR K 5 -6.95 -46.53 9.32
CA THR K 5 -7.12 -47.88 8.82
C THR K 5 -7.98 -48.70 9.77
N GLN K 6 -9.28 -48.68 9.45
CA GLN K 6 -10.33 -49.36 10.18
C GLN K 6 -10.49 -50.79 9.72
N THR K 7 -10.38 -51.72 10.69
CA THR K 7 -10.53 -53.15 10.49
C THR K 7 -11.35 -53.75 11.61
N PRO K 8 -12.33 -54.62 11.27
CA PRO K 8 -12.68 -55.11 9.92
C PRO K 8 -13.68 -54.23 9.13
N SER K 9 -14.07 -54.66 7.91
CA SER K 9 -15.09 -53.97 7.09
C SER K 9 -16.49 -54.24 7.72
N SER K 10 -16.75 -55.51 8.08
CA SER K 10 -17.98 -56.00 8.70
C SER K 10 -17.63 -56.98 9.83
N VAL K 11 -18.60 -57.22 10.74
CA VAL K 11 -18.46 -58.12 11.89
C VAL K 11 -19.83 -58.58 12.41
N SER K 12 -19.95 -59.91 12.65
CA SER K 12 -21.16 -60.55 13.15
C SER K 12 -20.90 -61.08 14.54
N GLU K 13 -21.89 -60.99 15.44
CA GLU K 13 -21.71 -61.42 16.83
C GLU K 13 -23.03 -61.59 17.57
N PRO K 14 -23.20 -62.67 18.37
CA PRO K 14 -24.44 -62.80 19.16
C PRO K 14 -24.52 -61.83 20.32
N VAL K 15 -25.72 -61.72 20.90
CA VAL K 15 -25.95 -60.87 22.10
C VAL K 15 -25.16 -61.53 23.23
N GLY K 16 -24.45 -60.70 24.01
CA GLY K 16 -23.54 -61.09 25.09
C GLY K 16 -22.11 -61.03 24.57
N GLY K 17 -21.93 -61.51 23.32
CA GLY K 17 -20.67 -61.57 22.59
C GLY K 17 -19.91 -60.26 22.62
N THR K 18 -18.58 -60.29 22.45
CA THR K 18 -17.83 -59.04 22.50
C THR K 18 -17.17 -58.64 21.16
N VAL K 19 -17.21 -57.32 20.81
CA VAL K 19 -16.66 -56.84 19.54
C VAL K 19 -15.44 -55.96 19.69
N THR K 20 -14.54 -56.02 18.70
CA THR K 20 -13.28 -55.32 18.66
C THR K 20 -13.00 -54.69 17.31
N ILE K 21 -13.06 -53.35 17.29
CA ILE K 21 -12.75 -52.62 16.07
C ILE K 21 -11.40 -51.92 16.23
N LYS K 22 -10.58 -52.06 15.20
CA LYS K 22 -9.21 -51.56 15.18
C LYS K 22 -9.00 -50.43 14.17
N CYS K 23 -8.27 -49.37 14.61
CA CYS K 23 -7.89 -48.26 13.78
C CYS K 23 -6.40 -48.08 13.77
N GLN K 24 -5.84 -48.03 12.54
CA GLN K 24 -4.41 -47.91 12.29
C GLN K 24 -4.06 -46.53 11.70
N ALA K 25 -3.58 -45.65 12.59
CA ALA K 25 -3.12 -44.30 12.32
C ALA K 25 -1.88 -44.26 11.34
N SER K 26 -1.89 -43.33 10.36
CA SER K 26 -0.77 -43.16 9.41
C SER K 26 0.32 -42.18 9.99
N GLN K 27 0.02 -41.50 11.10
CA GLN K 27 0.89 -40.53 11.75
C GLN K 27 0.66 -40.49 13.25
N SER K 28 1.33 -39.53 13.94
CA SER K 28 1.34 -39.31 15.38
C SER K 28 0.04 -39.60 16.15
N ILE K 29 -0.94 -38.63 16.18
CA ILE K 29 -2.23 -38.73 16.88
C ILE K 29 -2.03 -39.09 18.36
N SER K 30 -2.09 -38.12 19.26
CA SER K 30 -1.88 -38.46 20.67
C SER K 30 -3.17 -39.08 21.18
N SER K 31 -3.98 -38.32 21.88
CA SER K 31 -5.31 -38.74 22.29
C SER K 31 -6.23 -38.15 21.21
N TRP K 32 -5.63 -37.75 20.05
CA TRP K 32 -6.28 -37.16 18.87
C TRP K 32 -7.23 -38.15 18.18
N LEU K 33 -7.96 -38.96 18.97
CA LEU K 33 -8.86 -39.97 18.44
C LEU K 33 -10.20 -40.10 19.17
N SER K 34 -11.28 -40.29 18.37
CA SER K 34 -12.64 -40.46 18.84
C SER K 34 -13.45 -41.52 18.07
N TRP K 35 -14.34 -42.22 18.80
CA TRP K 35 -15.18 -43.32 18.27
C TRP K 35 -16.65 -42.97 18.23
N TYR K 36 -17.28 -43.27 17.07
CA TYR K 36 -18.69 -43.00 16.77
C TYR K 36 -19.48 -44.18 16.23
N GLN K 37 -20.73 -44.28 16.70
CA GLN K 37 -21.75 -45.24 16.27
C GLN K 37 -22.71 -44.45 15.40
N GLN K 38 -23.04 -45.00 14.22
CA GLN K 38 -23.98 -44.33 13.34
C GLN K 38 -25.07 -45.27 12.82
N LYS K 39 -26.28 -45.12 13.39
CA LYS K 39 -27.44 -45.89 12.98
C LYS K 39 -27.93 -45.34 11.61
N PRO K 40 -28.57 -46.15 10.72
CA PRO K 40 -28.95 -45.63 9.39
C PRO K 40 -29.90 -44.43 9.42
N GLY K 41 -29.64 -43.46 8.52
CA GLY K 41 -30.41 -42.22 8.40
C GLY K 41 -30.49 -41.49 9.73
N GLN K 42 -29.31 -41.17 10.28
CA GLN K 42 -29.11 -40.57 11.58
C GLN K 42 -27.68 -39.99 11.65
N PRO K 43 -27.47 -38.87 12.40
CA PRO K 43 -26.10 -38.34 12.49
C PRO K 43 -25.30 -39.15 13.51
N PRO K 44 -23.99 -39.38 13.24
CA PRO K 44 -23.18 -40.17 14.19
C PRO K 44 -23.30 -39.72 15.66
N LYS K 45 -23.08 -40.65 16.59
CA LYS K 45 -23.11 -40.36 18.03
C LYS K 45 -21.70 -40.65 18.58
N LEU K 46 -21.14 -39.69 19.35
CA LEU K 46 -19.83 -39.88 19.98
C LEU K 46 -19.97 -40.84 21.16
N LEU K 47 -19.11 -41.87 21.17
CA LEU K 47 -19.08 -42.88 22.22
C LEU K 47 -17.83 -42.65 23.10
N ILE K 48 -16.65 -42.66 22.43
CA ILE K 48 -15.34 -42.51 23.04
C ILE K 48 -14.66 -41.34 22.39
N TYR K 49 -14.10 -40.45 23.22
CA TYR K 49 -13.30 -39.27 22.83
C TYR K 49 -11.96 -39.42 23.49
N ASP K 50 -10.97 -38.62 23.04
CA ASP K 50 -9.61 -38.60 23.57
C ASP K 50 -9.11 -40.02 23.87
N ALA K 51 -9.33 -40.93 22.88
CA ALA K 51 -8.99 -42.38 22.80
C ALA K 51 -9.52 -43.38 23.82
N SER K 52 -9.85 -42.98 25.06
CA SER K 52 -10.22 -43.93 26.09
C SER K 52 -11.37 -43.60 27.06
N ASN K 53 -12.03 -42.45 26.90
CA ASN K 53 -13.09 -42.00 27.84
C ASN K 53 -14.44 -41.93 27.18
N LEU K 54 -15.48 -42.44 27.87
CA LEU K 54 -16.83 -42.41 27.31
C LEU K 54 -17.63 -41.16 27.54
N ALA K 55 -18.34 -40.72 26.48
CA ALA K 55 -19.22 -39.57 26.49
C ALA K 55 -20.34 -39.86 27.48
N SER K 56 -21.03 -38.84 27.96
CA SER K 56 -22.12 -39.09 28.90
C SER K 56 -23.29 -39.76 28.16
N GLY K 57 -24.01 -40.60 28.88
CA GLY K 57 -25.13 -41.34 28.32
C GLY K 57 -24.70 -42.68 27.78
N VAL K 58 -23.55 -42.72 27.05
CA VAL K 58 -22.95 -43.92 26.46
C VAL K 58 -22.74 -44.98 27.55
N PRO K 59 -23.21 -46.23 27.33
CA PRO K 59 -23.07 -47.26 28.38
C PRO K 59 -21.68 -47.85 28.49
N SER K 60 -21.36 -48.30 29.72
CA SER K 60 -20.13 -48.92 30.21
C SER K 60 -19.51 -49.97 29.29
N ARG K 61 -20.36 -50.76 28.59
CA ARG K 61 -19.93 -51.80 27.65
C ARG K 61 -19.06 -51.27 26.51
N PHE K 62 -18.98 -49.95 26.34
CA PHE K 62 -18.17 -49.31 25.33
C PHE K 62 -16.81 -48.96 25.93
N MET K 63 -15.73 -49.44 25.30
CA MET K 63 -14.37 -49.26 25.78
C MET K 63 -13.43 -48.86 24.69
N GLY K 64 -12.63 -47.86 25.01
CA GLY K 64 -11.64 -47.34 24.09
C GLY K 64 -10.25 -47.45 24.64
N SER K 65 -9.31 -47.58 23.72
CA SER K 65 -7.89 -47.68 24.02
C SER K 65 -7.10 -47.49 22.76
N GLY K 66 -5.78 -47.46 22.94
CA GLY K 66 -4.82 -47.30 21.87
C GLY K 66 -3.39 -47.24 22.34
N SER K 67 -2.49 -47.79 21.51
CA SER K 67 -1.04 -47.85 21.74
C SER K 67 -0.26 -47.22 20.58
N GLY K 68 -0.16 -45.90 20.65
CA GLY K 68 0.60 -45.05 19.73
C GLY K 68 0.08 -44.92 18.31
N THR K 69 -0.12 -46.06 17.63
CA THR K 69 -0.59 -46.05 16.25
C THR K 69 -1.79 -47.03 16.05
N GLU K 70 -2.14 -47.78 17.10
CA GLU K 70 -3.20 -48.78 17.09
C GLU K 70 -4.23 -48.39 18.11
N TYR K 71 -5.48 -48.24 17.67
CA TYR K 71 -6.58 -47.85 18.55
C TYR K 71 -7.71 -48.86 18.51
N THR K 72 -8.28 -49.19 19.68
CA THR K 72 -9.33 -50.21 19.73
C THR K 72 -10.60 -49.86 20.45
N LEU K 73 -11.70 -50.04 19.72
CA LEU K 73 -13.04 -49.93 20.27
C LEU K 73 -13.48 -51.34 20.61
N THR K 74 -13.89 -51.50 21.86
CA THR K 74 -14.29 -52.75 22.42
C THR K 74 -15.69 -52.71 23.03
N ILE K 75 -16.71 -53.09 22.26
CA ILE K 75 -18.06 -53.21 22.81
C ILE K 75 -18.04 -54.58 23.47
N SER K 76 -18.16 -54.59 24.80
CA SER K 76 -18.13 -55.80 25.60
C SER K 76 -19.45 -56.55 25.43
N GLY K 77 -20.32 -56.61 26.46
CA GLY K 77 -21.59 -57.34 26.39
C GLY K 77 -22.58 -56.77 25.40
N VAL K 78 -22.37 -57.05 24.08
CA VAL K 78 -23.22 -56.49 23.03
C VAL K 78 -24.69 -56.77 23.20
N GLN K 79 -25.50 -55.74 22.89
CA GLN K 79 -26.96 -55.77 22.95
C GLN K 79 -27.51 -55.52 21.53
N ARG K 80 -28.81 -55.85 21.29
CA ARG K 80 -29.46 -55.75 19.97
C ARG K 80 -29.30 -54.40 19.24
N GLU K 81 -29.45 -53.28 20.02
CA GLU K 81 -29.32 -51.88 19.61
C GLU K 81 -28.00 -51.57 18.92
N ASP K 82 -26.88 -51.95 19.55
CA ASP K 82 -25.50 -51.71 19.10
C ASP K 82 -25.24 -52.03 17.62
N ALA K 83 -26.24 -52.68 16.97
CA ALA K 83 -26.22 -53.00 15.56
C ALA K 83 -26.20 -51.64 14.83
N ALA K 84 -25.09 -51.34 14.16
CA ALA K 84 -24.91 -50.08 13.45
C ALA K 84 -23.52 -50.05 12.81
N THR K 85 -23.21 -48.98 12.05
CA THR K 85 -21.87 -48.84 11.53
C THR K 85 -21.06 -47.96 12.50
N TYR K 86 -19.72 -48.23 12.59
CA TYR K 86 -18.83 -47.58 13.54
C TYR K 86 -17.64 -46.99 12.87
N TYR K 87 -17.32 -45.73 13.28
CA TYR K 87 -16.21 -45.00 12.70
C TYR K 87 -15.30 -44.44 13.76
N CYS K 88 -14.03 -44.27 13.40
CA CYS K 88 -13.06 -43.66 14.28
C CYS K 88 -12.59 -42.40 13.60
N LEU K 89 -12.31 -41.41 14.39
CA LEU K 89 -11.84 -40.15 13.86
C LEU K 89 -10.52 -39.80 14.51
N GLY K 90 -9.52 -39.64 13.65
CA GLY K 90 -8.17 -39.33 14.09
C GLY K 90 -7.62 -38.03 13.58
N GLY K 91 -6.93 -37.34 14.48
CA GLY K 91 -6.22 -36.09 14.19
C GLY K 91 -6.87 -34.85 14.76
N TYR K 92 -6.35 -33.71 14.31
CA TYR K 92 -6.83 -32.40 14.68
C TYR K 92 -7.05 -31.63 13.37
N PRO K 93 -8.05 -30.73 13.28
CA PRO K 93 -8.27 -30.02 12.00
C PRO K 93 -7.09 -29.16 11.58
N ALA K 94 -6.39 -28.55 12.58
CA ALA K 94 -5.22 -27.66 12.47
C ALA K 94 -3.98 -28.30 11.86
N ALA K 95 -4.19 -29.22 10.89
CA ALA K 95 -3.22 -29.99 10.13
C ALA K 95 -2.11 -30.66 11.06
N SER K 96 -0.84 -30.95 10.61
CA SER K 96 -0.23 -30.74 9.29
C SER K 96 -0.81 -31.74 8.31
N TYR K 97 -1.42 -32.77 8.88
CA TYR K 97 -2.04 -33.90 8.22
C TYR K 97 -3.60 -33.90 8.38
N ARG K 98 -4.14 -32.80 8.97
CA ARG K 98 -5.57 -32.57 9.24
C ARG K 98 -6.16 -33.68 10.12
N THR K 99 -7.46 -33.93 10.00
CA THR K 99 -8.21 -34.94 10.73
C THR K 99 -8.84 -35.87 9.70
N ALA K 100 -8.79 -37.20 9.93
CA ALA K 100 -9.34 -38.20 9.00
C ALA K 100 -10.22 -39.24 9.69
N PHE K 101 -11.11 -39.85 8.89
CA PHE K 101 -12.09 -40.86 9.28
C PHE K 101 -11.66 -42.29 9.02
N GLY K 102 -12.13 -43.18 9.90
CA GLY K 102 -11.89 -44.62 9.86
C GLY K 102 -12.30 -45.32 8.57
N GLY K 103 -13.53 -45.06 8.13
CA GLY K 103 -14.02 -45.67 6.90
C GLY K 103 -15.01 -46.79 7.11
N GLY K 104 -15.45 -46.96 8.36
CA GLY K 104 -16.51 -47.90 8.71
C GLY K 104 -16.17 -49.35 9.01
N THR K 105 -17.10 -49.93 9.79
CA THR K 105 -17.16 -51.30 10.25
C THR K 105 -18.63 -51.58 10.70
N GLU K 106 -19.39 -52.26 9.81
CA GLU K 106 -20.79 -52.62 10.07
C GLU K 106 -20.91 -53.76 11.08
N LEU K 107 -21.67 -53.54 12.15
CA LEU K 107 -21.88 -54.60 13.12
C LEU K 107 -23.23 -55.28 13.00
N GLU K 108 -23.17 -56.61 12.69
CA GLU K 108 -24.34 -57.47 12.57
C GLU K 108 -24.53 -58.19 13.91
N ILE K 109 -25.65 -57.96 14.60
CA ILE K 109 -25.97 -58.69 15.81
C ILE K 109 -26.51 -60.05 15.34
N ILE K 110 -26.14 -61.14 16.07
CA ILE K 110 -26.55 -62.50 15.74
C ILE K 110 -27.59 -63.03 16.72
N ARG K 111 -28.74 -63.39 16.18
CA ARG K 111 -29.90 -63.93 16.90
C ARG K 111 -30.30 -65.28 16.30
N THR K 112 -31.33 -65.89 16.88
CA THR K 112 -31.90 -67.17 16.46
C THR K 112 -32.36 -67.07 14.99
N VAL K 113 -32.65 -68.19 14.35
CA VAL K 113 -33.18 -68.13 12.98
C VAL K 113 -34.66 -67.66 13.04
N ALA K 114 -35.11 -67.03 11.93
CA ALA K 114 -36.48 -66.56 11.77
C ALA K 114 -36.90 -66.70 10.32
N ALA K 115 -38.13 -67.23 10.13
CA ALA K 115 -38.71 -67.47 8.83
C ALA K 115 -39.40 -66.21 8.26
N PRO K 116 -39.02 -65.87 7.00
CA PRO K 116 -39.66 -64.71 6.35
C PRO K 116 -41.14 -64.94 6.01
N SER K 117 -42.02 -64.10 6.57
CA SER K 117 -43.44 -64.15 6.23
C SER K 117 -43.50 -63.57 4.83
N VAL K 118 -43.82 -64.41 3.83
CA VAL K 118 -43.82 -63.96 2.43
C VAL K 118 -45.18 -63.49 1.93
N PHE K 119 -45.20 -62.26 1.37
CA PHE K 119 -46.35 -61.59 0.83
C PHE K 119 -46.06 -61.15 -0.58
N ILE K 120 -47.08 -61.23 -1.40
CA ILE K 120 -47.01 -60.89 -2.81
C ILE K 120 -48.05 -59.82 -3.14
N PHE K 121 -47.63 -58.89 -4.02
CA PHE K 121 -48.44 -57.76 -4.46
C PHE K 121 -48.53 -57.59 -5.97
N PRO K 122 -49.79 -57.58 -6.48
CA PRO K 122 -50.01 -57.43 -7.93
C PRO K 122 -50.14 -55.96 -8.41
N PRO K 123 -49.77 -55.67 -9.70
CA PRO K 123 -49.85 -54.28 -10.20
C PRO K 123 -51.27 -53.71 -10.20
N SER K 124 -51.40 -52.52 -9.58
CA SER K 124 -52.66 -51.78 -9.47
C SER K 124 -53.13 -51.22 -10.81
N ASP K 125 -54.43 -50.94 -10.89
CA ASP K 125 -55.18 -50.42 -12.03
C ASP K 125 -54.55 -49.14 -12.56
N GLU K 126 -54.29 -48.16 -11.67
CA GLU K 126 -53.66 -46.88 -11.99
C GLU K 126 -52.27 -47.05 -12.58
N GLN K 127 -51.53 -48.05 -12.09
CA GLN K 127 -50.18 -48.35 -12.57
C GLN K 127 -50.23 -48.97 -13.94
N LEU K 128 -51.25 -49.80 -14.20
CA LEU K 128 -51.42 -50.43 -15.50
C LEU K 128 -51.80 -49.40 -16.53
N LYS K 129 -52.79 -48.55 -16.17
CA LYS K 129 -53.27 -47.47 -17.00
C LYS K 129 -52.22 -46.34 -16.96
N SER K 130 -51.05 -46.64 -17.58
CA SER K 130 -49.85 -45.80 -17.71
C SER K 130 -48.89 -46.45 -18.74
N GLY K 131 -48.71 -47.76 -18.63
CA GLY K 131 -47.87 -48.54 -19.53
C GLY K 131 -46.80 -49.41 -18.90
N THR K 132 -46.77 -49.48 -17.54
CA THR K 132 -45.79 -50.29 -16.79
C THR K 132 -46.41 -51.07 -15.64
N ALA K 133 -45.91 -52.31 -15.42
CA ALA K 133 -46.35 -53.22 -14.37
C ALA K 133 -45.19 -53.61 -13.46
N SER K 134 -45.40 -53.42 -12.13
CA SER K 134 -44.41 -53.69 -11.09
C SER K 134 -44.99 -54.69 -10.08
N VAL K 135 -44.38 -55.89 -10.03
CA VAL K 135 -44.78 -56.95 -9.10
C VAL K 135 -43.91 -56.96 -7.90
N VAL K 136 -44.55 -57.01 -6.74
CA VAL K 136 -43.82 -56.95 -5.50
C VAL K 136 -43.91 -58.15 -4.57
N CYS K 137 -42.73 -58.62 -4.16
CA CYS K 137 -42.57 -59.70 -3.22
C CYS K 137 -41.91 -59.13 -1.98
N LEU K 138 -42.57 -59.33 -0.86
CA LEU K 138 -42.15 -58.86 0.43
C LEU K 138 -41.77 -60.06 1.31
N LEU K 139 -40.72 -59.90 2.13
CA LEU K 139 -40.23 -60.91 3.05
C LEU K 139 -40.08 -60.25 4.39
N ASN K 140 -41.18 -60.16 5.14
CA ASN K 140 -41.17 -59.48 6.42
C ASN K 140 -40.50 -60.32 7.48
N ASN K 141 -39.80 -59.63 8.41
CA ASN K 141 -39.12 -60.12 9.62
C ASN K 141 -38.43 -61.49 9.58
N PHE K 142 -37.15 -61.50 9.21
CA PHE K 142 -36.39 -62.72 9.10
C PHE K 142 -34.90 -62.56 9.38
N TYR K 143 -34.32 -63.58 9.99
CA TYR K 143 -32.90 -63.67 10.27
C TYR K 143 -32.37 -65.04 9.82
N PRO K 144 -31.22 -65.15 9.11
CA PRO K 144 -30.29 -64.10 8.67
C PRO K 144 -30.76 -63.28 7.49
N ARG K 145 -29.84 -62.45 6.96
CA ARG K 145 -30.02 -61.52 5.84
C ARG K 145 -29.91 -62.26 4.50
N GLU K 146 -29.36 -63.46 4.54
CA GLU K 146 -29.12 -64.26 3.36
C GLU K 146 -30.42 -64.89 2.88
N ALA K 147 -30.70 -64.66 1.59
CA ALA K 147 -31.87 -65.16 0.89
C ALA K 147 -31.74 -64.88 -0.62
N LYS K 148 -32.51 -65.64 -1.42
CA LYS K 148 -32.60 -65.46 -2.86
C LYS K 148 -34.07 -65.52 -3.25
N VAL K 149 -34.43 -64.63 -4.17
CA VAL K 149 -35.78 -64.50 -4.67
C VAL K 149 -35.78 -64.74 -6.18
N GLN K 150 -36.60 -65.72 -6.61
CA GLN K 150 -36.76 -66.13 -7.99
C GLN K 150 -38.12 -65.66 -8.50
N TRP K 151 -38.13 -65.08 -9.71
CA TRP K 151 -39.37 -64.61 -10.30
C TRP K 151 -39.80 -65.53 -11.43
N LYS K 152 -40.94 -66.23 -11.24
CA LYS K 152 -41.50 -67.17 -12.19
C LYS K 152 -42.80 -66.67 -12.83
N VAL K 153 -42.70 -66.36 -14.13
CA VAL K 153 -43.78 -65.87 -14.99
C VAL K 153 -44.31 -67.12 -15.73
N ASP K 154 -45.42 -67.70 -15.23
CA ASP K 154 -46.02 -68.94 -15.75
C ASP K 154 -44.96 -70.06 -15.76
N ASN K 155 -44.29 -70.25 -14.60
CA ASN K 155 -43.21 -71.22 -14.34
C ASN K 155 -41.92 -71.07 -15.18
N ALA K 156 -41.76 -69.88 -15.79
CA ALA K 156 -40.59 -69.49 -16.58
C ALA K 156 -39.86 -68.37 -15.80
N LEU K 157 -38.61 -68.63 -15.45
CA LEU K 157 -37.76 -67.74 -14.66
C LEU K 157 -37.41 -66.39 -15.27
N GLN K 158 -37.36 -65.36 -14.40
CA GLN K 158 -37.01 -63.98 -14.75
C GLN K 158 -35.77 -63.53 -14.00
N SER K 159 -34.96 -62.63 -14.63
CA SER K 159 -33.70 -62.15 -14.07
C SER K 159 -33.43 -60.62 -14.08
N GLY K 160 -33.07 -60.06 -15.25
CA GLY K 160 -32.72 -58.66 -15.46
C GLY K 160 -33.78 -57.65 -15.06
N ASN K 161 -35.05 -58.02 -15.25
CA ASN K 161 -36.23 -57.20 -14.94
C ASN K 161 -36.60 -57.15 -13.44
N SER K 162 -35.73 -57.72 -12.58
CA SER K 162 -35.89 -57.75 -11.13
C SER K 162 -34.91 -56.79 -10.43
N GLN K 163 -35.29 -56.32 -9.22
CA GLN K 163 -34.50 -55.45 -8.35
C GLN K 163 -34.89 -55.64 -6.89
N GLU K 164 -33.90 -55.73 -6.00
CA GLU K 164 -34.15 -55.97 -4.58
C GLU K 164 -33.72 -54.81 -3.70
N SER K 165 -34.37 -54.66 -2.53
CA SER K 165 -34.06 -53.66 -1.51
C SER K 165 -34.29 -54.26 -0.14
N VAL K 166 -33.28 -54.15 0.73
CA VAL K 166 -33.35 -54.70 2.08
C VAL K 166 -33.27 -53.60 3.14
N THR K 167 -34.06 -53.75 4.21
CA THR K 167 -34.03 -52.80 5.30
C THR K 167 -32.76 -53.03 6.12
N GLU K 168 -32.56 -52.20 7.14
CA GLU K 168 -31.47 -52.40 8.06
C GLU K 168 -31.98 -53.29 9.19
N GLN K 169 -31.07 -53.80 10.02
CA GLN K 169 -31.42 -54.68 11.11
C GLN K 169 -32.21 -54.00 12.22
N ASP K 170 -33.24 -54.68 12.73
CA ASP K 170 -34.07 -54.18 13.81
C ASP K 170 -33.23 -53.90 15.04
N SER K 171 -33.56 -52.83 15.75
CA SER K 171 -32.87 -52.42 16.97
C SER K 171 -33.39 -53.18 18.20
N LYS K 172 -34.46 -53.98 18.05
CA LYS K 172 -35.08 -54.71 19.17
C LYS K 172 -35.50 -56.16 18.86
N ASP K 173 -35.50 -56.56 17.56
CA ASP K 173 -35.87 -57.92 17.13
C ASP K 173 -34.87 -58.46 16.12
N SER K 174 -33.72 -57.79 15.97
CA SER K 174 -32.62 -58.02 15.02
C SER K 174 -32.90 -58.67 13.66
N THR K 175 -34.15 -58.50 13.20
CA THR K 175 -34.73 -59.02 11.96
C THR K 175 -34.34 -58.23 10.72
N TYR K 176 -34.89 -58.60 9.58
CA TYR K 176 -34.65 -57.92 8.32
C TYR K 176 -35.97 -57.90 7.55
N SER K 177 -35.94 -57.44 6.28
CA SER K 177 -37.09 -57.36 5.38
C SER K 177 -36.60 -57.04 3.99
N LEU K 178 -37.02 -57.83 2.99
CA LEU K 178 -36.60 -57.56 1.62
C LEU K 178 -37.80 -57.11 0.74
N SER K 179 -37.51 -56.51 -0.43
CA SER K 179 -38.50 -56.07 -1.40
C SER K 179 -37.98 -56.37 -2.79
N SER K 180 -38.61 -57.32 -3.46
CA SER K 180 -38.22 -57.64 -4.84
C SER K 180 -39.22 -57.02 -5.78
N THR K 181 -38.70 -56.37 -6.83
CA THR K 181 -39.58 -55.71 -7.79
C THR K 181 -39.32 -56.17 -9.20
N LEU K 182 -40.33 -56.86 -9.76
CA LEU K 182 -40.26 -57.33 -11.12
C LEU K 182 -40.99 -56.32 -11.94
N THR K 183 -40.25 -55.73 -12.89
CA THR K 183 -40.79 -54.67 -13.71
C THR K 183 -40.68 -54.94 -15.19
N LEU K 184 -41.86 -54.89 -15.86
CA LEU K 184 -42.06 -55.04 -17.30
C LEU K 184 -43.31 -54.27 -17.74
N SER K 185 -43.39 -53.95 -19.05
CA SER K 185 -44.51 -53.21 -19.64
C SER K 185 -45.87 -53.91 -19.47
N LYS K 186 -46.97 -53.13 -19.65
CA LYS K 186 -48.37 -53.54 -19.59
C LYS K 186 -48.61 -54.68 -20.61
N ALA K 187 -47.89 -54.62 -21.75
CA ALA K 187 -47.88 -55.59 -22.84
C ALA K 187 -47.49 -57.00 -22.37
N ASP K 188 -46.29 -57.12 -21.78
CA ASP K 188 -45.75 -58.37 -21.25
C ASP K 188 -46.53 -58.85 -20.04
N TYR K 189 -47.27 -57.95 -19.37
CA TYR K 189 -48.10 -58.29 -18.23
C TYR K 189 -49.40 -58.98 -18.66
N GLU K 190 -49.96 -58.56 -19.83
CA GLU K 190 -51.19 -59.15 -20.35
C GLU K 190 -50.95 -60.58 -20.84
N LYS K 191 -49.76 -60.84 -21.43
CA LYS K 191 -49.33 -62.11 -22.00
C LYS K 191 -49.34 -63.34 -21.08
N HIS K 192 -49.34 -63.15 -19.74
CA HIS K 192 -49.28 -64.25 -18.77
C HIS K 192 -50.28 -64.08 -17.62
N LYS K 193 -50.87 -65.20 -17.13
CA LYS K 193 -51.91 -65.20 -16.07
C LYS K 193 -51.43 -65.46 -14.64
N VAL K 194 -50.54 -66.46 -14.44
CA VAL K 194 -50.07 -66.81 -13.09
C VAL K 194 -48.60 -66.44 -12.80
N TYR K 195 -48.43 -65.42 -11.95
CA TYR K 195 -47.13 -64.91 -11.53
C TYR K 195 -46.75 -65.46 -10.18
N ALA K 196 -45.53 -66.01 -10.10
CA ALA K 196 -45.01 -66.62 -8.88
C ALA K 196 -43.68 -66.06 -8.42
N CYS K 197 -43.50 -66.06 -7.10
CA CYS K 197 -42.31 -65.57 -6.43
C CYS K 197 -41.75 -66.68 -5.54
N GLU K 198 -40.56 -67.22 -5.89
CA GLU K 198 -39.88 -68.30 -5.14
C GLU K 198 -38.86 -67.75 -4.15
N VAL K 199 -38.99 -68.18 -2.89
CA VAL K 199 -38.20 -67.73 -1.74
C VAL K 199 -37.32 -68.87 -1.14
N THR K 200 -36.00 -68.65 -1.05
CA THR K 200 -35.01 -69.61 -0.51
C THR K 200 -34.28 -69.04 0.74
N HIS K 201 -34.75 -69.43 1.94
CA HIS K 201 -34.17 -68.98 3.22
C HIS K 201 -33.75 -70.17 4.11
N GLN K 202 -32.78 -69.93 5.00
CA GLN K 202 -32.26 -70.88 5.99
C GLN K 202 -33.36 -71.39 6.91
N GLY K 203 -34.19 -70.48 7.43
CA GLY K 203 -35.30 -70.78 8.33
C GLY K 203 -36.50 -71.42 7.66
N LEU K 204 -36.44 -71.53 6.32
CA LEU K 204 -37.47 -72.12 5.46
C LEU K 204 -37.15 -73.56 5.12
N SER K 205 -38.03 -74.46 5.58
CA SER K 205 -37.95 -75.92 5.39
C SER K 205 -37.86 -76.25 3.89
N SER K 206 -38.88 -75.82 3.14
CA SER K 206 -38.97 -76.01 1.69
C SER K 206 -39.14 -74.65 1.03
N PRO K 207 -38.47 -74.41 -0.14
CA PRO K 207 -38.58 -73.11 -0.82
C PRO K 207 -39.98 -72.60 -1.13
N VAL K 208 -40.60 -71.95 -0.11
CA VAL K 208 -41.94 -71.37 -0.11
C VAL K 208 -42.14 -70.39 -1.26
N THR K 209 -43.21 -70.67 -2.04
CA THR K 209 -43.61 -69.86 -3.17
C THR K 209 -45.00 -69.32 -2.90
N LYS K 210 -45.12 -67.98 -3.00
CA LYS K 210 -46.36 -67.24 -2.88
C LYS K 210 -46.63 -66.64 -4.24
N SER K 211 -47.89 -66.76 -4.71
CA SER K 211 -48.27 -66.32 -6.04
C SER K 211 -49.73 -65.84 -6.13
N PHE K 212 -50.07 -65.35 -7.33
CA PHE K 212 -51.40 -64.88 -7.69
C PHE K 212 -51.70 -65.21 -9.15
N ASN K 213 -53.00 -65.24 -9.50
CA ASN K 213 -53.52 -65.47 -10.86
C ASN K 213 -54.17 -64.15 -11.31
N ARG K 214 -53.83 -63.70 -12.54
CA ARG K 214 -54.32 -62.42 -13.09
C ARG K 214 -55.84 -62.31 -13.16
N GLY K 215 -56.38 -61.47 -12.29
CA GLY K 215 -57.80 -61.25 -12.19
C GLY K 215 -58.46 -62.10 -11.14
N GLU K 216 -58.16 -63.42 -11.16
CA GLU K 216 -58.69 -64.42 -10.22
C GLU K 216 -58.36 -64.04 -8.77
N CYS K 217 -59.40 -63.87 -7.92
CA CYS K 217 -59.26 -63.51 -6.51
C CYS K 217 -60.02 -64.46 -5.56
N GLU L 1 29.37 8.64 -19.68
CA GLU L 1 30.09 7.75 -20.60
C GLU L 1 30.41 8.33 -22.00
N LEU L 2 29.75 9.46 -22.38
CA LEU L 2 30.05 10.19 -23.61
C LEU L 2 31.34 10.89 -23.32
N VAL L 3 32.20 11.03 -24.34
CA VAL L 3 33.49 11.69 -24.18
C VAL L 3 33.74 12.74 -25.27
N MET L 4 34.38 13.84 -24.90
CA MET L 4 34.75 14.85 -25.86
C MET L 4 36.25 14.92 -25.90
N THR L 5 36.79 14.86 -27.13
CA THR L 5 38.21 14.87 -27.39
C THR L 5 38.63 16.14 -28.07
N GLN L 6 39.03 17.09 -27.21
CA GLN L 6 39.47 18.41 -27.58
C GLN L 6 40.95 18.44 -27.91
N THR L 7 41.25 18.94 -29.12
CA THR L 7 42.61 19.08 -29.63
C THR L 7 42.74 20.42 -30.35
N PRO L 8 43.85 21.15 -30.08
CA PRO L 8 44.98 20.80 -29.20
C PRO L 8 44.79 21.17 -27.71
N SER L 9 45.81 20.89 -26.86
CA SER L 9 45.82 21.27 -25.44
C SER L 9 46.04 22.81 -25.33
N SER L 10 47.01 23.34 -26.11
CA SER L 10 47.38 24.74 -26.21
C SER L 10 47.60 25.12 -27.68
N VAL L 11 47.56 26.43 -27.99
CA VAL L 11 47.75 26.98 -29.33
C VAL L 11 48.16 28.47 -29.27
N SER L 12 49.21 28.83 -30.06
CA SER L 12 49.76 30.18 -30.16
C SER L 12 49.52 30.71 -31.55
N GLU L 13 49.17 32.00 -31.68
CA GLU L 13 48.84 32.58 -32.99
C GLU L 13 48.86 34.09 -32.99
N PRO L 14 49.42 34.73 -34.03
CA PRO L 14 49.40 36.21 -34.07
C PRO L 14 48.04 36.78 -34.36
N VAL L 15 47.88 38.10 -34.16
CA VAL L 15 46.65 38.83 -34.49
C VAL L 15 46.53 38.78 -36.04
N GLY L 16 45.31 38.48 -36.52
CA GLY L 16 44.97 38.28 -37.92
C GLY L 16 44.88 36.80 -38.20
N GLY L 17 45.85 36.05 -37.64
CA GLY L 17 46.01 34.60 -37.73
C GLY L 17 44.73 33.84 -37.45
N THR L 18 44.57 32.63 -37.98
CA THR L 18 43.33 31.90 -37.72
C THR L 18 43.50 30.62 -36.87
N VAL L 19 42.54 30.37 -35.94
CA VAL L 19 42.63 29.22 -35.02
C VAL L 19 41.57 28.17 -35.25
N THR L 20 41.94 26.91 -35.02
CA THR L 20 41.10 25.77 -35.25
C THR L 20 41.14 24.80 -34.09
N ILE L 21 40.00 24.71 -33.38
CA ILE L 21 39.90 23.76 -32.28
C ILE L 21 38.98 22.63 -32.70
N LYS L 22 39.44 21.41 -32.43
CA LYS L 22 38.75 20.20 -32.82
C LYS L 22 38.23 19.39 -31.62
N CYS L 23 36.98 18.91 -31.75
CA CYS L 23 36.34 18.05 -30.78
C CYS L 23 35.92 16.75 -31.39
N GLN L 24 36.33 15.65 -30.74
CA GLN L 24 36.06 14.30 -31.18
C GLN L 24 35.10 13.59 -30.22
N ALA L 25 33.83 13.54 -30.65
CA ALA L 25 32.71 12.89 -29.98
C ALA L 25 32.90 11.34 -29.83
N SER L 26 32.60 10.77 -28.66
CA SER L 26 32.69 9.32 -28.42
C SER L 26 31.37 8.59 -28.86
N GLN L 27 30.29 9.35 -29.15
CA GLN L 27 28.99 8.82 -29.54
C GLN L 27 28.28 9.79 -30.50
N SER L 28 27.01 9.46 -30.85
CA SER L 28 26.12 10.17 -31.78
C SER L 28 26.25 11.70 -31.84
N ILE L 29 25.61 12.46 -30.91
CA ILE L 29 25.59 13.94 -30.83
C ILE L 29 25.15 14.54 -32.16
N SER L 30 23.89 14.96 -32.28
CA SER L 30 23.45 15.51 -33.56
C SER L 30 24.00 16.94 -33.62
N SER L 31 23.15 17.92 -33.35
CA SER L 31 23.58 19.29 -33.24
C SER L 31 23.79 19.48 -31.72
N TRP L 32 23.88 18.35 -30.96
CA TRP L 32 24.08 18.26 -29.52
C TRP L 32 25.44 18.82 -29.09
N LEU L 33 25.90 19.90 -29.73
CA LEU L 33 27.20 20.48 -29.44
C LEU L 33 27.24 22.02 -29.40
N SER L 34 27.99 22.55 -28.40
CA SER L 34 28.18 23.98 -28.15
C SER L 34 29.60 24.37 -27.75
N TRP L 35 30.02 25.56 -28.19
CA TRP L 35 31.36 26.11 -27.96
C TRP L 35 31.37 27.32 -27.05
N TYR L 36 32.32 27.28 -26.07
CA TYR L 36 32.52 28.30 -25.03
C TYR L 36 33.94 28.81 -24.86
N GLN L 37 34.04 30.14 -24.65
CA GLN L 37 35.27 30.86 -24.35
C GLN L 37 35.20 31.17 -22.86
N GLN L 38 36.30 30.89 -22.15
CA GLN L 38 36.34 31.19 -20.71
C GLN L 38 37.62 31.95 -20.31
N LYS L 39 37.45 33.27 -20.09
CA LYS L 39 38.54 34.13 -19.64
C LYS L 39 38.82 33.83 -18.16
N PRO L 40 40.06 34.02 -17.64
CA PRO L 40 40.34 33.66 -16.23
C PRO L 40 39.49 34.37 -15.19
N GLY L 41 39.04 33.59 -14.18
CA GLY L 41 38.18 34.03 -13.09
C GLY L 41 36.93 34.70 -13.63
N GLN L 42 36.17 33.93 -14.43
CA GLN L 42 34.99 34.38 -15.15
C GLN L 42 34.17 33.17 -15.58
N PRO L 43 32.81 33.27 -15.60
CA PRO L 43 32.02 32.09 -16.04
C PRO L 43 32.04 31.99 -17.57
N PRO L 44 32.10 30.75 -18.12
CA PRO L 44 32.18 30.61 -19.58
C PRO L 44 31.15 31.43 -20.35
N LYS L 45 31.47 31.78 -21.59
CA LYS L 45 30.54 32.50 -22.45
C LYS L 45 30.23 31.59 -23.66
N LEU L 46 28.93 31.43 -24.01
CA LEU L 46 28.52 30.64 -25.18
C LEU L 46 28.80 31.46 -26.43
N LEU L 47 29.51 30.82 -27.38
CA LEU L 47 29.86 31.43 -28.66
C LEU L 47 28.99 30.78 -29.77
N ILE L 48 29.08 29.43 -29.87
CA ILE L 48 28.41 28.61 -30.87
C ILE L 48 27.60 27.60 -30.13
N TYR L 49 26.33 27.44 -30.55
CA TYR L 49 25.35 26.44 -30.07
C TYR L 49 24.90 25.66 -31.28
N ASP L 50 24.24 24.51 -31.02
CA ASP L 50 23.71 23.61 -32.05
C ASP L 50 24.67 23.47 -33.23
N ALA L 51 25.97 23.21 -32.88
CA ALA L 51 27.18 23.02 -33.72
C ALA L 51 27.65 24.11 -34.71
N SER L 52 26.77 24.98 -35.23
CA SER L 52 27.18 25.92 -36.26
C SER L 52 26.66 27.37 -36.22
N ASN L 53 25.87 27.76 -35.19
CA ASN L 53 25.23 29.09 -35.12
C ASN L 53 25.76 29.91 -33.97
N LEU L 54 26.07 31.21 -34.20
CA LEU L 54 26.57 32.06 -33.14
C LEU L 54 25.54 32.75 -32.28
N ALA L 55 25.82 32.77 -30.94
CA ALA L 55 24.99 33.42 -29.93
C ALA L 55 25.00 34.90 -30.24
N SER L 56 24.04 35.66 -29.70
CA SER L 56 24.00 37.10 -29.94
C SER L 56 25.17 37.76 -29.23
N GLY L 57 25.68 38.82 -29.84
CA GLY L 57 26.82 39.56 -29.30
C GLY L 57 28.14 39.03 -29.82
N VAL L 58 28.28 37.69 -29.90
CA VAL L 58 29.46 36.98 -30.40
C VAL L 58 29.78 37.46 -31.82
N PRO L 59 31.05 37.86 -32.09
CA PRO L 59 31.40 38.35 -33.42
C PRO L 59 31.59 37.26 -34.48
N SER L 60 31.31 37.66 -35.73
CA SER L 60 31.38 36.89 -36.98
C SER L 60 32.61 36.00 -37.14
N ARG L 61 33.79 36.45 -36.64
CA ARG L 61 35.05 35.70 -36.71
C ARG L 61 34.98 34.32 -36.03
N PHE L 62 33.90 34.05 -35.28
CA PHE L 62 33.69 32.79 -34.61
C PHE L 62 32.83 31.90 -35.52
N MET L 63 33.35 30.70 -35.81
CA MET L 63 32.70 29.77 -36.73
C MET L 63 32.69 28.38 -36.20
N GLY L 64 31.53 27.78 -36.29
CA GLY L 64 31.31 26.42 -35.85
C GLY L 64 30.88 25.52 -36.97
N SER L 65 31.26 24.26 -36.84
CA SER L 65 30.92 23.22 -37.79
C SER L 65 31.23 21.87 -37.18
N GLY L 66 30.86 20.83 -37.92
CA GLY L 66 31.05 19.45 -37.55
C GLY L 66 30.50 18.46 -38.55
N SER L 67 31.18 17.32 -38.66
CA SER L 67 30.82 16.22 -39.54
C SER L 67 30.69 14.91 -38.75
N GLY L 68 29.49 14.72 -38.19
CA GLY L 68 29.07 13.53 -37.47
C GLY L 68 29.75 13.24 -36.14
N THR L 69 31.09 13.15 -36.14
CA THR L 69 31.83 12.87 -34.91
C THR L 69 33.02 13.86 -34.70
N GLU L 70 33.22 14.76 -35.68
CA GLU L 70 34.29 15.75 -35.67
C GLU L 70 33.66 17.12 -35.70
N TYR L 71 33.99 17.95 -34.72
CA TYR L 71 33.44 19.31 -34.62
C TYR L 71 34.56 20.34 -34.56
N THR L 72 34.38 21.45 -35.29
CA THR L 72 35.43 22.47 -35.34
C THR L 72 35.02 23.90 -35.05
N LEU L 73 35.75 24.49 -34.09
CA LEU L 73 35.66 25.90 -33.79
C LEU L 73 36.80 26.57 -34.52
N THR L 74 36.41 27.57 -35.31
CA THR L 74 37.29 28.30 -36.16
C THR L 74 37.21 29.80 -35.90
N ILE L 75 38.12 30.31 -35.04
CA ILE L 75 38.21 31.76 -34.84
C ILE L 75 39.09 32.20 -36.03
N SER L 76 38.46 32.98 -36.93
CA SER L 76 39.12 33.45 -38.14
C SER L 76 40.12 34.57 -37.78
N GLY L 77 39.83 35.84 -38.12
CA GLY L 77 40.75 36.94 -37.84
C GLY L 77 40.93 37.23 -36.37
N VAL L 78 41.77 36.40 -35.66
CA VAL L 78 41.96 36.54 -34.21
C VAL L 78 42.38 37.91 -33.78
N GLN L 79 41.78 38.39 -32.65
CA GLN L 79 42.06 39.66 -32.00
C GLN L 79 42.62 39.38 -30.61
N ARG L 80 43.27 40.40 -29.98
CA ARG L 80 43.94 40.28 -28.67
C ARG L 80 43.10 39.65 -27.53
N GLU L 81 41.79 40.07 -27.45
CA GLU L 81 40.76 39.64 -26.51
C GLU L 81 40.58 38.13 -26.49
N ASP L 82 40.38 37.52 -27.66
CA ASP L 82 40.15 36.08 -27.88
C ASP L 82 41.10 35.15 -27.10
N ALA L 83 42.15 35.73 -26.49
CA ALA L 83 43.10 35.02 -25.65
C ALA L 83 42.30 34.52 -24.46
N ALA L 84 42.14 33.19 -24.37
CA ALA L 84 41.37 32.56 -23.30
C ALA L 84 41.41 31.05 -23.49
N THR L 85 40.79 30.30 -22.55
CA THR L 85 40.66 28.88 -22.76
C THR L 85 39.28 28.60 -23.40
N TYR L 86 39.22 27.53 -24.24
CA TYR L 86 38.02 27.19 -25.02
C TYR L 86 37.59 25.80 -24.79
N TYR L 87 36.27 25.62 -24.60
CA TYR L 87 35.69 24.31 -24.33
C TYR L 87 34.52 24.03 -25.25
N CYS L 88 34.29 22.75 -25.51
CA CYS L 88 33.16 22.31 -26.30
C CYS L 88 32.32 21.45 -25.39
N LEU L 89 31.04 21.52 -25.60
CA LEU L 89 30.13 20.73 -24.81
C LEU L 89 29.26 19.90 -25.72
N GLY L 90 29.34 18.60 -25.50
CA GLY L 90 28.60 17.64 -26.30
C GLY L 90 27.60 16.80 -25.55
N GLY L 91 26.45 16.61 -26.17
CA GLY L 91 25.37 15.77 -25.67
C GLY L 91 24.17 16.50 -25.12
N TYR L 92 23.30 15.73 -24.46
CA TYR L 92 22.08 16.20 -23.82
C TYR L 92 22.09 15.64 -22.42
N PRO L 93 21.57 16.37 -21.40
CA PRO L 93 21.62 15.82 -20.02
C PRO L 93 20.86 14.52 -19.87
N ALA L 94 19.71 14.38 -20.61
CA ALA L 94 18.76 13.25 -20.64
C ALA L 94 19.36 11.93 -21.16
N ALA L 95 20.65 11.70 -20.82
CA ALA L 95 21.48 10.55 -21.16
C ALA L 95 21.40 10.13 -22.68
N SER L 96 21.61 8.86 -23.11
CA SER L 96 21.94 7.65 -22.36
C SER L 96 23.36 7.72 -21.89
N TYR L 97 24.12 8.63 -22.52
CA TYR L 97 25.54 8.93 -22.31
C TYR L 97 25.76 10.34 -21.65
N ARG L 98 24.64 11.01 -21.29
CA ARG L 98 24.60 12.33 -20.67
C ARG L 98 25.23 13.40 -21.58
N THR L 99 25.76 14.47 -20.98
CA THR L 99 26.42 15.58 -21.65
C THR L 99 27.83 15.68 -21.08
N ALA L 100 28.85 15.89 -21.94
CA ALA L 100 30.25 15.98 -21.52
C ALA L 100 31.00 17.16 -22.11
N PHE L 101 32.08 17.56 -21.41
CA PHE L 101 32.95 18.69 -21.74
C PHE L 101 34.22 18.34 -22.49
N GLY L 102 34.66 19.27 -23.35
CA GLY L 102 35.86 19.18 -24.16
C GLY L 102 37.15 18.94 -23.40
N GLY L 103 37.37 19.74 -22.36
CA GLY L 103 38.57 19.58 -21.55
C GLY L 103 39.64 20.63 -21.78
N GLY L 104 39.29 21.65 -22.56
CA GLY L 104 40.13 22.81 -22.81
C GLY L 104 41.16 22.79 -23.91
N THR L 105 41.48 24.01 -24.33
CA THR L 105 42.44 24.42 -25.32
C THR L 105 42.75 25.91 -25.08
N GLU L 106 43.92 26.18 -24.43
CA GLU L 106 44.37 27.53 -24.13
C GLU L 106 44.87 28.25 -25.37
N LEU L 107 44.32 29.43 -25.66
CA LEU L 107 44.81 30.20 -26.80
C LEU L 107 45.73 31.37 -26.38
N GLU L 108 47.00 31.29 -26.86
CA GLU L 108 47.99 32.33 -26.67
C GLU L 108 47.99 33.24 -27.89
N ILE L 109 47.64 34.53 -27.74
CA ILE L 109 47.75 35.47 -28.83
C ILE L 109 49.25 35.84 -28.94
N ILE L 110 49.78 35.98 -30.20
CA ILE L 110 51.18 36.29 -30.46
C ILE L 110 51.38 37.72 -30.96
N ARG L 111 52.20 38.46 -30.21
CA ARG L 111 52.53 39.87 -30.44
C ARG L 111 54.05 40.02 -30.50
N THR L 112 54.49 41.26 -30.75
CA THR L 112 55.89 41.65 -30.81
C THR L 112 56.59 41.30 -29.48
N VAL L 113 57.91 41.35 -29.44
CA VAL L 113 58.61 41.13 -28.17
C VAL L 113 58.44 42.37 -27.26
N ALA L 114 58.52 42.16 -25.94
CA ALA L 114 58.47 43.21 -24.93
C ALA L 114 59.37 42.84 -23.76
N ALA L 115 60.14 43.84 -23.31
CA ALA L 115 61.08 43.71 -22.21
C ALA L 115 60.41 43.89 -20.83
N PRO L 116 60.63 42.89 -19.94
CA PRO L 116 60.07 43.00 -18.58
C PRO L 116 60.72 44.11 -17.75
N SER L 117 59.91 45.09 -17.30
CA SER L 117 60.42 46.14 -16.42
C SER L 117 60.61 45.43 -15.07
N VAL L 118 61.87 45.27 -14.62
CA VAL L 118 62.14 44.51 -13.40
C VAL L 118 62.24 45.37 -12.15
N PHE L 119 61.46 44.98 -11.11
CA PHE L 119 61.37 45.63 -9.82
C PHE L 119 61.61 44.63 -8.73
N ILE L 120 62.27 45.10 -7.68
CA ILE L 120 62.63 44.29 -6.54
C ILE L 120 62.09 44.90 -5.26
N PHE L 121 61.62 44.02 -4.33
CA PHE L 121 61.02 44.39 -3.08
C PHE L 121 61.61 43.66 -1.86
N PRO L 122 62.07 44.47 -0.87
CA PRO L 122 62.67 43.91 0.34
C PRO L 122 61.67 43.62 1.48
N PRO L 123 61.96 42.63 2.37
CA PRO L 123 61.03 42.33 3.47
C PRO L 123 60.83 43.47 4.45
N SER L 124 59.56 43.81 4.69
CA SER L 124 59.15 44.88 5.59
C SER L 124 59.41 44.53 7.07
N ASP L 125 59.51 45.59 7.88
CA ASP L 125 59.77 45.60 9.31
C ASP L 125 58.79 44.69 10.07
N GLU L 126 57.48 44.86 9.81
CA GLU L 126 56.40 44.07 10.41
C GLU L 126 56.52 42.59 10.07
N GLN L 127 56.98 42.28 8.86
CA GLN L 127 57.18 40.91 8.39
C GLN L 127 58.37 40.28 9.08
N LEU L 128 59.41 41.08 9.34
CA LEU L 128 60.61 40.62 10.02
C LEU L 128 60.29 40.33 11.46
N LYS L 129 59.60 41.28 12.10
CA LYS L 129 59.16 41.16 13.48
C LYS L 129 57.96 40.20 13.53
N SER L 130 58.25 38.91 13.24
CA SER L 130 57.36 37.75 13.18
C SER L 130 58.21 36.46 13.12
N GLY L 131 59.25 36.47 12.29
CA GLY L 131 60.18 35.35 12.13
C GLY L 131 60.42 34.84 10.72
N THR L 132 59.84 35.53 9.69
CA THR L 132 59.99 35.14 8.28
C THR L 132 60.22 36.33 7.36
N ALA L 133 61.07 36.11 6.34
CA ALA L 133 61.44 37.11 5.33
C ALA L 133 61.09 36.61 3.92
N SER L 134 60.34 37.43 3.17
CA SER L 134 59.90 37.15 1.81
C SER L 134 60.37 38.25 0.87
N VAL L 135 61.25 37.86 -0.09
CA VAL L 135 61.79 38.77 -1.09
C VAL L 135 61.06 38.65 -2.37
N VAL L 136 60.68 39.81 -2.92
CA VAL L 136 59.89 39.82 -4.13
C VAL L 136 60.51 40.47 -5.35
N CYS L 137 60.47 39.72 -6.46
CA CYS L 137 60.92 40.17 -7.76
C CYS L 137 59.72 40.18 -8.67
N LEU L 138 59.49 41.33 -9.27
CA LEU L 138 58.38 41.60 -10.16
C LEU L 138 58.92 41.84 -11.58
N LEU L 139 58.19 41.35 -12.59
CA LEU L 139 58.52 41.48 -14.01
C LEU L 139 57.29 41.99 -14.70
N ASN L 140 57.07 43.29 -14.67
CA ASN L 140 55.87 43.87 -15.25
C ASN L 140 55.95 43.90 -16.76
N ASN L 141 54.79 43.71 -17.41
CA ASN L 141 54.49 43.78 -18.86
C ASN L 141 55.55 43.30 -19.86
N PHE L 142 55.48 42.02 -20.21
CA PHE L 142 56.45 41.43 -21.11
C PHE L 142 55.89 40.29 -21.94
N TYR L 143 56.36 40.18 -23.18
CA TYR L 143 56.02 39.11 -24.09
C TYR L 143 57.32 38.56 -24.72
N PRO L 144 57.54 37.22 -24.82
CA PRO L 144 56.68 36.10 -24.43
C PRO L 144 56.62 35.83 -22.94
N ARG L 145 55.99 34.70 -22.58
CA ARG L 145 55.77 34.22 -21.22
C ARG L 145 57.02 33.51 -20.68
N GLU L 146 57.91 33.14 -21.60
CA GLU L 146 59.12 32.42 -21.26
C GLU L 146 60.13 33.34 -20.62
N ALA L 147 60.60 32.91 -19.45
CA ALA L 147 61.61 33.59 -18.62
C ALA L 147 62.06 32.69 -17.46
N LYS L 148 63.23 33.02 -16.91
CA LYS L 148 63.78 32.35 -15.74
C LYS L 148 64.29 33.40 -14.78
N VAL L 149 64.04 33.16 -13.50
CA VAL L 149 64.41 34.07 -12.42
C VAL L 149 65.33 33.32 -11.46
N GLN L 150 66.54 33.89 -11.27
CA GLN L 150 67.59 33.37 -10.39
C GLN L 150 67.69 34.23 -9.14
N TRP L 151 67.77 33.58 -7.98
CA TRP L 151 67.90 34.30 -6.71
C TRP L 151 69.32 34.18 -6.17
N LYS L 152 70.04 35.31 -6.13
CA LYS L 152 71.41 35.39 -5.63
C LYS L 152 71.53 36.12 -4.29
N VAL L 153 71.87 35.35 -3.26
CA VAL L 153 72.06 35.79 -1.88
C VAL L 153 73.57 35.96 -1.72
N ASP L 154 74.05 37.22 -1.83
CA ASP L 154 75.48 37.58 -1.79
C ASP L 154 76.25 36.76 -2.86
N ASN L 155 75.74 36.81 -4.11
CA ASN L 155 76.25 36.10 -5.29
C ASN L 155 76.26 34.56 -5.24
N ALA L 156 75.49 34.00 -4.29
CA ALA L 156 75.29 32.56 -4.10
C ALA L 156 73.84 32.25 -4.44
N LEU L 157 73.64 31.36 -5.43
CA LEU L 157 72.34 30.97 -5.96
C LEU L 157 71.40 30.25 -5.00
N GLN L 158 70.10 30.55 -5.14
CA GLN L 158 69.01 29.93 -4.36
C GLN L 158 68.01 29.23 -5.28
N SER L 159 67.40 28.14 -4.78
CA SER L 159 66.48 27.31 -5.56
C SER L 159 65.11 26.91 -4.90
N GLY L 160 65.14 25.95 -3.97
CA GLY L 160 63.96 25.41 -3.28
C GLY L 160 63.11 26.41 -2.53
N ASN L 161 63.75 27.44 -1.97
CA ASN L 161 63.13 28.52 -1.20
C ASN L 161 62.45 29.60 -2.06
N SER L 162 62.36 29.35 -3.39
CA SER L 162 61.72 30.24 -4.36
C SER L 162 60.39 29.67 -4.86
N GLN L 163 59.48 30.57 -5.28
CA GLN L 163 58.15 30.26 -5.81
C GLN L 163 57.69 31.37 -6.77
N GLU L 164 57.16 30.97 -7.93
CA GLU L 164 56.76 31.92 -8.95
C GLU L 164 55.25 31.87 -9.22
N SER L 165 54.70 33.02 -9.67
CA SER L 165 53.31 33.20 -10.04
C SER L 165 53.22 34.14 -11.21
N VAL L 166 52.53 33.72 -12.26
CA VAL L 166 52.39 34.52 -13.47
C VAL L 166 50.94 34.88 -13.70
N THR L 167 50.69 36.13 -14.13
CA THR L 167 49.34 36.57 -14.46
C THR L 167 48.92 35.94 -15.77
N GLU L 168 47.68 36.19 -16.18
CA GLU L 168 47.23 35.73 -17.46
C GLU L 168 47.52 36.86 -18.47
N GLN L 169 47.39 36.54 -19.76
CA GLN L 169 47.66 37.47 -20.84
C GLN L 169 46.71 38.63 -20.90
N ASP L 170 47.24 39.82 -21.13
CA ASP L 170 46.44 41.03 -21.27
C ASP L 170 45.44 40.91 -22.42
N SER L 171 44.24 41.46 -22.22
CA SER L 171 43.17 41.43 -23.22
C SER L 171 43.32 42.58 -24.24
N LYS L 172 44.30 43.48 -24.03
CA LYS L 172 44.51 44.63 -24.93
C LYS L 172 45.99 44.98 -25.24
N ASP L 173 46.95 44.36 -24.50
CA ASP L 173 48.38 44.60 -24.71
C ASP L 173 49.16 43.27 -24.74
N SER L 174 48.43 42.15 -24.83
CA SER L 174 48.88 40.75 -24.78
C SER L 174 50.13 40.36 -24.02
N THR L 175 50.44 41.19 -23.00
CA THR L 175 51.59 41.10 -22.10
C THR L 175 51.45 40.07 -20.99
N TYR L 176 52.41 40.02 -20.09
CA TYR L 176 52.38 39.11 -18.95
C TYR L 176 52.98 39.86 -17.75
N SER L 177 53.20 39.15 -16.63
CA SER L 177 53.79 39.66 -15.38
C SER L 177 54.09 38.49 -14.46
N LEU L 178 55.32 38.42 -13.94
CA LEU L 178 55.66 37.34 -13.02
C LEU L 178 55.91 37.88 -11.59
N SER L 179 55.89 36.98 -10.59
CA SER L 179 56.14 37.28 -9.19
C SER L 179 56.96 36.15 -8.59
N SER L 180 58.21 36.44 -8.28
CA SER L 180 59.07 35.44 -7.65
C SER L 180 59.17 35.75 -6.17
N THR L 181 59.04 34.71 -5.35
CA THR L 181 59.09 34.90 -3.91
C THR L 181 60.12 34.00 -3.27
N LEU L 182 61.16 34.64 -2.74
CA LEU L 182 62.20 33.93 -2.03
C LEU L 182 61.88 34.02 -0.59
N THR L 183 61.68 32.86 0.04
CA THR L 183 61.27 32.80 1.43
C THR L 183 62.20 31.98 2.30
N LEU L 184 62.70 32.64 3.36
CA LEU L 184 63.56 32.11 4.42
C LEU L 184 63.36 32.88 5.73
N SER L 185 63.73 32.26 6.86
CA SER L 185 63.59 32.85 8.20
C SER L 185 64.36 34.16 8.38
N LYS L 186 64.00 34.92 9.45
CA LYS L 186 64.60 36.20 9.88
C LYS L 186 66.10 35.97 10.14
N ALA L 187 66.46 34.76 10.64
CA ALA L 187 67.82 34.28 10.93
C ALA L 187 68.71 34.33 9.69
N ASP L 188 68.29 33.63 8.61
CA ASP L 188 69.01 33.57 7.33
C ASP L 188 69.00 34.90 6.61
N TYR L 189 68.05 35.78 6.95
CA TYR L 189 67.96 37.11 6.37
C TYR L 189 69.01 38.05 6.96
N GLU L 190 69.31 37.90 8.27
CA GLU L 190 70.31 38.73 8.94
C GLU L 190 71.72 38.42 8.45
N LYS L 191 71.98 37.13 8.16
CA LYS L 191 73.27 36.58 7.72
C LYS L 191 73.88 37.17 6.42
N HIS L 192 73.06 37.85 5.57
CA HIS L 192 73.54 38.40 4.30
C HIS L 192 73.03 39.82 4.04
N LYS L 193 73.87 40.69 3.42
CA LYS L 193 73.56 42.12 3.18
C LYS L 193 73.01 42.47 1.78
N VAL L 194 73.60 41.90 0.71
CA VAL L 194 73.18 42.21 -0.67
C VAL L 194 72.44 41.07 -1.39
N TYR L 195 71.14 41.27 -1.59
CA TYR L 195 70.26 40.32 -2.25
C TYR L 195 70.02 40.74 -3.68
N ALA L 196 70.20 39.78 -4.61
CA ALA L 196 70.04 40.02 -6.04
C ALA L 196 69.07 39.06 -6.73
N CYS L 197 68.40 39.59 -7.77
CA CYS L 197 67.43 38.85 -8.56
C CYS L 197 67.84 38.94 -10.03
N GLU L 198 68.25 37.77 -10.63
CA GLU L 198 68.70 37.67 -12.03
C GLU L 198 67.55 37.26 -12.95
N VAL L 199 67.35 38.04 -14.02
CA VAL L 199 66.27 37.91 -15.00
C VAL L 199 66.80 37.57 -16.42
N THR L 200 66.31 36.46 -17.01
CA THR L 200 66.68 35.99 -18.37
C THR L 200 65.45 35.96 -19.33
N HIS L 201 65.30 37.00 -20.15
CA HIS L 201 64.19 37.10 -21.12
C HIS L 201 64.71 37.33 -22.56
N GLN L 202 63.90 36.92 -23.55
CA GLN L 202 64.15 37.07 -24.98
C GLN L 202 64.35 38.54 -25.37
N GLY L 203 63.48 39.43 -24.89
CA GLY L 203 63.52 40.86 -25.15
C GLY L 203 64.61 41.62 -24.42
N LEU L 204 65.33 40.90 -23.52
CA LEU L 204 66.45 41.40 -22.72
C LEU L 204 67.77 41.08 -23.36
N SER L 205 68.51 42.15 -23.75
CA SER L 205 69.83 42.03 -24.40
C SER L 205 70.82 41.21 -23.55
N SER L 206 71.00 41.64 -22.30
CA SER L 206 71.86 41.01 -21.33
C SER L 206 71.04 40.72 -20.07
N PRO L 207 71.26 39.53 -19.43
CA PRO L 207 70.50 39.17 -18.21
C PRO L 207 70.49 40.18 -17.06
N VAL L 208 69.56 41.16 -17.17
CA VAL L 208 69.34 42.25 -16.23
C VAL L 208 69.08 41.77 -14.79
N THR L 209 69.88 42.31 -13.87
CA THR L 209 69.81 42.00 -12.45
C THR L 209 69.49 43.29 -11.71
N LYS L 210 68.43 43.22 -10.89
CA LYS L 210 67.99 44.29 -10.00
C LYS L 210 68.17 43.77 -8.60
N SER L 211 68.73 44.61 -7.72
CA SER L 211 69.06 44.23 -6.35
C SER L 211 68.97 45.38 -5.33
N PHE L 212 69.21 45.02 -4.06
CA PHE L 212 69.21 45.93 -2.92
C PHE L 212 70.25 45.47 -1.90
N ASN L 213 70.69 46.41 -1.02
CA ASN L 213 71.63 46.18 0.09
C ASN L 213 70.82 46.37 1.38
N ARG L 214 70.94 45.43 2.33
CA ARG L 214 70.20 45.42 3.60
C ARG L 214 70.37 46.69 4.42
N GLY L 215 69.32 47.50 4.44
CA GLY L 215 69.28 48.77 5.15
C GLY L 215 69.69 49.94 4.29
N GLU L 216 70.81 49.79 3.55
CA GLU L 216 71.37 50.82 2.66
C GLU L 216 70.35 51.25 1.61
N CYS L 217 70.07 52.57 1.54
CA CYS L 217 69.15 53.18 0.60
C CYS L 217 69.76 54.38 -0.14
N ASP M 8 3.11 5.54 -14.73
CA ASP M 8 1.92 4.81 -15.17
C ASP M 8 2.26 3.35 -15.44
N GLU M 9 1.47 2.42 -14.84
CA GLU M 9 1.59 0.96 -14.92
C GLU M 9 1.96 0.43 -16.29
N ASP M 10 1.16 0.83 -17.31
CA ASP M 10 1.27 0.45 -18.71
C ASP M 10 2.65 0.73 -19.29
N LEU M 11 3.12 1.96 -19.12
CA LEU M 11 4.42 2.38 -19.63
C LEU M 11 5.57 1.55 -19.05
N LEU M 12 5.56 1.34 -17.73
CA LEU M 12 6.55 0.52 -17.02
C LEU M 12 6.61 -0.88 -17.65
N LYS M 13 5.42 -1.49 -17.85
CA LYS M 13 5.23 -2.80 -18.45
C LYS M 13 5.77 -2.86 -19.88
N ALA M 14 5.53 -1.77 -20.65
CA ALA M 14 5.95 -1.60 -22.05
C ALA M 14 7.45 -1.54 -22.18
N VAL M 15 8.10 -0.78 -21.29
CA VAL M 15 9.54 -0.62 -21.25
C VAL M 15 10.21 -1.96 -20.87
N ARG M 16 9.68 -2.62 -19.82
CA ARG M 16 10.12 -3.93 -19.34
C ARG M 16 10.11 -4.93 -20.51
N LEU M 17 9.09 -4.83 -21.36
CA LEU M 17 8.92 -5.67 -22.55
C LEU M 17 9.94 -5.34 -23.65
N ILE M 18 10.15 -4.04 -23.91
CA ILE M 18 11.11 -3.61 -24.92
C ILE M 18 12.49 -4.12 -24.55
N LYS M 19 12.84 -4.02 -23.25
CA LYS M 19 14.11 -4.51 -22.71
C LYS M 19 14.23 -5.98 -23.06
N PHE M 20 13.16 -6.76 -22.79
CA PHE M 20 13.12 -8.18 -23.10
C PHE M 20 13.37 -8.45 -24.59
N LEU M 21 12.85 -7.60 -25.47
CA LEU M 21 13.02 -7.74 -26.91
C LEU M 21 14.43 -7.50 -27.39
N TYR M 22 15.21 -6.72 -26.62
CA TYR M 22 16.60 -6.44 -26.92
C TYR M 22 17.46 -7.57 -26.36
N GLN M 23 17.07 -8.10 -25.16
CA GLN M 23 17.71 -9.21 -24.45
C GLN M 23 17.62 -10.44 -25.32
N SER M 24 16.42 -10.67 -25.89
CA SER M 24 16.17 -11.73 -26.85
C SER M 24 16.81 -11.21 -28.13
N ASN M 25 17.19 -12.12 -29.04
CA ASN M 25 17.85 -11.75 -30.30
C ASN M 25 19.13 -10.90 -29.99
N PRO M 26 20.08 -11.47 -29.21
CA PRO M 26 21.27 -10.71 -28.85
C PRO M 26 22.43 -10.92 -29.87
N PRO M 27 23.72 -10.53 -29.63
CA PRO M 27 24.77 -10.77 -30.64
C PRO M 27 24.85 -12.21 -31.14
N PRO M 28 25.34 -12.44 -32.40
CA PRO M 28 25.37 -13.80 -32.97
C PRO M 28 26.06 -14.94 -32.21
N ASN M 29 27.24 -15.41 -32.69
CA ASN M 29 27.94 -16.53 -32.06
C ASN M 29 29.27 -16.16 -31.37
N PRO M 30 30.38 -15.75 -32.05
CA PRO M 30 30.60 -15.58 -33.50
C PRO M 30 31.21 -16.80 -34.20
N GLU M 31 30.79 -17.06 -35.45
CA GLU M 31 31.29 -18.20 -36.25
C GLU M 31 31.74 -17.76 -37.64
N GLY M 32 32.95 -18.18 -38.00
CA GLY M 32 33.57 -17.85 -39.27
C GLY M 32 33.34 -18.87 -40.37
N THR M 33 32.95 -18.36 -41.55
CA THR M 33 32.69 -19.07 -42.81
C THR M 33 32.60 -18.01 -43.93
N ARG M 34 33.33 -18.22 -45.05
CA ARG M 34 33.38 -17.31 -46.21
C ARG M 34 31.99 -16.84 -46.64
N GLN M 35 31.73 -15.52 -46.57
CA GLN M 35 30.45 -14.86 -46.89
C GLN M 35 29.25 -15.26 -45.99
N ALA M 36 29.35 -16.43 -45.30
CA ALA M 36 28.34 -16.95 -44.37
C ALA M 36 28.46 -16.28 -43.00
N ARG M 37 29.65 -15.72 -42.68
CA ARG M 37 29.92 -14.98 -41.45
C ARG M 37 29.18 -13.64 -41.54
N ARG M 38 29.34 -12.95 -42.70
CA ARG M 38 28.69 -11.66 -43.00
C ARG M 38 27.18 -11.85 -43.26
N ASN M 39 26.74 -13.10 -43.48
CA ASN M 39 25.35 -13.45 -43.74
C ASN M 39 24.49 -13.17 -42.51
N ARG M 40 24.97 -13.52 -41.31
CA ARG M 40 24.24 -13.28 -40.08
C ARG M 40 24.27 -11.82 -39.66
N ARG M 41 25.25 -11.05 -40.16
CA ARG M 41 25.33 -9.62 -39.89
C ARG M 41 24.06 -9.02 -40.47
N ARG M 42 23.77 -9.32 -41.75
CA ARG M 42 22.58 -8.91 -42.49
C ARG M 42 21.33 -9.29 -41.68
N ARG M 43 21.29 -10.53 -41.15
CA ARG M 43 20.21 -11.08 -40.35
C ARG M 43 20.03 -10.35 -39.02
N TRP M 44 21.12 -10.16 -38.26
CA TRP M 44 21.06 -9.48 -36.97
C TRP M 44 20.81 -7.99 -37.08
N ARG M 45 21.32 -7.35 -38.16
CA ARG M 45 21.09 -5.93 -38.43
C ARG M 45 19.60 -5.76 -38.67
N GLU M 46 19.03 -6.55 -39.60
CA GLU M 46 17.60 -6.57 -39.96
C GLU M 46 16.76 -6.69 -38.71
N ARG M 47 17.09 -7.68 -37.83
CA ARG M 47 16.37 -7.91 -36.58
C ARG M 47 16.46 -6.76 -35.62
N GLN M 48 17.66 -6.17 -35.41
CA GLN M 48 17.78 -5.02 -34.50
C GLN M 48 17.13 -3.77 -35.07
N ARG M 49 17.25 -3.53 -36.41
CA ARG M 49 16.64 -2.40 -37.11
C ARG M 49 15.14 -2.42 -36.91
N GLN M 50 14.57 -3.64 -36.88
CA GLN M 50 13.15 -3.93 -36.66
C GLN M 50 12.81 -3.55 -35.21
N ILE M 51 13.44 -4.22 -34.21
CA ILE M 51 13.25 -3.97 -32.77
C ILE M 51 13.30 -2.48 -32.47
N HIS M 52 14.26 -1.79 -33.09
CA HIS M 52 14.46 -0.35 -32.95
C HIS M 52 13.14 0.38 -33.25
N SER M 53 12.59 0.19 -34.48
CA SER M 53 11.34 0.82 -34.92
C SER M 53 10.11 0.41 -34.13
N ILE M 54 10.06 -0.85 -33.67
CA ILE M 54 8.91 -1.33 -32.88
C ILE M 54 8.90 -0.59 -31.55
N SER M 55 10.03 -0.57 -30.83
CA SER M 55 10.24 0.11 -29.55
C SER M 55 9.95 1.60 -29.67
N GLU M 56 10.50 2.21 -30.75
CA GLU M 56 10.33 3.61 -31.17
C GLU M 56 8.84 3.94 -31.19
N ARG M 57 8.06 3.13 -31.96
CA ARG M 57 6.61 3.22 -32.13
C ARG M 57 5.86 2.97 -30.85
N ILE M 58 6.21 1.89 -30.10
CA ILE M 58 5.57 1.51 -28.83
C ILE M 58 5.65 2.66 -27.84
N LEU M 59 6.83 3.26 -27.73
CA LEU M 59 7.05 4.34 -26.80
C LEU M 59 6.37 5.63 -27.21
N SER M 60 6.45 5.97 -28.51
CA SER M 60 5.82 7.16 -29.09
C SER M 60 4.32 7.30 -28.75
N THR M 61 3.68 6.15 -28.51
CA THR M 61 2.25 6.10 -28.15
C THR M 61 2.00 6.57 -26.70
N TYR M 62 3.05 6.59 -25.87
CA TYR M 62 2.95 6.99 -24.46
C TYR M 62 3.34 8.45 -24.24
N LEU M 63 3.31 9.26 -25.32
CA LEU M 63 3.71 10.67 -25.26
C LEU M 63 2.69 11.62 -25.96
N GLY M 64 2.75 11.68 -27.31
CA GLY M 64 1.93 12.52 -28.19
C GLY M 64 2.50 12.66 -29.60
N ASP N 8 15.43 -0.57 -17.67
CA ASP N 8 16.54 0.24 -17.18
C ASP N 8 16.05 1.60 -16.66
N GLU N 9 16.45 1.94 -15.40
CA GLU N 9 16.13 3.16 -14.65
C GLU N 9 16.10 4.41 -15.51
N ASP N 10 17.23 4.66 -16.21
CA ASP N 10 17.49 5.83 -17.08
C ASP N 10 16.42 6.02 -18.14
N LEU N 11 16.14 4.96 -18.90
CA LEU N 11 15.15 5.01 -19.97
C LEU N 11 13.76 5.39 -19.45
N LEU N 12 13.31 4.75 -18.36
CA LEU N 12 12.04 5.04 -17.71
C LEU N 12 11.96 6.52 -17.38
N LYS N 13 13.03 7.06 -16.75
CA LYS N 13 13.17 8.46 -16.35
C LYS N 13 13.10 9.40 -17.56
N ALA N 14 13.75 9.00 -18.67
CA ALA N 14 13.82 9.74 -19.93
C ALA N 14 12.45 9.87 -20.59
N VAL N 15 11.70 8.76 -20.61
CA VAL N 15 10.36 8.71 -21.18
C VAL N 15 9.40 9.57 -20.33
N ARG N 16 9.46 9.39 -18.98
CA ARG N 16 8.67 10.16 -18.02
C ARG N 16 8.88 11.65 -18.27
N LEU N 17 10.12 12.04 -18.61
CA LEU N 17 10.50 13.42 -18.89
C LEU N 17 9.94 13.89 -20.22
N ILE N 18 10.05 13.07 -21.26
CA ILE N 18 9.53 13.44 -22.57
C ILE N 18 8.02 13.69 -22.46
N LYS N 19 7.32 12.80 -21.72
CA LYS N 19 5.89 12.93 -21.49
C LYS N 19 5.63 14.30 -20.86
N PHE N 20 6.41 14.65 -19.83
CA PHE N 20 6.31 15.94 -19.16
C PHE N 20 6.48 17.11 -20.12
N LEU N 21 7.40 16.96 -21.10
CA LEU N 21 7.64 18.00 -22.10
C LEU N 21 6.49 18.20 -23.08
N TYR N 22 5.66 17.17 -23.26
CA TYR N 22 4.48 17.26 -24.10
C TYR N 22 3.33 17.83 -23.28
N GLN N 23 3.26 17.45 -21.97
CA GLN N 23 2.26 17.91 -21.00
C GLN N 23 2.43 19.40 -20.78
N SER N 24 3.69 19.85 -20.68
CA SER N 24 4.05 21.26 -20.62
C SER N 24 3.90 21.73 -22.06
N ASN N 25 3.65 23.03 -22.28
CA ASN N 25 3.44 23.58 -23.63
C ASN N 25 2.27 22.79 -24.32
N PRO N 26 1.06 22.78 -23.71
CA PRO N 26 -0.05 22.00 -24.27
C PRO N 26 -0.88 22.81 -25.28
N PRO N 27 -2.10 22.40 -25.73
CA PRO N 27 -2.86 23.24 -26.67
C PRO N 27 -3.03 24.71 -26.21
N PRO N 28 -3.16 25.69 -27.15
CA PRO N 28 -3.26 27.11 -26.75
C PRO N 28 -4.34 27.55 -25.74
N ASN N 29 -5.42 28.26 -26.20
CA ASN N 29 -6.47 28.76 -25.30
C ASN N 29 -7.85 28.05 -25.48
N PRO N 30 -8.62 28.20 -26.61
CA PRO N 30 -8.39 28.99 -27.82
C PRO N 30 -9.00 30.40 -27.79
N GLU N 31 -8.30 31.39 -28.38
CA GLU N 31 -8.75 32.78 -28.43
C GLU N 31 -8.71 33.35 -29.83
N GLY N 32 -9.82 33.97 -30.23
CA GLY N 32 -9.99 34.56 -31.55
C GLY N 32 -9.61 36.01 -31.64
N THR N 33 -8.82 36.33 -32.68
CA THR N 33 -8.30 37.64 -33.10
C THR N 33 -7.76 37.47 -34.52
N ARG N 34 -8.21 38.33 -35.47
CA ARG N 34 -7.83 38.28 -36.90
C ARG N 34 -6.32 38.14 -37.09
N GLN N 35 -5.88 37.03 -37.71
CA GLN N 35 -4.47 36.65 -37.95
C GLN N 35 -3.63 36.39 -36.69
N ALA N 36 -4.09 36.89 -35.52
CA ALA N 36 -3.46 36.69 -34.21
C ALA N 36 -3.84 35.33 -33.61
N ARG N 37 -4.97 34.75 -34.08
CA ARG N 37 -5.46 33.42 -33.69
C ARG N 37 -4.52 32.39 -34.32
N ARG N 38 -4.25 32.54 -35.65
CA ARG N 38 -3.35 31.68 -36.43
C ARG N 38 -1.88 31.92 -36.05
N ASN N 39 -1.59 33.04 -35.34
CA ASN N 39 -0.24 33.40 -34.88
C ASN N 39 0.28 32.39 -33.87
N ARG N 40 -0.57 31.96 -32.92
CA ARG N 40 -0.16 30.99 -31.92
C ARG N 40 -0.08 29.57 -32.47
N ARG N 41 -0.74 29.31 -33.60
CA ARG N 41 -0.67 28.01 -34.29
C ARG N 41 0.79 27.85 -34.66
N ARG N 42 1.36 28.86 -35.35
CA ARG N 42 2.76 28.94 -35.78
C ARG N 42 3.67 28.70 -34.57
N ARG N 43 3.37 29.35 -33.42
CA ARG N 43 4.10 29.24 -32.16
C ARG N 43 4.04 27.83 -31.58
N TRP N 44 2.82 27.26 -31.46
CA TRP N 44 2.65 25.93 -30.90
C TRP N 44 3.15 24.82 -31.81
N ARG N 45 3.07 25.01 -33.13
CA ARG N 45 3.58 24.06 -34.11
C ARG N 45 5.09 23.99 -33.94
N GLU N 46 5.76 25.18 -33.97
CA GLU N 46 7.21 25.34 -33.78
C GLU N 46 7.66 24.61 -32.52
N ARG N 47 6.95 24.85 -31.39
CA ARG N 47 7.26 24.24 -30.12
C ARG N 47 7.09 22.72 -30.14
N GLN N 48 5.99 22.20 -30.71
CA GLN N 48 5.79 20.76 -30.78
C GLN N 48 6.76 20.09 -31.75
N ARG N 49 7.06 20.73 -32.90
CA ARG N 49 8.01 20.25 -33.91
C ARG N 49 9.39 20.06 -33.27
N GLN N 50 9.72 20.95 -32.33
CA GLN N 50 10.96 20.95 -31.54
C GLN N 50 10.93 19.73 -30.60
N ILE N 51 9.93 19.67 -29.68
CA ILE N 51 9.73 18.57 -28.72
C ILE N 51 9.83 17.22 -29.42
N HIS N 52 9.22 17.12 -30.60
CA HIS N 52 9.23 15.93 -31.44
C HIS N 52 10.66 15.46 -31.64
N SER N 53 11.52 16.32 -32.24
CA SER N 53 12.92 16.01 -32.53
C SER N 53 13.77 15.74 -31.28
N ILE N 54 13.50 16.44 -30.17
CA ILE N 54 14.24 16.26 -28.92
C ILE N 54 14.00 14.85 -28.42
N SER N 55 12.72 14.47 -28.32
CA SER N 55 12.24 13.16 -27.85
C SER N 55 12.79 12.05 -28.71
N GLU N 56 12.68 12.25 -30.04
CA GLU N 56 13.16 11.41 -31.13
C GLU N 56 14.61 11.03 -30.85
N ARG N 57 15.46 12.08 -30.67
CA ARG N 57 16.90 12.01 -30.39
C ARG N 57 17.19 11.37 -29.05
N ILE N 58 16.48 11.81 -27.98
CA ILE N 58 16.67 11.30 -26.60
C ILE N 58 16.46 9.81 -26.55
N LEU N 59 15.41 9.34 -27.21
CA LEU N 59 15.09 7.93 -27.21
C LEU N 59 16.03 7.10 -28.03
N SER N 60 16.38 7.60 -29.23
CA SER N 60 17.29 6.94 -30.16
C SER N 60 18.65 6.57 -29.51
N THR N 61 19.04 7.32 -28.46
CA THR N 61 20.29 7.08 -27.70
C THR N 61 20.18 5.86 -26.78
N TYR N 62 18.96 5.38 -26.52
CA TYR N 62 18.72 4.23 -25.67
C TYR N 62 18.55 2.94 -26.48
N LEU N 63 18.98 2.97 -27.74
CA LEU N 63 18.83 1.82 -28.63
C LEU N 63 20.14 1.46 -29.40
N GLY N 64 20.43 2.18 -30.48
CA GLY N 64 21.64 1.94 -31.24
C GLY N 64 21.70 2.68 -32.55
N ASP O 8 57.97 50.68 39.02
CA ASP O 8 56.85 49.86 38.58
C ASP O 8 56.54 50.13 37.11
N GLU O 9 56.45 49.03 36.30
CA GLU O 9 56.18 48.99 34.85
C GLU O 9 55.14 50.03 34.38
N ASP O 10 53.94 49.98 35.01
CA ASP O 10 52.78 50.82 34.74
C ASP O 10 53.09 52.32 34.83
N LEU O 11 53.70 52.73 35.93
CA LEU O 11 54.05 54.13 36.13
C LEU O 11 55.00 54.65 35.07
N LEU O 12 56.06 53.88 34.75
CA LEU O 12 57.04 54.22 33.71
C LEU O 12 56.32 54.46 32.38
N LYS O 13 55.42 53.53 32.01
CA LYS O 13 54.58 53.60 30.81
C LYS O 13 53.68 54.85 30.79
N ALA O 14 53.10 55.19 31.96
CA ALA O 14 52.21 56.33 32.18
C ALA O 14 52.93 57.64 31.98
N VAL O 15 54.15 57.75 32.52
CA VAL O 15 55.02 58.93 32.41
C VAL O 15 55.44 59.14 30.94
N ARG O 16 55.94 58.05 30.32
CA ARG O 16 56.34 58.02 28.91
C ARG O 16 55.22 58.54 28.02
N LEU O 17 53.95 58.18 28.37
CA LEU O 17 52.74 58.59 27.67
C LEU O 17 52.43 60.08 27.91
N ILE O 18 52.55 60.54 29.15
CA ILE O 18 52.29 61.93 29.48
C ILE O 18 53.24 62.80 28.70
N LYS O 19 54.52 62.40 28.65
CA LYS O 19 55.54 63.10 27.87
C LYS O 19 55.06 63.24 26.43
N PHE O 20 54.63 62.11 25.83
CA PHE O 20 54.10 62.09 24.48
C PHE O 20 52.93 63.07 24.27
N LEU O 21 52.07 63.22 25.27
CA LEU O 21 50.94 64.13 25.21
C LEU O 21 51.31 65.59 25.22
N TYR O 22 52.49 65.89 25.78
CA TYR O 22 53.03 67.24 25.80
C TYR O 22 53.77 67.52 24.48
N GLN O 23 54.48 66.49 23.95
CA GLN O 23 55.21 66.51 22.68
C GLN O 23 54.23 66.75 21.54
N SER O 24 53.09 66.04 21.60
CA SER O 24 51.97 66.23 20.68
C SER O 24 51.33 67.53 21.15
N ASN O 25 50.63 68.23 20.27
CA ASN O 25 49.99 69.52 20.58
C ASN O 25 51.07 70.50 21.15
N PRO O 26 52.13 70.80 20.36
CA PRO O 26 53.20 71.68 20.84
C PRO O 26 52.93 73.17 20.52
N PRO O 27 53.90 74.13 20.66
CA PRO O 27 53.60 75.54 20.34
C PRO O 27 52.98 75.76 18.96
N PRO O 28 52.19 76.85 18.76
CA PRO O 28 51.52 77.07 17.46
C PRO O 28 52.36 77.13 16.17
N ASN O 29 52.54 78.33 15.55
CA ASN O 29 53.28 78.46 14.28
C ASN O 29 54.62 79.22 14.38
N PRO O 30 54.69 80.56 14.64
CA PRO O 30 53.63 81.56 14.87
C PRO O 30 53.19 82.32 13.60
N GLU O 31 51.89 82.63 13.49
CA GLU O 31 51.32 83.35 12.35
C GLU O 31 50.45 84.53 12.77
N GLY O 32 50.70 85.68 12.16
CA GLY O 32 50.00 86.92 12.45
C GLY O 32 48.79 87.17 11.55
N THR O 33 47.66 87.53 12.19
CA THR O 33 46.35 87.88 11.62
C THR O 33 45.51 88.54 12.73
N ARG O 34 44.90 89.71 12.45
CA ARG O 34 44.06 90.50 13.37
C ARG O 34 43.06 89.61 14.13
N GLN O 35 43.19 89.54 15.48
CA GLN O 35 42.38 88.73 16.40
C GLN O 35 42.47 87.21 16.20
N ALA O 36 42.92 86.76 14.99
CA ALA O 36 43.11 85.36 14.62
C ALA O 36 44.42 84.81 15.16
N ARG O 37 45.39 85.72 15.47
CA ARG O 37 46.69 85.37 16.06
C ARG O 37 46.43 84.97 17.52
N ARG O 38 45.66 85.80 18.25
CA ARG O 38 45.27 85.59 19.65
C ARG O 38 44.25 84.45 19.78
N ASN O 39 43.62 84.05 18.65
CA ASN O 39 42.64 82.98 18.59
C ASN O 39 43.26 81.63 18.94
N ARG O 40 44.47 81.35 18.42
CA ARG O 40 45.15 80.10 18.71
C ARG O 40 45.75 80.05 20.10
N ARG O 41 45.97 81.23 20.71
CA ARG O 41 46.47 81.33 22.09
C ARG O 41 45.42 80.64 22.94
N ARG O 42 44.14 81.07 22.80
CA ARG O 42 42.96 80.54 23.48
C ARG O 42 42.91 79.02 23.28
N ARG O 43 43.12 78.56 22.03
CA ARG O 43 43.12 77.15 21.63
C ARG O 43 44.24 76.36 22.30
N TRP O 44 45.48 76.86 22.22
CA TRP O 44 46.63 76.16 22.80
C TRP O 44 46.65 76.19 24.32
N ARG O 45 46.14 77.27 24.92
CA ARG O 45 46.05 77.39 26.37
C ARG O 45 45.07 76.31 26.85
N GLU O 46 43.85 76.27 26.25
CA GLU O 46 42.80 75.29 26.53
C GLU O 46 43.35 73.89 26.47
N ARG O 47 44.08 73.55 25.37
CA ARG O 47 44.68 72.24 25.18
C ARG O 47 45.73 71.91 26.23
N GLN O 48 46.63 72.84 26.57
CA GLN O 48 47.63 72.57 27.60
C GLN O 48 47.03 72.47 29.00
N ARG O 49 46.04 73.36 29.31
CA ARG O 49 45.32 73.38 30.59
C ARG O 49 44.68 72.02 30.84
N GLN O 50 44.19 71.40 29.75
CA GLN O 50 43.56 70.08 29.71
C GLN O 50 44.63 69.03 30.03
N ILE O 51 45.68 68.93 29.18
CA ILE O 51 46.81 67.98 29.32
C ILE O 51 47.34 68.01 30.76
N HIS O 52 47.46 69.24 31.30
CA HIS O 52 47.92 69.47 32.66
C HIS O 52 47.10 68.61 33.64
N SER O 53 45.77 68.83 33.67
CA SER O 53 44.84 68.13 34.56
C SER O 53 44.79 66.62 34.32
N ILE O 54 44.90 66.18 33.06
CA ILE O 54 44.87 64.74 32.73
C ILE O 54 46.09 64.06 33.36
N SER O 55 47.30 64.61 33.10
CA SER O 55 48.59 64.13 33.59
C SER O 55 48.62 64.15 35.13
N GLU O 56 48.12 65.27 35.71
CA GLU O 56 47.94 65.54 37.12
C GLU O 56 47.22 64.36 37.76
N ARG O 57 46.00 64.05 37.21
CA ARG O 57 45.10 62.97 37.61
C ARG O 57 45.72 61.61 37.41
N ILE O 58 46.34 61.37 36.23
CA ILE O 58 46.98 60.08 35.87
C ILE O 58 48.06 59.71 36.85
N LEU O 59 48.89 60.69 37.18
CA LEU O 59 49.98 60.48 38.12
C LEU O 59 49.51 60.31 39.55
N SER O 60 48.58 61.18 40.01
CA SER O 60 48.00 61.14 41.34
C SER O 60 47.48 59.76 41.73
N THR O 61 47.08 58.95 40.75
CA THR O 61 46.59 57.58 40.97
C THR O 61 47.74 56.62 41.34
N TYR O 62 49.01 57.00 41.05
CA TYR O 62 50.17 56.16 41.34
C TYR O 62 50.88 56.55 42.64
N LEU O 63 50.15 57.26 43.52
CA LEU O 63 50.70 57.73 44.78
C LEU O 63 49.74 57.45 46.01
N GLY O 64 48.77 58.38 46.20
CA GLY O 64 47.78 58.38 47.27
C GLY O 64 47.01 59.67 47.28
N ASP P 8 1.60 -10.67 11.80
CA ASP P 8 2.64 -9.81 12.34
C ASP P 8 3.98 -10.08 11.65
N GLU P 9 4.62 -9.02 11.12
CA GLU P 9 5.90 -8.99 10.39
C GLU P 9 6.94 -9.94 10.94
N ASP P 10 7.24 -9.80 12.25
CA ASP P 10 8.23 -10.57 13.01
C ASP P 10 8.02 -12.06 12.91
N LEU P 11 6.79 -12.51 13.18
CA LEU P 11 6.44 -13.93 13.12
C LEU P 11 6.68 -14.52 11.75
N LEU P 12 6.24 -13.84 10.68
CA LEU P 12 6.42 -14.25 9.29
C LEU P 12 7.91 -14.46 9.01
N LYS P 13 8.74 -13.48 9.42
CA LYS P 13 10.20 -13.49 9.29
C LYS P 13 10.85 -14.68 10.03
N ALA P 14 10.33 -14.97 11.25
CA ALA P 14 10.77 -16.05 12.14
C ALA P 14 10.51 -17.42 11.52
N VAL P 15 9.30 -17.59 10.97
CA VAL P 15 8.87 -18.83 10.33
C VAL P 15 9.70 -19.06 9.06
N ARG P 16 9.87 -18.01 8.23
CA ARG P 16 10.67 -18.04 7.01
C ARG P 16 12.07 -18.55 7.31
N LEU P 17 12.62 -18.11 8.47
CA LEU P 17 13.93 -18.50 8.96
C LEU P 17 13.96 -19.96 9.41
N ILE P 18 12.94 -20.39 10.18
CA ILE P 18 12.87 -21.77 10.66
C ILE P 18 12.84 -22.71 9.46
N LYS P 19 12.04 -22.35 8.43
CA LYS P 19 11.93 -23.12 7.20
C LYS P 19 13.33 -23.28 6.62
N PHE P 20 14.07 -22.16 6.51
CA PHE P 20 15.44 -22.17 6.01
C PHE P 20 16.35 -23.11 6.80
N LEU P 21 16.16 -23.19 8.11
CA LEU P 21 16.94 -24.06 8.98
C LEU P 21 16.68 -25.53 8.78
N TYR P 22 15.49 -25.87 8.27
CA TYR P 22 15.12 -27.24 7.96
C TYR P 22 15.64 -27.59 6.55
N GLN P 23 15.56 -26.60 5.62
CA GLN P 23 16.04 -26.69 4.24
C GLN P 23 17.55 -26.94 4.26
N SER P 24 18.25 -26.19 5.11
CA SER P 24 19.68 -26.37 5.35
C SER P 24 19.74 -27.60 6.23
N ASN P 25 20.88 -28.30 6.23
CA ASN P 25 21.06 -29.53 7.01
C ASN P 25 19.94 -30.54 6.61
N PRO P 26 19.86 -30.92 5.32
CA PRO P 26 18.80 -31.84 4.88
C PRO P 26 19.27 -33.32 4.96
N PRO P 27 18.58 -34.35 4.37
CA PRO P 27 19.08 -35.74 4.48
C PRO P 27 20.55 -35.93 4.07
N PRO P 28 21.27 -36.94 4.62
CA PRO P 28 22.71 -37.11 4.33
C PRO P 28 23.20 -37.20 2.88
N ASN P 29 23.62 -38.39 2.40
CA ASN P 29 24.18 -38.55 1.05
C ASN P 29 23.28 -39.35 0.08
N PRO P 30 23.04 -40.70 0.22
CA PRO P 30 23.52 -41.64 1.24
C PRO P 30 24.79 -42.42 0.85
N GLU P 31 25.68 -42.67 1.83
CA GLU P 31 26.93 -43.41 1.59
C GLU P 31 27.13 -44.55 2.59
N GLY P 32 27.42 -45.74 2.05
CA GLY P 32 27.61 -46.94 2.83
C GLY P 32 29.05 -47.22 3.23
N THR P 33 29.25 -47.53 4.51
CA THR P 33 30.50 -47.88 5.20
C THR P 33 30.14 -48.47 6.57
N ARG P 34 30.71 -49.65 6.91
CA ARG P 34 30.46 -50.39 8.16
C ARG P 34 30.54 -49.46 9.38
N GLN P 35 29.41 -49.32 10.13
CA GLN P 35 29.24 -48.46 11.31
C GLN P 35 29.38 -46.95 11.04
N ALA P 36 30.03 -46.57 9.92
CA ALA P 36 30.24 -45.19 9.49
C ALA P 36 28.99 -44.64 8.78
N ARG P 37 28.14 -45.54 8.26
CA ARG P 37 26.88 -45.21 7.61
C ARG P 37 25.91 -44.76 8.71
N ARG P 38 25.81 -45.55 9.81
CA ARG P 38 24.97 -45.27 10.98
C ARG P 38 25.54 -44.10 11.80
N ASN P 39 26.81 -43.74 11.56
CA ASN P 39 27.49 -42.63 12.25
C ASN P 39 26.84 -41.30 11.93
N ARG P 40 26.49 -41.07 10.66
CA ARG P 40 25.84 -39.83 10.25
C ARG P 40 24.38 -39.76 10.65
N ARG P 41 23.76 -40.93 10.93
CA ARG P 41 22.38 -40.99 11.40
C ARG P 41 22.37 -40.25 12.72
N ARG P 42 23.29 -40.65 13.65
CA ARG P 42 23.50 -40.05 14.96
C ARG P 42 23.70 -38.53 14.80
N ARG P 43 24.52 -38.11 13.82
CA ARG P 43 24.83 -36.72 13.49
C ARG P 43 23.62 -35.95 12.98
N TRP P 44 22.89 -36.51 12.00
CA TRP P 44 21.71 -35.86 11.44
C TRP P 44 20.52 -35.84 12.38
N ARG P 45 20.39 -36.88 13.22
CA ARG P 45 19.33 -36.94 14.24
C ARG P 45 19.58 -35.81 15.22
N GLU P 46 20.82 -35.73 15.77
CA GLU P 46 21.26 -34.69 16.70
C GLU P 46 20.96 -33.32 16.14
N ARG P 47 21.32 -33.06 14.86
CA ARG P 47 21.08 -31.79 14.19
C ARG P 47 19.60 -31.48 14.05
N GLN P 48 18.77 -32.44 13.62
CA GLN P 48 17.33 -32.19 13.50
C GLN P 48 16.66 -32.02 14.87
N ARG P 49 17.07 -32.84 15.86
CA ARG P 49 16.55 -32.78 17.25
C ARG P 49 16.79 -31.40 17.82
N GLN P 50 17.93 -30.78 17.45
CA GLN P 50 18.35 -29.43 17.83
C GLN P 50 17.39 -28.44 17.16
N ILE P 51 17.36 -28.40 15.81
CA ILE P 51 16.49 -27.52 15.01
C ILE P 51 15.06 -27.55 15.54
N HIS P 52 14.57 -28.76 15.87
CA HIS P 52 13.25 -28.99 16.43
C HIS P 52 13.03 -28.09 17.64
N SER P 53 13.89 -28.22 18.68
CA SER P 53 13.82 -27.45 19.92
C SER P 53 14.02 -25.96 19.73
N ILE P 54 14.88 -25.55 18.80
CA ILE P 54 15.13 -24.13 18.54
C ILE P 54 13.86 -23.50 17.99
N SER P 55 13.29 -24.11 16.94
CA SER P 55 12.04 -23.70 16.28
C SER P 55 10.88 -23.67 17.27
N GLU P 56 10.76 -24.73 18.08
CA GLU P 56 9.82 -24.95 19.17
C GLU P 56 9.82 -23.71 20.08
N ARG P 57 11.01 -23.35 20.58
CA ARG P 57 11.30 -22.22 21.46
C ARG P 57 11.01 -20.89 20.78
N ILE P 58 11.51 -20.70 19.53
CA ILE P 58 11.35 -19.46 18.75
C ILE P 58 9.88 -19.15 18.57
N LEU P 59 9.10 -20.16 18.22
CA LEU P 59 7.69 -20.00 17.99
C LEU P 59 6.89 -19.76 19.25
N SER P 60 7.21 -20.51 20.32
CA SER P 60 6.56 -20.39 21.63
C SER P 60 6.55 -18.96 22.18
N THR P 61 7.55 -18.16 21.76
CA THR P 61 7.67 -16.76 22.16
C THR P 61 6.64 -15.86 21.46
N TYR P 62 6.03 -16.34 20.36
CA TYR P 62 5.05 -15.59 19.60
C TYR P 62 3.62 -15.95 19.98
N LEU P 63 3.42 -16.55 21.17
CA LEU P 63 2.11 -16.99 21.64
C LEU P 63 1.80 -16.54 23.10
N GLY P 64 2.40 -17.22 24.09
CA GLY P 64 2.25 -16.93 25.52
C GLY P 64 2.79 -18.04 26.41
N ASP Q 8 5.93 -22.09 4.92
CA ASP Q 8 4.79 -22.84 4.39
C ASP Q 8 3.49 -22.29 4.95
N GLU Q 9 2.53 -22.00 4.04
CA GLU Q 9 1.18 -21.43 4.28
C GLU Q 9 0.51 -21.97 5.54
N ASP Q 10 0.40 -23.33 5.62
CA ASP Q 10 -0.24 -24.10 6.69
C ASP Q 10 0.31 -23.77 8.06
N LEU Q 11 1.64 -23.82 8.20
CA LEU Q 11 2.30 -23.53 9.46
C LEU Q 11 2.00 -22.12 9.97
N LEU Q 12 2.12 -21.11 9.09
CA LEU Q 12 1.85 -19.72 9.41
C LEU Q 12 0.42 -19.61 9.96
N LYS Q 13 -0.55 -20.25 9.27
CA LYS Q 13 -1.98 -20.29 9.60
C LYS Q 13 -2.21 -20.92 10.97
N ALA Q 14 -1.45 -22.01 11.24
CA ALA Q 14 -1.50 -22.80 12.49
C ALA Q 14 -1.05 -21.99 13.69
N VAL Q 15 0.05 -21.26 13.51
CA VAL Q 15 0.62 -20.41 14.54
C VAL Q 15 -0.32 -19.23 14.81
N ARG Q 16 -0.81 -18.57 13.73
CA ARG Q 16 -1.77 -17.47 13.81
C ARG Q 16 -2.99 -17.89 14.63
N LEU Q 17 -3.41 -19.17 14.48
CA LEU Q 17 -4.53 -19.77 15.19
C LEU Q 17 -4.20 -20.00 16.66
N ILE Q 18 -3.02 -20.54 16.93
CA ILE Q 18 -2.61 -20.81 18.31
C ILE Q 18 -2.58 -19.48 19.06
N LYS Q 19 -2.04 -18.41 18.42
CA LYS Q 19 -1.98 -17.09 19.00
C LYS Q 19 -3.40 -16.68 19.38
N PHE Q 20 -4.36 -16.85 18.45
CA PHE Q 20 -5.76 -16.54 18.68
C PHE Q 20 -6.33 -17.29 19.88
N LEU Q 21 -5.90 -18.55 20.08
CA LEU Q 21 -6.35 -19.37 21.22
C LEU Q 21 -5.82 -18.90 22.55
N TYR Q 22 -4.70 -18.18 22.55
CA TYR Q 22 -4.12 -17.60 23.75
C TYR Q 22 -4.79 -16.25 24.02
N GLN Q 23 -5.10 -15.50 22.92
CA GLN Q 23 -5.79 -14.19 22.93
C GLN Q 23 -7.18 -14.37 23.48
N SER Q 24 -7.85 -15.45 23.04
CA SER Q 24 -9.15 -15.86 23.55
C SER Q 24 -8.81 -16.49 24.89
N ASN Q 25 -9.77 -16.52 25.84
CA ASN Q 25 -9.55 -17.07 27.19
C ASN Q 25 -8.32 -16.34 27.82
N PRO Q 26 -8.38 -14.98 27.96
CA PRO Q 26 -7.21 -14.23 28.47
C PRO Q 26 -7.22 -14.10 29.99
N PRO Q 27 -6.40 -13.25 30.67
CA PRO Q 27 -6.48 -13.14 32.14
C PRO Q 27 -7.90 -12.88 32.67
N PRO Q 28 -8.25 -13.32 33.92
CA PRO Q 28 -9.63 -13.16 34.42
C PRO Q 28 -10.32 -11.78 34.39
N ASN Q 29 -10.54 -11.14 35.57
CA ASN Q 29 -11.26 -9.87 35.64
C ASN Q 29 -10.37 -8.65 36.06
N PRO Q 30 -9.83 -8.51 37.30
CA PRO Q 30 -9.92 -9.40 38.48
C PRO Q 30 -11.05 -9.04 39.46
N GLU Q 31 -11.69 -10.05 40.05
CA GLU Q 31 -12.77 -9.86 41.01
C GLU Q 31 -12.55 -10.65 42.30
N GLY Q 32 -12.67 -9.95 43.43
CA GLY Q 32 -12.47 -10.52 44.74
C GLY Q 32 -13.74 -11.04 45.39
N THR Q 33 -13.63 -12.27 45.93
CA THR Q 33 -14.65 -13.04 46.67
C THR Q 33 -13.91 -14.19 47.36
N ARG Q 34 -14.10 -14.38 48.68
CA ARG Q 34 -13.45 -15.42 49.50
C ARG Q 34 -13.51 -16.79 48.84
N GLN Q 35 -12.34 -17.37 48.52
CA GLN Q 35 -12.16 -18.66 47.83
C GLN Q 35 -12.70 -18.72 46.39
N ALA Q 36 -13.61 -17.79 46.02
CA ALA Q 36 -14.20 -17.66 44.68
C ALA Q 36 -13.26 -16.91 43.74
N ARG Q 37 -12.32 -16.12 44.31
CA ARG Q 37 -11.29 -15.37 43.58
C ARG Q 37 -10.28 -16.41 43.06
N ARG Q 38 -9.82 -17.31 43.94
CA ARG Q 38 -8.87 -18.40 43.64
C ARG Q 38 -9.55 -19.50 42.81
N ASN Q 39 -10.90 -19.49 42.73
CA ASN Q 39 -11.70 -20.44 41.95
C ASN Q 39 -11.42 -20.30 40.45
N ARG Q 40 -11.33 -19.05 39.95
CA ARG Q 40 -11.05 -18.80 38.55
C ARG Q 40 -9.61 -19.04 38.18
N ARG Q 41 -8.71 -19.01 39.19
CA ARG Q 41 -7.29 -19.31 38.98
C ARG Q 41 -7.24 -20.74 38.47
N ARG Q 42 -7.89 -21.67 39.22
CA ARG Q 42 -8.03 -23.09 38.91
C ARG Q 42 -8.57 -23.24 37.48
N ARG Q 43 -9.63 -22.46 37.14
CA ARG Q 43 -10.30 -22.44 35.84
C ARG Q 43 -9.36 -21.97 34.72
N TRP Q 44 -8.70 -20.82 34.91
CA TRP Q 44 -7.79 -20.26 33.93
C TRP Q 44 -6.51 -21.04 33.75
N ARG Q 45 -6.02 -21.67 34.85
CA ARG Q 45 -4.82 -22.51 34.79
C ARG Q 45 -5.16 -23.72 33.94
N GLU Q 46 -6.28 -24.42 34.26
CA GLU Q 46 -6.79 -25.58 33.52
C GLU Q 46 -6.88 -25.27 32.03
N ARG Q 47 -7.50 -24.12 31.68
CA ARG Q 47 -7.66 -23.68 30.31
C ARG Q 47 -6.32 -23.41 29.63
N GLN Q 48 -5.38 -22.70 30.29
CA GLN Q 48 -4.08 -22.44 29.68
C GLN Q 48 -3.24 -23.72 29.55
N ARG Q 49 -3.29 -24.60 30.57
CA ARG Q 49 -2.58 -25.90 30.59
C ARG Q 49 -2.99 -26.73 29.39
N GLN Q 50 -4.28 -26.64 29.02
CA GLN Q 50 -4.91 -27.28 27.87
C GLN Q 50 -4.32 -26.68 26.59
N ILE Q 51 -4.51 -25.35 26.37
CA ILE Q 51 -4.02 -24.59 25.22
C ILE Q 51 -2.54 -24.91 24.97
N HIS Q 52 -1.76 -24.97 26.05
CA HIS Q 52 -0.35 -25.30 26.02
C HIS Q 52 -0.12 -26.60 25.24
N SER Q 53 -0.75 -27.71 25.71
CA SER Q 53 -0.62 -29.04 25.09
C SER Q 53 -1.16 -29.12 23.66
N ILE Q 54 -2.25 -28.38 23.36
CA ILE Q 54 -2.85 -28.38 22.03
C ILE Q 54 -1.85 -27.78 21.05
N SER Q 55 -1.33 -26.59 21.39
CA SER Q 55 -0.34 -25.84 20.61
C SER Q 55 0.92 -26.64 20.40
N GLU Q 56 1.41 -27.25 21.50
CA GLU Q 56 2.56 -28.13 21.62
C GLU Q 56 2.46 -29.20 20.52
N ARG Q 57 1.32 -29.94 20.52
CA ARG Q 57 0.94 -31.02 19.61
C ARG Q 57 0.79 -30.53 18.17
N ILE Q 58 0.05 -29.41 17.97
CA ILE Q 58 -0.21 -28.83 16.65
C ILE Q 58 1.08 -28.48 15.96
N LEU Q 59 2.01 -27.87 16.70
CA LEU Q 59 3.27 -27.46 16.15
C LEU Q 59 4.21 -28.61 15.86
N SER Q 60 4.29 -29.56 16.80
CA SER Q 60 5.11 -30.76 16.68
C SER Q 60 4.88 -31.54 15.36
N THR Q 61 3.65 -31.42 14.80
CA THR Q 61 3.27 -32.05 13.54
C THR Q 61 3.91 -31.36 12.32
N TYR Q 62 4.40 -30.14 12.50
CA TYR Q 62 5.03 -29.38 11.42
C TYR Q 62 6.56 -29.48 11.43
N LEU Q 63 7.09 -30.49 12.13
CA LEU Q 63 8.53 -30.68 12.26
C LEU Q 63 8.96 -32.16 11.97
N GLY Q 64 8.86 -33.01 13.00
CA GLY Q 64 9.24 -34.42 12.89
C GLY Q 64 9.49 -35.07 14.23
N ASP R 8 -74.06 -34.15 -29.29
CA ASP R 8 -72.91 -33.37 -28.84
C ASP R 8 -72.40 -33.85 -27.48
N GLU R 9 -71.08 -34.13 -27.41
CA GLU R 9 -70.33 -34.64 -26.24
C GLU R 9 -70.80 -34.05 -24.91
N ASP R 10 -70.78 -32.70 -24.82
CA ASP R 10 -71.13 -31.88 -23.67
C ASP R 10 -72.51 -32.18 -23.12
N LEU R 11 -73.53 -32.16 -23.99
CA LEU R 11 -74.89 -32.44 -23.58
C LEU R 11 -75.06 -33.83 -22.98
N LEU R 12 -74.50 -34.84 -23.64
CA LEU R 12 -74.54 -36.23 -23.17
C LEU R 12 -73.98 -36.31 -21.76
N LYS R 13 -72.79 -35.67 -21.53
CA LYS R 13 -72.07 -35.59 -20.28
C LYS R 13 -72.91 -34.92 -19.20
N ALA R 14 -73.61 -33.83 -19.58
CA ALA R 14 -74.48 -33.03 -18.72
C ALA R 14 -75.67 -33.83 -18.20
N VAL R 15 -76.31 -34.57 -19.10
CA VAL R 15 -77.46 -35.40 -18.78
C VAL R 15 -77.03 -36.56 -17.87
N ARG R 16 -75.92 -37.24 -18.24
CA ARG R 16 -75.32 -38.32 -17.47
C ARG R 16 -75.08 -37.86 -16.02
N LEU R 17 -74.65 -36.59 -15.87
CA LEU R 17 -74.39 -35.96 -14.58
C LEU R 17 -75.70 -35.69 -13.81
N ILE R 18 -76.71 -35.15 -14.50
CA ILE R 18 -77.99 -34.86 -13.86
C ILE R 18 -78.58 -36.17 -13.33
N LYS R 19 -78.48 -37.24 -14.12
CA LYS R 19 -78.94 -38.57 -13.72
C LYS R 19 -78.24 -38.95 -12.43
N PHE R 20 -76.90 -38.78 -12.37
CA PHE R 20 -76.10 -39.04 -11.18
C PHE R 20 -76.58 -38.26 -9.97
N LEU R 21 -77.01 -37.02 -10.18
CA LEU R 21 -77.53 -36.15 -9.11
C LEU R 21 -78.86 -36.59 -8.55
N TYR R 22 -79.64 -37.34 -9.35
CA TYR R 22 -80.92 -37.90 -8.93
C TYR R 22 -80.65 -39.25 -8.24
N GLN R 23 -79.66 -40.02 -8.75
CA GLN R 23 -79.21 -41.31 -8.20
C GLN R 23 -78.65 -41.10 -6.82
N SER R 24 -77.84 -40.04 -6.65
CA SER R 24 -77.33 -39.59 -5.36
C SER R 24 -78.54 -38.92 -4.71
N ASN R 25 -78.56 -38.85 -3.38
CA ASN R 25 -79.68 -38.26 -2.64
C ASN R 25 -81.01 -38.97 -3.08
N PRO R 26 -81.10 -40.33 -2.91
CA PRO R 26 -82.29 -41.06 -3.37
C PRO R 26 -83.38 -41.13 -2.31
N PRO R 27 -84.47 -41.95 -2.41
CA PRO R 27 -85.46 -42.00 -1.30
C PRO R 27 -84.84 -42.26 0.07
N PRO R 28 -85.45 -41.80 1.18
CA PRO R 28 -84.84 -41.99 2.52
C PRO R 28 -84.36 -43.38 2.98
N ASN R 29 -85.07 -44.03 3.92
CA ASN R 29 -84.65 -45.34 4.49
C ASN R 29 -85.57 -46.53 4.12
N PRO R 30 -86.85 -46.65 4.57
CA PRO R 30 -87.66 -45.74 5.42
C PRO R 30 -87.63 -46.06 6.92
N GLU R 31 -87.63 -45.02 7.77
CA GLU R 31 -87.60 -45.18 9.22
C GLU R 31 -88.65 -44.35 9.93
N GLY R 32 -89.40 -45.01 10.81
CA GLY R 32 -90.46 -44.39 11.61
C GLY R 32 -90.00 -43.89 12.96
N THR R 33 -90.37 -42.64 13.28
CA THR R 33 -90.12 -41.89 14.52
C THR R 33 -91.06 -40.67 14.52
N ARG R 34 -91.78 -40.44 15.64
CA ARG R 34 -92.74 -39.33 15.84
C ARG R 34 -92.16 -37.99 15.38
N GLN R 35 -92.78 -37.38 14.34
CA GLN R 35 -92.39 -36.11 13.70
C GLN R 35 -91.01 -36.14 13.00
N ALA R 36 -90.14 -37.11 13.37
CA ALA R 36 -88.80 -37.31 12.81
C ALA R 36 -88.87 -38.06 11.48
N ARG R 37 -89.98 -38.80 11.24
CA ARG R 37 -90.24 -39.53 10.00
C ARG R 37 -90.56 -38.49 8.91
N ARG R 38 -91.47 -37.54 9.23
CA ARG R 38 -91.90 -36.45 8.36
C ARG R 38 -90.79 -35.39 8.21
N ASN R 39 -89.77 -35.44 9.12
CA ASN R 39 -88.63 -34.52 9.11
C ASN R 39 -87.78 -34.69 7.86
N ARG R 40 -87.54 -35.94 7.45
CA ARG R 40 -86.75 -36.21 6.26
C ARG R 40 -87.51 -35.97 4.98
N ARG R 41 -88.86 -35.95 5.05
CA ARG R 41 -89.71 -35.63 3.91
C ARG R 41 -89.31 -34.22 3.50
N ARG R 42 -89.36 -33.28 4.48
CA ARG R 42 -88.99 -31.87 4.34
C ARG R 42 -87.59 -31.77 3.71
N ARG R 43 -86.63 -32.57 4.22
CA ARG R 43 -85.23 -32.64 3.78
C ARG R 43 -85.12 -33.12 2.34
N TRP R 44 -85.76 -34.27 2.04
CA TRP R 44 -85.70 -34.85 0.71
C TRP R 44 -86.46 -34.08 -0.35
N ARG R 45 -87.56 -33.42 0.04
CA ARG R 45 -88.35 -32.57 -0.84
C ARG R 45 -87.46 -31.40 -1.24
N GLU R 46 -86.88 -30.70 -0.24
CA GLU R 46 -85.96 -29.56 -0.42
C GLU R 46 -84.86 -29.91 -1.40
N ARG R 47 -84.20 -31.08 -1.16
CA ARG R 47 -83.12 -31.57 -2.00
C ARG R 47 -83.56 -31.86 -3.42
N GLN R 48 -84.70 -32.54 -3.61
CA GLN R 48 -85.18 -32.84 -4.96
C GLN R 48 -85.66 -31.58 -5.69
N ARG R 49 -86.34 -30.65 -4.97
CA ARG R 49 -86.83 -29.37 -5.51
C ARG R 49 -85.66 -28.58 -6.09
N GLN R 50 -84.49 -28.67 -5.40
CA GLN R 50 -83.23 -28.05 -5.78
C GLN R 50 -82.73 -28.71 -7.07
N ILE R 51 -82.44 -30.04 -7.04
CA ILE R 51 -81.96 -30.84 -8.17
C ILE R 51 -82.80 -30.55 -9.41
N HIS R 52 -84.11 -30.46 -9.22
CA HIS R 52 -85.08 -30.15 -10.28
C HIS R 52 -84.66 -28.88 -11.02
N SER R 53 -84.57 -27.75 -10.30
CA SER R 53 -84.19 -26.45 -10.86
C SER R 53 -82.78 -26.41 -11.45
N ILE R 54 -81.82 -27.13 -10.85
CA ILE R 54 -80.44 -27.16 -11.34
C ILE R 54 -80.44 -27.81 -12.71
N SER R 55 -81.05 -28.99 -12.83
CA SER R 55 -81.16 -29.80 -14.05
C SER R 55 -81.88 -29.02 -15.15
N GLU R 56 -82.98 -28.38 -14.75
CA GLU R 56 -83.85 -27.51 -15.55
C GLU R 56 -82.97 -26.47 -16.26
N ARG R 57 -82.18 -25.71 -15.44
CA ARG R 57 -81.24 -24.67 -15.84
C ARG R 57 -80.10 -25.20 -16.70
N ILE R 58 -79.48 -26.32 -16.27
CA ILE R 58 -78.35 -26.94 -16.98
C ILE R 58 -78.73 -27.32 -18.37
N LEU R 59 -79.90 -27.92 -18.51
CA LEU R 59 -80.38 -28.36 -19.80
C LEU R 59 -80.79 -27.23 -20.73
N SER R 60 -81.54 -26.25 -20.16
CA SER R 60 -82.00 -25.05 -20.87
C SER R 60 -80.88 -24.31 -21.61
N THR R 61 -79.64 -24.43 -21.12
CA THR R 61 -78.46 -23.81 -21.73
C THR R 61 -78.02 -24.52 -23.02
N TYR R 62 -78.50 -25.75 -23.23
CA TYR R 62 -78.13 -26.52 -24.41
C TYR R 62 -79.20 -26.44 -25.53
N LEU R 63 -80.10 -25.43 -25.43
CA LEU R 63 -81.20 -25.21 -26.34
C LEU R 63 -81.34 -23.72 -26.83
N GLY R 64 -81.97 -22.86 -26.01
CA GLY R 64 -82.27 -21.47 -26.37
C GLY R 64 -81.33 -20.36 -25.90
#